data_3UUS
#
_entry.id   3UUS
#
_cell.length_a   287.358
_cell.length_b   153.457
_cell.length_c   169.416
_cell.angle_alpha   90.00
_cell.angle_beta   119.91
_cell.angle_gamma   90.00
#
_symmetry.space_group_name_H-M   'C 1 2 1'
#
loop_
_entity.id
_entity.type
_entity.pdbx_description
1 polymer 'Ribonucleoside-diphosphate reductase 1 subunit alpha'
2 polymer 'Ribonucleoside-diphosphate reductase 1 subunit beta'
3 non-polymer "2'-DEOXYADENOSINE 5'-TRIPHOSPHATE"
4 non-polymer 'FE (III) ION'
#
loop_
_entity_poly.entity_id
_entity_poly.type
_entity_poly.pdbx_seq_one_letter_code
_entity_poly.pdbx_strand_id
1 'polypeptide(L)'
;MNQNLLVTKRDGSTERINLDKIHRVLDWAAEGLHNVSISQVELRSHIQFYDGIKTSDIHETIIKAAADLISRDAPDYQYL
AARLAIFHLRKKAYGQFEPPALYDHVVKMVEMGKYDNHLLEDYTEEEFKQMDTFIDHDRDMTFSYAAVKQLEGKYLVQNR
VTGEIYESAQFLYILVAACLFSNYPRETRLQYVKRFYDAVSTFKISLPTPIMSGVRTPTRQFSSCVLIECGDSLDSINAT
SSAIVKYVSQRAGIGINAGRIRALGSPIRGGEAFHTGCIPFYKHFQTAVKSCSQGGVRGGAATLFYPMWHLEVESLLVLK
NNRGVEGNRVRHMDYGVQINKLMYTRLLKGEDITLFSPSDVPGLYDAFFADQEEFERLYTKYEKDDSIRKQRVKAVELFS
LMMQERASTGRIYIQNVDHCNTHSPFDPAIAPVRQSNLCLEIALPTKPLNDVNDENGEIALCTLSAFNLGAINNLDELEE
LAILAVRALDALLDYQDYPIPAAKRGAMGRRTLGIGVINFAYYLAKHGKRYSDGSANNLTHKTFEAIQYYLLKASNELAK
EQGACPWFNETTYAKGILPIDTYKKDLDTIANEPLHYDWEALRESIKTHGLRNSTLSALMPSETSSQISNATNGIEPPRG
YVSIKASKDGILRQVVPDYEHLHDAYELLWEMPGNDGYLQLVGIMQKFIDQSISANTNYDPSRFPSGKVPMQQLLKDLLT
AYKFGVKTLYYQNTRDGAEDAQDDLVPSIQDDGCESGACKI
;
A,B,C,D
2 'polypeptide(L)'
;AYTTFSQTKNDQLKEPMFFGQPVNVARYDQQKYDIFEKLIEKQLSFFWRPEEVDVSRDRIDYQALPEHEKHIFISNLKYQ
TLLDSIQGRSPNVALLPLISIPELETWVETWAFSETIHSRSYTHIIRNIVNDPSVVFDDIVTNEQIQKRAEGISSYYDEL
IEMTSYWHLLGEGTHTVNGKTVTVSLRELKKKLYLCLMSVNALEAIRFYVSFACSFAFAERELMEGNAKIIRLIARDEAL
HLTGTQHMLNLLRSGADDPEMAEIAEECKQECYDLFVQAAQQEKDWADYLFRDGSMIGLNKDILCQYVEYITNIRMQAVG
LDLPFQTRSNPIPWINTWLVSDNVQVAPQEVEVSSYLVGQIDSEVDTDDLSNFQL
;
E,F,G,H
#
# COMPACT_ATOMS: atom_id res chain seq x y z
N LEU A 6 -38.98 50.95 -26.37
CA LEU A 6 -40.36 51.26 -26.03
C LEU A 6 -40.52 51.48 -24.53
N VAL A 7 -41.42 52.41 -24.17
CA VAL A 7 -41.66 52.72 -22.78
C VAL A 7 -43.10 52.42 -22.39
N THR A 8 -43.29 51.69 -21.29
CA THR A 8 -44.62 51.32 -20.82
C THR A 8 -45.12 52.30 -19.76
N LYS A 9 -46.34 52.79 -19.96
CA LYS A 9 -46.95 53.73 -19.03
C LYS A 9 -47.98 53.02 -18.17
N ARG A 10 -48.38 53.66 -17.07
CA ARG A 10 -49.38 53.08 -16.17
C ARG A 10 -50.63 52.65 -16.93
N ASP A 11 -51.09 53.51 -17.82
CA ASP A 11 -52.29 53.22 -18.61
C ASP A 11 -51.96 52.22 -19.71
N GLY A 12 -50.67 51.96 -19.91
CA GLY A 12 -50.25 51.01 -20.92
C GLY A 12 -49.82 51.64 -22.23
N SER A 13 -50.14 52.93 -22.41
CA SER A 13 -49.77 53.63 -23.63
C SER A 13 -48.26 53.73 -23.77
N THR A 14 -47.74 53.19 -24.87
CA THR A 14 -46.31 53.19 -25.14
C THR A 14 -45.78 54.56 -25.52
N GLU A 15 -44.53 54.83 -25.15
CA GLU A 15 -43.86 56.09 -25.44
C GLU A 15 -42.36 55.94 -25.24
N ARG A 16 -41.60 56.78 -25.95
CA ARG A 16 -40.13 56.78 -25.95
C ARG A 16 -39.49 57.33 -24.67
N ILE A 17 -38.22 56.97 -24.45
CA ILE A 17 -37.54 57.24 -23.19
C ILE A 17 -37.06 58.68 -23.11
N ASN A 18 -37.44 59.37 -22.03
CA ASN A 18 -37.03 60.75 -21.81
C ASN A 18 -36.28 60.78 -20.48
N LEU A 19 -35.00 60.46 -20.50
CA LEU A 19 -34.30 60.19 -19.27
C LEU A 19 -34.44 61.39 -18.35
N ASP A 20 -34.47 62.59 -18.91
CA ASP A 20 -34.58 63.78 -18.08
C ASP A 20 -35.70 63.63 -17.06
N LYS A 21 -36.80 62.99 -17.47
CA LYS A 21 -37.93 62.77 -16.59
C LYS A 21 -37.45 62.05 -15.34
N ILE A 22 -36.73 60.95 -15.56
CA ILE A 22 -36.19 60.15 -14.46
C ILE A 22 -35.31 61.02 -13.57
N HIS A 23 -34.41 61.77 -14.19
CA HIS A 23 -33.50 62.64 -13.47
C HIS A 23 -34.26 63.60 -12.56
N ARG A 24 -35.14 64.40 -13.16
CA ARG A 24 -35.92 65.37 -12.40
C ARG A 24 -36.54 64.75 -11.15
N VAL A 25 -37.22 63.62 -11.34
CA VAL A 25 -37.86 62.92 -10.23
C VAL A 25 -36.85 62.73 -9.10
N LEU A 26 -35.71 62.14 -9.43
CA LEU A 26 -34.64 61.91 -8.45
C LEU A 26 -34.18 63.24 -7.86
N ASP A 27 -33.94 64.21 -8.74
CA ASP A 27 -33.49 65.53 -8.32
C ASP A 27 -34.39 66.06 -7.20
N TRP A 28 -35.69 66.05 -7.48
CA TRP A 28 -36.70 66.51 -6.51
C TRP A 28 -36.48 65.90 -5.13
N ALA A 29 -36.35 64.58 -5.08
CA ALA A 29 -36.16 63.86 -3.83
C ALA A 29 -34.80 64.11 -3.19
N ALA A 30 -33.90 64.76 -3.92
CA ALA A 30 -32.57 65.04 -3.40
C ALA A 30 -32.50 66.38 -2.68
N GLU A 31 -33.44 67.27 -3.01
CA GLU A 31 -33.49 68.60 -2.39
C GLU A 31 -33.33 68.60 -0.88
N GLY A 32 -32.40 69.41 -0.39
CA GLY A 32 -32.17 69.52 1.04
C GLY A 32 -31.41 68.37 1.69
N LEU A 33 -30.77 67.54 0.88
CA LEU A 33 -30.01 66.40 1.40
C LEU A 33 -28.53 66.52 1.08
N HIS A 34 -27.68 66.08 2.01
CA HIS A 34 -26.24 66.21 1.87
C HIS A 34 -25.55 64.85 1.85
N ASN A 35 -24.54 64.72 0.98
CA ASN A 35 -23.82 63.46 0.85
C ASN A 35 -24.54 62.47 -0.06
N VAL A 36 -25.57 62.95 -0.75
CA VAL A 36 -26.34 62.10 -1.64
C VAL A 36 -26.02 62.41 -3.10
N SER A 37 -25.67 61.36 -3.85
CA SER A 37 -25.29 61.49 -5.25
C SER A 37 -26.34 60.94 -6.20
N ILE A 38 -26.70 61.74 -7.19
CA ILE A 38 -27.71 61.34 -8.18
C ILE A 38 -27.13 60.22 -9.03
N SER A 39 -25.88 60.40 -9.45
CA SER A 39 -25.19 59.42 -10.29
C SER A 39 -25.21 58.03 -9.67
N GLN A 40 -24.67 57.91 -8.46
CA GLN A 40 -24.61 56.64 -7.75
C GLN A 40 -25.86 55.80 -8.04
N VAL A 41 -27.02 56.32 -7.65
CA VAL A 41 -28.29 55.64 -7.85
C VAL A 41 -28.58 55.33 -9.32
N GLU A 42 -28.28 56.30 -10.18
CA GLU A 42 -28.52 56.14 -11.61
C GLU A 42 -27.60 55.12 -12.28
N LEU A 43 -26.55 54.79 -11.65
CA LEU A 43 -25.55 53.81 -12.02
C LEU A 43 -25.62 52.60 -11.10
N ARG A 44 -25.89 52.83 -9.83
CA ARG A 44 -25.95 51.73 -8.89
C ARG A 44 -27.04 50.82 -9.41
N SER A 45 -28.07 51.43 -9.98
CA SER A 45 -29.28 50.71 -10.35
C SER A 45 -28.99 49.74 -11.46
N HIS A 46 -28.03 50.10 -12.30
CA HIS A 46 -27.64 49.22 -13.37
C HIS A 46 -28.94 48.92 -14.06
N ILE A 47 -29.81 49.92 -14.13
CA ILE A 47 -31.14 49.69 -14.63
C ILE A 47 -30.96 49.19 -16.04
N GLN A 48 -31.68 48.13 -16.39
CA GLN A 48 -31.52 47.54 -17.70
C GLN A 48 -32.75 47.72 -18.57
N PHE A 49 -32.51 48.81 -19.43
CA PHE A 49 -33.60 49.11 -20.35
C PHE A 49 -33.75 48.03 -21.41
N TYR A 50 -34.98 47.82 -21.86
CA TYR A 50 -35.26 46.82 -22.88
C TYR A 50 -36.66 47.00 -23.46
N ASP A 51 -36.74 46.85 -24.78
CA ASP A 51 -37.75 47.49 -25.57
C ASP A 51 -39.06 47.13 -24.91
N GLY A 52 -39.85 48.17 -24.70
CA GLY A 52 -41.03 48.06 -23.89
C GLY A 52 -40.59 47.62 -22.51
N ILE A 53 -40.47 48.58 -21.60
CA ILE A 53 -40.28 48.31 -20.18
C ILE A 53 -41.31 49.11 -19.41
N LYS A 54 -41.99 48.50 -18.44
CA LYS A 54 -43.02 49.25 -17.72
C LYS A 54 -42.40 50.31 -16.82
N THR A 55 -42.96 51.51 -16.86
CA THR A 55 -42.48 52.63 -16.06
C THR A 55 -42.53 52.35 -14.56
N SER A 56 -43.42 51.46 -14.15
CA SER A 56 -43.56 51.13 -12.74
C SER A 56 -42.34 50.34 -12.26
N ASP A 57 -41.85 49.45 -13.12
CA ASP A 57 -40.64 48.71 -12.83
C ASP A 57 -39.49 49.69 -12.67
N ILE A 58 -39.66 50.88 -13.25
CA ILE A 58 -38.65 51.93 -13.14
C ILE A 58 -38.58 52.41 -11.70
N HIS A 59 -39.74 52.54 -11.06
CA HIS A 59 -39.80 52.95 -9.67
C HIS A 59 -39.14 51.93 -8.79
N GLU A 60 -39.63 50.70 -8.87
CA GLU A 60 -39.04 49.60 -8.10
C GLU A 60 -37.51 49.59 -8.20
N THR A 61 -37.01 49.79 -9.41
CA THR A 61 -35.57 49.79 -9.65
C THR A 61 -34.86 50.98 -9.01
N ILE A 62 -35.38 52.18 -9.22
CA ILE A 62 -34.76 53.38 -8.66
C ILE A 62 -34.81 53.37 -7.13
N ILE A 63 -35.97 53.05 -6.58
CA ILE A 63 -36.13 53.00 -5.13
C ILE A 63 -35.13 52.03 -4.50
N LYS A 64 -35.06 50.82 -5.05
CA LYS A 64 -34.14 49.81 -4.55
C LYS A 64 -32.70 50.34 -4.58
N ALA A 65 -32.30 50.87 -5.72
CA ALA A 65 -30.95 51.41 -5.88
C ALA A 65 -30.64 52.43 -4.81
N ALA A 66 -31.53 53.39 -4.63
CA ALA A 66 -31.36 54.44 -3.62
C ALA A 66 -31.20 53.82 -2.24
N ALA A 67 -31.89 52.72 -2.01
CA ALA A 67 -31.84 52.01 -0.73
C ALA A 67 -30.46 51.46 -0.44
N ASP A 68 -29.90 50.72 -1.40
CA ASP A 68 -28.59 50.13 -1.24
C ASP A 68 -27.50 51.16 -0.93
N LEU A 69 -27.82 52.44 -1.13
CA LEU A 69 -26.86 53.50 -0.87
C LEU A 69 -26.98 54.02 0.56
N ILE A 70 -27.95 53.51 1.30
CA ILE A 70 -28.17 53.92 2.68
C ILE A 70 -26.98 53.50 3.52
N SER A 71 -26.17 54.47 3.94
CA SER A 71 -24.99 54.19 4.75
C SER A 71 -24.80 55.27 5.80
N ARG A 72 -23.89 55.02 6.72
CA ARG A 72 -23.58 55.97 7.78
C ARG A 72 -22.93 57.21 7.18
N ASP A 73 -22.05 56.99 6.21
CA ASP A 73 -21.35 58.08 5.53
C ASP A 73 -22.35 58.96 4.77
N ALA A 74 -23.50 58.38 4.45
CA ALA A 74 -24.56 59.10 3.73
C ALA A 74 -25.93 58.65 4.25
N PRO A 75 -26.39 59.25 5.35
CA PRO A 75 -27.68 58.93 5.96
C PRO A 75 -28.92 59.50 5.27
N ASP A 76 -28.75 60.55 4.48
CA ASP A 76 -29.89 61.16 3.80
C ASP A 76 -30.55 60.26 2.75
N TYR A 77 -29.88 59.17 2.38
CA TYR A 77 -30.45 58.25 1.41
C TYR A 77 -31.68 57.58 2.03
N GLN A 78 -31.79 57.73 3.35
CA GLN A 78 -32.91 57.17 4.10
C GLN A 78 -34.21 57.85 3.68
N TYR A 79 -34.18 59.18 3.62
CA TYR A 79 -35.35 59.96 3.24
C TYR A 79 -35.50 60.07 1.73
N LEU A 80 -34.36 60.15 1.04
CA LEU A 80 -34.36 60.26 -0.42
C LEU A 80 -35.14 59.10 -1.04
N ALA A 81 -34.81 57.88 -0.60
CA ALA A 81 -35.47 56.69 -1.09
C ALA A 81 -36.88 56.57 -0.51
N ALA A 82 -37.01 56.92 0.76
CA ALA A 82 -38.30 56.85 1.45
C ALA A 82 -39.34 57.69 0.71
N ARG A 83 -38.89 58.79 0.13
CA ARG A 83 -39.78 59.69 -0.61
C ARG A 83 -40.08 59.14 -2.00
N LEU A 84 -39.10 58.47 -2.60
CA LEU A 84 -39.27 57.89 -3.93
C LEU A 84 -40.31 56.78 -3.85
N ALA A 85 -40.33 56.08 -2.72
CA ALA A 85 -41.28 55.00 -2.50
C ALA A 85 -42.67 55.58 -2.29
N ILE A 86 -42.80 56.44 -1.29
CA ILE A 86 -44.07 57.09 -0.98
C ILE A 86 -44.73 57.54 -2.29
N PHE A 87 -43.92 58.10 -3.19
CA PHE A 87 -44.40 58.57 -4.47
C PHE A 87 -45.08 57.43 -5.21
N HIS A 88 -44.33 56.35 -5.42
CA HIS A 88 -44.85 55.18 -6.12
C HIS A 88 -46.11 54.66 -5.43
N LEU A 89 -46.12 54.69 -4.11
CA LEU A 89 -47.27 54.22 -3.34
C LEU A 89 -48.47 55.13 -3.55
N ARG A 90 -48.23 56.45 -3.52
CA ARG A 90 -49.29 57.42 -3.72
C ARG A 90 -49.82 57.34 -5.15
N LYS A 91 -48.90 57.12 -6.08
CA LYS A 91 -49.24 57.02 -7.50
C LYS A 91 -49.87 55.69 -7.87
N LYS A 92 -49.53 54.65 -7.11
CA LYS A 92 -50.05 53.31 -7.35
C LYS A 92 -51.41 53.07 -6.70
N ALA A 93 -51.89 54.06 -5.95
CA ALA A 93 -53.18 53.92 -5.27
C ALA A 93 -54.25 54.89 -5.77
N TYR A 94 -53.85 56.13 -6.05
CA TYR A 94 -54.81 57.13 -6.52
C TYR A 94 -54.64 57.48 -7.99
N GLY A 95 -53.51 57.08 -8.57
CA GLY A 95 -53.26 57.38 -9.97
C GLY A 95 -52.54 58.71 -10.12
N GLN A 96 -52.11 59.25 -8.99
CA GLN A 96 -51.39 60.52 -8.95
C GLN A 96 -50.95 60.80 -7.52
N PHE A 97 -49.95 61.65 -7.36
CA PHE A 97 -49.44 61.98 -6.03
C PHE A 97 -50.54 62.58 -5.16
N GLU A 98 -51.18 63.63 -5.66
CA GLU A 98 -52.25 64.31 -4.93
C GLU A 98 -53.33 63.36 -4.42
N PRO A 99 -53.43 63.21 -3.10
CA PRO A 99 -54.42 62.34 -2.47
C PRO A 99 -55.85 62.90 -2.60
N PRO A 100 -56.84 62.02 -2.76
CA PRO A 100 -58.24 62.44 -2.89
C PRO A 100 -58.80 62.94 -1.56
N ALA A 101 -59.91 63.69 -1.63
CA ALA A 101 -60.54 64.21 -0.43
C ALA A 101 -60.87 63.10 0.56
N LEU A 102 -60.75 63.40 1.85
CA LEU A 102 -61.02 62.43 2.90
C LEU A 102 -62.37 61.75 2.72
N TYR A 103 -63.41 62.55 2.49
CA TYR A 103 -64.75 62.02 2.31
C TYR A 103 -64.82 61.03 1.15
N ASP A 104 -64.41 61.49 -0.03
CA ASP A 104 -64.41 60.64 -1.22
C ASP A 104 -63.69 59.34 -0.93
N HIS A 105 -62.54 59.44 -0.28
CA HIS A 105 -61.72 58.28 0.07
C HIS A 105 -62.53 57.28 0.88
N VAL A 106 -62.89 57.69 2.10
CA VAL A 106 -63.66 56.84 3.00
C VAL A 106 -64.84 56.21 2.27
N VAL A 107 -65.46 56.99 1.38
CA VAL A 107 -66.59 56.50 0.60
C VAL A 107 -66.18 55.34 -0.30
N LYS A 108 -65.30 55.63 -1.25
CA LYS A 108 -64.81 54.61 -2.18
C LYS A 108 -64.39 53.33 -1.47
N MET A 109 -63.68 53.48 -0.36
CA MET A 109 -63.20 52.34 0.41
C MET A 109 -64.34 51.49 0.96
N VAL A 110 -65.30 52.13 1.63
CA VAL A 110 -66.43 51.41 2.19
C VAL A 110 -67.16 50.63 1.11
N GLU A 111 -67.14 51.16 -0.12
CA GLU A 111 -67.80 50.50 -1.23
C GLU A 111 -67.05 49.22 -1.59
N MET A 112 -65.74 49.25 -1.46
CA MET A 112 -64.91 48.09 -1.77
C MET A 112 -64.90 47.10 -0.61
N GLY A 113 -65.53 47.47 0.49
CA GLY A 113 -65.59 46.60 1.65
C GLY A 113 -64.28 46.53 2.40
N LYS A 114 -63.46 47.57 2.26
CA LYS A 114 -62.16 47.62 2.94
C LYS A 114 -62.28 48.35 4.27
N TYR A 115 -63.09 49.40 4.30
CA TYR A 115 -63.30 50.16 5.52
C TYR A 115 -64.61 49.77 6.18
N ASP A 116 -64.68 49.91 7.50
CA ASP A 116 -65.89 49.56 8.23
C ASP A 116 -66.98 50.59 7.90
N ASN A 117 -68.16 50.10 7.56
CA ASN A 117 -69.27 50.98 7.20
C ASN A 117 -69.74 51.86 8.36
N HIS A 118 -69.28 51.55 9.56
CA HIS A 118 -69.67 52.32 10.75
C HIS A 118 -69.11 53.74 10.71
N LEU A 119 -68.10 53.96 9.87
CA LEU A 119 -67.48 55.27 9.72
C LEU A 119 -68.43 56.28 9.09
N LEU A 120 -69.18 55.85 8.08
CA LEU A 120 -70.12 56.72 7.39
C LEU A 120 -71.34 57.01 8.27
N GLU A 121 -71.66 56.06 9.14
CA GLU A 121 -72.80 56.20 10.03
C GLU A 121 -72.48 57.03 11.27
N ASP A 122 -71.27 56.86 11.79
CA ASP A 122 -70.86 57.61 12.99
C ASP A 122 -70.53 59.07 12.68
N TYR A 123 -69.99 59.32 11.50
CA TYR A 123 -69.62 60.67 11.11
C TYR A 123 -70.42 61.19 9.91
N THR A 124 -70.55 62.50 9.82
CA THR A 124 -71.29 63.14 8.74
C THR A 124 -70.32 63.58 7.65
N GLU A 125 -70.86 63.92 6.48
CA GLU A 125 -70.02 64.38 5.37
C GLU A 125 -69.28 65.64 5.77
N GLU A 126 -69.97 66.51 6.50
CA GLU A 126 -69.38 67.76 6.97
C GLU A 126 -68.19 67.52 7.88
N GLU A 127 -68.38 66.68 8.89
CA GLU A 127 -67.31 66.37 9.83
C GLU A 127 -66.08 65.81 9.12
N PHE A 128 -66.31 64.97 8.11
CA PHE A 128 -65.22 64.39 7.35
C PHE A 128 -64.40 65.47 6.66
N LYS A 129 -65.07 66.37 5.96
CA LYS A 129 -64.40 67.46 5.26
C LYS A 129 -63.60 68.29 6.25
N GLN A 130 -64.09 68.36 7.47
CA GLN A 130 -63.43 69.14 8.52
C GLN A 130 -62.16 68.44 9.02
N MET A 131 -62.23 67.12 9.19
CA MET A 131 -61.06 66.37 9.64
C MET A 131 -60.03 66.34 8.53
N ASP A 132 -60.49 66.49 7.30
CA ASP A 132 -59.63 66.48 6.12
C ASP A 132 -58.63 67.63 6.20
N THR A 133 -59.01 68.68 6.92
CA THR A 133 -58.14 69.85 7.07
C THR A 133 -56.99 69.59 8.02
N PHE A 134 -57.23 68.78 9.06
CA PHE A 134 -56.19 68.47 10.03
C PHE A 134 -55.06 67.70 9.36
N ILE A 135 -55.42 66.90 8.37
CA ILE A 135 -54.46 66.08 7.62
C ILE A 135 -53.38 66.90 6.93
N ASP A 136 -52.13 66.48 7.13
CA ASP A 136 -50.97 67.14 6.52
C ASP A 136 -50.18 66.09 5.75
N HIS A 137 -50.60 65.86 4.50
CA HIS A 137 -49.98 64.88 3.62
C HIS A 137 -48.49 65.06 3.38
N ASP A 138 -47.94 66.19 3.78
CA ASP A 138 -46.51 66.42 3.59
C ASP A 138 -45.66 65.68 4.62
N ARG A 139 -46.30 65.17 5.67
CA ARG A 139 -45.59 64.45 6.71
C ARG A 139 -45.12 63.08 6.21
N ASP A 140 -45.59 62.68 5.04
CA ASP A 140 -45.19 61.39 4.47
C ASP A 140 -43.73 61.43 4.01
N MET A 141 -43.16 62.63 3.96
CA MET A 141 -41.77 62.80 3.55
C MET A 141 -40.82 62.79 4.73
N THR A 142 -41.37 62.68 5.93
CA THR A 142 -40.56 62.65 7.15
C THR A 142 -40.25 61.21 7.53
N PHE A 143 -40.76 60.28 6.73
CA PHE A 143 -40.53 58.86 6.96
C PHE A 143 -39.16 58.40 6.51
N SER A 144 -38.60 57.42 7.22
CA SER A 144 -37.30 56.86 6.88
C SER A 144 -37.61 55.70 5.93
N TYR A 145 -36.66 55.36 5.07
CA TYR A 145 -36.88 54.26 4.12
C TYR A 145 -37.32 52.98 4.83
N ALA A 146 -36.62 52.63 5.91
CA ALA A 146 -36.94 51.42 6.66
C ALA A 146 -38.38 51.47 7.15
N ALA A 147 -38.85 52.66 7.53
CA ALA A 147 -40.21 52.85 8.00
C ALA A 147 -41.21 52.67 6.88
N VAL A 148 -40.90 53.26 5.73
CA VAL A 148 -41.78 53.16 4.56
C VAL A 148 -42.06 51.71 4.20
N LYS A 149 -41.01 50.91 4.08
CA LYS A 149 -41.15 49.51 3.73
C LYS A 149 -42.09 48.81 4.71
N GLN A 150 -41.85 49.02 6.00
CA GLN A 150 -42.67 48.42 7.04
C GLN A 150 -44.15 48.73 6.81
N LEU A 151 -44.43 49.97 6.43
CA LEU A 151 -45.81 50.39 6.18
C LEU A 151 -46.36 49.68 4.96
N GLU A 152 -45.64 49.74 3.85
CA GLU A 152 -46.17 49.25 2.59
C GLU A 152 -46.50 47.77 2.66
N GLY A 153 -45.61 46.98 3.26
CA GLY A 153 -45.84 45.57 3.41
C GLY A 153 -47.03 45.20 4.30
N LYS A 154 -47.12 45.84 5.46
CA LYS A 154 -48.19 45.53 6.42
C LYS A 154 -49.18 46.66 6.75
N TYR A 155 -48.66 47.85 7.04
CA TYR A 155 -49.46 48.95 7.60
C TYR A 155 -50.61 49.46 6.74
N LEU A 156 -50.36 49.59 5.44
CA LEU A 156 -51.34 50.13 4.51
C LEU A 156 -52.37 49.08 4.13
N VAL A 157 -53.63 49.48 3.96
CA VAL A 157 -54.63 48.56 3.44
C VAL A 157 -54.25 48.21 2.00
N GLN A 158 -54.23 46.93 1.68
CA GLN A 158 -53.87 46.49 0.34
C GLN A 158 -54.43 45.12 0.00
N ASN A 159 -54.33 44.75 -1.27
CA ASN A 159 -54.82 43.47 -1.76
C ASN A 159 -53.64 42.50 -1.73
N ARG A 160 -53.65 41.61 -0.74
CA ARG A 160 -52.57 40.63 -0.56
C ARG A 160 -52.35 39.75 -1.78
N VAL A 161 -53.39 39.52 -2.57
CA VAL A 161 -53.29 38.68 -3.76
C VAL A 161 -52.71 39.41 -4.96
N THR A 162 -53.44 40.42 -5.45
CA THR A 162 -52.99 41.19 -6.60
C THR A 162 -51.75 42.01 -6.29
N GLY A 163 -51.78 42.74 -5.18
CA GLY A 163 -50.65 43.56 -4.79
C GLY A 163 -51.01 45.03 -4.82
N GLU A 164 -52.30 45.31 -5.03
CA GLU A 164 -52.81 46.67 -5.09
C GLU A 164 -52.86 47.32 -3.71
N ILE A 165 -52.45 48.58 -3.64
CA ILE A 165 -52.46 49.33 -2.39
C ILE A 165 -53.57 50.38 -2.51
N TYR A 166 -54.41 50.46 -1.48
CA TYR A 166 -55.54 51.37 -1.50
C TYR A 166 -55.43 52.67 -0.68
N GLU A 167 -54.55 52.70 0.32
CA GLU A 167 -54.44 53.89 1.15
C GLU A 167 -53.03 54.44 1.30
N SER A 168 -52.94 55.60 1.94
CA SER A 168 -51.67 56.27 2.19
C SER A 168 -51.48 56.42 3.70
N ALA A 169 -50.24 56.68 4.11
CA ALA A 169 -49.91 56.83 5.52
C ALA A 169 -50.88 57.72 6.32
N GLN A 170 -50.97 58.99 5.93
CA GLN A 170 -51.82 59.94 6.63
C GLN A 170 -53.26 59.49 6.83
N PHE A 171 -53.88 58.92 5.80
CA PHE A 171 -55.26 58.46 5.92
C PHE A 171 -55.37 57.40 7.02
N LEU A 172 -54.34 56.60 7.17
CA LEU A 172 -54.31 55.55 8.19
C LEU A 172 -54.39 56.18 9.57
N TYR A 173 -53.59 57.21 9.79
CA TYR A 173 -53.55 57.90 11.08
C TYR A 173 -54.91 58.45 11.52
N ILE A 174 -55.45 59.38 10.73
CA ILE A 174 -56.73 60.01 11.03
C ILE A 174 -57.86 59.01 11.26
N LEU A 175 -57.89 57.96 10.43
CA LEU A 175 -58.93 56.94 10.53
C LEU A 175 -58.85 56.12 11.82
N VAL A 176 -57.64 55.68 12.17
CA VAL A 176 -57.46 54.89 13.38
C VAL A 176 -57.96 55.70 14.59
N ALA A 177 -57.80 57.01 14.52
CA ALA A 177 -58.22 57.90 15.60
C ALA A 177 -59.74 58.03 15.60
N ALA A 178 -60.31 58.26 14.42
CA ALA A 178 -61.76 58.41 14.28
C ALA A 178 -62.53 57.25 14.90
N CYS A 179 -62.15 56.02 14.53
CA CYS A 179 -62.82 54.84 15.06
C CYS A 179 -62.59 54.63 16.56
N LEU A 180 -61.45 55.10 17.05
CA LEU A 180 -61.12 54.96 18.47
C LEU A 180 -61.86 55.96 19.35
N PHE A 181 -62.21 57.10 18.78
CA PHE A 181 -62.91 58.15 19.52
C PHE A 181 -64.24 58.51 18.87
N SER A 182 -64.87 57.53 18.21
CA SER A 182 -66.14 57.78 17.53
C SER A 182 -67.32 57.79 18.50
N ASN A 183 -67.08 57.42 19.75
CA ASN A 183 -68.15 57.40 20.75
C ASN A 183 -68.16 58.63 21.66
N TYR A 184 -67.07 59.39 21.63
CA TYR A 184 -66.98 60.59 22.47
C TYR A 184 -68.03 61.61 22.05
N PRO A 185 -68.45 62.49 22.99
CA PRO A 185 -69.46 63.51 22.67
C PRO A 185 -69.00 64.40 21.52
N ARG A 186 -69.94 64.80 20.68
CA ARG A 186 -69.63 65.63 19.53
C ARG A 186 -69.05 66.99 19.91
N GLU A 187 -69.05 67.29 21.20
CA GLU A 187 -68.41 68.50 21.70
C GLU A 187 -66.90 68.44 21.52
N THR A 188 -66.31 67.32 21.92
CA THR A 188 -64.87 67.10 21.81
C THR A 188 -64.45 65.98 20.84
N ARG A 189 -65.39 65.40 20.12
CA ARG A 189 -65.07 64.24 19.29
C ARG A 189 -64.06 64.60 18.22
N LEU A 190 -64.25 65.76 17.59
CA LEU A 190 -63.29 66.30 16.64
C LEU A 190 -61.97 66.62 17.32
N GLN A 191 -62.07 67.16 18.53
CA GLN A 191 -60.92 67.73 19.25
C GLN A 191 -59.89 66.63 19.50
N TYR A 192 -60.37 65.48 19.96
CA TYR A 192 -59.51 64.34 20.23
C TYR A 192 -59.02 63.69 18.94
N VAL A 193 -59.84 63.77 17.90
CA VAL A 193 -59.49 63.19 16.60
C VAL A 193 -58.24 63.86 16.02
N LYS A 194 -58.22 65.19 16.06
CA LYS A 194 -57.08 65.93 15.53
C LYS A 194 -55.88 65.82 16.46
N ARG A 195 -56.12 65.87 17.77
CA ARG A 195 -55.05 65.80 18.75
C ARG A 195 -54.36 64.43 18.77
N PHE A 196 -55.10 63.38 18.43
CA PHE A 196 -54.53 62.04 18.41
C PHE A 196 -53.77 61.85 17.12
N TYR A 197 -54.43 62.16 16.01
CA TYR A 197 -53.84 62.04 14.67
C TYR A 197 -52.47 62.71 14.61
N ASP A 198 -52.42 64.00 14.95
CA ASP A 198 -51.17 64.75 14.91
C ASP A 198 -50.10 64.08 15.77
N ALA A 199 -50.51 63.48 16.88
CA ALA A 199 -49.57 62.82 17.79
C ALA A 199 -48.90 61.62 17.14
N VAL A 200 -49.70 60.70 16.61
CA VAL A 200 -49.18 59.49 15.97
C VAL A 200 -48.48 59.77 14.64
N SER A 201 -49.03 60.69 13.85
CA SER A 201 -48.45 61.03 12.56
C SER A 201 -47.06 61.64 12.68
N THR A 202 -46.84 62.44 13.73
CA THR A 202 -45.55 63.07 13.95
C THR A 202 -44.63 62.18 14.78
N PHE A 203 -45.02 60.92 14.91
CA PHE A 203 -44.24 59.93 15.65
C PHE A 203 -44.05 60.26 17.13
N LYS A 204 -45.04 60.88 17.75
CA LYS A 204 -44.98 61.21 19.17
C LYS A 204 -45.42 60.01 19.98
N ILE A 205 -46.31 59.22 19.39
CA ILE A 205 -46.86 58.03 20.04
C ILE A 205 -46.83 56.83 19.11
N SER A 206 -46.40 55.69 19.63
CA SER A 206 -46.33 54.46 18.85
C SER A 206 -47.50 53.54 19.19
N LEU A 207 -47.96 52.79 18.19
CA LEU A 207 -49.08 51.86 18.37
C LEU A 207 -48.72 50.47 17.84
N PRO A 208 -49.25 49.42 18.48
CA PRO A 208 -48.98 48.04 18.07
C PRO A 208 -49.42 47.74 16.63
N THR A 209 -48.64 46.92 15.95
CA THR A 209 -48.91 46.55 14.57
C THR A 209 -50.37 46.16 14.29
N PRO A 210 -50.93 45.26 15.11
CA PRO A 210 -52.33 44.83 14.91
C PRO A 210 -53.34 45.98 14.86
N ILE A 211 -53.09 47.03 15.64
CA ILE A 211 -53.98 48.18 15.67
C ILE A 211 -53.84 49.00 14.38
N MET A 212 -52.61 49.44 14.11
CA MET A 212 -52.31 50.23 12.93
C MET A 212 -52.83 49.59 11.64
N SER A 213 -52.94 48.27 11.64
CA SER A 213 -53.41 47.54 10.47
C SER A 213 -54.79 46.92 10.62
N GLY A 214 -55.62 47.50 11.48
CA GLY A 214 -56.94 46.96 11.69
C GLY A 214 -58.04 47.98 11.92
N VAL A 215 -57.93 48.80 12.95
CA VAL A 215 -59.06 49.66 13.28
C VAL A 215 -59.44 50.43 12.01
N ARG A 216 -60.74 50.52 11.76
CA ARG A 216 -61.26 51.06 10.51
C ARG A 216 -61.47 50.01 9.40
N THR A 217 -61.29 48.73 9.73
CA THR A 217 -61.51 47.64 8.77
C THR A 217 -62.42 46.57 9.35
N PRO A 218 -63.21 45.91 8.52
CA PRO A 218 -64.19 44.95 9.03
C PRO A 218 -63.66 44.04 10.16
N THR A 219 -62.36 43.77 10.14
CA THR A 219 -61.74 42.90 11.15
C THR A 219 -61.99 43.42 12.57
N ARG A 220 -61.96 42.51 13.53
CA ARG A 220 -62.17 42.86 14.93
C ARG A 220 -61.15 42.21 15.85
N GLN A 221 -60.16 41.55 15.27
CA GLN A 221 -59.11 40.89 16.04
C GLN A 221 -57.97 41.91 16.16
N PHE A 222 -57.65 42.29 17.39
CA PHE A 222 -56.59 43.27 17.62
C PHE A 222 -55.58 42.89 18.71
N SER A 223 -55.82 41.78 19.40
CA SER A 223 -54.92 41.41 20.50
C SER A 223 -53.73 40.55 20.05
N SER A 224 -52.55 41.14 20.09
CA SER A 224 -51.32 40.48 19.66
C SER A 224 -50.89 39.25 20.47
N CYS A 225 -51.01 39.32 21.79
CA CYS A 225 -50.53 38.22 22.65
C CYS A 225 -51.51 37.81 23.75
N VAL A 226 -51.39 36.56 24.19
CA VAL A 226 -52.25 36.03 25.24
C VAL A 226 -51.52 35.26 26.33
N LEU A 227 -52.08 35.28 27.53
CA LEU A 227 -51.55 34.56 28.69
C LEU A 227 -52.60 33.59 29.23
N ILE A 228 -52.41 32.31 28.99
CA ILE A 228 -53.36 31.29 29.44
C ILE A 228 -52.77 30.46 30.58
N GLU A 229 -53.63 30.14 31.55
CA GLU A 229 -53.21 29.35 32.71
C GLU A 229 -53.94 28.00 32.67
N CYS A 230 -53.19 26.92 32.55
CA CYS A 230 -53.76 25.59 32.50
C CYS A 230 -53.71 24.90 33.86
N GLY A 231 -54.84 24.33 34.26
CA GLY A 231 -54.91 23.63 35.54
C GLY A 231 -54.44 22.20 35.40
N ASP A 232 -54.51 21.45 36.51
CA ASP A 232 -54.16 20.04 36.49
C ASP A 232 -55.36 19.17 36.16
N SER A 233 -55.87 19.28 34.94
CA SER A 233 -57.01 18.48 34.53
C SER A 233 -56.98 18.11 33.05
N LEU A 234 -57.60 17.00 32.71
CA LEU A 234 -57.79 16.62 31.31
C LEU A 234 -58.67 17.67 30.64
N ASP A 235 -59.69 18.11 31.39
CA ASP A 235 -60.60 19.15 30.93
C ASP A 235 -59.84 20.47 30.76
N SER A 236 -59.13 20.88 31.80
CA SER A 236 -58.36 22.12 31.76
C SER A 236 -57.49 22.17 30.50
N ILE A 237 -56.65 21.17 30.32
CA ILE A 237 -55.76 21.09 29.18
C ILE A 237 -56.53 21.18 27.86
N ASN A 238 -57.60 20.39 27.74
CA ASN A 238 -58.41 20.41 26.53
C ASN A 238 -58.84 21.84 26.20
N ALA A 239 -59.11 22.62 27.24
CA ALA A 239 -59.54 24.00 27.06
C ALA A 239 -58.35 24.86 26.65
N THR A 240 -57.32 24.88 27.50
CA THR A 240 -56.12 25.66 27.24
C THR A 240 -55.59 25.42 25.83
N SER A 241 -55.87 24.24 25.28
CA SER A 241 -55.41 23.90 23.93
C SER A 241 -56.32 24.53 22.89
N SER A 242 -57.63 24.27 23.02
CA SER A 242 -58.61 24.81 22.09
C SER A 242 -58.56 26.33 22.08
N ALA A 243 -58.05 26.91 23.16
CA ALA A 243 -57.93 28.36 23.28
C ALA A 243 -56.80 28.89 22.41
N ILE A 244 -55.58 28.45 22.71
CA ILE A 244 -54.41 28.88 21.96
C ILE A 244 -54.66 28.78 20.46
N VAL A 245 -55.35 27.73 20.04
CA VAL A 245 -55.66 27.52 18.63
C VAL A 245 -56.44 28.71 18.08
N LYS A 246 -57.57 29.01 18.70
CA LYS A 246 -58.42 30.11 18.29
C LYS A 246 -57.66 31.43 18.23
N TYR A 247 -56.77 31.65 19.19
CA TYR A 247 -55.98 32.87 19.26
C TYR A 247 -54.85 32.95 18.24
N VAL A 248 -54.07 31.88 18.12
CA VAL A 248 -52.96 31.88 17.17
C VAL A 248 -53.43 32.08 15.74
N SER A 249 -54.67 31.72 15.46
CA SER A 249 -55.23 31.88 14.11
C SER A 249 -55.27 33.37 13.80
N GLN A 250 -55.30 34.17 14.86
CA GLN A 250 -55.34 35.63 14.73
C GLN A 250 -53.90 36.14 14.78
N ARG A 251 -52.94 35.22 14.66
CA ARG A 251 -51.52 35.56 14.72
C ARG A 251 -51.13 36.24 16.03
N ALA A 252 -51.65 35.74 17.14
CA ALA A 252 -51.35 36.30 18.45
C ALA A 252 -50.49 35.34 19.30
N GLY A 253 -49.42 35.88 19.86
CA GLY A 253 -48.49 35.10 20.66
C GLY A 253 -49.09 34.55 21.94
N ILE A 254 -48.65 33.35 22.34
CA ILE A 254 -49.19 32.69 23.52
C ILE A 254 -48.17 32.46 24.64
N GLY A 255 -48.56 32.84 25.86
CA GLY A 255 -47.77 32.63 27.05
C GLY A 255 -48.49 31.59 27.89
N ILE A 256 -48.01 30.35 27.84
CA ILE A 256 -48.63 29.26 28.58
C ILE A 256 -48.06 29.05 29.98
N ASN A 257 -48.92 28.69 30.91
CA ASN A 257 -48.53 28.44 32.29
C ASN A 257 -49.08 27.09 32.74
N ALA A 258 -48.35 26.02 32.50
CA ALA A 258 -48.84 24.68 32.83
C ALA A 258 -48.42 24.17 34.22
N GLY A 259 -47.77 25.03 34.99
CA GLY A 259 -47.04 24.64 36.18
C GLY A 259 -47.92 23.92 37.17
N ARG A 260 -49.20 23.81 36.86
CA ARG A 260 -50.15 23.14 37.73
C ARG A 260 -50.22 21.65 37.43
N ILE A 261 -50.01 21.30 36.17
CA ILE A 261 -50.04 19.91 35.75
C ILE A 261 -49.10 19.06 36.60
N ARG A 262 -49.66 18.05 37.26
CA ARG A 262 -48.88 17.16 38.11
C ARG A 262 -47.71 16.54 37.35
N ALA A 263 -46.70 16.07 38.08
CA ALA A 263 -45.51 15.48 37.48
C ALA A 263 -45.62 13.98 37.20
N LEU A 264 -44.71 13.50 36.35
CA LEU A 264 -44.65 12.09 35.97
C LEU A 264 -44.66 11.17 37.18
N GLY A 265 -45.42 10.08 37.07
CA GLY A 265 -45.48 9.12 38.16
C GLY A 265 -46.58 9.41 39.18
N SER A 266 -47.08 10.64 39.19
CA SER A 266 -48.13 11.02 40.13
C SER A 266 -49.35 10.12 39.99
N PRO A 267 -49.92 9.67 41.12
CA PRO A 267 -51.11 8.81 41.12
C PRO A 267 -52.37 9.51 40.64
N ILE A 268 -53.06 8.88 39.70
CA ILE A 268 -54.29 9.43 39.14
C ILE A 268 -55.48 8.60 39.61
N ARG A 269 -56.57 9.27 39.98
CA ARG A 269 -57.77 8.60 40.45
C ARG A 269 -57.41 7.61 41.56
N GLY A 270 -56.51 8.03 42.45
CA GLY A 270 -56.09 7.16 43.54
C GLY A 270 -54.97 6.22 43.13
N GLY A 271 -55.35 5.07 42.59
CA GLY A 271 -54.36 4.10 42.17
C GLY A 271 -54.78 3.34 40.92
N GLU A 272 -55.77 3.88 40.21
CA GLU A 272 -56.26 3.26 38.99
C GLU A 272 -55.39 3.62 37.79
N ALA A 273 -54.44 4.51 37.98
CA ALA A 273 -53.55 4.93 36.91
C ALA A 273 -52.48 5.90 37.41
N PHE A 274 -51.38 5.98 36.67
CA PHE A 274 -50.27 6.86 37.01
C PHE A 274 -50.07 7.90 35.91
N HIS A 275 -49.64 9.10 36.32
CA HIS A 275 -49.41 10.20 35.39
C HIS A 275 -48.46 9.79 34.28
N THR A 276 -48.67 10.31 33.08
CA THR A 276 -47.83 9.97 31.94
C THR A 276 -46.64 10.92 31.81
N GLY A 277 -46.84 12.18 32.18
CA GLY A 277 -45.76 13.15 32.10
C GLY A 277 -46.18 14.48 31.50
N CYS A 278 -45.29 15.47 31.59
CA CYS A 278 -45.56 16.80 31.05
C CYS A 278 -45.27 16.86 29.56
N ILE A 279 -44.16 16.23 29.16
CA ILE A 279 -43.75 16.21 27.76
C ILE A 279 -44.90 15.91 26.79
N PRO A 280 -45.67 14.84 27.06
CA PRO A 280 -46.80 14.49 26.19
C PRO A 280 -47.75 15.66 25.93
N PHE A 281 -48.16 16.33 27.02
CA PHE A 281 -49.07 17.47 26.91
C PHE A 281 -48.40 18.67 26.26
N TYR A 282 -47.20 18.99 26.73
CA TYR A 282 -46.45 20.12 26.20
C TYR A 282 -46.43 20.09 24.67
N LYS A 283 -46.04 18.95 24.10
CA LYS A 283 -46.01 18.80 22.65
C LYS A 283 -47.35 19.21 22.06
N HIS A 284 -48.43 18.72 22.65
CA HIS A 284 -49.77 19.04 22.18
C HIS A 284 -49.92 20.56 22.11
N PHE A 285 -49.43 21.26 23.12
CA PHE A 285 -49.50 22.71 23.14
C PHE A 285 -48.72 23.28 21.96
N GLN A 286 -47.60 22.65 21.64
CA GLN A 286 -46.76 23.09 20.53
C GLN A 286 -47.51 22.97 19.21
N THR A 287 -48.11 21.82 18.97
CA THR A 287 -48.87 21.60 17.74
C THR A 287 -50.00 22.62 17.62
N ALA A 288 -50.51 23.06 18.77
CA ALA A 288 -51.58 24.04 18.81
C ALA A 288 -51.03 25.39 18.35
N VAL A 289 -49.94 25.81 18.96
CA VAL A 289 -49.30 27.08 18.63
C VAL A 289 -48.96 27.14 17.14
N LYS A 290 -48.51 26.00 16.61
CA LYS A 290 -48.14 25.91 15.20
C LYS A 290 -49.28 25.32 14.35
N SER A 291 -50.49 25.38 14.89
CA SER A 291 -51.65 24.84 14.19
C SER A 291 -51.92 25.59 12.88
N CYS A 292 -51.52 26.86 12.84
CA CYS A 292 -51.72 27.69 11.65
C CYS A 292 -50.40 28.27 11.17
N SER A 293 -49.54 27.42 10.64
CA SER A 293 -48.31 27.86 10.00
C SER A 293 -48.06 26.96 8.81
N GLN A 294 -47.47 27.49 7.75
CA GLN A 294 -47.12 26.64 6.64
C GLN A 294 -46.07 25.68 7.17
N GLY A 295 -46.40 24.39 7.15
CA GLY A 295 -45.43 23.34 7.45
C GLY A 295 -45.10 23.34 8.93
N GLY A 296 -45.71 24.27 9.65
CA GLY A 296 -45.46 24.46 11.07
C GLY A 296 -44.18 25.23 11.32
N VAL A 297 -43.47 25.57 10.24
CA VAL A 297 -42.18 26.26 10.32
C VAL A 297 -42.21 27.68 10.88
N ARG A 298 -43.22 28.44 10.45
CA ARG A 298 -43.32 29.88 10.73
C ARG A 298 -44.63 30.29 11.41
N GLY A 299 -44.62 31.42 12.11
CA GLY A 299 -45.76 31.81 12.92
C GLY A 299 -45.93 30.97 14.17
N GLY A 300 -46.90 31.34 15.00
CA GLY A 300 -47.16 30.61 16.22
C GLY A 300 -45.98 30.62 17.19
N ALA A 301 -45.92 31.66 18.01
CA ALA A 301 -44.85 31.79 19.00
C ALA A 301 -45.44 31.84 20.41
N ALA A 302 -44.79 31.16 21.34
CA ALA A 302 -45.27 31.13 22.72
C ALA A 302 -44.15 30.81 23.71
N THR A 303 -44.38 31.17 24.97
CA THR A 303 -43.40 30.94 26.02
C THR A 303 -44.10 30.27 27.21
N LEU A 304 -43.72 29.03 27.50
CA LEU A 304 -44.33 28.29 28.60
C LEU A 304 -43.53 28.48 29.88
N PHE A 305 -44.23 28.56 31.01
CA PHE A 305 -43.58 28.76 32.30
C PHE A 305 -43.83 27.62 33.28
N TYR A 306 -42.97 27.53 34.29
CA TYR A 306 -43.07 26.50 35.32
C TYR A 306 -42.09 26.78 36.45
N PRO A 307 -42.37 26.27 37.66
CA PRO A 307 -41.49 26.48 38.81
C PRO A 307 -40.13 25.81 38.65
N MET A 308 -39.13 26.32 39.37
CA MET A 308 -37.78 25.78 39.30
C MET A 308 -37.64 24.53 40.17
N TRP A 309 -38.48 24.41 41.19
CA TRP A 309 -38.43 23.27 42.09
C TRP A 309 -39.36 22.13 41.65
N HIS A 310 -39.91 22.24 40.45
CA HIS A 310 -40.82 21.20 39.95
C HIS A 310 -40.05 19.89 39.85
N LEU A 311 -40.77 18.78 39.84
CA LEU A 311 -40.16 17.46 39.77
C LEU A 311 -39.49 17.15 38.44
N GLU A 312 -40.12 17.60 37.35
CA GLU A 312 -39.59 17.34 36.02
C GLU A 312 -38.75 18.49 35.48
N VAL A 313 -38.25 19.33 36.38
CA VAL A 313 -37.43 20.47 36.00
C VAL A 313 -36.25 20.10 35.10
N GLU A 314 -35.54 19.03 35.47
CA GLU A 314 -34.39 18.57 34.70
C GLU A 314 -34.74 18.20 33.26
N SER A 315 -35.89 17.55 33.07
CA SER A 315 -36.33 17.14 31.75
C SER A 315 -36.89 18.31 30.94
N LEU A 316 -37.46 19.29 31.63
CA LEU A 316 -38.04 20.45 30.99
C LEU A 316 -36.96 21.45 30.58
N LEU A 317 -35.91 21.51 31.38
CA LEU A 317 -34.80 22.42 31.15
C LEU A 317 -34.11 22.22 29.80
N VAL A 318 -34.10 20.98 29.30
CA VAL A 318 -33.40 20.67 28.05
C VAL A 318 -34.27 20.60 26.79
N LEU A 319 -35.54 20.99 26.91
CA LEU A 319 -36.56 20.72 25.91
C LEU A 319 -36.24 21.41 24.58
N LYS A 320 -35.50 22.51 24.67
CA LYS A 320 -35.21 23.34 23.51
C LYS A 320 -33.89 22.93 22.87
N ASN A 321 -33.21 21.97 23.51
CA ASN A 321 -31.93 21.52 22.98
C ASN A 321 -32.14 20.88 21.62
N ASN A 322 -31.28 21.23 20.67
CA ASN A 322 -31.33 20.65 19.34
C ASN A 322 -31.03 19.17 19.40
N ARG A 323 -30.09 18.80 20.27
CA ARG A 323 -29.50 17.47 20.26
C ARG A 323 -30.09 16.58 21.34
N GLY A 324 -30.95 15.66 20.92
CA GLY A 324 -31.58 14.74 21.85
C GLY A 324 -32.71 13.99 21.17
N VAL A 325 -33.42 13.15 21.91
CA VAL A 325 -34.52 12.37 21.34
C VAL A 325 -35.78 13.22 21.17
N GLU A 326 -36.36 13.14 19.99
CA GLU A 326 -37.57 13.87 19.67
C GLU A 326 -38.65 13.55 20.70
N GLY A 327 -38.56 12.37 21.30
CA GLY A 327 -39.53 11.95 22.29
C GLY A 327 -39.51 12.80 23.56
N ASN A 328 -38.37 13.43 23.82
CA ASN A 328 -38.23 14.25 25.01
C ASN A 328 -37.90 15.69 24.62
N ARG A 329 -38.43 16.14 23.49
CA ARG A 329 -38.15 17.50 23.02
C ARG A 329 -39.35 18.26 22.46
N VAL A 330 -39.43 19.54 22.80
CA VAL A 330 -40.48 20.43 22.33
C VAL A 330 -39.78 21.75 22.01
N ARG A 331 -38.99 21.73 20.94
CA ARG A 331 -38.06 22.81 20.59
C ARG A 331 -38.68 24.16 20.25
N HIS A 332 -39.78 24.15 19.51
CA HIS A 332 -40.33 25.38 18.95
C HIS A 332 -40.75 26.40 20.01
N MET A 333 -41.38 25.92 21.07
CA MET A 333 -41.83 26.81 22.14
C MET A 333 -40.69 27.41 22.95
N ASP A 334 -40.82 28.67 23.34
CA ASP A 334 -39.92 29.31 24.28
C ASP A 334 -40.41 28.96 25.69
N TYR A 335 -39.53 29.14 26.68
CA TYR A 335 -39.89 28.82 28.05
C TYR A 335 -39.41 29.87 29.05
N GLY A 336 -39.97 29.82 30.25
CA GLY A 336 -39.59 30.78 31.28
C GLY A 336 -39.58 30.14 32.66
N VAL A 337 -38.39 29.87 33.17
CA VAL A 337 -38.24 29.25 34.48
C VAL A 337 -38.49 30.26 35.59
N GLN A 338 -39.47 29.98 36.44
CA GLN A 338 -39.81 30.85 37.54
C GLN A 338 -38.91 30.58 38.75
N ILE A 339 -38.21 31.61 39.21
CA ILE A 339 -37.30 31.49 40.34
C ILE A 339 -37.68 32.46 41.45
N ASN A 340 -37.23 32.19 42.67
CA ASN A 340 -37.52 33.07 43.80
C ASN A 340 -36.32 33.20 44.73
N LYS A 341 -36.47 34.04 45.75
CA LYS A 341 -35.43 34.30 46.74
C LYS A 341 -34.77 33.01 47.25
N LEU A 342 -35.59 32.07 47.69
CA LEU A 342 -35.11 30.80 48.21
C LEU A 342 -34.13 30.09 47.29
N MET A 343 -34.54 29.89 46.04
CA MET A 343 -33.69 29.22 45.05
C MET A 343 -32.31 29.87 44.93
N TYR A 344 -32.29 31.20 44.92
CA TYR A 344 -31.02 31.93 44.80
C TYR A 344 -30.16 31.76 46.05
N THR A 345 -30.81 31.56 47.19
CA THR A 345 -30.09 31.39 48.45
C THR A 345 -29.44 30.01 48.53
N ARG A 346 -30.15 28.99 48.08
CA ARG A 346 -29.63 27.63 48.09
C ARG A 346 -28.36 27.53 47.26
N LEU A 347 -28.21 28.45 46.31
CA LEU A 347 -27.04 28.48 45.43
C LEU A 347 -25.84 29.13 46.11
N LEU A 348 -26.08 30.28 46.74
CA LEU A 348 -25.03 31.02 47.42
C LEU A 348 -24.40 30.22 48.57
N LYS A 349 -25.24 29.54 49.36
CA LYS A 349 -24.75 28.76 50.47
C LYS A 349 -24.23 27.39 50.04
N GLY A 350 -24.26 27.14 48.73
CA GLY A 350 -23.77 25.88 48.21
C GLY A 350 -24.56 24.67 48.72
N GLU A 351 -25.85 24.88 48.97
CA GLU A 351 -26.72 23.81 49.46
C GLU A 351 -27.42 23.13 48.29
N ASP A 352 -28.36 22.23 48.59
CA ASP A 352 -29.09 21.53 47.55
C ASP A 352 -30.48 22.12 47.31
N ILE A 353 -31.24 21.48 46.43
CA ILE A 353 -32.58 21.90 46.08
C ILE A 353 -33.46 20.67 45.95
N THR A 354 -34.70 20.78 46.41
CA THR A 354 -35.63 19.65 46.35
C THR A 354 -36.67 19.86 45.25
N LEU A 355 -36.98 18.79 44.53
CA LEU A 355 -37.95 18.85 43.45
C LEU A 355 -39.26 18.19 43.89
N PHE A 356 -40.37 18.90 43.72
CA PHE A 356 -41.67 18.38 44.12
C PHE A 356 -42.69 18.41 42.98
N SER A 357 -43.71 17.56 43.10
CA SER A 357 -44.77 17.49 42.11
C SER A 357 -45.91 18.36 42.63
N PRO A 358 -46.46 19.20 41.78
CA PRO A 358 -47.37 20.23 42.30
C PRO A 358 -48.48 19.55 43.10
N SER A 359 -48.86 18.35 42.69
CA SER A 359 -49.98 17.66 43.34
C SER A 359 -49.61 16.93 44.63
N ASP A 360 -48.36 17.02 45.06
CA ASP A 360 -47.94 16.34 46.28
C ASP A 360 -47.64 17.26 47.45
N VAL A 361 -47.47 18.55 47.17
CA VAL A 361 -47.17 19.52 48.22
C VAL A 361 -48.22 20.65 48.27
N PRO A 362 -49.27 20.47 49.07
CA PRO A 362 -50.37 21.43 49.24
C PRO A 362 -49.93 22.83 49.67
N GLY A 363 -50.62 23.83 49.15
CA GLY A 363 -50.32 25.22 49.50
C GLY A 363 -48.94 25.70 49.12
N LEU A 364 -48.19 24.87 48.40
CA LEU A 364 -46.84 25.23 47.98
C LEU A 364 -46.87 26.14 46.76
N TYR A 365 -47.68 25.79 45.78
CA TYR A 365 -47.80 26.59 44.56
C TYR A 365 -48.34 27.98 44.89
N ASP A 366 -49.48 28.03 45.56
CA ASP A 366 -50.10 29.30 45.93
C ASP A 366 -49.12 30.21 46.67
N ALA A 367 -48.53 29.70 47.73
CA ALA A 367 -47.59 30.47 48.53
C ALA A 367 -46.40 30.91 47.68
N PHE A 368 -46.06 30.11 46.68
CA PHE A 368 -44.95 30.40 45.79
C PHE A 368 -45.09 31.76 45.10
N PHE A 369 -46.33 32.25 45.01
CA PHE A 369 -46.58 33.53 44.37
C PHE A 369 -47.12 34.57 45.35
N ALA A 370 -47.95 34.11 46.28
CA ALA A 370 -48.57 34.99 47.26
C ALA A 370 -47.68 35.36 48.45
N ASP A 371 -47.20 34.35 49.16
CA ASP A 371 -46.35 34.60 50.33
C ASP A 371 -45.04 33.83 50.28
N GLN A 372 -43.93 34.56 50.24
CA GLN A 372 -42.61 33.95 50.20
C GLN A 372 -42.31 33.28 51.54
N GLU A 373 -42.75 33.93 52.63
CA GLU A 373 -42.56 33.40 53.96
C GLU A 373 -43.28 32.08 54.10
N GLU A 374 -44.58 32.09 53.80
CA GLU A 374 -45.40 30.88 53.87
C GLU A 374 -44.78 29.78 53.02
N PHE A 375 -44.21 30.18 51.89
CA PHE A 375 -43.57 29.24 50.97
C PHE A 375 -42.43 28.52 51.70
N GLU A 376 -41.63 29.30 52.42
CA GLU A 376 -40.49 28.76 53.16
C GLU A 376 -40.95 27.75 54.21
N ARG A 377 -42.01 28.08 54.93
CA ARG A 377 -42.54 27.21 55.97
C ARG A 377 -42.90 25.85 55.39
N LEU A 378 -43.77 25.86 54.38
CA LEU A 378 -44.21 24.64 53.72
C LEU A 378 -43.06 23.90 53.07
N TYR A 379 -42.22 24.64 52.35
CA TYR A 379 -41.07 24.05 51.66
C TYR A 379 -40.22 23.21 52.60
N THR A 380 -39.63 23.86 53.60
CA THR A 380 -38.79 23.17 54.57
C THR A 380 -39.48 21.95 55.17
N LYS A 381 -40.73 22.14 55.58
CA LYS A 381 -41.51 21.06 56.18
C LYS A 381 -41.51 19.81 55.30
N TYR A 382 -41.96 19.97 54.06
CA TYR A 382 -42.03 18.85 53.12
C TYR A 382 -40.69 18.18 52.88
N GLU A 383 -39.60 18.93 53.03
CA GLU A 383 -38.27 18.38 52.82
C GLU A 383 -37.98 17.24 53.80
N LYS A 384 -38.32 17.45 55.07
CA LYS A 384 -38.10 16.43 56.09
C LYS A 384 -39.14 15.33 55.98
N ASP A 385 -40.33 15.70 55.53
CA ASP A 385 -41.33 14.69 55.44
C ASP A 385 -40.65 13.73 54.50
N ASP A 386 -40.58 12.49 54.95
CA ASP A 386 -40.09 11.38 54.15
C ASP A 386 -41.13 10.76 53.22
N SER A 387 -42.38 10.74 53.67
CA SER A 387 -43.46 10.16 52.87
C SER A 387 -43.74 10.93 51.58
N ILE A 388 -43.27 12.17 51.52
CA ILE A 388 -43.47 13.01 50.34
C ILE A 388 -42.44 12.69 49.27
N ARG A 389 -42.88 12.47 48.03
CA ARG A 389 -41.97 12.17 46.94
C ARG A 389 -41.14 13.40 46.62
N LYS A 390 -39.82 13.22 46.53
CA LYS A 390 -38.91 14.31 46.24
C LYS A 390 -37.59 13.83 45.67
N GLN A 391 -36.74 14.79 45.31
CA GLN A 391 -35.42 14.48 44.77
C GLN A 391 -34.48 15.64 45.04
N ARG A 392 -33.32 15.34 45.61
CA ARG A 392 -32.33 16.36 45.93
C ARG A 392 -31.43 16.66 44.72
N VAL A 393 -31.04 17.92 44.58
CA VAL A 393 -30.18 18.36 43.49
C VAL A 393 -29.35 19.54 43.96
N LYS A 394 -28.05 19.51 43.69
CA LYS A 394 -27.17 20.59 44.10
C LYS A 394 -27.48 21.88 43.35
N ALA A 395 -27.80 22.92 44.11
CA ALA A 395 -28.15 24.23 43.56
C ALA A 395 -27.18 24.70 42.48
N VAL A 396 -25.91 24.34 42.61
CA VAL A 396 -24.89 24.73 41.65
C VAL A 396 -25.10 24.03 40.31
N GLU A 397 -25.48 22.76 40.37
CA GLU A 397 -25.71 21.97 39.16
C GLU A 397 -26.96 22.43 38.43
N LEU A 398 -28.09 22.46 39.13
CA LEU A 398 -29.36 22.86 38.53
C LEU A 398 -29.27 24.19 37.80
N PHE A 399 -28.86 25.25 38.51
CA PHE A 399 -28.74 26.57 37.89
C PHE A 399 -27.85 26.53 36.65
N SER A 400 -26.75 25.79 36.72
CA SER A 400 -25.83 25.68 35.59
C SER A 400 -26.57 25.13 34.38
N LEU A 401 -27.42 24.13 34.62
CA LEU A 401 -28.20 23.51 33.55
C LEU A 401 -29.03 24.57 32.85
N MET A 402 -29.68 25.40 33.65
CA MET A 402 -30.52 26.48 33.14
C MET A 402 -29.70 27.46 32.30
N MET A 403 -28.60 27.95 32.88
CA MET A 403 -27.73 28.88 32.18
C MET A 403 -27.15 28.26 30.92
N GLN A 404 -26.96 26.95 30.94
CA GLN A 404 -26.41 26.23 29.79
C GLN A 404 -27.42 26.25 28.64
N GLU A 405 -28.63 25.78 28.92
CA GLU A 405 -29.67 25.75 27.91
C GLU A 405 -30.01 27.17 27.46
N ARG A 406 -29.95 28.11 28.39
CA ARG A 406 -30.25 29.51 28.08
C ARG A 406 -29.22 30.06 27.10
N ALA A 407 -27.99 29.55 27.19
CA ALA A 407 -26.91 30.00 26.31
C ALA A 407 -26.96 29.26 24.97
N SER A 408 -27.16 27.94 25.04
CA SER A 408 -27.21 27.11 23.85
C SER A 408 -28.32 27.52 22.90
N THR A 409 -29.49 27.82 23.45
CA THR A 409 -30.64 28.23 22.63
C THR A 409 -30.88 29.73 22.67
N GLY A 410 -30.91 30.31 23.87
CA GLY A 410 -31.14 31.72 24.00
C GLY A 410 -32.62 32.03 24.04
N ARG A 411 -33.41 31.02 24.40
CA ARG A 411 -34.86 31.17 24.47
C ARG A 411 -35.39 30.76 25.85
N ILE A 412 -34.48 30.48 26.77
CA ILE A 412 -34.85 30.09 28.14
C ILE A 412 -34.82 31.36 28.99
N TYR A 413 -36.00 31.87 29.32
CA TYR A 413 -36.12 33.09 30.12
C TYR A 413 -36.28 32.86 31.61
N ILE A 414 -36.01 33.91 32.39
CA ILE A 414 -36.12 33.85 33.85
C ILE A 414 -37.19 34.83 34.34
N GLN A 415 -37.92 34.42 35.36
CA GLN A 415 -38.98 35.25 35.94
C GLN A 415 -39.03 35.09 37.45
N ASN A 416 -38.56 36.11 38.17
CA ASN A 416 -38.57 36.08 39.63
C ASN A 416 -39.99 36.35 40.13
N VAL A 417 -40.66 35.29 40.58
CA VAL A 417 -42.02 35.38 41.07
C VAL A 417 -42.24 36.38 42.21
N ASP A 418 -41.37 36.34 43.21
CA ASP A 418 -41.49 37.23 44.35
C ASP A 418 -41.52 38.71 43.96
N HIS A 419 -40.74 39.08 42.93
CA HIS A 419 -40.70 40.45 42.47
C HIS A 419 -41.93 40.84 41.66
N CYS A 420 -42.67 39.84 41.19
CA CYS A 420 -43.87 40.09 40.40
C CYS A 420 -45.14 40.13 41.24
N ASN A 421 -44.98 40.05 42.55
CA ASN A 421 -46.14 40.08 43.46
C ASN A 421 -45.95 41.04 44.63
N THR A 422 -44.69 41.34 44.95
CA THR A 422 -44.40 42.25 46.05
C THR A 422 -44.45 43.69 45.54
N HIS A 423 -43.99 43.89 44.31
CA HIS A 423 -43.98 45.23 43.76
C HIS A 423 -44.78 45.14 42.48
N SER A 424 -46.08 44.98 42.68
CA SER A 424 -47.04 44.94 41.58
C SER A 424 -48.31 45.70 41.95
N PRO A 425 -49.08 46.13 40.93
CA PRO A 425 -50.33 46.87 41.14
C PRO A 425 -51.47 46.01 41.68
N PHE A 426 -51.28 44.69 41.64
CA PHE A 426 -52.30 43.76 42.10
C PHE A 426 -52.03 43.17 43.48
N ASP A 427 -53.07 42.58 44.07
CA ASP A 427 -52.97 41.95 45.38
C ASP A 427 -52.68 40.47 45.14
N PRO A 428 -51.46 40.02 45.48
CA PRO A 428 -51.07 38.63 45.29
C PRO A 428 -52.00 37.61 45.95
N ALA A 429 -52.87 38.09 46.84
CA ALA A 429 -53.81 37.22 47.54
C ALA A 429 -55.08 37.01 46.73
N ILE A 430 -55.53 38.07 46.06
CA ILE A 430 -56.75 38.01 45.27
C ILE A 430 -56.45 37.66 43.81
N ALA A 431 -55.51 38.38 43.21
CA ALA A 431 -55.12 38.16 41.83
C ALA A 431 -53.60 38.25 41.67
N PRO A 432 -52.89 37.13 41.86
CA PRO A 432 -51.43 37.09 41.74
C PRO A 432 -50.93 36.85 40.32
N VAL A 433 -49.74 37.35 40.03
CA VAL A 433 -49.12 37.17 38.72
C VAL A 433 -48.34 35.87 38.75
N ARG A 434 -48.73 34.92 37.92
CA ARG A 434 -48.08 33.62 37.89
C ARG A 434 -47.58 33.20 36.50
N GLN A 435 -47.49 34.18 35.61
CA GLN A 435 -47.11 33.94 34.21
C GLN A 435 -46.72 35.24 33.49
N SER A 436 -46.10 35.11 32.32
CA SER A 436 -45.85 36.27 31.47
C SER A 436 -46.35 35.96 30.06
N ASN A 437 -46.28 37.00 29.23
CA ASN A 437 -46.59 36.96 27.79
C ASN A 437 -45.38 36.54 26.95
N LEU A 438 -45.57 36.50 25.64
CA LEU A 438 -44.50 36.09 24.73
C LEU A 438 -43.34 37.07 24.86
N CYS A 439 -43.68 38.34 24.99
CA CYS A 439 -42.69 39.39 25.20
C CYS A 439 -41.99 39.14 26.52
N LEU A 440 -42.75 38.69 27.52
CA LEU A 440 -42.21 38.47 28.85
C LEU A 440 -42.24 39.78 29.61
N GLU A 441 -42.84 40.79 28.98
CA GLU A 441 -42.96 42.12 29.56
C GLU A 441 -44.17 42.24 30.46
N ILE A 442 -45.28 41.64 30.04
CA ILE A 442 -46.54 41.76 30.77
C ILE A 442 -46.58 40.96 32.07
N ALA A 443 -47.26 41.51 33.08
CA ALA A 443 -47.41 40.82 34.36
C ALA A 443 -48.83 41.04 34.87
N LEU A 444 -49.74 40.14 34.49
CA LEU A 444 -51.13 40.24 34.89
C LEU A 444 -51.67 38.93 35.45
N PRO A 445 -52.60 39.01 36.41
CA PRO A 445 -53.21 37.83 37.04
C PRO A 445 -54.01 37.01 36.03
N THR A 446 -54.30 35.76 36.39
CA THR A 446 -55.06 34.87 35.52
C THR A 446 -55.82 33.82 36.31
N LYS A 447 -56.78 33.18 35.64
CA LYS A 447 -57.59 32.14 36.26
C LYS A 447 -57.84 31.03 35.24
N PRO A 448 -57.49 29.78 35.60
CA PRO A 448 -57.67 28.62 34.72
C PRO A 448 -59.11 28.35 34.34
N LEU A 449 -59.32 27.90 33.10
CA LEU A 449 -60.65 27.60 32.60
C LEU A 449 -60.89 26.09 32.60
N ASN A 450 -62.13 25.70 32.90
CA ASN A 450 -62.51 24.29 32.91
C ASN A 450 -63.13 23.94 31.57
N ASP A 451 -63.20 24.94 30.69
CA ASP A 451 -63.76 24.77 29.35
C ASP A 451 -63.55 26.04 28.54
N VAL A 452 -63.92 25.99 27.26
CA VAL A 452 -63.75 27.13 26.36
C VAL A 452 -64.67 28.30 26.72
N ASN A 453 -65.90 27.99 27.10
CA ASN A 453 -66.86 29.03 27.46
C ASN A 453 -67.01 29.23 28.96
N ASP A 454 -66.00 28.84 29.73
CA ASP A 454 -66.05 28.99 31.17
C ASP A 454 -66.06 30.47 31.57
N GLU A 455 -67.17 30.91 32.14
CA GLU A 455 -67.34 32.31 32.56
C GLU A 455 -66.43 32.73 33.71
N ASN A 456 -66.08 31.77 34.57
CA ASN A 456 -65.24 32.05 35.73
C ASN A 456 -63.75 32.12 35.44
N GLY A 457 -63.38 31.93 34.18
CA GLY A 457 -61.97 31.97 33.81
C GLY A 457 -61.53 33.38 33.44
N GLU A 458 -60.24 33.64 33.48
CA GLU A 458 -59.72 34.96 33.14
C GLU A 458 -58.47 34.87 32.26
N ILE A 459 -58.48 35.58 31.15
CA ILE A 459 -57.36 35.59 30.22
C ILE A 459 -56.83 37.01 30.02
N ALA A 460 -55.53 37.18 30.17
CA ALA A 460 -54.91 38.49 30.01
C ALA A 460 -54.61 38.75 28.53
N LEU A 461 -54.95 39.95 28.08
CA LEU A 461 -54.76 40.34 26.70
C LEU A 461 -53.97 41.63 26.66
N CYS A 462 -53.19 41.82 25.59
CA CYS A 462 -52.34 42.99 25.49
C CYS A 462 -52.81 44.00 24.46
N THR A 463 -52.95 45.25 24.91
CA THR A 463 -53.33 46.36 24.05
C THR A 463 -52.28 47.43 24.32
N LEU A 464 -51.08 47.18 23.83
CA LEU A 464 -49.92 48.02 24.09
C LEU A 464 -49.82 49.31 23.27
N SER A 465 -48.79 50.09 23.60
CA SER A 465 -48.42 51.33 22.94
C SER A 465 -47.03 51.73 23.44
N ALA A 466 -46.38 52.69 22.80
CA ALA A 466 -45.15 53.23 23.37
C ALA A 466 -44.90 54.70 22.99
N PHE A 467 -44.27 55.43 23.90
CA PHE A 467 -43.97 56.83 23.68
C PHE A 467 -42.64 56.96 22.94
N ASN A 468 -42.37 58.14 22.40
CA ASN A 468 -41.13 58.39 21.68
C ASN A 468 -40.30 59.40 22.47
N LEU A 469 -39.32 58.92 23.21
CA LEU A 469 -38.61 59.79 24.11
C LEU A 469 -38.07 60.91 23.24
N GLY A 470 -37.82 60.60 21.98
CA GLY A 470 -37.11 61.52 21.10
C GLY A 470 -38.05 62.48 20.41
N ALA A 471 -39.33 62.40 20.74
CA ALA A 471 -40.34 63.28 20.13
C ALA A 471 -40.73 64.42 21.07
N ILE A 472 -40.37 64.30 22.34
CA ILE A 472 -40.70 65.32 23.33
C ILE A 472 -39.49 66.20 23.63
N ASN A 473 -39.76 67.38 24.17
CA ASN A 473 -38.70 68.32 24.53
C ASN A 473 -38.43 68.24 26.02
N ASN A 474 -39.49 68.22 26.81
CA ASN A 474 -39.37 68.13 28.27
C ASN A 474 -40.38 67.11 28.80
N LEU A 475 -40.18 66.68 30.03
CA LEU A 475 -41.06 65.70 30.66
C LEU A 475 -42.52 66.12 30.82
N ASP A 476 -42.77 67.43 30.83
CA ASP A 476 -44.13 67.92 30.99
C ASP A 476 -45.03 67.64 29.79
N GLU A 477 -44.42 67.31 28.65
CA GLU A 477 -45.18 67.01 27.45
C GLU A 477 -45.84 65.65 27.57
N LEU A 478 -45.50 64.93 28.62
CA LEU A 478 -46.05 63.60 28.87
C LEU A 478 -47.49 63.67 29.37
N GLU A 479 -47.88 64.83 29.89
CA GLU A 479 -49.24 65.00 30.41
C GLU A 479 -50.26 64.83 29.29
N GLU A 480 -50.08 65.57 28.20
CA GLU A 480 -50.99 65.48 27.07
C GLU A 480 -50.92 64.07 26.50
N LEU A 481 -49.70 63.63 26.17
CA LEU A 481 -49.47 62.30 25.60
C LEU A 481 -50.14 61.21 26.44
N ALA A 482 -49.90 61.22 27.74
CA ALA A 482 -50.47 60.24 28.65
C ALA A 482 -51.99 60.16 28.47
N ILE A 483 -52.60 61.30 28.15
CA ILE A 483 -54.04 61.36 27.96
C ILE A 483 -54.45 60.77 26.62
N LEU A 484 -53.77 61.17 25.55
CA LEU A 484 -54.09 60.66 24.22
C LEU A 484 -53.89 59.16 24.14
N ALA A 485 -52.91 58.65 24.90
CA ALA A 485 -52.61 57.23 24.91
C ALA A 485 -53.61 56.44 25.74
N VAL A 486 -53.61 56.66 27.05
CA VAL A 486 -54.51 55.96 27.95
C VAL A 486 -55.97 56.03 27.52
N ARG A 487 -56.35 57.12 26.85
CA ARG A 487 -57.72 57.29 26.38
C ARG A 487 -58.04 56.39 25.19
N ALA A 488 -57.30 56.56 24.10
CA ALA A 488 -57.51 55.77 22.89
C ALA A 488 -57.42 54.28 23.17
N LEU A 489 -56.44 53.89 24.00
CA LEU A 489 -56.24 52.49 24.34
C LEU A 489 -57.45 51.88 25.03
N ASP A 490 -57.82 52.45 26.19
CA ASP A 490 -58.95 51.94 26.95
C ASP A 490 -60.20 51.86 26.07
N ALA A 491 -60.25 52.70 25.05
CA ALA A 491 -61.39 52.72 24.13
C ALA A 491 -61.40 51.46 23.28
N LEU A 492 -60.22 51.08 22.80
CA LEU A 492 -60.08 49.89 21.96
C LEU A 492 -60.68 48.66 22.65
N LEU A 493 -60.47 48.58 23.97
CA LEU A 493 -60.98 47.46 24.76
C LEU A 493 -62.47 47.26 24.51
N ASP A 494 -63.16 48.34 24.17
CA ASP A 494 -64.59 48.28 23.93
C ASP A 494 -64.91 48.24 22.44
N TYR A 495 -63.87 48.26 21.61
CA TYR A 495 -64.03 48.24 20.16
C TYR A 495 -63.80 46.83 19.62
N GLN A 496 -62.78 46.16 20.14
CA GLN A 496 -62.43 44.80 19.72
C GLN A 496 -63.43 43.78 20.24
N ASP A 497 -63.32 42.55 19.73
CA ASP A 497 -64.21 41.47 20.16
C ASP A 497 -63.49 40.53 21.11
N TYR A 498 -64.25 39.63 21.72
CA TYR A 498 -63.71 38.67 22.66
C TYR A 498 -64.28 37.28 22.38
N PRO A 499 -63.57 36.48 21.56
CA PRO A 499 -64.00 35.13 21.20
C PRO A 499 -64.14 34.20 22.41
N ILE A 500 -63.26 34.38 23.40
CA ILE A 500 -63.29 33.57 24.61
C ILE A 500 -63.78 34.40 25.79
N PRO A 501 -64.73 33.86 26.57
CA PRO A 501 -65.29 34.54 27.74
C PRO A 501 -64.23 35.01 28.73
N ALA A 502 -63.35 34.09 29.12
CA ALA A 502 -62.30 34.39 30.08
C ALA A 502 -61.48 35.61 29.67
N ALA A 503 -61.21 35.75 28.37
CA ALA A 503 -60.44 36.87 27.86
C ALA A 503 -61.19 38.18 28.08
N LYS A 504 -62.50 38.14 27.85
CA LYS A 504 -63.36 39.31 28.01
C LYS A 504 -63.44 39.73 29.47
N ARG A 505 -63.69 38.76 30.34
CA ARG A 505 -63.80 39.02 31.77
C ARG A 505 -62.64 39.85 32.30
N GLY A 506 -61.42 39.44 31.96
CA GLY A 506 -60.24 40.16 32.41
C GLY A 506 -60.14 41.56 31.83
N ALA A 507 -60.43 41.68 30.53
CA ALA A 507 -60.36 42.98 29.85
C ALA A 507 -61.30 43.99 30.49
N MET A 508 -62.54 43.59 30.72
CA MET A 508 -63.54 44.47 31.33
C MET A 508 -63.37 44.58 32.83
N GLY A 509 -62.85 43.52 33.44
CA GLY A 509 -62.65 43.50 34.88
C GLY A 509 -61.57 44.42 35.41
N ARG A 510 -60.38 44.34 34.84
CA ARG A 510 -59.26 45.17 35.29
C ARG A 510 -58.77 46.19 34.27
N ARG A 511 -59.21 46.05 33.03
CA ARG A 511 -58.84 46.95 31.94
C ARG A 511 -57.37 47.35 32.01
N THR A 512 -56.47 46.40 31.77
CA THR A 512 -55.05 46.67 31.83
C THR A 512 -54.48 47.19 30.51
N LEU A 513 -53.32 47.84 30.59
CA LEU A 513 -52.65 48.39 29.42
C LEU A 513 -51.14 48.22 29.54
N GLY A 514 -50.48 48.02 28.42
CA GLY A 514 -49.03 47.84 28.42
C GLY A 514 -48.35 48.93 27.62
N ILE A 515 -47.99 50.01 28.29
CA ILE A 515 -47.32 51.14 27.64
C ILE A 515 -45.82 51.12 27.84
N GLY A 516 -45.07 51.29 26.76
CA GLY A 516 -43.63 51.29 26.84
C GLY A 516 -43.03 52.52 26.20
N VAL A 517 -41.78 52.41 25.77
CA VAL A 517 -41.09 53.53 25.13
C VAL A 517 -40.19 53.09 23.99
N ILE A 518 -39.88 54.03 23.09
CA ILE A 518 -39.01 53.75 21.96
C ILE A 518 -37.98 54.87 21.85
N ASN A 519 -36.99 54.67 20.99
CA ASN A 519 -35.94 55.66 20.79
C ASN A 519 -35.23 56.02 22.09
N PHE A 520 -35.21 55.09 23.04
CA PHE A 520 -34.57 55.32 24.32
C PHE A 520 -33.07 55.58 24.14
N ALA A 521 -32.45 54.82 23.25
CA ALA A 521 -31.03 54.97 22.98
C ALA A 521 -30.75 56.40 22.52
N TYR A 522 -31.51 56.85 21.53
CA TYR A 522 -31.37 58.20 21.00
C TYR A 522 -31.57 59.22 22.12
N TYR A 523 -32.44 58.89 23.05
CA TYR A 523 -32.73 59.77 24.19
C TYR A 523 -31.48 59.97 25.04
N LEU A 524 -31.00 58.88 25.63
CA LEU A 524 -29.81 58.93 26.47
C LEU A 524 -28.67 59.66 25.78
N ALA A 525 -28.44 59.30 24.52
CA ALA A 525 -27.38 59.92 23.73
C ALA A 525 -27.52 61.43 23.67
N LYS A 526 -28.72 61.90 23.37
CA LYS A 526 -28.97 63.34 23.27
C LYS A 526 -28.52 64.08 24.53
N HIS A 527 -28.83 63.52 25.70
CA HIS A 527 -28.46 64.14 26.96
C HIS A 527 -27.02 63.78 27.33
N GLY A 528 -26.30 63.18 26.38
CA GLY A 528 -24.92 62.80 26.63
C GLY A 528 -24.76 61.79 27.75
N LYS A 529 -25.55 60.72 27.70
CA LYS A 529 -25.49 59.66 28.71
C LYS A 529 -25.21 58.31 28.06
N ARG A 530 -24.85 57.32 28.89
CA ARG A 530 -24.55 55.98 28.39
C ARG A 530 -25.15 54.91 29.30
N TYR A 531 -24.97 53.65 28.91
CA TYR A 531 -25.51 52.52 29.68
C TYR A 531 -24.56 52.00 30.76
N SER A 532 -23.42 51.45 30.33
CA SER A 532 -22.44 50.86 31.23
C SER A 532 -22.03 51.70 32.44
N ASP A 533 -21.33 52.81 32.20
CA ASP A 533 -20.87 53.68 33.29
C ASP A 533 -21.93 53.98 34.35
N GLY A 534 -23.19 53.98 33.96
CA GLY A 534 -24.25 54.26 34.90
C GLY A 534 -24.46 55.73 35.19
N SER A 535 -24.07 56.57 34.23
CA SER A 535 -24.20 58.02 34.38
C SER A 535 -25.64 58.44 34.07
N ALA A 536 -26.46 57.47 33.66
CA ALA A 536 -27.85 57.74 33.34
C ALA A 536 -28.79 57.22 34.43
N ASN A 537 -28.21 56.79 35.53
CA ASN A 537 -29.00 56.26 36.65
C ASN A 537 -30.03 57.25 37.16
N ASN A 538 -29.60 58.45 37.54
CA ASN A 538 -30.53 59.46 38.06
C ASN A 538 -31.50 59.94 36.99
N LEU A 539 -30.99 60.33 35.83
CA LEU A 539 -31.85 60.79 34.74
C LEU A 539 -32.97 59.79 34.48
N THR A 540 -32.62 58.51 34.53
CA THR A 540 -33.59 57.45 34.29
C THR A 540 -34.69 57.50 35.36
N HIS A 541 -34.28 57.75 36.60
CA HIS A 541 -35.22 57.82 37.71
C HIS A 541 -36.19 58.98 37.51
N LYS A 542 -35.66 60.15 37.16
CA LYS A 542 -36.51 61.31 36.90
C LYS A 542 -37.42 61.14 35.68
N THR A 543 -36.87 60.62 34.59
CA THR A 543 -37.62 60.49 33.34
C THR A 543 -38.81 59.54 33.41
N PHE A 544 -38.59 58.37 34.00
CA PHE A 544 -39.66 57.39 34.19
C PHE A 544 -40.71 57.93 35.15
N GLU A 545 -40.21 58.61 36.19
CA GLU A 545 -41.01 59.08 37.30
C GLU A 545 -42.08 60.01 36.73
N ALA A 546 -41.79 60.57 35.57
CA ALA A 546 -42.71 61.47 34.88
C ALA A 546 -43.63 60.67 33.96
N ILE A 547 -43.06 59.67 33.30
CA ILE A 547 -43.80 58.82 32.38
C ILE A 547 -44.91 58.06 33.10
N GLN A 548 -44.62 57.58 34.30
CA GLN A 548 -45.59 56.83 35.09
C GLN A 548 -46.60 57.74 35.76
N TYR A 549 -46.12 58.83 36.34
CA TYR A 549 -46.99 59.79 37.03
C TYR A 549 -48.11 60.28 36.11
N TYR A 550 -47.74 60.96 35.03
CA TYR A 550 -48.71 61.48 34.08
C TYR A 550 -49.68 60.42 33.58
N LEU A 551 -49.23 59.16 33.57
CA LEU A 551 -50.07 58.07 33.12
C LEU A 551 -51.07 57.69 34.21
N LEU A 552 -50.61 57.75 35.46
CA LEU A 552 -51.47 57.44 36.60
C LEU A 552 -52.48 58.55 36.82
N LYS A 553 -52.15 59.75 36.36
CA LYS A 553 -53.03 60.90 36.49
C LYS A 553 -54.00 60.96 35.31
N ALA A 554 -53.64 60.31 34.21
CA ALA A 554 -54.48 60.30 33.02
C ALA A 554 -55.58 59.25 33.18
N SER A 555 -55.23 58.11 33.77
CA SER A 555 -56.19 57.04 33.98
C SER A 555 -57.18 57.44 35.08
N ASN A 556 -56.68 58.18 36.06
CA ASN A 556 -57.52 58.64 37.16
C ASN A 556 -58.54 59.65 36.64
N GLU A 557 -58.12 60.46 35.68
CA GLU A 557 -58.99 61.46 35.08
C GLU A 557 -60.14 60.78 34.35
N LEU A 558 -59.85 59.65 33.72
CA LEU A 558 -60.85 58.89 32.99
C LEU A 558 -61.78 58.19 33.97
N ALA A 559 -61.25 57.85 35.14
CA ALA A 559 -62.02 57.18 36.17
C ALA A 559 -63.08 58.12 36.74
N LYS A 560 -62.78 59.42 36.73
CA LYS A 560 -63.70 60.41 37.25
C LYS A 560 -64.74 60.76 36.20
N GLU A 561 -64.47 60.41 34.95
CA GLU A 561 -65.37 60.70 33.85
C GLU A 561 -66.18 59.50 33.40
N GLN A 562 -65.65 58.29 33.63
CA GLN A 562 -66.34 57.08 33.21
C GLN A 562 -66.35 55.93 34.21
N GLY A 563 -65.82 56.19 35.41
CA GLY A 563 -65.79 55.15 36.43
C GLY A 563 -64.59 54.23 36.33
N ALA A 564 -64.01 53.90 37.48
CA ALA A 564 -62.85 53.03 37.53
C ALA A 564 -63.21 51.59 37.16
N CYS A 565 -62.19 50.74 37.02
CA CYS A 565 -62.39 49.34 36.66
C CYS A 565 -63.14 48.59 37.76
N PRO A 566 -64.09 47.72 37.38
CA PRO A 566 -64.89 46.93 38.30
C PRO A 566 -64.09 46.18 39.36
N TRP A 567 -62.92 45.66 38.98
CA TRP A 567 -62.08 44.91 39.91
C TRP A 567 -60.92 45.74 40.47
N PHE A 568 -61.13 47.05 40.58
CA PHE A 568 -60.10 47.95 41.10
C PHE A 568 -59.82 47.61 42.57
N ASN A 569 -60.81 47.00 43.22
CA ASN A 569 -60.69 46.63 44.62
C ASN A 569 -59.60 45.59 44.87
N GLU A 570 -59.33 44.77 43.86
CA GLU A 570 -58.31 43.73 43.97
C GLU A 570 -56.90 44.29 43.81
N THR A 571 -56.81 45.54 43.40
CA THR A 571 -55.52 46.20 43.20
C THR A 571 -55.03 46.87 44.47
N THR A 572 -53.71 46.98 44.61
CA THR A 572 -53.11 47.62 45.77
C THR A 572 -53.26 49.13 45.66
N TYR A 573 -53.52 49.60 44.44
CA TYR A 573 -53.69 51.03 44.20
C TYR A 573 -54.92 51.54 44.96
N ALA A 574 -55.87 50.66 45.19
CA ALA A 574 -57.10 51.01 45.90
C ALA A 574 -56.87 51.00 47.41
N LYS A 575 -55.79 50.37 47.85
CA LYS A 575 -55.48 50.31 49.27
C LYS A 575 -54.45 51.35 49.69
N GLY A 576 -54.17 52.29 48.79
CA GLY A 576 -53.24 53.36 49.08
C GLY A 576 -51.76 53.02 48.94
N ILE A 577 -51.46 51.94 48.23
CA ILE A 577 -50.06 51.54 48.03
C ILE A 577 -49.57 51.93 46.66
N LEU A 578 -48.44 52.63 46.61
CA LEU A 578 -47.85 53.07 45.36
C LEU A 578 -46.55 52.32 45.04
N PRO A 579 -46.14 52.31 43.76
CA PRO A 579 -44.92 51.63 43.33
C PRO A 579 -43.68 52.05 44.11
N ILE A 580 -43.68 53.30 44.56
CA ILE A 580 -42.56 53.84 45.32
C ILE A 580 -42.51 53.30 46.74
N ASP A 581 -43.48 52.45 47.08
CA ASP A 581 -43.54 51.86 48.41
C ASP A 581 -43.12 50.40 48.44
N THR A 582 -43.26 49.71 47.31
CA THR A 582 -42.89 48.30 47.24
C THR A 582 -41.67 47.99 46.39
N TYR A 583 -40.96 49.01 45.94
CA TYR A 583 -39.78 48.79 45.11
C TYR A 583 -38.63 48.24 45.97
N LYS A 584 -37.76 47.45 45.36
CA LYS A 584 -36.63 46.86 46.05
C LYS A 584 -35.83 47.96 46.75
N LYS A 585 -35.60 47.79 48.05
CA LYS A 585 -34.87 48.77 48.84
C LYS A 585 -33.44 49.02 48.37
N ASP A 586 -32.80 47.99 47.83
CA ASP A 586 -31.42 48.12 47.35
C ASP A 586 -31.25 49.12 46.22
N LEU A 587 -32.35 49.54 45.61
CA LEU A 587 -32.30 50.50 44.52
C LEU A 587 -31.82 51.90 44.93
N ASP A 588 -31.74 52.14 46.24
CA ASP A 588 -31.30 53.45 46.72
C ASP A 588 -29.78 53.58 46.75
N THR A 589 -29.08 52.47 46.55
CA THR A 589 -27.62 52.46 46.57
C THR A 589 -27.03 52.80 45.21
N ILE A 590 -27.88 53.10 44.23
CA ILE A 590 -27.43 53.43 42.89
C ILE A 590 -28.14 54.64 42.30
N ALA A 591 -28.99 55.29 43.09
CA ALA A 591 -29.72 56.46 42.63
C ALA A 591 -30.17 57.34 43.79
N ASN A 592 -29.95 58.64 43.65
CA ASN A 592 -30.35 59.60 44.67
C ASN A 592 -31.32 60.63 44.14
N GLU A 593 -31.63 60.53 42.84
CA GLU A 593 -32.56 61.46 42.19
C GLU A 593 -33.90 61.43 42.92
N PRO A 594 -34.28 62.56 43.55
CA PRO A 594 -35.54 62.68 44.28
C PRO A 594 -36.76 62.79 43.39
N LEU A 595 -37.93 62.45 43.93
CA LEU A 595 -39.18 62.52 43.19
C LEU A 595 -39.47 63.97 42.83
N HIS A 596 -39.77 64.21 41.55
CA HIS A 596 -40.05 65.55 41.06
C HIS A 596 -41.54 65.83 40.87
N TYR A 597 -42.37 64.84 41.19
CA TYR A 597 -43.82 65.00 41.03
C TYR A 597 -44.59 64.80 42.33
N ASP A 598 -45.71 65.51 42.45
CA ASP A 598 -46.56 65.44 43.63
C ASP A 598 -47.29 64.10 43.67
N TRP A 599 -46.61 63.06 44.13
CA TRP A 599 -47.22 61.74 44.21
C TRP A 599 -48.20 61.63 45.38
N GLU A 600 -48.29 62.69 46.18
CA GLU A 600 -49.20 62.70 47.31
C GLU A 600 -50.56 63.20 46.87
N ALA A 601 -50.56 64.15 45.93
CA ALA A 601 -51.80 64.69 45.40
C ALA A 601 -52.45 63.67 44.48
N LEU A 602 -51.65 62.71 44.02
CA LEU A 602 -52.14 61.67 43.13
C LEU A 602 -52.63 60.50 43.97
N ARG A 603 -52.05 60.35 45.17
CA ARG A 603 -52.42 59.29 46.09
C ARG A 603 -53.86 59.46 46.55
N GLU A 604 -54.35 60.69 46.49
CA GLU A 604 -55.72 61.00 46.90
C GLU A 604 -56.71 60.91 45.74
N SER A 605 -56.42 61.65 44.68
CA SER A 605 -57.29 61.67 43.51
C SER A 605 -57.61 60.26 43.01
N ILE A 606 -56.71 59.32 43.26
CA ILE A 606 -56.91 57.93 42.84
C ILE A 606 -57.62 57.16 43.96
N LYS A 607 -57.34 57.54 45.19
CA LYS A 607 -57.93 56.89 46.35
C LYS A 607 -59.44 57.12 46.43
N THR A 608 -59.90 58.20 45.79
CA THR A 608 -61.32 58.54 45.81
C THR A 608 -62.05 58.24 44.51
N HIS A 609 -61.36 58.33 43.39
CA HIS A 609 -62.00 58.08 42.09
C HIS A 609 -61.47 56.85 41.37
N GLY A 610 -60.45 56.22 41.95
CA GLY A 610 -59.88 55.03 41.35
C GLY A 610 -59.23 55.25 40.00
N LEU A 611 -58.84 54.15 39.37
CA LEU A 611 -58.20 54.19 38.05
C LEU A 611 -59.01 53.39 37.03
N ARG A 612 -59.10 53.92 35.82
CA ARG A 612 -59.83 53.25 34.75
C ARG A 612 -59.07 52.00 34.32
N ASN A 613 -57.77 52.00 34.57
CA ASN A 613 -56.92 50.87 34.21
C ASN A 613 -56.14 50.35 35.42
N SER A 614 -56.12 49.03 35.59
CA SER A 614 -55.41 48.42 36.70
C SER A 614 -53.91 48.66 36.57
N THR A 615 -53.36 48.33 35.39
CA THR A 615 -51.94 48.57 35.11
C THR A 615 -51.72 49.26 33.77
N LEU A 616 -50.94 50.34 33.76
CA LEU A 616 -50.64 51.05 32.51
C LEU A 616 -49.25 50.76 31.93
N SER A 617 -48.23 50.83 32.77
CA SER A 617 -46.85 50.84 32.29
C SER A 617 -46.15 49.50 32.38
N ALA A 618 -45.73 49.02 31.22
CA ALA A 618 -44.89 47.85 31.11
C ALA A 618 -43.91 48.16 29.99
N LEU A 619 -42.74 47.54 30.02
CA LEU A 619 -41.76 47.79 28.97
C LEU A 619 -41.70 46.58 28.06
N MET A 620 -41.94 46.81 26.77
CA MET A 620 -41.89 45.71 25.81
C MET A 620 -41.00 46.06 24.62
N PRO A 621 -40.54 45.04 23.88
CA PRO A 621 -39.69 45.26 22.71
C PRO A 621 -40.55 45.72 21.54
N SER A 622 -40.04 46.67 20.75
CA SER A 622 -40.78 47.18 19.62
C SER A 622 -39.94 47.22 18.34
N GLU A 623 -40.12 46.21 17.50
CA GLU A 623 -39.39 46.10 16.23
C GLU A 623 -40.09 46.93 15.16
N THR A 624 -41.35 46.60 14.90
CA THR A 624 -42.13 47.28 13.89
C THR A 624 -42.37 48.75 14.26
N SER A 625 -42.90 48.97 15.47
CA SER A 625 -43.19 50.30 15.96
C SER A 625 -42.02 51.27 15.76
N SER A 626 -40.92 50.99 16.45
CA SER A 626 -39.73 51.84 16.37
C SER A 626 -39.31 52.16 14.94
N GLN A 627 -39.38 51.17 14.05
CA GLN A 627 -38.99 51.37 12.66
C GLN A 627 -39.79 52.47 11.97
N ILE A 628 -41.11 52.45 12.16
CA ILE A 628 -41.99 53.45 11.55
C ILE A 628 -41.64 54.85 12.05
N SER A 629 -40.97 54.92 13.19
CA SER A 629 -40.59 56.19 13.79
C SER A 629 -39.08 56.41 13.66
N ASN A 630 -38.41 55.58 12.88
CA ASN A 630 -36.97 55.68 12.68
C ASN A 630 -36.32 55.83 14.05
N ALA A 631 -36.90 55.16 15.05
CA ALA A 631 -36.42 55.22 16.41
C ALA A 631 -35.67 53.94 16.79
N THR A 632 -35.07 53.93 17.97
CA THR A 632 -34.34 52.77 18.45
C THR A 632 -35.30 51.84 19.17
N ASN A 633 -35.06 50.54 19.05
CA ASN A 633 -35.97 49.62 19.66
C ASN A 633 -35.95 49.94 21.13
N GLY A 634 -37.14 50.10 21.68
CA GLY A 634 -37.35 50.28 23.10
C GLY A 634 -36.17 50.88 23.84
N ILE A 635 -35.86 50.31 25.01
CA ILE A 635 -34.76 50.78 25.83
C ILE A 635 -33.43 50.18 25.38
N GLU A 636 -33.51 49.09 24.63
CA GLU A 636 -32.32 48.41 24.14
C GLU A 636 -31.44 49.29 23.27
N PRO A 637 -30.11 49.24 23.50
CA PRO A 637 -29.16 50.04 22.73
C PRO A 637 -28.94 49.42 21.34
N PRO A 638 -28.74 50.24 20.31
CA PRO A 638 -28.53 49.75 18.95
C PRO A 638 -27.21 49.01 18.77
N ARG A 639 -27.26 47.88 18.07
CA ARG A 639 -26.06 47.08 17.81
C ARG A 639 -25.07 47.89 16.99
N GLY A 640 -25.56 48.45 15.88
CA GLY A 640 -24.72 49.26 15.01
C GLY A 640 -25.46 50.47 14.49
N TYR A 641 -24.72 51.38 13.86
CA TYR A 641 -25.30 52.59 13.31
C TYR A 641 -26.35 52.25 12.25
N VAL A 642 -26.01 51.33 11.37
CA VAL A 642 -26.91 50.89 10.31
C VAL A 642 -27.25 49.41 10.47
N SER A 643 -28.53 49.13 10.71
CA SER A 643 -28.99 47.76 10.88
C SER A 643 -29.58 47.23 9.58
N ILE A 644 -29.47 45.92 9.37
CA ILE A 644 -29.99 45.29 8.15
C ILE A 644 -30.96 44.16 8.45
N LYS A 645 -31.98 44.02 7.59
CA LYS A 645 -32.99 42.98 7.73
C LYS A 645 -33.43 42.48 6.36
N ALA A 646 -34.17 41.37 6.33
CA ALA A 646 -34.64 40.80 5.08
C ALA A 646 -36.14 40.99 4.90
N SER A 647 -36.53 41.52 3.75
CA SER A 647 -37.93 41.76 3.42
C SER A 647 -38.29 40.99 2.17
N LYS A 648 -39.56 41.06 1.77
CA LYS A 648 -40.01 40.36 0.58
C LYS A 648 -39.62 41.16 -0.66
N ASP A 649 -39.25 42.42 -0.45
CA ASP A 649 -38.85 43.30 -1.53
C ASP A 649 -37.34 43.33 -1.69
N GLY A 650 -36.63 43.08 -0.59
CA GLY A 650 -35.18 43.10 -0.65
C GLY A 650 -34.54 43.33 0.71
N ILE A 651 -33.32 43.85 0.70
CA ILE A 651 -32.57 44.12 1.92
C ILE A 651 -32.95 45.48 2.49
N LEU A 652 -33.15 45.55 3.79
CA LEU A 652 -33.53 46.79 4.46
C LEU A 652 -32.40 47.37 5.30
N ARG A 653 -32.24 48.69 5.25
CA ARG A 653 -31.21 49.37 6.02
C ARG A 653 -31.79 50.57 6.74
N GLN A 654 -31.44 50.70 8.02
CA GLN A 654 -31.93 51.81 8.83
C GLN A 654 -30.80 52.30 9.74
N VAL A 655 -30.53 53.60 9.66
CA VAL A 655 -29.47 54.19 10.46
C VAL A 655 -30.02 54.81 11.75
N VAL A 656 -29.21 54.79 12.80
CA VAL A 656 -29.62 55.36 14.08
C VAL A 656 -29.97 56.83 13.87
N PRO A 657 -31.11 57.28 14.43
CA PRO A 657 -31.57 58.66 14.30
C PRO A 657 -30.52 59.74 14.58
N ASP A 658 -30.41 60.69 13.65
CA ASP A 658 -29.47 61.79 13.75
C ASP A 658 -28.04 61.33 13.99
N TYR A 659 -27.59 60.37 13.19
CA TYR A 659 -26.24 59.84 13.28
C TYR A 659 -25.23 60.92 12.89
N GLU A 660 -25.70 61.86 12.09
CA GLU A 660 -24.88 62.96 11.59
C GLU A 660 -24.32 63.87 12.68
N HIS A 661 -24.93 63.87 13.85
CA HIS A 661 -24.49 64.73 14.95
C HIS A 661 -24.26 63.97 16.26
N LEU A 662 -24.75 62.75 16.34
CA LEU A 662 -24.60 61.97 17.56
C LEU A 662 -23.85 60.65 17.38
N HIS A 663 -23.07 60.54 16.31
CA HIS A 663 -22.31 59.32 16.06
C HIS A 663 -21.37 58.96 17.21
N ASP A 664 -20.81 59.98 17.86
CA ASP A 664 -19.90 59.74 18.98
C ASP A 664 -20.62 59.77 20.32
N ALA A 665 -21.94 59.95 20.28
CA ALA A 665 -22.73 60.00 21.51
C ALA A 665 -23.31 58.61 21.80
N TYR A 666 -23.61 57.87 20.75
CA TYR A 666 -24.17 56.52 20.89
C TYR A 666 -23.16 55.53 21.46
N GLU A 667 -23.68 54.43 22.00
CA GLU A 667 -22.85 53.38 22.56
C GLU A 667 -23.38 52.04 22.07
N LEU A 668 -22.83 51.56 20.97
CA LEU A 668 -23.24 50.31 20.37
C LEU A 668 -23.22 49.15 21.36
N LEU A 669 -24.18 48.25 21.21
CA LEU A 669 -24.33 47.07 22.07
C LEU A 669 -23.01 46.39 22.44
N TRP A 670 -22.19 46.11 21.44
CA TRP A 670 -20.92 45.43 21.67
C TRP A 670 -19.78 46.32 22.14
N GLU A 671 -20.07 47.60 22.36
CA GLU A 671 -19.06 48.53 22.85
C GLU A 671 -19.10 48.51 24.37
N MET A 672 -20.13 47.88 24.92
CA MET A 672 -20.29 47.79 26.37
C MET A 672 -19.38 46.71 26.94
N PRO A 673 -18.56 47.07 27.94
CA PRO A 673 -17.63 46.15 28.59
C PRO A 673 -18.35 44.98 29.25
N GLY A 674 -19.55 45.24 29.77
CA GLY A 674 -20.32 44.20 30.44
C GLY A 674 -21.81 44.49 30.46
N ASN A 675 -22.52 43.88 31.40
CA ASN A 675 -23.96 44.07 31.52
C ASN A 675 -24.33 44.84 32.79
N ASP A 676 -23.33 45.21 33.58
CA ASP A 676 -23.57 45.95 34.82
C ASP A 676 -24.48 47.16 34.61
N GLY A 677 -24.02 48.13 33.84
CA GLY A 677 -24.80 49.33 33.58
C GLY A 677 -26.21 49.04 33.10
N TYR A 678 -26.33 48.22 32.07
CA TYR A 678 -27.63 47.86 31.50
C TYR A 678 -28.59 47.39 32.58
N LEU A 679 -28.11 46.51 33.46
CA LEU A 679 -28.95 45.98 34.53
C LEU A 679 -29.43 47.07 35.48
N GLN A 680 -28.51 47.96 35.88
CA GLN A 680 -28.87 49.05 36.79
C GLN A 680 -29.98 49.92 36.21
N LEU A 681 -29.85 50.28 34.94
CA LEU A 681 -30.85 51.11 34.29
C LEU A 681 -32.18 50.38 34.24
N VAL A 682 -32.14 49.09 33.89
CA VAL A 682 -33.34 48.27 33.83
C VAL A 682 -33.97 48.18 35.21
N GLY A 683 -33.13 48.03 36.23
CA GLY A 683 -33.61 47.94 37.59
C GLY A 683 -34.33 49.21 38.01
N ILE A 684 -33.77 50.35 37.61
CA ILE A 684 -34.36 51.65 37.93
C ILE A 684 -35.74 51.78 37.28
N MET A 685 -35.87 51.27 36.07
CA MET A 685 -37.13 51.33 35.34
C MET A 685 -38.21 50.51 36.03
N GLN A 686 -37.83 49.33 36.52
CA GLN A 686 -38.77 48.44 37.19
C GLN A 686 -39.46 49.12 38.37
N LYS A 687 -38.76 50.04 39.01
CA LYS A 687 -39.31 50.76 40.16
C LYS A 687 -40.59 51.51 39.81
N PHE A 688 -40.73 51.89 38.54
CA PHE A 688 -41.92 52.61 38.10
C PHE A 688 -42.86 51.74 37.27
N ILE A 689 -42.28 50.96 36.36
CA ILE A 689 -43.07 50.09 35.50
C ILE A 689 -43.99 49.19 36.32
N ASP A 690 -45.28 49.22 36.01
CA ASP A 690 -46.27 48.40 36.71
C ASP A 690 -46.01 46.91 36.49
N GLN A 691 -45.94 46.60 35.21
CA GLN A 691 -45.56 45.32 34.66
C GLN A 691 -44.05 45.33 34.48
N SER A 692 -43.59 44.32 33.76
CA SER A 692 -42.18 43.97 33.68
C SER A 692 -41.47 44.54 32.45
N ILE A 693 -40.18 44.23 32.32
CA ILE A 693 -39.37 44.70 31.20
C ILE A 693 -38.74 43.53 30.47
N SER A 694 -38.56 43.68 29.16
CA SER A 694 -37.96 42.64 28.33
C SER A 694 -36.47 42.92 28.15
N ALA A 695 -35.69 42.65 29.19
CA ALA A 695 -34.25 42.87 29.16
C ALA A 695 -33.48 41.66 28.65
N ASN A 696 -32.55 41.90 27.73
CA ASN A 696 -31.73 40.82 27.18
C ASN A 696 -30.36 40.78 27.85
N THR A 697 -29.73 39.61 27.79
CA THR A 697 -28.41 39.42 28.36
C THR A 697 -27.40 39.27 27.24
N ASN A 698 -26.55 40.28 27.07
CA ASN A 698 -25.54 40.28 26.02
C ASN A 698 -24.18 39.77 26.51
N TYR A 699 -23.45 39.11 25.63
CA TYR A 699 -22.14 38.56 25.95
C TYR A 699 -21.24 38.51 24.72
N ASP A 700 -19.98 38.91 24.89
CA ASP A 700 -19.02 38.92 23.80
C ASP A 700 -17.86 37.98 24.12
N PRO A 701 -17.81 36.81 23.47
CA PRO A 701 -16.75 35.83 23.68
C PRO A 701 -15.34 36.40 23.50
N SER A 702 -15.25 37.46 22.69
CA SER A 702 -13.97 38.10 22.41
C SER A 702 -13.36 38.73 23.67
N ARG A 703 -14.20 39.01 24.66
CA ARG A 703 -13.74 39.63 25.90
C ARG A 703 -13.42 38.60 26.98
N PHE A 704 -13.49 37.32 26.64
CA PHE A 704 -13.22 36.27 27.60
C PHE A 704 -12.06 35.35 27.21
N PRO A 705 -11.30 34.87 28.21
CA PRO A 705 -10.16 33.98 27.99
C PRO A 705 -10.53 32.73 27.19
N SER A 706 -9.82 32.49 26.11
CA SER A 706 -10.06 31.33 25.26
C SER A 706 -11.41 31.44 24.56
N GLY A 707 -11.99 32.63 24.58
CA GLY A 707 -13.28 32.86 23.94
C GLY A 707 -14.39 31.95 24.45
N LYS A 708 -14.50 31.83 25.76
CA LYS A 708 -15.52 30.99 26.37
C LYS A 708 -16.12 31.66 27.60
N VAL A 709 -17.41 31.98 27.51
CA VAL A 709 -18.13 32.65 28.59
C VAL A 709 -18.17 31.78 29.85
N PRO A 710 -17.57 32.26 30.95
CA PRO A 710 -17.54 31.53 32.22
C PRO A 710 -18.90 31.52 32.91
N MET A 711 -19.23 30.39 33.54
CA MET A 711 -20.49 30.25 34.25
C MET A 711 -20.50 31.11 35.51
N GLN A 712 -19.29 31.51 35.93
CA GLN A 712 -19.12 32.34 37.12
C GLN A 712 -19.66 33.74 36.85
N GLN A 713 -19.70 34.12 35.57
CA GLN A 713 -20.17 35.43 35.17
C GLN A 713 -21.65 35.41 34.79
N LEU A 714 -22.13 34.26 34.34
CA LEU A 714 -23.53 34.11 33.95
C LEU A 714 -24.44 34.17 35.17
N LEU A 715 -23.93 33.69 36.31
CA LEU A 715 -24.69 33.70 37.55
C LEU A 715 -24.48 35.04 38.26
N LYS A 716 -23.25 35.53 38.22
CA LYS A 716 -22.88 36.79 38.85
C LYS A 716 -23.80 37.92 38.39
N ASP A 717 -24.22 37.88 37.13
CA ASP A 717 -25.10 38.91 36.58
C ASP A 717 -26.56 38.64 36.94
N LEU A 718 -26.96 37.37 36.91
CA LEU A 718 -28.34 37.00 37.22
C LEU A 718 -28.69 37.42 38.66
N LEU A 719 -27.71 37.33 39.55
CA LEU A 719 -27.91 37.70 40.94
C LEU A 719 -28.10 39.20 41.06
N THR A 720 -27.33 39.96 40.28
CA THR A 720 -27.40 41.41 40.29
C THR A 720 -28.78 41.89 39.82
N ALA A 721 -29.31 41.23 38.79
CA ALA A 721 -30.61 41.58 38.25
C ALA A 721 -31.69 41.54 39.34
N TYR A 722 -31.72 40.43 40.08
CA TYR A 722 -32.69 40.26 41.14
C TYR A 722 -32.49 41.30 42.25
N LYS A 723 -31.23 41.53 42.61
CA LYS A 723 -30.89 42.48 43.66
C LYS A 723 -31.44 43.88 43.40
N PHE A 724 -31.76 44.19 42.16
CA PHE A 724 -32.28 45.51 41.81
C PHE A 724 -33.75 45.52 41.40
N GLY A 725 -34.47 44.46 41.76
CA GLY A 725 -35.89 44.40 41.45
C GLY A 725 -36.29 43.98 40.06
N VAL A 726 -35.33 43.57 39.23
CA VAL A 726 -35.66 43.14 37.86
C VAL A 726 -36.74 42.06 37.92
N LYS A 727 -37.70 42.14 37.00
CA LYS A 727 -38.79 41.18 36.97
C LYS A 727 -38.57 40.00 36.03
N THR A 728 -38.13 40.28 34.80
CA THR A 728 -37.90 39.20 33.83
C THR A 728 -36.67 39.41 32.95
N LEU A 729 -36.20 38.30 32.39
CA LEU A 729 -35.03 38.31 31.50
C LEU A 729 -35.43 37.66 30.18
N TYR A 730 -35.28 38.47 29.14
CA TYR A 730 -35.48 38.13 27.73
C TYR A 730 -34.19 37.64 27.08
N TYR A 731 -34.27 37.43 25.77
CA TYR A 731 -33.21 36.81 24.99
C TYR A 731 -31.82 36.88 25.63
N GLN A 732 -30.92 36.05 25.11
CA GLN A 732 -29.53 35.99 25.57
C GLN A 732 -28.66 35.92 24.33
N ASN A 733 -28.43 37.09 23.72
CA ASN A 733 -27.63 37.19 22.51
C ASN A 733 -26.15 36.89 22.73
N THR A 734 -25.57 36.11 21.84
CA THR A 734 -24.16 35.75 21.90
C THR A 734 -23.53 36.05 20.55
N ARG A 735 -22.79 37.16 20.47
CA ARG A 735 -22.26 37.68 19.21
C ARG A 735 -21.28 36.75 18.50
N ASP A 736 -21.36 36.76 17.17
CA ASP A 736 -20.59 35.86 16.31
C ASP A 736 -19.62 36.67 15.47
N GLY A 737 -18.37 36.72 15.92
CA GLY A 737 -17.35 37.48 15.21
C GLY A 737 -17.21 37.04 13.76
N LEU B 6 -32.50 -24.33 51.95
CA LEU B 6 -33.52 -23.66 52.74
C LEU B 6 -34.62 -23.08 51.87
N VAL B 7 -35.86 -23.38 52.23
CA VAL B 7 -37.02 -22.90 51.47
C VAL B 7 -37.89 -21.98 52.31
N THR B 8 -38.23 -20.81 51.77
CA THR B 8 -39.05 -19.85 52.48
C THR B 8 -40.53 -20.19 52.35
N LYS B 9 -41.32 -19.81 53.36
CA LYS B 9 -42.75 -20.07 53.36
C LYS B 9 -43.50 -18.77 53.17
N ARG B 10 -44.73 -18.85 52.68
CA ARG B 10 -45.52 -17.66 52.38
C ARG B 10 -45.73 -16.85 53.65
N ASP B 11 -45.99 -17.53 54.75
CA ASP B 11 -46.05 -16.88 56.06
C ASP B 11 -44.67 -16.33 56.37
N GLY B 12 -43.65 -17.11 56.04
CA GLY B 12 -42.27 -16.73 56.24
C GLY B 12 -41.49 -17.77 57.01
N SER B 13 -42.20 -18.75 57.57
CA SER B 13 -41.58 -19.82 58.33
C SER B 13 -40.54 -20.56 57.50
N THR B 14 -39.34 -20.70 58.04
CA THR B 14 -38.26 -21.41 57.35
C THR B 14 -38.36 -22.91 57.54
N GLU B 15 -38.00 -23.66 56.50
CA GLU B 15 -38.05 -25.12 56.55
C GLU B 15 -37.18 -25.71 55.45
N ARG B 16 -36.70 -26.93 55.69
CA ARG B 16 -35.81 -27.67 54.79
C ARG B 16 -36.48 -28.20 53.51
N ILE B 17 -35.66 -28.48 52.50
CA ILE B 17 -36.15 -28.81 51.16
C ILE B 17 -36.63 -30.26 51.07
N ASN B 18 -37.85 -30.45 50.61
CA ASN B 18 -38.44 -31.77 50.44
C ASN B 18 -38.81 -31.92 48.96
N LEU B 19 -37.83 -32.29 48.16
CA LEU B 19 -37.91 -32.16 46.71
C LEU B 19 -39.11 -32.93 46.18
N ASP B 20 -39.53 -33.97 46.90
CA ASP B 20 -40.69 -34.74 46.48
C ASP B 20 -41.94 -33.85 46.44
N LYS B 21 -42.08 -32.94 47.41
CA LYS B 21 -43.21 -32.01 47.38
C LYS B 21 -43.31 -31.40 45.99
N ILE B 22 -42.20 -30.87 45.52
CA ILE B 22 -42.14 -30.26 44.19
C ILE B 22 -42.58 -31.25 43.13
N HIS B 23 -42.02 -32.45 43.20
CA HIS B 23 -42.35 -33.51 42.24
C HIS B 23 -43.85 -33.76 42.19
N ARG B 24 -44.42 -34.11 43.35
CA ARG B 24 -45.86 -34.38 43.42
C ARG B 24 -46.68 -33.30 42.73
N VAL B 25 -46.43 -32.05 43.09
CA VAL B 25 -47.14 -30.93 42.49
C VAL B 25 -47.13 -31.06 40.98
N LEU B 26 -45.92 -31.20 40.41
CA LEU B 26 -45.77 -31.34 38.97
C LEU B 26 -46.51 -32.58 38.48
N ASP B 27 -46.32 -33.69 39.18
CA ASP B 27 -46.96 -34.95 38.83
C ASP B 27 -48.46 -34.73 38.63
N TRP B 28 -49.08 -34.11 39.63
CA TRP B 28 -50.51 -33.81 39.60
C TRP B 28 -50.91 -33.13 38.29
N ALA B 29 -50.21 -32.06 37.95
CA ALA B 29 -50.51 -31.31 36.73
C ALA B 29 -50.19 -32.07 35.45
N ALA B 30 -49.52 -33.21 35.58
CA ALA B 30 -49.16 -34.02 34.42
C ALA B 30 -50.24 -35.03 34.06
N GLU B 31 -51.05 -35.41 35.06
CA GLU B 31 -52.13 -36.38 34.87
C GLU B 31 -52.96 -36.15 33.61
N GLY B 32 -53.10 -37.21 32.81
CA GLY B 32 -53.88 -37.14 31.59
C GLY B 32 -53.24 -36.42 30.42
N LEU B 33 -51.92 -36.20 30.49
CA LEU B 33 -51.22 -35.51 29.41
C LEU B 33 -50.17 -36.41 28.77
N HIS B 34 -49.98 -36.26 27.47
CA HIS B 34 -49.29 -37.28 26.67
C HIS B 34 -47.94 -36.76 26.16
N ASN B 35 -46.90 -37.55 26.35
CA ASN B 35 -45.60 -37.27 25.73
C ASN B 35 -44.77 -36.25 26.51
N VAL B 36 -45.23 -35.89 27.69
CA VAL B 36 -44.75 -34.69 28.38
C VAL B 36 -44.02 -35.02 29.67
N SER B 37 -42.82 -34.46 29.82
CA SER B 37 -41.80 -35.04 30.68
C SER B 37 -41.59 -34.22 31.96
N ILE B 38 -41.62 -34.90 33.10
CA ILE B 38 -41.42 -34.25 34.39
C ILE B 38 -39.98 -33.76 34.48
N SER B 39 -39.05 -34.62 34.07
CA SER B 39 -37.64 -34.30 34.10
C SER B 39 -37.33 -33.00 33.37
N GLN B 40 -37.66 -32.94 32.09
CA GLN B 40 -37.43 -31.74 31.29
C GLN B 40 -37.74 -30.48 32.09
N VAL B 41 -38.94 -30.41 32.64
CA VAL B 41 -39.36 -29.25 33.42
C VAL B 41 -38.33 -28.93 34.51
N GLU B 42 -38.11 -29.87 35.42
CA GLU B 42 -37.16 -29.69 36.51
C GLU B 42 -35.78 -29.34 35.97
N LEU B 43 -35.32 -30.11 34.98
CA LEU B 43 -34.02 -29.87 34.37
C LEU B 43 -34.00 -28.56 33.60
N ARG B 44 -34.99 -28.37 32.75
CA ARG B 44 -35.10 -27.16 31.95
C ARG B 44 -35.17 -25.93 32.84
N SER B 45 -35.58 -26.12 34.09
CA SER B 45 -35.70 -25.04 35.05
C SER B 45 -34.32 -24.54 35.49
N HIS B 46 -33.39 -25.48 35.63
CA HIS B 46 -32.04 -25.15 36.03
C HIS B 46 -32.26 -24.36 37.30
N ILE B 47 -33.26 -24.79 38.08
CA ILE B 47 -33.63 -24.01 39.24
C ILE B 47 -32.41 -23.96 40.12
N GLN B 48 -32.11 -22.77 40.61
CA GLN B 48 -30.90 -22.60 41.41
C GLN B 48 -31.21 -22.31 42.86
N PHE B 49 -31.09 -23.51 43.59
CA PHE B 49 -31.35 -23.39 45.02
C PHE B 49 -30.24 -22.62 45.72
N TYR B 50 -30.66 -21.87 46.74
CA TYR B 50 -29.82 -21.19 47.70
C TYR B 50 -30.66 -21.09 48.98
N ASP B 51 -29.99 -20.93 50.12
CA ASP B 51 -30.66 -20.82 51.40
C ASP B 51 -31.79 -19.79 51.36
N GLY B 52 -32.87 -20.09 52.06
CA GLY B 52 -33.90 -19.11 52.31
C GLY B 52 -34.50 -18.65 51.01
N ILE B 53 -34.44 -19.51 49.99
CA ILE B 53 -35.09 -19.23 48.72
C ILE B 53 -36.60 -19.22 48.89
N LYS B 54 -37.23 -18.08 48.62
CA LYS B 54 -38.67 -17.92 48.78
C LYS B 54 -39.46 -19.08 48.18
N THR B 55 -40.78 -19.05 48.37
CA THR B 55 -41.66 -20.08 47.85
C THR B 55 -42.30 -19.62 46.54
N SER B 56 -42.65 -18.34 46.49
CA SER B 56 -43.25 -17.77 45.30
C SER B 56 -42.32 -17.95 44.11
N ASP B 57 -41.03 -17.79 44.37
CA ASP B 57 -40.00 -17.93 43.34
C ASP B 57 -40.05 -19.34 42.76
N ILE B 58 -40.24 -20.34 43.63
CA ILE B 58 -40.31 -21.72 43.19
C ILE B 58 -41.37 -21.83 42.10
N HIS B 59 -42.58 -21.37 42.40
CA HIS B 59 -43.69 -21.38 41.45
C HIS B 59 -43.25 -20.74 40.15
N GLU B 60 -42.90 -19.45 40.25
CA GLU B 60 -42.46 -18.68 39.09
C GLU B 60 -41.46 -19.45 38.23
N THR B 61 -40.52 -20.11 38.89
CA THR B 61 -39.50 -20.88 38.20
C THR B 61 -40.04 -22.11 37.48
N ILE B 62 -40.83 -22.91 38.19
CA ILE B 62 -41.40 -24.13 37.60
C ILE B 62 -42.35 -23.81 36.46
N ILE B 63 -43.24 -22.83 36.68
CA ILE B 63 -44.21 -22.44 35.66
C ILE B 63 -43.49 -22.01 34.39
N LYS B 64 -42.53 -21.10 34.54
CA LYS B 64 -41.76 -20.62 33.39
C LYS B 64 -41.12 -21.78 32.64
N ALA B 65 -40.45 -22.66 33.37
CA ALA B 65 -39.80 -23.81 32.78
C ALA B 65 -40.77 -24.63 31.94
N ALA B 66 -41.91 -24.98 32.53
CA ALA B 66 -42.94 -25.75 31.85
C ALA B 66 -43.37 -25.04 30.56
N ALA B 67 -43.42 -23.71 30.62
CA ALA B 67 -43.82 -22.91 29.48
C ALA B 67 -42.86 -23.08 28.30
N ASP B 68 -41.58 -22.90 28.56
CA ASP B 68 -40.57 -23.02 27.51
C ASP B 68 -40.61 -24.38 26.81
N LEU B 69 -41.35 -25.33 27.38
CA LEU B 69 -41.45 -26.65 26.78
C LEU B 69 -42.66 -26.76 25.87
N ILE B 70 -43.45 -25.69 25.80
CA ILE B 70 -44.63 -25.66 24.95
C ILE B 70 -44.21 -25.74 23.49
N SER B 71 -44.44 -26.88 22.86
CA SER B 71 -44.09 -27.07 21.47
C SER B 71 -45.15 -27.89 20.74
N ARG B 72 -45.04 -27.95 19.42
CA ARG B 72 -45.98 -28.70 18.61
C ARG B 72 -45.83 -30.19 18.92
N ASP B 73 -44.59 -30.63 19.06
CA ASP B 73 -44.30 -32.03 19.36
C ASP B 73 -44.89 -32.41 20.71
N ALA B 74 -45.10 -31.42 21.57
CA ALA B 74 -45.65 -31.63 22.90
C ALA B 74 -46.57 -30.47 23.26
N PRO B 75 -47.84 -30.53 22.82
CA PRO B 75 -48.84 -29.49 23.08
C PRO B 75 -49.46 -29.49 24.48
N ASP B 76 -49.39 -30.62 25.18
CA ASP B 76 -49.97 -30.68 26.52
C ASP B 76 -49.29 -29.81 27.55
N TYR B 77 -48.11 -29.28 27.21
CA TYR B 77 -47.40 -28.40 28.13
C TYR B 77 -48.20 -27.12 28.29
N GLN B 78 -49.15 -26.92 27.38
CA GLN B 78 -50.01 -25.75 27.39
C GLN B 78 -50.88 -25.75 28.64
N TYR B 79 -51.50 -26.90 28.91
CA TYR B 79 -52.37 -27.05 30.07
C TYR B 79 -51.58 -27.37 31.34
N LEU B 80 -50.51 -28.14 31.19
CA LEU B 80 -49.68 -28.51 32.33
C LEU B 80 -49.20 -27.26 33.05
N ALA B 81 -48.65 -26.32 32.30
CA ALA B 81 -48.15 -25.07 32.87
C ALA B 81 -49.31 -24.17 33.26
N ALA B 82 -50.33 -24.11 32.42
CA ALA B 82 -51.50 -23.29 32.68
C ALA B 82 -52.11 -23.63 34.04
N ARG B 83 -52.03 -24.91 34.41
CA ARG B 83 -52.57 -25.36 35.69
C ARG B 83 -51.63 -25.02 36.83
N LEU B 84 -50.33 -25.09 36.57
CA LEU B 84 -49.33 -24.76 37.59
C LEU B 84 -49.47 -23.28 37.96
N ALA B 85 -49.81 -22.47 36.97
CA ALA B 85 -49.98 -21.03 37.19
C ALA B 85 -51.24 -20.79 38.00
N ILE B 86 -52.38 -21.26 37.47
CA ILE B 86 -53.66 -21.10 38.15
C ILE B 86 -53.49 -21.42 39.63
N PHE B 87 -52.73 -22.47 39.92
CA PHE B 87 -52.47 -22.87 41.29
C PHE B 87 -51.84 -21.71 42.06
N HIS B 88 -50.71 -21.22 41.56
CA HIS B 88 -50.02 -20.09 42.18
C HIS B 88 -50.95 -18.90 42.35
N LEU B 89 -51.78 -18.65 41.34
CA LEU B 89 -52.71 -17.53 41.37
C LEU B 89 -53.77 -17.75 42.44
N ARG B 90 -54.31 -18.96 42.51
CA ARG B 90 -55.33 -19.29 43.50
C ARG B 90 -54.74 -19.24 44.90
N LYS B 91 -53.51 -19.70 45.02
CA LYS B 91 -52.78 -19.74 46.29
C LYS B 91 -52.27 -18.36 46.70
N LYS B 92 -52.02 -17.50 45.71
CA LYS B 92 -51.51 -16.17 45.97
C LYS B 92 -52.62 -15.15 46.27
N ALA B 93 -53.87 -15.59 46.18
CA ALA B 93 -54.99 -14.71 46.43
C ALA B 93 -55.83 -15.09 47.65
N TYR B 94 -56.03 -16.39 47.85
CA TYR B 94 -56.84 -16.85 48.98
C TYR B 94 -56.01 -17.52 50.07
N GLY B 95 -54.76 -17.85 49.76
CA GLY B 95 -53.91 -18.50 50.74
C GLY B 95 -54.04 -20.01 50.65
N GLN B 96 -54.75 -20.46 49.61
CA GLN B 96 -54.96 -21.89 49.39
C GLN B 96 -55.72 -22.05 48.07
N PHE B 97 -55.62 -23.24 47.49
CA PHE B 97 -56.30 -23.53 46.23
C PHE B 97 -57.80 -23.31 46.34
N GLU B 98 -58.42 -23.98 47.32
CA GLU B 98 -59.85 -23.88 47.54
C GLU B 98 -60.35 -22.44 47.65
N PRO B 99 -61.15 -21.99 46.66
CA PRO B 99 -61.70 -20.63 46.63
C PRO B 99 -62.77 -20.43 47.71
N PRO B 100 -62.84 -19.22 48.29
CA PRO B 100 -63.83 -18.92 49.33
C PRO B 100 -65.23 -18.78 48.75
N ALA B 101 -66.24 -18.88 49.61
CA ALA B 101 -67.62 -18.77 49.18
C ALA B 101 -67.87 -17.48 48.42
N LEU B 102 -68.73 -17.54 47.41
CA LEU B 102 -69.05 -16.38 46.59
C LEU B 102 -69.44 -15.17 47.42
N TYR B 103 -70.32 -15.38 48.40
CA TYR B 103 -70.77 -14.29 49.26
C TYR B 103 -69.60 -13.65 50.01
N ASP B 104 -68.85 -14.47 50.73
CA ASP B 104 -67.71 -13.98 51.49
C ASP B 104 -66.78 -13.18 50.57
N HIS B 105 -66.53 -13.72 49.38
CA HIS B 105 -65.67 -13.07 48.41
C HIS B 105 -66.17 -11.68 48.09
N VAL B 106 -67.33 -11.60 47.46
CA VAL B 106 -67.92 -10.32 47.08
C VAL B 106 -67.87 -9.35 48.26
N VAL B 107 -68.10 -9.86 49.46
CA VAL B 107 -68.07 -9.04 50.66
C VAL B 107 -66.69 -8.45 50.88
N LYS B 108 -65.71 -9.31 51.12
CA LYS B 108 -64.33 -8.88 51.34
C LYS B 108 -63.87 -7.88 50.30
N MET B 109 -64.20 -8.15 49.04
CA MET B 109 -63.80 -7.27 47.95
C MET B 109 -64.41 -5.87 48.07
N VAL B 110 -65.72 -5.80 48.26
CA VAL B 110 -66.39 -4.52 48.39
C VAL B 110 -65.77 -3.70 49.52
N GLU B 111 -65.28 -4.39 50.55
CA GLU B 111 -64.67 -3.73 51.69
C GLU B 111 -63.35 -3.09 51.26
N MET B 112 -62.64 -3.75 50.35
CA MET B 112 -61.37 -3.25 49.86
C MET B 112 -61.57 -2.18 48.78
N GLY B 113 -62.83 -1.97 48.41
CA GLY B 113 -63.13 -0.98 47.39
C GLY B 113 -62.76 -1.43 45.99
N LYS B 114 -62.69 -2.74 45.79
CA LYS B 114 -62.33 -3.30 44.49
C LYS B 114 -63.59 -3.58 43.66
N TYR B 115 -64.63 -4.08 44.33
CA TYR B 115 -65.90 -4.38 43.67
C TYR B 115 -66.89 -3.26 43.90
N ASP B 116 -67.82 -3.09 42.97
CA ASP B 116 -68.83 -2.06 43.08
C ASP B 116 -69.81 -2.45 44.19
N ASN B 117 -70.09 -1.50 45.09
CA ASN B 117 -70.98 -1.74 46.21
C ASN B 117 -72.41 -2.02 45.78
N HIS B 118 -72.71 -1.79 44.50
CA HIS B 118 -74.05 -2.01 43.97
C HIS B 118 -74.41 -3.50 43.94
N LEU B 119 -73.40 -4.35 44.00
CA LEU B 119 -73.61 -5.80 43.98
C LEU B 119 -74.30 -6.29 45.24
N LEU B 120 -73.90 -5.74 46.39
CA LEU B 120 -74.49 -6.14 47.67
C LEU B 120 -75.91 -5.60 47.80
N GLU B 121 -76.18 -4.47 47.15
CA GLU B 121 -77.49 -3.84 47.20
C GLU B 121 -78.48 -4.47 46.21
N ASP B 122 -77.97 -4.84 45.03
CA ASP B 122 -78.82 -5.44 44.00
C ASP B 122 -79.16 -6.89 44.31
N TYR B 123 -78.23 -7.61 44.93
CA TYR B 123 -78.44 -9.01 45.26
C TYR B 123 -78.46 -9.27 46.77
N THR B 124 -79.15 -10.34 47.16
CA THR B 124 -79.26 -10.72 48.56
C THR B 124 -78.22 -11.79 48.88
N GLU B 125 -78.01 -12.04 50.17
CA GLU B 125 -77.04 -13.05 50.60
C GLU B 125 -77.46 -14.41 50.06
N GLU B 126 -78.78 -14.66 50.10
CA GLU B 126 -79.33 -15.92 49.61
C GLU B 126 -79.03 -16.14 48.12
N GLU B 127 -79.35 -15.14 47.32
CA GLU B 127 -79.12 -15.22 45.88
C GLU B 127 -77.66 -15.50 45.57
N PHE B 128 -76.76 -14.87 46.33
CA PHE B 128 -75.33 -15.08 46.13
C PHE B 128 -74.94 -16.53 46.36
N LYS B 129 -75.39 -17.09 47.48
CA LYS B 129 -75.08 -18.49 47.80
C LYS B 129 -75.62 -19.40 46.71
N GLN B 130 -76.72 -18.98 46.09
CA GLN B 130 -77.34 -19.76 45.04
C GLN B 130 -76.53 -19.70 43.75
N MET B 131 -76.02 -18.53 43.40
CA MET B 131 -75.21 -18.39 42.19
C MET B 131 -73.87 -19.08 42.40
N ASP B 132 -73.48 -19.21 43.66
CA ASP B 132 -72.23 -19.86 44.01
C ASP B 132 -72.24 -21.31 43.55
N THR B 133 -73.44 -21.89 43.42
CA THR B 133 -73.59 -23.27 43.01
C THR B 133 -73.33 -23.44 41.51
N PHE B 134 -73.72 -22.44 40.72
CA PHE B 134 -73.52 -22.51 39.27
C PHE B 134 -72.03 -22.56 38.96
N ILE B 135 -71.24 -21.90 39.79
CA ILE B 135 -69.79 -21.83 39.62
C ILE B 135 -69.11 -23.19 39.64
N ASP B 136 -68.27 -23.43 38.64
CA ASP B 136 -67.52 -24.68 38.51
C ASP B 136 -66.04 -24.35 38.43
N HIS B 137 -65.42 -24.16 39.59
CA HIS B 137 -64.01 -23.82 39.71
C HIS B 137 -63.03 -24.76 39.00
N ASP B 138 -63.52 -25.92 38.56
CA ASP B 138 -62.64 -26.87 37.87
C ASP B 138 -62.39 -26.46 36.43
N ARG B 139 -63.16 -25.50 35.93
CA ARG B 139 -63.00 -25.04 34.56
C ARG B 139 -61.72 -24.22 34.38
N ASP B 140 -61.08 -23.87 35.50
CA ASP B 140 -59.85 -23.10 35.44
C ASP B 140 -58.70 -23.95 34.91
N MET B 141 -58.93 -25.26 34.82
CA MET B 141 -57.91 -26.18 34.33
C MET B 141 -58.05 -26.42 32.82
N THR B 142 -59.07 -25.81 32.22
CA THR B 142 -59.31 -25.96 30.79
C THR B 142 -58.62 -24.82 30.04
N PHE B 143 -57.96 -23.94 30.79
CA PHE B 143 -57.26 -22.80 30.21
C PHE B 143 -55.91 -23.19 29.63
N SER B 144 -55.51 -22.52 28.55
CA SER B 144 -54.23 -22.76 27.92
C SER B 144 -53.26 -21.82 28.59
N TYR B 145 -51.97 -22.16 28.61
CA TYR B 145 -50.99 -21.31 29.26
C TYR B 145 -51.04 -19.88 28.75
N ALA B 146 -51.09 -19.72 27.43
CA ALA B 146 -51.14 -18.41 26.81
C ALA B 146 -52.35 -17.62 27.33
N ALA B 147 -53.45 -18.33 27.58
CA ALA B 147 -54.67 -17.71 28.08
C ALA B 147 -54.49 -17.27 29.53
N VAL B 148 -53.90 -18.15 30.34
CA VAL B 148 -53.68 -17.87 31.75
C VAL B 148 -52.90 -16.56 31.94
N LYS B 149 -51.78 -16.44 31.22
CA LYS B 149 -50.96 -15.24 31.31
C LYS B 149 -51.78 -14.00 31.01
N GLN B 150 -52.51 -14.04 29.90
CA GLN B 150 -53.36 -12.91 29.51
C GLN B 150 -54.28 -12.49 30.65
N LEU B 151 -54.86 -13.47 31.35
CA LEU B 151 -55.75 -13.18 32.46
C LEU B 151 -54.97 -12.55 33.61
N GLU B 152 -53.88 -13.20 34.00
CA GLU B 152 -53.03 -12.73 35.08
C GLU B 152 -52.41 -11.37 34.76
N GLY B 153 -52.24 -11.09 33.47
CA GLY B 153 -51.72 -9.81 33.04
C GLY B 153 -52.62 -8.60 33.23
N LYS B 154 -53.88 -8.75 32.87
CA LYS B 154 -54.81 -7.62 32.90
C LYS B 154 -56.18 -7.90 33.54
N TYR B 155 -56.84 -8.95 33.05
CA TYR B 155 -58.26 -9.18 33.32
C TYR B 155 -58.60 -9.37 34.78
N LEU B 156 -57.78 -10.13 35.50
CA LEU B 156 -58.03 -10.37 36.92
C LEU B 156 -57.89 -9.10 37.75
N VAL B 157 -58.70 -8.96 38.81
CA VAL B 157 -58.53 -7.77 39.64
C VAL B 157 -57.25 -7.95 40.45
N GLN B 158 -56.39 -6.93 40.44
CA GLN B 158 -55.13 -7.00 41.16
C GLN B 158 -54.58 -5.63 41.51
N ASN B 159 -53.55 -5.62 42.36
CA ASN B 159 -52.91 -4.38 42.78
C ASN B 159 -51.72 -4.15 41.85
N ARG B 160 -51.88 -3.20 40.92
CA ARG B 160 -50.84 -2.87 39.96
C ARG B 160 -49.50 -2.48 40.58
N VAL B 161 -49.55 -1.93 41.78
CA VAL B 161 -48.34 -1.49 42.48
C VAL B 161 -47.62 -2.63 43.17
N THR B 162 -48.26 -3.22 44.18
CA THR B 162 -47.68 -4.32 44.93
C THR B 162 -47.52 -5.58 44.08
N GLY B 163 -48.59 -5.95 43.39
CA GLY B 163 -48.55 -7.13 42.55
C GLY B 163 -49.49 -8.19 43.08
N GLU B 164 -50.29 -7.83 44.07
CA GLU B 164 -51.25 -8.73 44.69
C GLU B 164 -52.45 -8.99 43.80
N ILE B 165 -52.87 -10.25 43.71
CA ILE B 165 -54.02 -10.64 42.91
C ILE B 165 -55.14 -10.98 43.87
N TYR B 166 -56.33 -10.44 43.62
CA TYR B 166 -57.47 -10.65 44.50
C TYR B 166 -58.54 -11.63 44.06
N GLU B 167 -58.65 -11.90 42.75
CA GLU B 167 -59.68 -12.82 42.29
C GLU B 167 -59.19 -13.96 41.40
N SER B 168 -60.12 -14.86 41.07
CA SER B 168 -59.83 -16.00 40.23
C SER B 168 -60.71 -15.93 38.99
N ALA B 169 -60.34 -16.68 37.96
CA ALA B 169 -61.09 -16.70 36.70
C ALA B 169 -62.60 -16.81 36.84
N GLN B 170 -63.06 -17.91 37.44
CA GLN B 170 -64.48 -18.15 37.61
C GLN B 170 -65.26 -17.02 38.27
N PHE B 171 -64.71 -16.41 39.32
CA PHE B 171 -65.39 -15.31 39.98
C PHE B 171 -65.62 -14.15 39.01
N LEU B 172 -64.67 -13.97 38.09
CA LEU B 172 -64.75 -12.91 37.11
C LEU B 172 -65.96 -13.12 36.21
N TYR B 173 -66.13 -14.35 35.74
CA TYR B 173 -67.24 -14.71 34.86
C TYR B 173 -68.61 -14.42 35.47
N ILE B 174 -68.92 -15.08 36.58
CA ILE B 174 -70.21 -14.91 37.25
C ILE B 174 -70.54 -13.46 37.60
N LEU B 175 -69.52 -12.72 38.06
CA LEU B 175 -69.71 -11.31 38.43
C LEU B 175 -70.05 -10.42 37.24
N VAL B 176 -69.32 -10.59 36.14
CA VAL B 176 -69.55 -9.78 34.95
C VAL B 176 -71.00 -9.97 34.49
N ALA B 177 -71.51 -11.18 34.67
CA ALA B 177 -72.87 -11.51 34.28
C ALA B 177 -73.88 -10.87 35.23
N ALA B 178 -73.59 -10.97 36.53
CA ALA B 178 -74.46 -10.42 37.56
C ALA B 178 -74.73 -8.93 37.34
N CYS B 179 -73.66 -8.15 37.16
CA CYS B 179 -73.79 -6.71 36.95
C CYS B 179 -74.46 -6.37 35.63
N LEU B 180 -74.31 -7.24 34.64
CA LEU B 180 -74.91 -7.01 33.32
C LEU B 180 -76.40 -7.31 33.29
N PHE B 181 -76.85 -8.20 34.16
CA PHE B 181 -78.26 -8.59 34.22
C PHE B 181 -78.84 -8.36 35.61
N SER B 182 -78.34 -7.35 36.31
CA SER B 182 -78.83 -7.04 37.65
C SER B 182 -80.15 -6.28 37.63
N ASN B 183 -80.58 -5.83 36.46
CA ASN B 183 -81.84 -5.10 36.36
C ASN B 183 -83.00 -5.95 35.89
N TYR B 184 -82.72 -7.14 35.39
CA TYR B 184 -83.77 -8.04 34.92
C TYR B 184 -84.68 -8.46 36.08
N PRO B 185 -85.94 -8.81 35.78
CA PRO B 185 -86.88 -9.23 36.82
C PRO B 185 -86.34 -10.43 37.59
N ARG B 186 -86.69 -10.54 38.87
CA ARG B 186 -86.03 -11.50 39.74
C ARG B 186 -86.16 -12.93 39.22
N GLU B 187 -87.32 -13.28 38.68
CA GLU B 187 -87.52 -14.61 38.13
C GLU B 187 -86.59 -14.91 36.96
N THR B 188 -86.42 -13.94 36.06
CA THR B 188 -85.57 -14.12 34.87
C THR B 188 -84.12 -13.68 35.11
N ARG B 189 -83.86 -13.17 36.30
CA ARG B 189 -82.55 -12.64 36.67
C ARG B 189 -81.48 -13.72 36.79
N LEU B 190 -81.62 -14.59 37.80
CA LEU B 190 -80.65 -15.65 38.02
C LEU B 190 -80.56 -16.65 36.86
N GLN B 191 -81.66 -16.82 36.14
CA GLN B 191 -81.69 -17.73 35.00
C GLN B 191 -80.66 -17.28 33.98
N TYR B 192 -80.65 -15.98 33.70
CA TYR B 192 -79.72 -15.39 32.75
C TYR B 192 -78.31 -15.34 33.31
N VAL B 193 -78.21 -15.18 34.63
CA VAL B 193 -76.91 -15.12 35.29
C VAL B 193 -76.13 -16.40 35.09
N LYS B 194 -76.79 -17.54 35.30
CA LYS B 194 -76.15 -18.84 35.14
C LYS B 194 -75.93 -19.18 33.67
N ARG B 195 -76.92 -18.84 32.84
CA ARG B 195 -76.83 -19.12 31.40
C ARG B 195 -75.75 -18.31 30.71
N PHE B 196 -75.45 -17.12 31.24
CA PHE B 196 -74.43 -16.28 30.64
C PHE B 196 -73.06 -16.73 31.13
N TYR B 197 -72.95 -16.90 32.45
CA TYR B 197 -71.71 -17.35 33.09
C TYR B 197 -71.17 -18.61 32.42
N ASP B 198 -71.99 -19.64 32.37
CA ASP B 198 -71.58 -20.91 31.77
C ASP B 198 -71.12 -20.74 30.33
N ALA B 199 -71.74 -19.80 29.62
CA ALA B 199 -71.40 -19.54 28.22
C ALA B 199 -69.98 -18.99 28.08
N VAL B 200 -69.68 -17.92 28.80
CA VAL B 200 -68.36 -17.29 28.74
C VAL B 200 -67.26 -18.13 29.37
N SER B 201 -67.57 -18.77 30.49
CA SER B 201 -66.60 -19.60 31.20
C SER B 201 -66.14 -20.79 30.37
N THR B 202 -67.05 -21.35 29.57
CA THR B 202 -66.71 -22.50 28.72
C THR B 202 -66.21 -22.05 27.36
N PHE B 203 -65.90 -20.76 27.25
CA PHE B 203 -65.38 -20.17 26.02
C PHE B 203 -66.34 -20.25 24.83
N LYS B 204 -67.63 -20.18 25.09
CA LYS B 204 -68.62 -20.22 24.03
C LYS B 204 -68.79 -18.81 23.45
N ILE B 205 -68.60 -17.82 24.30
CA ILE B 205 -68.72 -16.42 23.91
C ILE B 205 -67.52 -15.60 24.39
N SER B 206 -67.03 -14.73 23.51
CA SER B 206 -65.89 -13.89 23.83
C SER B 206 -66.34 -12.47 24.12
N LEU B 207 -65.63 -11.80 25.03
CA LEU B 207 -65.95 -10.43 25.40
C LEU B 207 -64.71 -9.54 25.33
N PRO B 208 -64.89 -8.25 24.97
CA PRO B 208 -63.78 -7.31 24.87
C PRO B 208 -63.02 -7.12 26.18
N THR B 209 -61.71 -6.93 26.07
CA THR B 209 -60.84 -6.76 27.23
C THR B 209 -61.37 -5.75 28.25
N PRO B 210 -61.76 -4.55 27.81
CA PRO B 210 -62.27 -3.53 28.73
C PRO B 210 -63.44 -4.00 29.61
N ILE B 211 -64.28 -4.87 29.06
CA ILE B 211 -65.43 -5.39 29.80
C ILE B 211 -64.97 -6.39 30.85
N MET B 212 -64.29 -7.44 30.39
CA MET B 212 -63.78 -8.50 31.26
C MET B 212 -62.99 -7.95 32.45
N SER B 213 -62.37 -6.78 32.27
CA SER B 213 -61.56 -6.17 33.30
C SER B 213 -62.19 -4.92 33.92
N GLY B 214 -63.52 -4.83 33.89
CA GLY B 214 -64.17 -3.66 34.45
C GLY B 214 -65.49 -3.93 35.13
N VAL B 215 -66.46 -4.50 34.43
CA VAL B 215 -67.76 -4.63 35.05
C VAL B 215 -67.53 -5.36 36.37
N ARG B 216 -68.18 -4.88 37.42
CA ARG B 216 -67.94 -5.35 38.78
C ARG B 216 -66.90 -4.55 39.59
N THR B 217 -66.33 -3.49 39.01
CA THR B 217 -65.51 -2.58 39.78
C THR B 217 -66.05 -1.15 39.69
N PRO B 218 -65.55 -0.25 40.53
CA PRO B 218 -65.98 1.16 40.55
C PRO B 218 -65.89 1.88 39.20
N THR B 219 -64.96 1.45 38.36
CA THR B 219 -64.76 2.07 37.05
C THR B 219 -66.03 2.03 36.21
N ARG B 220 -66.15 2.97 35.28
CA ARG B 220 -67.31 3.05 34.40
C ARG B 220 -66.93 3.27 32.94
N GLN B 221 -65.63 3.22 32.66
CA GLN B 221 -65.12 3.39 31.30
C GLN B 221 -65.02 2.00 30.69
N PHE B 222 -65.78 1.74 29.63
CA PHE B 222 -65.76 0.43 28.99
C PHE B 222 -65.61 0.47 27.48
N SER B 223 -65.64 1.66 26.87
CA SER B 223 -65.58 1.73 25.41
C SER B 223 -64.14 1.78 24.87
N SER B 224 -63.76 0.70 24.19
CA SER B 224 -62.42 0.54 23.61
C SER B 224 -62.02 1.49 22.46
N CYS B 225 -62.95 1.74 21.55
CA CYS B 225 -62.63 2.46 20.31
C CYS B 225 -63.63 3.57 20.02
N VAL B 226 -63.22 4.56 19.24
CA VAL B 226 -64.08 5.72 19.03
C VAL B 226 -63.97 6.25 17.59
N LEU B 227 -65.06 6.86 17.10
CA LEU B 227 -65.07 7.43 15.76
C LEU B 227 -65.59 8.86 15.81
N ILE B 228 -64.68 9.81 15.65
CA ILE B 228 -65.03 11.23 15.69
C ILE B 228 -64.97 11.87 14.30
N GLU B 229 -65.91 12.76 14.03
CA GLU B 229 -65.97 13.45 12.74
C GLU B 229 -65.71 14.93 12.97
N CYS B 230 -64.63 15.45 12.38
CA CYS B 230 -64.29 16.86 12.53
C CYS B 230 -64.74 17.67 11.33
N GLY B 231 -65.40 18.80 11.59
CA GLY B 231 -65.86 19.65 10.52
C GLY B 231 -64.77 20.61 10.07
N ASP B 232 -65.11 21.48 9.13
CA ASP B 232 -64.17 22.49 8.64
C ASP B 232 -64.23 23.82 9.40
N SER B 233 -63.76 23.82 10.65
CA SER B 233 -63.73 25.05 11.43
C SER B 233 -62.70 24.98 12.56
N LEU B 234 -62.29 26.14 13.09
CA LEU B 234 -61.45 26.14 14.27
C LEU B 234 -62.18 25.54 15.46
N ASP B 235 -63.45 25.90 15.62
CA ASP B 235 -64.25 25.39 16.73
C ASP B 235 -64.35 23.86 16.65
N SER B 236 -64.75 23.37 15.48
CA SER B 236 -64.88 21.93 15.27
C SER B 236 -63.61 21.20 15.71
N ILE B 237 -62.49 21.60 15.14
CA ILE B 237 -61.20 21.00 15.46
C ILE B 237 -60.90 21.05 16.96
N ASN B 238 -61.09 22.23 17.56
CA ASN B 238 -60.84 22.37 18.99
C ASN B 238 -61.62 21.32 19.77
N ALA B 239 -62.81 21.00 19.30
CA ALA B 239 -63.65 20.01 19.95
C ALA B 239 -63.10 18.61 19.69
N THR B 240 -63.01 18.26 18.41
CA THR B 240 -62.50 16.95 18.01
C THR B 240 -61.19 16.61 18.72
N SER B 241 -60.44 17.64 19.11
CA SER B 241 -59.17 17.44 19.79
C SER B 241 -59.40 17.15 21.27
N SER B 242 -60.12 18.06 21.94
CA SER B 242 -60.42 17.90 23.35
C SER B 242 -61.14 16.59 23.61
N ALA B 243 -61.80 16.06 22.58
CA ALA B 243 -62.53 14.81 22.69
C ALA B 243 -61.57 13.62 22.76
N ILE B 244 -60.80 13.44 21.69
CA ILE B 244 -59.84 12.34 21.62
C ILE B 244 -59.02 12.25 22.90
N VAL B 245 -58.68 13.41 23.46
CA VAL B 245 -57.90 13.46 24.69
C VAL B 245 -58.64 12.74 25.82
N LYS B 246 -59.87 13.18 26.10
CA LYS B 246 -60.68 12.57 27.14
C LYS B 246 -60.85 11.07 26.96
N TYR B 247 -61.00 10.64 25.71
CA TYR B 247 -61.18 9.23 25.40
C TYR B 247 -59.91 8.39 25.49
N VAL B 248 -58.81 8.89 24.93
CA VAL B 248 -57.56 8.15 24.96
C VAL B 248 -57.06 7.94 26.39
N SER B 249 -57.47 8.81 27.30
CA SER B 249 -57.06 8.70 28.69
C SER B 249 -57.64 7.40 29.25
N GLN B 250 -58.71 6.93 28.62
CA GLN B 250 -59.37 5.70 29.00
C GLN B 250 -58.79 4.56 28.18
N ARG B 251 -57.67 4.85 27.51
CA ARG B 251 -57.02 3.85 26.65
C ARG B 251 -57.91 3.34 25.53
N ALA B 252 -58.67 4.25 24.92
CA ALA B 252 -59.57 3.88 23.83
C ALA B 252 -59.09 4.42 22.48
N GLY B 253 -59.05 3.55 21.48
CA GLY B 253 -58.59 3.89 20.15
C GLY B 253 -59.47 4.90 19.43
N ILE B 254 -58.84 5.76 18.63
CA ILE B 254 -59.55 6.82 17.94
C ILE B 254 -59.50 6.71 16.40
N GLY B 255 -60.67 6.83 15.79
CA GLY B 255 -60.82 6.84 14.35
C GLY B 255 -61.26 8.24 13.94
N ILE B 256 -60.30 9.03 13.47
CA ILE B 256 -60.59 10.41 13.08
C ILE B 256 -60.98 10.57 11.62
N ASN B 257 -61.90 11.50 11.36
CA ASN B 257 -62.37 11.78 10.02
C ASN B 257 -62.31 13.28 9.77
N ALA B 258 -61.18 13.78 9.30
CA ALA B 258 -61.00 15.22 9.10
C ALA B 258 -61.34 15.71 7.69
N GLY B 259 -61.85 14.81 6.85
CA GLY B 259 -61.93 15.02 5.42
C GLY B 259 -62.72 16.26 5.06
N ARG B 260 -63.26 16.92 6.08
CA ARG B 260 -64.05 18.13 5.88
C ARG B 260 -63.15 19.36 5.86
N ILE B 261 -62.08 19.31 6.63
CA ILE B 261 -61.13 20.42 6.70
C ILE B 261 -60.66 20.83 5.31
N ARG B 262 -60.89 22.08 4.95
CA ARG B 262 -60.49 22.61 3.66
C ARG B 262 -59.01 22.40 3.40
N ALA B 263 -58.61 22.44 2.13
CA ALA B 263 -57.21 22.22 1.75
C ALA B 263 -56.36 23.49 1.74
N LEU B 264 -55.04 23.27 1.75
CA LEU B 264 -54.05 24.35 1.74
C LEU B 264 -54.34 25.37 0.65
N GLY B 265 -54.20 26.64 0.99
CA GLY B 265 -54.43 27.70 0.02
C GLY B 265 -55.86 28.21 -0.03
N SER B 266 -56.79 27.42 0.50
CA SER B 266 -58.20 27.81 0.50
C SER B 266 -58.42 29.15 1.20
N PRO B 267 -59.22 30.03 0.58
CA PRO B 267 -59.51 31.36 1.15
C PRO B 267 -60.34 31.30 2.43
N ILE B 268 -59.86 31.98 3.46
CA ILE B 268 -60.55 32.03 4.74
C ILE B 268 -61.15 33.41 4.96
N ARG B 269 -62.37 33.46 5.48
CA ARG B 269 -63.06 34.73 5.73
C ARG B 269 -63.02 35.60 4.46
N GLY B 270 -63.22 34.97 3.32
CA GLY B 270 -63.20 35.70 2.06
C GLY B 270 -61.80 35.85 1.51
N GLY B 271 -61.13 36.92 1.94
CA GLY B 271 -59.77 37.18 1.47
C GLY B 271 -58.88 37.77 2.54
N GLU B 272 -59.33 37.67 3.79
CA GLU B 272 -58.57 38.20 4.92
C GLU B 272 -57.48 37.23 5.38
N ALA B 273 -57.46 36.04 4.81
CA ALA B 273 -56.47 35.03 5.15
C ALA B 273 -56.61 33.78 4.30
N PHE B 274 -55.52 33.02 4.20
CA PHE B 274 -55.51 31.78 3.42
C PHE B 274 -55.24 30.60 4.34
N HIS B 275 -55.82 29.45 4.00
CA HIS B 275 -55.66 28.23 4.77
C HIS B 275 -54.19 27.88 4.96
N THR B 276 -53.84 27.32 6.11
CA THR B 276 -52.46 26.97 6.40
C THR B 276 -52.14 25.55 5.94
N GLY B 277 -53.12 24.65 6.02
CA GLY B 277 -52.90 23.29 5.60
C GLY B 277 -53.46 22.25 6.56
N CYS B 278 -53.48 21.00 6.13
CA CYS B 278 -53.99 19.90 6.95
C CYS B 278 -52.92 19.43 7.93
N ILE B 279 -51.69 19.32 7.44
CA ILE B 279 -50.57 18.86 8.25
C ILE B 279 -50.53 19.49 9.64
N PRO B 280 -50.63 20.82 9.72
CA PRO B 280 -50.60 21.52 11.01
C PRO B 280 -51.61 20.96 12.01
N PHE B 281 -52.85 20.79 11.55
CA PHE B 281 -53.91 20.26 12.41
C PHE B 281 -53.70 18.79 12.71
N TYR B 282 -53.43 18.00 11.68
CA TYR B 282 -53.20 16.57 11.84
C TYR B 282 -52.24 16.29 12.99
N LYS B 283 -51.09 16.95 12.97
CA LYS B 283 -50.10 16.78 14.04
C LYS B 283 -50.76 16.99 15.39
N HIS B 284 -51.54 18.06 15.50
CA HIS B 284 -52.23 18.37 16.75
C HIS B 284 -53.02 17.16 17.20
N PHE B 285 -53.70 16.51 16.25
CA PHE B 285 -54.49 15.32 16.56
C PHE B 285 -53.57 14.24 17.10
N GLN B 286 -52.38 14.13 16.51
CA GLN B 286 -51.41 13.12 16.93
C GLN B 286 -50.99 13.35 18.38
N THR B 287 -50.64 14.59 18.72
CA THR B 287 -50.23 14.91 20.09
C THR B 287 -51.37 14.59 21.06
N ALA B 288 -52.60 14.69 20.57
CA ALA B 288 -53.77 14.39 21.40
C ALA B 288 -53.83 12.90 21.66
N VAL B 289 -53.74 12.12 20.59
CA VAL B 289 -53.78 10.67 20.69
C VAL B 289 -52.69 10.16 21.63
N LYS B 290 -51.52 10.78 21.56
CA LYS B 290 -50.38 10.41 22.40
C LYS B 290 -50.28 11.30 23.63
N SER B 291 -51.37 11.99 23.97
CA SER B 291 -51.37 12.88 25.12
C SER B 291 -51.12 12.14 26.43
N CYS B 292 -51.47 10.85 26.45
CA CYS B 292 -51.29 10.03 27.64
C CYS B 292 -50.48 8.78 27.31
N SER B 293 -49.19 8.95 27.06
CA SER B 293 -48.31 7.83 26.74
C SER B 293 -46.90 8.05 27.25
N GLN B 294 -46.19 6.98 27.58
CA GLN B 294 -44.85 7.17 28.07
C GLN B 294 -44.11 7.81 26.91
N GLY B 295 -43.38 8.88 27.17
CA GLY B 295 -42.61 9.50 26.13
C GLY B 295 -43.54 10.12 25.08
N GLY B 296 -44.51 9.29 24.70
CA GLY B 296 -45.45 9.52 23.61
C GLY B 296 -45.43 8.31 22.69
N VAL B 297 -44.45 7.44 22.89
CA VAL B 297 -44.28 6.20 22.12
C VAL B 297 -45.38 5.13 22.26
N ARG B 298 -45.86 4.91 23.47
CA ARG B 298 -46.72 3.76 23.78
C ARG B 298 -48.16 4.16 24.15
N GLY B 299 -49.14 3.41 23.63
CA GLY B 299 -50.52 3.81 23.79
C GLY B 299 -50.97 4.84 22.77
N GLY B 300 -52.26 5.17 22.81
CA GLY B 300 -52.79 6.16 21.88
C GLY B 300 -52.68 5.74 20.43
N ALA B 301 -53.66 4.99 19.95
CA ALA B 301 -53.68 4.53 18.57
C ALA B 301 -54.93 5.06 17.86
N ALA B 302 -54.76 5.50 16.61
CA ALA B 302 -55.88 6.04 15.85
C ALA B 302 -55.65 5.94 14.35
N THR B 303 -56.74 5.99 13.59
CA THR B 303 -56.67 5.91 12.14
C THR B 303 -57.50 7.05 11.54
N LEU B 304 -56.82 7.96 10.85
CA LEU B 304 -57.48 9.11 10.24
C LEU B 304 -57.88 8.79 8.79
N PHE B 305 -59.05 9.30 8.38
CA PHE B 305 -59.54 9.05 7.03
C PHE B 305 -59.72 10.34 6.21
N TYR B 306 -59.76 10.18 4.89
CA TYR B 306 -59.94 11.29 3.98
C TYR B 306 -60.17 10.79 2.56
N PRO B 307 -60.84 11.59 1.72
CA PRO B 307 -61.11 11.20 0.33
C PRO B 307 -59.84 11.04 -0.51
N MET B 308 -59.94 10.26 -1.58
CA MET B 308 -58.80 10.03 -2.47
C MET B 308 -58.61 11.18 -3.45
N TRP B 309 -59.69 11.90 -3.74
CA TRP B 309 -59.63 13.02 -4.67
C TRP B 309 -59.35 14.35 -3.97
N HIS B 310 -59.03 14.30 -2.68
CA HIS B 310 -58.74 15.52 -1.94
C HIS B 310 -57.56 16.23 -2.60
N LEU B 311 -57.44 17.53 -2.35
CA LEU B 311 -56.36 18.33 -2.93
C LEU B 311 -54.98 18.00 -2.36
N GLU B 312 -54.91 17.73 -1.06
CA GLU B 312 -53.64 17.42 -0.42
C GLU B 312 -53.39 15.92 -0.30
N VAL B 313 -54.05 15.13 -1.15
CA VAL B 313 -53.89 13.68 -1.13
C VAL B 313 -52.43 13.24 -1.25
N GLU B 314 -51.68 13.86 -2.16
CA GLU B 314 -50.28 13.53 -2.37
C GLU B 314 -49.42 13.74 -1.12
N SER B 315 -49.70 14.82 -0.39
CA SER B 315 -48.94 15.13 0.81
C SER B 315 -49.37 14.27 2.00
N LEU B 316 -50.63 13.86 2.00
CA LEU B 316 -51.17 13.03 3.08
C LEU B 316 -50.76 11.57 2.91
N LEU B 317 -50.66 11.14 1.65
CA LEU B 317 -50.30 9.77 1.33
C LEU B 317 -48.95 9.35 1.90
N VAL B 318 -47.99 10.26 1.93
CA VAL B 318 -46.62 9.94 2.31
C VAL B 318 -46.26 10.19 3.78
N LEU B 319 -47.24 10.64 4.56
CA LEU B 319 -46.99 11.11 5.91
C LEU B 319 -46.27 10.08 6.80
N LYS B 320 -46.66 8.83 6.66
CA LYS B 320 -46.06 7.76 7.43
C LYS B 320 -44.58 7.66 7.10
N ASN B 321 -44.26 7.84 5.83
CA ASN B 321 -42.95 7.46 5.35
C ASN B 321 -41.99 7.92 6.43
N ASN B 322 -41.10 7.02 6.83
CA ASN B 322 -40.14 7.33 7.88
C ASN B 322 -39.24 8.45 7.37
N ARG B 323 -38.94 8.38 6.09
CA ARG B 323 -37.90 9.21 5.48
C ARG B 323 -38.48 10.47 4.85
N GLY B 324 -38.28 11.60 5.53
CA GLY B 324 -38.78 12.86 5.03
C GLY B 324 -38.66 13.93 6.10
N VAL B 325 -39.11 15.14 5.81
CA VAL B 325 -39.05 16.23 6.76
C VAL B 325 -40.13 16.12 7.84
N GLU B 326 -39.72 16.24 9.08
CA GLU B 326 -40.64 16.17 10.21
C GLU B 326 -41.76 17.18 10.04
N GLY B 327 -41.48 18.25 9.29
CA GLY B 327 -42.48 19.27 9.06
C GLY B 327 -43.66 18.80 8.23
N ASN B 328 -43.45 17.75 7.45
CA ASN B 328 -44.50 17.20 6.60
C ASN B 328 -44.78 15.75 6.96
N ARG B 329 -44.65 15.42 8.25
CA ARG B 329 -44.88 14.04 8.69
C ARG B 329 -45.64 13.89 10.00
N VAL B 330 -46.54 12.90 10.03
CA VAL B 330 -47.34 12.59 11.21
C VAL B 330 -47.38 11.07 11.26
N ARG B 331 -46.23 10.49 11.61
CA ARG B 331 -46.02 9.05 11.66
C ARG B 331 -46.92 8.38 12.68
N HIS B 332 -47.16 9.04 13.81
CA HIS B 332 -47.90 8.39 14.88
C HIS B 332 -49.40 8.48 14.61
N MET B 333 -49.81 7.85 13.52
CA MET B 333 -51.21 7.73 13.16
C MET B 333 -51.40 6.54 12.21
N ASP B 334 -52.62 6.04 12.12
CA ASP B 334 -52.98 5.04 11.14
C ASP B 334 -54.02 5.66 10.23
N TYR B 335 -53.81 5.61 8.91
CA TYR B 335 -54.70 6.32 8.01
C TYR B 335 -55.55 5.38 7.17
N GLY B 336 -56.60 5.94 6.57
CA GLY B 336 -57.48 5.15 5.73
C GLY B 336 -58.00 5.95 4.55
N VAL B 337 -57.45 5.69 3.37
CA VAL B 337 -57.86 6.39 2.15
C VAL B 337 -59.20 5.87 1.66
N GLN B 338 -60.17 6.77 1.55
CA GLN B 338 -61.50 6.40 1.09
C GLN B 338 -61.56 6.43 -0.44
N ILE B 339 -61.92 5.29 -1.03
CA ILE B 339 -61.99 5.17 -2.48
C ILE B 339 -63.40 4.74 -2.92
N ASN B 340 -63.72 4.98 -4.18
CA ASN B 340 -65.04 4.61 -4.70
C ASN B 340 -64.94 4.08 -6.13
N LYS B 341 -66.09 3.66 -6.66
CA LYS B 341 -66.18 3.12 -8.01
C LYS B 341 -65.45 3.97 -9.04
N LEU B 342 -65.75 5.26 -9.05
CA LEU B 342 -65.13 6.19 -9.99
C LEU B 342 -63.61 6.12 -10.01
N MET B 343 -63.00 6.25 -8.84
CA MET B 343 -61.54 6.19 -8.73
C MET B 343 -60.95 4.94 -9.37
N TYR B 344 -61.59 3.80 -9.12
CA TYR B 344 -61.12 2.53 -9.67
C TYR B 344 -61.26 2.49 -11.19
N THR B 345 -62.28 3.19 -11.70
CA THR B 345 -62.52 3.23 -13.14
C THR B 345 -61.47 4.08 -13.86
N ARG B 346 -61.12 5.21 -13.27
CA ARG B 346 -60.13 6.10 -13.86
C ARG B 346 -58.78 5.39 -14.01
N LEU B 347 -58.58 4.35 -13.20
CA LEU B 347 -57.35 3.57 -13.24
C LEU B 347 -57.37 2.56 -14.38
N LEU B 348 -58.47 1.82 -14.50
CA LEU B 348 -58.61 0.81 -15.54
C LEU B 348 -58.54 1.39 -16.95
N LYS B 349 -59.18 2.53 -17.15
CA LYS B 349 -59.18 3.18 -18.46
C LYS B 349 -57.91 3.98 -18.71
N GLY B 350 -57.00 3.96 -17.74
CA GLY B 350 -55.75 4.68 -17.88
C GLY B 350 -55.94 6.18 -18.01
N GLU B 351 -56.98 6.70 -17.38
CA GLU B 351 -57.27 8.13 -17.42
C GLU B 351 -56.65 8.83 -16.21
N ASP B 352 -56.95 10.12 -16.04
CA ASP B 352 -56.42 10.87 -14.93
C ASP B 352 -57.41 11.02 -13.78
N ILE B 353 -57.00 11.77 -12.76
CA ILE B 353 -57.84 12.02 -11.59
C ILE B 353 -57.67 13.48 -11.18
N THR B 354 -58.76 14.09 -10.72
CA THR B 354 -58.72 15.49 -10.32
C THR B 354 -58.79 15.62 -8.80
N LEU B 355 -58.00 16.53 -8.26
CA LEU B 355 -57.96 16.76 -6.82
C LEU B 355 -58.69 18.06 -6.49
N PHE B 356 -59.63 17.98 -5.54
CA PHE B 356 -60.41 19.13 -5.15
C PHE B 356 -60.35 19.40 -3.65
N SER B 357 -60.60 20.66 -3.27
CA SER B 357 -60.61 21.05 -1.87
C SER B 357 -62.06 20.99 -1.40
N PRO B 358 -62.31 20.39 -0.26
CA PRO B 358 -63.70 20.08 0.09
C PRO B 358 -64.52 21.36 0.03
N SER B 359 -63.90 22.49 0.36
CA SER B 359 -64.63 23.75 0.43
C SER B 359 -64.83 24.45 -0.93
N ASP B 360 -64.38 23.83 -2.01
CA ASP B 360 -64.51 24.43 -3.33
C ASP B 360 -65.52 23.72 -4.23
N VAL B 361 -65.89 22.49 -3.89
CA VAL B 361 -66.85 21.74 -4.69
C VAL B 361 -68.08 21.31 -3.88
N PRO B 362 -69.12 22.15 -3.88
CA PRO B 362 -70.38 21.92 -3.16
C PRO B 362 -71.08 20.61 -3.50
N GLY B 363 -71.69 19.99 -2.49
CA GLY B 363 -72.40 18.74 -2.68
C GLY B 363 -71.56 17.57 -3.16
N LEU B 364 -70.25 17.76 -3.21
CA LEU B 364 -69.35 16.70 -3.65
C LEU B 364 -69.08 15.70 -2.53
N TYR B 365 -68.79 16.21 -1.34
CA TYR B 365 -68.52 15.36 -0.19
C TYR B 365 -69.75 14.52 0.16
N ASP B 366 -70.88 15.19 0.36
CA ASP B 366 -72.12 14.51 0.70
C ASP B 366 -72.46 13.40 -0.29
N ALA B 367 -72.47 13.74 -1.58
CA ALA B 367 -72.78 12.77 -2.62
C ALA B 367 -71.76 11.64 -2.62
N PHE B 368 -70.53 11.94 -2.20
CA PHE B 368 -69.46 10.96 -2.17
C PHE B 368 -69.81 9.76 -1.29
N PHE B 369 -70.74 9.95 -0.37
CA PHE B 369 -71.15 8.87 0.54
C PHE B 369 -72.60 8.46 0.31
N ALA B 370 -73.45 9.43 0.01
CA ALA B 370 -74.87 9.20 -0.19
C ALA B 370 -75.22 8.66 -1.59
N ASP B 371 -74.88 9.42 -2.62
CA ASP B 371 -75.20 9.01 -3.98
C ASP B 371 -73.98 8.99 -4.91
N GLN B 372 -73.65 7.80 -5.41
CA GLN B 372 -72.52 7.66 -6.32
C GLN B 372 -72.83 8.33 -7.65
N GLU B 373 -74.08 8.22 -8.08
CA GLU B 373 -74.53 8.82 -9.33
C GLU B 373 -74.38 10.34 -9.22
N GLU B 374 -75.00 10.92 -8.21
CA GLU B 374 -74.94 12.35 -7.98
C GLU B 374 -73.48 12.81 -7.91
N PHE B 375 -72.64 11.97 -7.33
CA PHE B 375 -71.21 12.28 -7.20
C PHE B 375 -70.60 12.45 -8.58
N GLU B 376 -70.94 11.53 -9.48
CA GLU B 376 -70.44 11.55 -10.85
C GLU B 376 -70.85 12.84 -11.57
N ARG B 377 -72.11 13.23 -11.40
CA ARG B 377 -72.63 14.43 -12.04
C ARG B 377 -71.81 15.65 -11.62
N LEU B 378 -71.72 15.88 -10.32
CA LEU B 378 -70.97 17.00 -9.77
C LEU B 378 -69.49 16.92 -10.12
N TYR B 379 -68.91 15.75 -9.94
CA TYR B 379 -67.50 15.53 -10.23
C TYR B 379 -67.13 16.00 -11.63
N THR B 380 -67.72 15.36 -12.64
CA THR B 380 -67.45 15.71 -14.03
C THR B 380 -67.63 17.20 -14.28
N LYS B 381 -68.74 17.75 -13.80
CA LYS B 381 -69.03 19.16 -13.98
C LYS B 381 -67.87 20.04 -13.54
N TYR B 382 -67.47 19.90 -12.28
CA TYR B 382 -66.37 20.69 -11.74
C TYR B 382 -65.06 20.54 -12.51
N GLU B 383 -64.87 19.38 -13.14
CA GLU B 383 -63.64 19.15 -13.91
C GLU B 383 -63.51 20.16 -15.04
N LYS B 384 -64.60 20.39 -15.77
CA LYS B 384 -64.58 21.34 -16.87
C LYS B 384 -64.60 22.77 -16.35
N ASP B 385 -65.18 23.02 -15.18
CA ASP B 385 -65.22 24.42 -14.79
C ASP B 385 -63.77 24.89 -14.66
N ASP B 386 -63.45 25.96 -15.39
CA ASP B 386 -62.12 26.57 -15.35
C ASP B 386 -61.82 27.19 -13.99
N SER B 387 -62.85 27.82 -13.44
CA SER B 387 -62.73 28.69 -12.28
C SER B 387 -62.50 27.93 -10.97
N ILE B 388 -62.80 26.64 -10.98
CA ILE B 388 -62.62 25.79 -9.80
C ILE B 388 -61.17 25.34 -9.68
N ARG B 389 -60.57 25.52 -8.50
CA ARG B 389 -59.19 25.10 -8.29
C ARG B 389 -59.10 23.58 -8.33
N LYS B 390 -58.15 23.06 -9.10
CA LYS B 390 -57.97 21.62 -9.22
C LYS B 390 -56.57 21.25 -9.68
N GLN B 391 -56.31 19.95 -9.77
CA GLN B 391 -55.02 19.45 -10.22
C GLN B 391 -55.20 18.05 -10.80
N ARG B 392 -54.67 17.84 -11.99
CA ARG B 392 -54.77 16.54 -12.66
C ARG B 392 -53.64 15.62 -12.24
N VAL B 393 -53.95 14.33 -12.12
CA VAL B 393 -52.97 13.32 -11.75
C VAL B 393 -53.36 12.00 -12.40
N LYS B 394 -52.38 11.31 -12.98
CA LYS B 394 -52.64 10.04 -13.64
C LYS B 394 -53.03 8.97 -12.62
N ALA B 395 -54.20 8.38 -12.83
CA ALA B 395 -54.74 7.35 -11.94
C ALA B 395 -53.73 6.25 -11.62
N VAL B 396 -52.85 5.95 -12.57
CA VAL B 396 -51.84 4.92 -12.37
C VAL B 396 -50.79 5.36 -11.36
N GLU B 397 -50.43 6.64 -11.40
CA GLU B 397 -49.43 7.19 -10.49
C GLU B 397 -49.96 7.29 -9.06
N LEU B 398 -51.11 7.95 -8.91
CA LEU B 398 -51.72 8.14 -7.60
C LEU B 398 -51.88 6.82 -6.84
N PHE B 399 -52.58 5.87 -7.43
CA PHE B 399 -52.79 4.57 -6.78
C PHE B 399 -51.48 3.91 -6.39
N SER B 400 -50.48 4.01 -7.27
CA SER B 400 -49.17 3.42 -6.97
C SER B 400 -48.60 4.03 -5.71
N LEU B 401 -48.76 5.34 -5.55
CA LEU B 401 -48.27 6.04 -4.37
C LEU B 401 -48.89 5.42 -3.13
N MET B 402 -50.19 5.20 -3.18
CA MET B 402 -50.93 4.61 -2.07
C MET B 402 -50.41 3.21 -1.75
N MET B 403 -50.33 2.36 -2.78
CA MET B 403 -49.85 1.00 -2.60
C MET B 403 -48.41 0.98 -2.12
N GLN B 404 -47.65 2.02 -2.47
CA GLN B 404 -46.25 2.11 -2.07
C GLN B 404 -46.17 2.39 -0.56
N GLU B 405 -46.85 3.45 -0.12
CA GLU B 405 -46.86 3.80 1.29
C GLU B 405 -47.49 2.69 2.11
N ARG B 406 -48.50 2.04 1.54
CA ARG B 406 -49.19 0.95 2.21
C ARG B 406 -48.24 -0.23 2.43
N ALA B 407 -47.29 -0.39 1.51
CA ALA B 407 -46.33 -1.47 1.60
C ALA B 407 -45.16 -1.10 2.51
N SER B 408 -44.67 0.12 2.33
CA SER B 408 -43.54 0.61 3.12
C SER B 408 -43.85 0.64 4.61
N THR B 409 -45.05 1.07 4.97
CA THR B 409 -45.46 1.16 6.36
C THR B 409 -46.38 0.01 6.78
N GLY B 410 -47.40 -0.24 5.97
CA GLY B 410 -48.34 -1.30 6.29
C GLY B 410 -49.43 -0.80 7.21
N ARG B 411 -49.61 0.52 7.24
CA ARG B 411 -50.61 1.13 8.10
C ARG B 411 -51.57 2.02 7.30
N ILE B 412 -51.45 1.96 5.97
CA ILE B 412 -52.32 2.73 5.08
C ILE B 412 -53.46 1.82 4.64
N TYR B 413 -54.64 2.04 5.23
CA TYR B 413 -55.81 1.23 4.92
C TYR B 413 -56.71 1.80 3.82
N ILE B 414 -57.56 0.94 3.27
CA ILE B 414 -58.48 1.32 2.21
C ILE B 414 -59.93 1.14 2.67
N GLN B 415 -60.79 2.05 2.26
CA GLN B 415 -62.21 1.98 2.62
C GLN B 415 -63.09 2.44 1.46
N ASN B 416 -63.76 1.48 0.82
CA ASN B 416 -64.64 1.80 -0.30
C ASN B 416 -65.94 2.37 0.23
N VAL B 417 -66.08 3.69 0.12
CA VAL B 417 -67.26 4.39 0.59
C VAL B 417 -68.59 3.88 0.04
N ASP B 418 -68.66 3.68 -1.28
CA ASP B 418 -69.89 3.20 -1.90
C ASP B 418 -70.40 1.90 -1.30
N HIS B 419 -69.49 1.00 -0.93
CA HIS B 419 -69.87 -0.28 -0.35
C HIS B 419 -70.32 -0.15 1.11
N CYS B 420 -69.89 0.92 1.78
CA CYS B 420 -70.47 1.23 3.07
C CYS B 420 -71.93 1.69 2.94
N ASN B 421 -72.14 2.69 2.09
CA ASN B 421 -73.47 3.26 1.84
C ASN B 421 -74.52 2.36 1.16
N THR B 422 -74.08 1.62 0.14
CA THR B 422 -74.97 0.79 -0.67
C THR B 422 -75.56 -0.42 0.06
N HIS B 423 -74.71 -1.06 0.85
CA HIS B 423 -75.03 -2.31 1.52
C HIS B 423 -74.71 -2.16 2.99
N SER B 424 -75.56 -1.38 3.65
CA SER B 424 -75.45 -1.09 5.07
C SER B 424 -76.84 -1.02 5.71
N PRO B 425 -76.90 -1.19 7.04
CA PRO B 425 -78.16 -1.16 7.80
C PRO B 425 -78.75 0.24 7.93
N PHE B 426 -77.95 1.25 7.59
CA PHE B 426 -78.39 2.64 7.69
C PHE B 426 -78.77 3.28 6.35
N ASP B 427 -79.48 4.40 6.44
CA ASP B 427 -79.91 5.14 5.26
C ASP B 427 -78.83 6.19 4.98
N PRO B 428 -78.07 6.03 3.88
CA PRO B 428 -77.01 6.98 3.52
C PRO B 428 -77.47 8.41 3.40
N ALA B 429 -78.79 8.62 3.36
CA ALA B 429 -79.35 9.97 3.24
C ALA B 429 -79.54 10.61 4.60
N ILE B 430 -79.93 9.82 5.59
CA ILE B 430 -80.16 10.32 6.94
C ILE B 430 -78.91 10.19 7.81
N ALA B 431 -78.32 8.99 7.81
CA ALA B 431 -77.13 8.72 8.59
C ALA B 431 -76.15 7.85 7.80
N PRO B 432 -75.29 8.48 6.99
CA PRO B 432 -74.29 7.75 6.18
C PRO B 432 -72.99 7.43 6.92
N VAL B 433 -72.34 6.35 6.51
CA VAL B 433 -71.07 5.95 7.10
C VAL B 433 -69.96 6.66 6.34
N ARG B 434 -69.21 7.50 7.05
CA ARG B 434 -68.15 8.26 6.40
C ARG B 434 -66.78 8.09 7.08
N GLN B 435 -66.59 6.97 7.76
CA GLN B 435 -65.32 6.68 8.44
C GLN B 435 -65.38 5.32 9.13
N SER B 436 -64.29 4.95 9.77
CA SER B 436 -64.19 3.68 10.48
C SER B 436 -63.49 3.91 11.80
N ASN B 437 -63.43 2.84 12.60
CA ASN B 437 -62.73 2.75 13.87
C ASN B 437 -61.26 2.35 13.70
N LEU B 438 -60.55 2.22 14.82
CA LEU B 438 -59.12 1.96 14.81
C LEU B 438 -58.71 0.64 14.15
N CYS B 439 -59.44 -0.44 14.39
CA CYS B 439 -59.11 -1.71 13.74
C CYS B 439 -59.79 -1.91 12.40
N LEU B 440 -60.66 -0.97 12.03
CA LEU B 440 -61.36 -0.94 10.74
C LEU B 440 -62.66 -1.75 10.61
N GLU B 441 -63.06 -2.44 11.67
CA GLU B 441 -64.28 -3.27 11.67
C GLU B 441 -65.63 -2.54 11.53
N ILE B 442 -65.73 -1.39 12.20
CA ILE B 442 -66.98 -0.70 12.51
C ILE B 442 -67.38 0.29 11.43
N ALA B 443 -68.66 0.27 11.07
CA ALA B 443 -69.20 1.17 10.06
C ALA B 443 -70.48 1.79 10.58
N LEU B 444 -70.35 2.93 11.26
CA LEU B 444 -71.50 3.63 11.82
C LEU B 444 -71.50 5.11 11.48
N PRO B 445 -72.69 5.70 11.33
CA PRO B 445 -72.85 7.12 11.01
C PRO B 445 -72.31 8.02 12.11
N THR B 446 -72.09 9.29 11.79
CA THR B 446 -71.56 10.25 12.76
C THR B 446 -72.00 11.67 12.44
N LYS B 447 -71.84 12.55 13.41
CA LYS B 447 -72.20 13.96 13.25
C LYS B 447 -71.17 14.83 13.97
N PRO B 448 -70.56 15.77 13.25
CA PRO B 448 -69.54 16.67 13.81
C PRO B 448 -70.05 17.54 14.95
N LEU B 449 -69.18 17.79 15.93
CA LEU B 449 -69.53 18.61 17.08
C LEU B 449 -68.93 20.00 16.95
N ASN B 450 -69.68 21.01 17.40
CA ASN B 450 -69.20 22.39 17.35
C ASN B 450 -68.59 22.73 18.70
N ASP B 451 -68.58 21.75 19.60
CA ASP B 451 -68.03 21.91 20.93
C ASP B 451 -68.03 20.57 21.66
N VAL B 452 -67.46 20.56 22.86
CA VAL B 452 -67.39 19.34 23.66
C VAL B 452 -68.75 18.88 24.17
N ASN B 453 -69.58 19.82 24.60
CA ASN B 453 -70.91 19.50 25.12
C ASN B 453 -72.03 19.70 24.09
N ASP B 454 -71.67 19.67 22.80
CA ASP B 454 -72.67 19.84 21.76
C ASP B 454 -73.65 18.68 21.73
N GLU B 455 -74.91 18.98 22.05
CA GLU B 455 -75.96 17.96 22.10
C GLU B 455 -76.33 17.40 20.74
N ASN B 456 -76.15 18.19 19.68
CA ASN B 456 -76.50 17.76 18.34
C ASN B 456 -75.45 16.90 17.64
N GLY B 457 -74.34 16.64 18.33
CA GLY B 457 -73.30 15.82 17.75
C GLY B 457 -73.51 14.35 18.04
N GLU B 458 -72.86 13.48 17.27
CA GLU B 458 -73.00 12.04 17.46
C GLU B 458 -71.65 11.34 17.36
N ILE B 459 -71.35 10.50 18.35
CA ILE B 459 -70.09 9.75 18.37
C ILE B 459 -70.37 8.26 18.47
N ALA B 460 -69.77 7.49 17.57
CA ALA B 460 -69.95 6.04 17.55
C ALA B 460 -68.98 5.39 18.54
N LEU B 461 -69.51 4.47 19.34
CA LEU B 461 -68.70 3.76 20.33
C LEU B 461 -68.49 2.29 19.99
N CYS B 462 -67.54 1.67 20.67
CA CYS B 462 -67.22 0.27 20.44
C CYS B 462 -67.64 -0.67 21.56
N THR B 463 -68.74 -1.38 21.35
CA THR B 463 -69.25 -2.35 22.31
C THR B 463 -69.28 -3.68 21.54
N LEU B 464 -68.17 -4.41 21.57
CA LEU B 464 -68.06 -5.65 20.83
C LEU B 464 -68.14 -6.95 21.64
N SER B 465 -68.09 -8.04 20.89
CA SER B 465 -68.10 -9.41 21.41
C SER B 465 -67.73 -10.34 20.25
N ALA B 466 -67.44 -11.61 20.53
CA ALA B 466 -67.30 -12.57 19.44
C ALA B 466 -67.65 -14.00 19.85
N PHE B 467 -68.20 -14.76 18.90
CA PHE B 467 -68.58 -16.14 19.15
C PHE B 467 -67.38 -17.05 18.92
N ASN B 468 -67.49 -18.29 19.39
CA ASN B 468 -66.42 -19.27 19.22
C ASN B 468 -66.90 -20.38 18.29
N LEU B 469 -66.52 -20.31 17.03
CA LEU B 469 -67.09 -21.23 16.07
C LEU B 469 -66.78 -22.61 16.59
N GLY B 470 -65.69 -22.72 17.36
CA GLY B 470 -65.19 -24.02 17.76
C GLY B 470 -65.81 -24.51 19.05
N ALA B 471 -66.76 -23.73 19.58
CA ALA B 471 -67.42 -24.09 20.83
C ALA B 471 -68.82 -24.67 20.57
N ILE B 472 -69.31 -24.50 19.34
CA ILE B 472 -70.63 -25.00 18.98
C ILE B 472 -70.52 -26.30 18.17
N ASN B 473 -71.61 -27.06 18.13
CA ASN B 473 -71.66 -28.31 17.40
C ASN B 473 -72.36 -28.10 16.06
N ASN B 474 -73.48 -27.38 16.11
CA ASN B 474 -74.25 -27.09 14.91
C ASN B 474 -74.69 -25.62 14.93
N LEU B 475 -75.11 -25.11 13.78
CA LEU B 475 -75.53 -23.72 13.66
C LEU B 475 -76.74 -23.32 14.51
N ASP B 476 -77.55 -24.29 14.91
CA ASP B 476 -78.73 -23.99 15.72
C ASP B 476 -78.40 -23.54 17.13
N GLU B 477 -77.17 -23.79 17.57
CA GLU B 477 -76.75 -23.39 18.90
C GLU B 477 -76.54 -21.88 18.97
N LEU B 478 -76.62 -21.24 17.80
CA LEU B 478 -76.44 -19.80 17.71
C LEU B 478 -77.65 -19.04 18.22
N GLU B 479 -78.80 -19.72 18.28
CA GLU B 479 -80.03 -19.10 18.75
C GLU B 479 -79.87 -18.65 20.20
N GLU B 480 -79.48 -19.58 21.06
CA GLU B 480 -79.29 -19.27 22.48
C GLU B 480 -78.19 -18.22 22.60
N LEU B 481 -77.03 -18.52 22.02
CA LEU B 481 -75.88 -17.62 22.05
C LEU B 481 -76.24 -16.22 21.63
N ALA B 482 -76.92 -16.09 20.48
CA ALA B 482 -77.32 -14.80 19.96
C ALA B 482 -78.10 -14.01 21.02
N ILE B 483 -78.84 -14.72 21.85
CA ILE B 483 -79.63 -14.09 22.91
C ILE B 483 -78.76 -13.65 24.07
N LEU B 484 -77.89 -14.54 24.54
CA LEU B 484 -77.01 -14.21 25.66
C LEU B 484 -76.09 -13.05 25.31
N ALA B 485 -75.69 -12.97 24.04
CA ALA B 485 -74.81 -11.91 23.59
C ALA B 485 -75.54 -10.58 23.42
N VAL B 486 -76.44 -10.52 22.44
CA VAL B 486 -77.20 -9.30 22.17
C VAL B 486 -77.85 -8.71 23.43
N ARG B 487 -78.23 -9.57 24.37
CA ARG B 487 -78.86 -9.12 25.60
C ARG B 487 -77.87 -8.44 26.53
N ALA B 488 -76.85 -9.18 26.96
CA ALA B 488 -75.84 -8.64 27.87
C ALA B 488 -75.18 -7.38 27.31
N LEU B 489 -74.93 -7.37 26.01
CA LEU B 489 -74.31 -6.22 25.36
C LEU B 489 -75.17 -4.96 25.45
N ASP B 490 -76.37 -5.03 24.90
CA ASP B 490 -77.29 -3.89 24.92
C ASP B 490 -77.47 -3.37 26.35
N ALA B 491 -77.28 -4.25 27.32
CA ALA B 491 -77.42 -3.88 28.72
C ALA B 491 -76.28 -2.97 29.14
N LEU B 492 -75.06 -3.32 28.73
CA LEU B 492 -73.87 -2.56 29.05
C LEU B 492 -74.05 -1.09 28.67
N LEU B 493 -74.67 -0.86 27.52
CA LEU B 493 -74.91 0.49 27.01
C LEU B 493 -75.57 1.35 28.09
N ASP B 494 -76.33 0.72 28.97
CA ASP B 494 -77.03 1.42 30.03
C ASP B 494 -76.29 1.31 31.37
N TYR B 495 -75.14 0.63 31.35
CA TYR B 495 -74.34 0.47 32.56
C TYR B 495 -73.16 1.42 32.56
N GLN B 496 -72.53 1.58 31.41
CA GLN B 496 -71.38 2.47 31.26
C GLN B 496 -71.79 3.94 31.29
N ASP B 497 -70.79 4.82 31.38
CA ASP B 497 -71.04 6.26 31.40
C ASP B 497 -70.73 6.88 30.05
N TYR B 498 -71.11 8.14 29.89
CA TYR B 498 -70.88 8.86 28.65
C TYR B 498 -70.35 10.26 28.96
N PRO B 499 -69.02 10.42 28.99
CA PRO B 499 -68.38 11.71 29.27
C PRO B 499 -68.75 12.79 28.26
N ILE B 500 -68.89 12.40 26.99
CA ILE B 500 -69.23 13.33 25.93
C ILE B 500 -70.68 13.11 25.48
N PRO B 501 -71.47 14.19 25.39
CA PRO B 501 -72.87 14.12 24.96
C PRO B 501 -73.07 13.40 23.63
N ALA B 502 -72.30 13.80 22.62
CA ALA B 502 -72.40 13.21 21.29
C ALA B 502 -72.25 11.69 21.32
N ALA B 503 -71.40 11.20 22.20
CA ALA B 503 -71.16 9.76 22.33
C ALA B 503 -72.41 9.07 22.87
N LYS B 504 -73.06 9.72 23.82
CA LYS B 504 -74.26 9.18 24.45
C LYS B 504 -75.42 9.15 23.45
N ARG B 505 -75.63 10.27 22.77
CA ARG B 505 -76.71 10.38 21.78
C ARG B 505 -76.73 9.19 20.84
N GLY B 506 -75.59 8.87 20.26
CA GLY B 506 -75.50 7.76 19.33
C GLY B 506 -75.78 6.42 19.97
N ALA B 507 -75.23 6.19 21.15
CA ALA B 507 -75.41 4.95 21.88
C ALA B 507 -76.89 4.68 22.17
N MET B 508 -77.59 5.69 22.67
CA MET B 508 -79.00 5.57 22.99
C MET B 508 -79.88 5.69 21.74
N GLY B 509 -79.39 6.43 20.75
CA GLY B 509 -80.14 6.63 19.53
C GLY B 509 -80.28 5.41 18.63
N ARG B 510 -79.16 4.76 18.32
CA ARG B 510 -79.17 3.60 17.44
C ARG B 510 -78.75 2.29 18.11
N ARG B 511 -78.13 2.38 19.29
CA ARG B 511 -77.80 1.19 20.09
C ARG B 511 -77.00 0.10 19.38
N THR B 512 -75.94 0.48 18.67
CA THR B 512 -75.23 -0.45 17.79
C THR B 512 -74.34 -1.42 18.55
N LEU B 513 -74.01 -2.53 17.90
CA LEU B 513 -73.16 -3.56 18.50
C LEU B 513 -72.23 -4.15 17.44
N GLY B 514 -71.03 -4.52 17.87
CA GLY B 514 -70.06 -5.10 16.95
C GLY B 514 -69.69 -6.52 17.34
N ILE B 515 -70.43 -7.48 16.80
CA ILE B 515 -70.19 -8.89 17.11
C ILE B 515 -69.39 -9.58 16.00
N GLY B 516 -68.35 -10.31 16.40
CA GLY B 516 -67.52 -11.02 15.45
C GLY B 516 -67.39 -12.48 15.80
N VAL B 517 -66.30 -13.09 15.35
CA VAL B 517 -66.05 -14.51 15.62
C VAL B 517 -64.58 -14.81 15.87
N ILE B 518 -64.32 -15.92 16.54
CA ILE B 518 -62.95 -16.35 16.83
C ILE B 518 -62.82 -17.82 16.49
N ASN B 519 -61.58 -18.32 16.50
CA ASN B 519 -61.30 -19.72 16.19
C ASN B 519 -61.85 -20.12 14.82
N PHE B 520 -61.99 -19.15 13.92
CA PHE B 520 -62.50 -19.43 12.59
C PHE B 520 -61.60 -20.43 11.86
N ALA B 521 -60.30 -20.27 12.00
CA ALA B 521 -59.34 -21.17 11.37
C ALA B 521 -59.61 -22.59 11.81
N TYR B 522 -59.69 -22.79 13.12
CA TYR B 522 -59.96 -24.10 13.69
C TYR B 522 -61.26 -24.65 13.15
N TYR B 523 -62.21 -23.76 12.91
CA TYR B 523 -63.52 -24.13 12.38
C TYR B 523 -63.37 -24.76 10.99
N LEU B 524 -62.91 -23.96 10.03
CA LEU B 524 -62.72 -24.43 8.67
C LEU B 524 -61.96 -25.75 8.65
N ALA B 525 -60.87 -25.81 9.39
CA ALA B 525 -60.05 -27.02 9.45
C ALA B 525 -60.86 -28.24 9.88
N LYS B 526 -61.64 -28.10 10.95
CA LYS B 526 -62.44 -29.21 11.44
C LYS B 526 -63.32 -29.81 10.34
N HIS B 527 -63.94 -28.94 9.54
CA HIS B 527 -64.80 -29.40 8.46
C HIS B 527 -63.97 -29.74 7.22
N GLY B 528 -62.66 -29.79 7.38
CA GLY B 528 -61.77 -30.11 6.28
C GLY B 528 -61.86 -29.12 5.12
N LYS B 529 -61.75 -27.83 5.45
CA LYS B 529 -61.82 -26.79 4.44
C LYS B 529 -60.56 -25.92 4.50
N ARG B 530 -60.37 -25.09 3.47
CA ARG B 530 -59.21 -24.20 3.41
C ARG B 530 -59.59 -22.83 2.89
N TYR B 531 -58.61 -21.92 2.85
CA TYR B 531 -58.84 -20.56 2.37
C TYR B 531 -58.66 -20.37 0.87
N SER B 532 -57.43 -20.55 0.40
CA SER B 532 -57.08 -20.38 -1.01
C SER B 532 -58.00 -21.05 -2.03
N ASP B 533 -57.99 -22.39 -2.06
CA ASP B 533 -58.80 -23.15 -3.01
C ASP B 533 -60.25 -22.68 -3.13
N GLY B 534 -60.78 -22.11 -2.05
CA GLY B 534 -62.15 -21.63 -2.07
C GLY B 534 -63.18 -22.73 -1.88
N SER B 535 -62.77 -23.82 -1.24
CA SER B 535 -63.67 -24.93 -0.99
C SER B 535 -64.56 -24.63 0.21
N ALA B 536 -64.33 -23.48 0.83
CA ALA B 536 -65.11 -23.07 2.00
C ALA B 536 -66.09 -21.95 1.64
N ASN B 537 -66.21 -21.66 0.35
CA ASN B 537 -67.11 -20.61 -0.11
C ASN B 537 -68.57 -20.82 0.32
N ASN B 538 -69.13 -21.99 -0.01
CA ASN B 538 -70.51 -22.27 0.36
C ASN B 538 -70.70 -22.39 1.87
N LEU B 539 -69.86 -23.20 2.51
CA LEU B 539 -69.96 -23.38 3.95
C LEU B 539 -69.97 -22.03 4.66
N THR B 540 -69.16 -21.11 4.18
CA THR B 540 -69.07 -19.78 4.76
C THR B 540 -70.42 -19.07 4.62
N HIS B 541 -71.06 -19.23 3.46
CA HIS B 541 -72.35 -18.62 3.20
C HIS B 541 -73.40 -19.15 4.17
N LYS B 542 -73.41 -20.46 4.36
CA LYS B 542 -74.36 -21.09 5.27
C LYS B 542 -74.11 -20.63 6.71
N THR B 543 -72.85 -20.70 7.15
CA THR B 543 -72.49 -20.39 8.55
C THR B 543 -72.72 -18.96 9.09
N PHE B 544 -72.34 -17.94 8.32
CA PHE B 544 -72.71 -16.55 8.62
C PHE B 544 -74.18 -16.25 8.38
N GLU B 545 -74.85 -17.07 7.58
CA GLU B 545 -76.26 -16.87 7.31
C GLU B 545 -77.02 -17.22 8.58
N ALA B 546 -76.41 -18.07 9.40
CA ALA B 546 -77.00 -18.51 10.65
C ALA B 546 -76.60 -17.55 11.77
N ILE B 547 -75.34 -17.12 11.73
CA ILE B 547 -74.81 -16.21 12.73
C ILE B 547 -75.54 -14.87 12.72
N GLN B 548 -75.86 -14.38 11.52
CA GLN B 548 -76.55 -13.12 11.37
C GLN B 548 -78.05 -13.24 11.64
N TYR B 549 -78.66 -14.31 11.14
CA TYR B 549 -80.09 -14.54 11.33
C TYR B 549 -80.45 -14.56 12.81
N TYR B 550 -79.91 -15.54 13.53
CA TYR B 550 -80.19 -15.67 14.96
C TYR B 550 -79.93 -14.39 15.73
N LEU B 551 -79.02 -13.55 15.23
CA LEU B 551 -78.72 -12.28 15.88
C LEU B 551 -79.80 -11.26 15.57
N LEU B 552 -80.33 -11.31 14.36
CA LEU B 552 -81.40 -10.39 13.95
C LEU B 552 -82.70 -10.77 14.62
N LYS B 553 -82.81 -12.05 15.00
CA LYS B 553 -84.01 -12.55 15.66
C LYS B 553 -83.91 -12.35 17.18
N ALA B 554 -82.68 -12.20 17.67
CA ALA B 554 -82.45 -11.99 19.09
C ALA B 554 -82.69 -10.53 19.46
N SER B 555 -82.29 -9.63 18.56
CA SER B 555 -82.46 -8.20 18.80
C SER B 555 -83.93 -7.83 18.64
N ASN B 556 -84.61 -8.50 17.71
CA ASN B 556 -86.03 -8.26 17.47
C ASN B 556 -86.84 -8.70 18.69
N GLU B 557 -86.39 -9.78 19.32
CA GLU B 557 -87.05 -10.31 20.50
C GLU B 557 -86.97 -9.31 21.64
N LEU B 558 -85.84 -8.62 21.72
CA LEU B 558 -85.62 -7.62 22.76
C LEU B 558 -86.43 -6.37 22.45
N ALA B 559 -86.67 -6.14 21.17
CA ALA B 559 -87.44 -4.98 20.73
C ALA B 559 -88.90 -5.14 21.11
N LYS B 560 -89.35 -6.38 21.19
CA LYS B 560 -90.74 -6.67 21.55
C LYS B 560 -90.91 -6.65 23.06
N GLU B 561 -89.80 -6.73 23.77
CA GLU B 561 -89.83 -6.74 25.23
C GLU B 561 -89.43 -5.40 25.86
N GLN B 562 -88.66 -4.60 25.12
CA GLN B 562 -88.20 -3.32 25.65
C GLN B 562 -88.24 -2.16 24.66
N GLY B 563 -88.78 -2.40 23.47
CA GLY B 563 -88.87 -1.33 22.48
C GLY B 563 -87.60 -1.18 21.64
N ALA B 564 -87.79 -0.96 20.35
CA ALA B 564 -86.68 -0.80 19.42
C ALA B 564 -85.94 0.51 19.66
N CYS B 565 -84.83 0.70 18.96
CA CYS B 565 -84.02 1.92 19.09
C CYS B 565 -84.77 3.14 18.57
N PRO B 566 -84.68 4.26 19.29
CA PRO B 566 -85.34 5.52 18.93
C PRO B 566 -85.12 5.96 17.49
N TRP B 567 -83.91 5.74 16.97
CA TRP B 567 -83.59 6.13 15.61
C TRP B 567 -83.64 4.97 14.62
N PHE B 568 -84.48 3.97 14.91
CA PHE B 568 -84.62 2.81 14.04
C PHE B 568 -85.18 3.25 12.69
N ASN B 569 -85.89 4.37 12.69
CA ASN B 569 -86.50 4.90 11.47
C ASN B 569 -85.45 5.28 10.42
N GLU B 570 -84.26 5.64 10.87
CA GLU B 570 -83.19 6.03 9.95
C GLU B 570 -82.51 4.83 9.32
N THR B 571 -82.84 3.64 9.81
CA THR B 571 -82.25 2.40 9.29
C THR B 571 -83.06 1.84 8.14
N THR B 572 -82.40 1.11 7.25
CA THR B 572 -83.07 0.50 6.11
C THR B 572 -83.85 -0.73 6.55
N TYR B 573 -83.50 -1.23 7.74
CA TYR B 573 -84.17 -2.40 8.31
C TYR B 573 -85.64 -2.07 8.57
N ALA B 574 -85.92 -0.80 8.80
CA ALA B 574 -87.28 -0.35 9.08
C ALA B 574 -88.07 -0.16 7.80
N LYS B 575 -87.37 -0.08 6.67
CA LYS B 575 -88.02 0.10 5.38
C LYS B 575 -88.19 -1.21 4.62
N GLY B 576 -87.91 -2.32 5.31
CA GLY B 576 -88.05 -3.63 4.71
C GLY B 576 -86.91 -4.11 3.85
N ILE B 577 -85.74 -3.49 4.01
CA ILE B 577 -84.57 -3.88 3.22
C ILE B 577 -83.61 -4.73 4.06
N LEU B 578 -83.25 -5.90 3.53
CA LEU B 578 -82.34 -6.81 4.21
C LEU B 578 -80.98 -6.88 3.52
N PRO B 579 -79.95 -7.33 4.24
CA PRO B 579 -78.59 -7.44 3.69
C PRO B 579 -78.54 -8.27 2.41
N ILE B 580 -79.43 -9.24 2.30
CA ILE B 580 -79.49 -10.11 1.14
C ILE B 580 -80.05 -9.40 -0.08
N ASP B 581 -80.42 -8.12 0.09
CA ASP B 581 -80.98 -7.34 -0.99
C ASP B 581 -80.00 -6.31 -1.56
N THR B 582 -79.04 -5.89 -0.73
CA THR B 582 -78.08 -4.89 -1.17
C THR B 582 -76.64 -5.40 -1.32
N TYR B 583 -76.45 -6.71 -1.23
CA TYR B 583 -75.11 -7.26 -1.37
C TYR B 583 -74.67 -7.22 -2.83
N LYS B 584 -73.37 -7.09 -3.04
CA LYS B 584 -72.81 -7.02 -4.39
C LYS B 584 -73.30 -8.22 -5.21
N LYS B 585 -73.87 -7.94 -6.38
CA LYS B 585 -74.39 -8.98 -7.25
C LYS B 585 -73.36 -10.00 -7.72
N ASP B 586 -72.12 -9.55 -7.89
CA ASP B 586 -71.05 -10.44 -8.34
C ASP B 586 -70.77 -11.60 -7.41
N LEU B 587 -71.28 -11.52 -6.18
CA LEU B 587 -71.06 -12.58 -5.19
C LEU B 587 -71.72 -13.91 -5.54
N ASP B 588 -72.58 -13.90 -6.55
CA ASP B 588 -73.27 -15.13 -6.95
C ASP B 588 -72.42 -15.99 -7.88
N THR B 589 -71.32 -15.44 -8.36
CA THR B 589 -70.44 -16.17 -9.28
C THR B 589 -69.41 -17.01 -8.52
N ILE B 590 -69.49 -17.03 -7.20
CA ILE B 590 -68.55 -17.79 -6.40
C ILE B 590 -69.23 -18.58 -5.27
N ALA B 591 -70.56 -18.54 -5.24
CA ALA B 591 -71.31 -19.26 -4.21
C ALA B 591 -72.74 -19.55 -4.65
N ASN B 592 -73.19 -20.78 -4.44
CA ASN B 592 -74.53 -21.19 -4.81
C ASN B 592 -75.32 -21.68 -3.59
N GLU B 593 -74.65 -21.70 -2.44
CA GLU B 593 -75.29 -22.14 -1.20
C GLU B 593 -76.54 -21.31 -0.93
N PRO B 594 -77.73 -21.95 -0.97
CA PRO B 594 -79.00 -21.28 -0.73
C PRO B 594 -79.26 -20.93 0.73
N LEU B 595 -80.13 -19.96 0.95
CA LEU B 595 -80.47 -19.53 2.31
C LEU B 595 -81.16 -20.68 3.05
N HIS B 596 -80.67 -20.98 4.25
CA HIS B 596 -81.21 -22.08 5.05
C HIS B 596 -82.15 -21.60 6.15
N TYR B 597 -82.36 -20.29 6.24
CA TYR B 597 -83.23 -19.73 7.27
C TYR B 597 -84.39 -18.92 6.71
N ASP B 598 -85.50 -18.94 7.45
CA ASP B 598 -86.70 -18.22 7.05
C ASP B 598 -86.50 -16.72 7.23
N TRP B 599 -85.85 -16.08 6.26
CA TRP B 599 -85.61 -14.65 6.32
C TRP B 599 -86.87 -13.84 6.02
N GLU B 600 -87.95 -14.54 5.66
CA GLU B 600 -89.21 -13.87 5.36
C GLU B 600 -90.01 -13.70 6.64
N ALA B 601 -89.91 -14.69 7.52
CA ALA B 601 -90.63 -14.65 8.80
C ALA B 601 -89.95 -13.64 9.71
N LEU B 602 -88.70 -13.32 9.39
CA LEU B 602 -87.92 -12.36 10.17
C LEU B 602 -88.16 -10.96 9.60
N ARG B 603 -88.45 -10.90 8.31
CA ARG B 603 -88.70 -9.63 7.63
C ARG B 603 -89.95 -8.96 8.20
N GLU B 604 -90.83 -9.77 8.77
CA GLU B 604 -92.07 -9.26 9.36
C GLU B 604 -91.92 -8.92 10.84
N SER B 605 -91.46 -9.90 11.62
CA SER B 605 -91.28 -9.71 13.06
C SER B 605 -90.46 -8.46 13.38
N ILE B 606 -89.60 -8.06 12.44
CA ILE B 606 -88.78 -6.87 12.62
C ILE B 606 -89.50 -5.65 12.06
N LYS B 607 -90.26 -5.86 11.01
CA LYS B 607 -91.02 -4.79 10.36
C LYS B 607 -92.10 -4.22 11.27
N THR B 608 -92.53 -5.02 12.25
CA THR B 608 -93.58 -4.60 13.17
C THR B 608 -93.08 -4.22 14.57
N HIS B 609 -92.02 -4.87 15.02
CA HIS B 609 -91.50 -4.59 16.35
C HIS B 609 -90.11 -3.96 16.35
N GLY B 610 -89.53 -3.82 15.16
CA GLY B 610 -88.21 -3.23 15.04
C GLY B 610 -87.10 -4.00 15.74
N LEU B 611 -85.92 -3.40 15.77
CA LEU B 611 -84.75 -4.01 16.39
C LEU B 611 -84.23 -3.13 17.52
N ARG B 612 -83.79 -3.76 18.60
CA ARG B 612 -83.24 -3.04 19.74
C ARG B 612 -81.89 -2.45 19.38
N ASN B 613 -81.24 -3.04 18.37
CA ASN B 613 -79.94 -2.57 17.92
C ASN B 613 -79.95 -2.30 16.42
N SER B 614 -79.38 -1.16 16.02
CA SER B 614 -79.32 -0.79 14.61
C SER B 614 -78.45 -1.77 13.85
N THR B 615 -77.26 -2.02 14.38
CA THR B 615 -76.33 -2.96 13.76
C THR B 615 -75.83 -3.95 14.81
N LEU B 616 -75.67 -5.20 14.42
CA LEU B 616 -75.33 -6.25 15.38
C LEU B 616 -74.05 -7.03 15.08
N SER B 617 -73.68 -7.10 13.81
CA SER B 617 -72.57 -7.95 13.40
C SER B 617 -71.42 -7.21 12.74
N ALA B 618 -70.22 -7.40 13.27
CA ALA B 618 -69.00 -6.91 12.65
C ALA B 618 -67.89 -7.93 12.81
N LEU B 619 -66.97 -7.97 11.86
CA LEU B 619 -65.80 -8.85 11.98
C LEU B 619 -64.55 -8.07 12.35
N MET B 620 -64.21 -8.08 13.63
CA MET B 620 -63.03 -7.37 14.13
C MET B 620 -61.93 -8.34 14.56
N PRO B 621 -60.69 -7.86 14.65
CA PRO B 621 -59.56 -8.70 15.06
C PRO B 621 -59.60 -8.90 16.58
N SER B 622 -59.28 -10.10 17.03
CA SER B 622 -59.29 -10.39 18.46
C SER B 622 -58.01 -11.08 18.93
N GLU B 623 -57.11 -10.30 19.51
CA GLU B 623 -55.85 -10.82 20.01
C GLU B 623 -56.02 -11.38 21.43
N THR B 624 -56.44 -10.51 22.34
CA THR B 624 -56.65 -10.89 23.73
C THR B 624 -57.76 -11.93 23.87
N SER B 625 -58.92 -11.63 23.29
CA SER B 625 -60.08 -12.52 23.34
C SER B 625 -59.73 -13.96 22.96
N SER B 626 -59.35 -14.14 21.70
CA SER B 626 -59.01 -15.46 21.18
C SER B 626 -58.03 -16.23 22.07
N GLN B 627 -57.05 -15.53 22.62
CA GLN B 627 -56.06 -16.17 23.49
C GLN B 627 -56.68 -16.83 24.70
N ILE B 628 -57.58 -16.11 25.37
CA ILE B 628 -58.24 -16.63 26.56
C ILE B 628 -59.04 -17.89 26.24
N SER B 629 -59.36 -18.06 24.97
CA SER B 629 -60.13 -19.22 24.52
C SER B 629 -59.25 -20.18 23.73
N ASN B 630 -57.94 -19.95 23.77
CA ASN B 630 -56.99 -20.79 23.03
C ASN B 630 -57.51 -20.98 21.61
N ALA B 631 -58.14 -19.93 21.09
CA ALA B 631 -58.71 -19.95 19.75
C ALA B 631 -57.85 -19.17 18.77
N THR B 632 -58.20 -19.26 17.49
CA THR B 632 -57.46 -18.54 16.46
C THR B 632 -58.02 -17.13 16.32
N ASN B 633 -57.14 -16.18 16.02
CA ASN B 633 -57.62 -14.83 15.94
C ASN B 633 -58.66 -14.82 14.86
N GLY B 634 -59.81 -14.26 15.21
CA GLY B 634 -60.90 -14.03 14.28
C GLY B 634 -60.94 -14.97 13.09
N ILE B 635 -61.18 -14.43 11.92
CA ILE B 635 -61.25 -15.22 10.69
C ILE B 635 -59.85 -15.46 10.11
N GLU B 636 -58.90 -14.65 10.53
CA GLU B 636 -57.53 -14.76 10.03
C GLU B 636 -56.90 -16.11 10.33
N PRO B 637 -56.21 -16.69 9.33
CA PRO B 637 -55.55 -18.00 9.49
C PRO B 637 -54.26 -17.84 10.30
N PRO B 638 -53.92 -18.84 11.12
CA PRO B 638 -52.71 -18.80 11.94
C PRO B 638 -51.42 -18.87 11.12
N ARG B 639 -50.46 -18.02 11.48
CA ARG B 639 -49.17 -17.99 10.79
C ARG B 639 -48.47 -19.33 10.96
N GLY B 640 -48.38 -19.78 12.21
CA GLY B 640 -47.74 -21.05 12.50
C GLY B 640 -48.46 -21.82 13.58
N TYR B 641 -48.07 -23.07 13.79
CA TYR B 641 -48.69 -23.91 14.80
C TYR B 641 -48.52 -23.31 16.20
N VAL B 642 -47.30 -22.86 16.48
CA VAL B 642 -47.00 -22.24 17.78
C VAL B 642 -46.56 -20.81 17.58
N SER B 643 -47.34 -19.88 18.14
CA SER B 643 -47.03 -18.45 18.01
C SER B 643 -46.32 -17.97 19.28
N ILE B 644 -45.47 -16.95 19.14
CA ILE B 644 -44.73 -16.41 20.26
C ILE B 644 -44.94 -14.89 20.42
N LYS B 645 -44.99 -14.45 21.68
CA LYS B 645 -45.16 -13.03 21.99
C LYS B 645 -44.34 -12.66 23.23
N ALA B 646 -44.21 -11.37 23.49
CA ALA B 646 -43.44 -10.90 24.63
C ALA B 646 -44.35 -10.34 25.73
N SER B 647 -44.13 -10.82 26.95
CA SER B 647 -44.92 -10.39 28.11
C SER B 647 -43.97 -9.80 29.16
N LYS B 648 -44.55 -9.27 30.24
CA LYS B 648 -43.74 -8.69 31.29
C LYS B 648 -43.15 -9.80 32.16
N ASP B 649 -43.69 -11.01 32.00
CA ASP B 649 -43.22 -12.17 32.75
C ASP B 649 -42.22 -12.98 31.95
N GLY B 650 -42.33 -12.91 30.62
CA GLY B 650 -41.42 -13.65 29.77
C GLY B 650 -41.97 -13.91 28.38
N ILE B 651 -41.48 -14.96 27.74
CA ILE B 651 -41.91 -15.33 26.39
C ILE B 651 -43.18 -16.18 26.46
N LEU B 652 -44.13 -15.87 25.59
CA LEU B 652 -45.40 -16.60 25.54
C LEU B 652 -45.51 -17.50 24.32
N ARG B 653 -46.04 -18.70 24.51
CA ARG B 653 -46.23 -19.65 23.42
C ARG B 653 -47.65 -20.22 23.45
N GLN B 654 -48.28 -20.27 22.28
CA GLN B 654 -49.62 -20.81 22.17
C GLN B 654 -49.75 -21.60 20.88
N VAL B 655 -50.17 -22.86 21.01
CA VAL B 655 -50.32 -23.73 19.85
C VAL B 655 -51.75 -23.73 19.33
N VAL B 656 -51.89 -23.91 18.02
CA VAL B 656 -53.21 -23.94 17.40
C VAL B 656 -54.03 -25.04 18.06
N PRO B 657 -55.29 -24.74 18.41
CA PRO B 657 -56.19 -25.71 19.05
C PRO B 657 -56.26 -27.08 18.39
N ASP B 658 -56.09 -28.11 19.21
CA ASP B 658 -56.14 -29.50 18.76
C ASP B 658 -55.18 -29.78 17.60
N TYR B 659 -53.94 -29.34 17.77
CA TYR B 659 -52.89 -29.54 16.75
C TYR B 659 -52.58 -31.03 16.64
N GLU B 660 -52.87 -31.75 17.72
CA GLU B 660 -52.61 -33.18 17.80
C GLU B 660 -53.38 -34.03 16.79
N HIS B 661 -54.49 -33.49 16.27
CA HIS B 661 -55.30 -34.24 15.31
C HIS B 661 -55.59 -33.46 14.03
N LEU B 662 -55.33 -32.15 14.03
CA LEU B 662 -55.60 -31.34 12.86
C LEU B 662 -54.36 -30.65 12.29
N HIS B 663 -53.18 -31.14 12.62
CA HIS B 663 -51.95 -30.54 12.12
C HIS B 663 -51.90 -30.50 10.59
N ASP B 664 -52.48 -31.49 9.94
CA ASP B 664 -52.49 -31.55 8.48
C ASP B 664 -53.77 -30.96 7.90
N ALA B 665 -54.63 -30.44 8.76
CA ALA B 665 -55.89 -29.83 8.33
C ALA B 665 -55.73 -28.32 8.19
N TYR B 666 -54.90 -27.75 9.05
CA TYR B 666 -54.65 -26.31 9.04
C TYR B 666 -53.89 -25.86 7.79
N GLU B 667 -53.97 -24.57 7.50
CA GLU B 667 -53.28 -23.98 6.37
C GLU B 667 -52.63 -22.68 6.81
N LEU B 668 -51.37 -22.77 7.23
CA LEU B 668 -50.64 -21.61 7.71
C LEU B 668 -50.65 -20.46 6.72
N LEU B 669 -50.68 -19.25 7.25
CA LEU B 669 -50.71 -18.02 6.47
C LEU B 669 -49.80 -18.03 5.24
N TRP B 670 -48.54 -18.41 5.44
CA TRP B 670 -47.57 -18.42 4.36
C TRP B 670 -47.62 -19.65 3.47
N GLU B 671 -48.58 -20.54 3.72
CA GLU B 671 -48.73 -21.73 2.90
C GLU B 671 -49.68 -21.41 1.76
N MET B 672 -50.30 -20.23 1.84
CA MET B 672 -51.24 -19.79 0.81
C MET B 672 -50.49 -19.23 -0.39
N PRO B 673 -50.79 -19.75 -1.59
CA PRO B 673 -50.16 -19.31 -2.84
C PRO B 673 -50.42 -17.83 -3.12
N GLY B 674 -51.60 -17.36 -2.74
CA GLY B 674 -51.95 -15.96 -2.95
C GLY B 674 -53.00 -15.46 -2.00
N ASN B 675 -53.72 -14.41 -2.40
CA ASN B 675 -54.76 -13.82 -1.57
C ASN B 675 -56.15 -14.04 -2.15
N ASP B 676 -56.23 -14.70 -3.31
CA ASP B 676 -57.50 -14.96 -3.97
C ASP B 676 -58.54 -15.56 -3.02
N GLY B 677 -58.27 -16.78 -2.56
CA GLY B 677 -59.19 -17.44 -1.65
C GLY B 677 -59.61 -16.60 -0.47
N TYR B 678 -58.64 -16.05 0.24
CA TYR B 678 -58.91 -15.21 1.40
C TYR B 678 -59.91 -14.11 1.08
N LEU B 679 -59.72 -13.44 -0.05
CA LEU B 679 -60.62 -12.36 -0.46
C LEU B 679 -62.04 -12.86 -0.69
N GLN B 680 -62.18 -13.99 -1.38
CA GLN B 680 -63.49 -14.56 -1.65
C GLN B 680 -64.25 -14.85 -0.36
N LEU B 681 -63.57 -15.48 0.60
CA LEU B 681 -64.20 -15.80 1.88
C LEU B 681 -64.62 -14.53 2.58
N VAL B 682 -63.74 -13.53 2.57
CA VAL B 682 -64.02 -12.25 3.21
C VAL B 682 -65.21 -11.59 2.51
N GLY B 683 -65.24 -11.69 1.19
CA GLY B 683 -66.32 -11.10 0.42
C GLY B 683 -67.65 -11.74 0.77
N ILE B 684 -67.64 -13.05 0.99
CA ILE B 684 -68.84 -13.78 1.34
C ILE B 684 -69.36 -13.34 2.70
N MET B 685 -68.44 -13.08 3.61
CA MET B 685 -68.79 -12.64 4.96
C MET B 685 -69.46 -11.27 4.96
N GLN B 686 -68.95 -10.38 4.10
CA GLN B 686 -69.48 -9.03 4.00
C GLN B 686 -70.96 -9.03 3.65
N LYS B 687 -71.39 -10.04 2.91
CA LYS B 687 -72.79 -10.14 2.50
C LYS B 687 -73.74 -10.20 3.70
N PHE B 688 -73.28 -10.84 4.76
CA PHE B 688 -74.10 -11.06 5.94
C PHE B 688 -73.65 -10.23 7.14
N ILE B 689 -72.68 -9.35 6.92
CA ILE B 689 -72.14 -8.57 8.02
C ILE B 689 -72.53 -7.10 7.93
N ASP B 690 -73.16 -6.61 8.98
CA ASP B 690 -73.54 -5.21 9.08
C ASP B 690 -72.31 -4.32 9.07
N GLN B 691 -71.27 -4.76 9.77
CA GLN B 691 -70.07 -3.94 9.95
C GLN B 691 -68.86 -4.47 9.20
N SER B 692 -67.97 -3.56 8.81
CA SER B 692 -66.81 -3.87 7.98
C SER B 692 -65.82 -4.83 8.64
N ILE B 693 -65.24 -5.70 7.83
CA ILE B 693 -64.30 -6.73 8.27
C ILE B 693 -62.87 -6.20 8.24
N SER B 694 -62.04 -6.68 9.15
CA SER B 694 -60.64 -6.26 9.22
C SER B 694 -59.77 -7.27 8.48
N ALA B 695 -59.79 -7.22 7.16
CA ALA B 695 -59.01 -8.14 6.33
C ALA B 695 -57.61 -7.61 6.02
N ASN B 696 -56.60 -8.46 6.20
CA ASN B 696 -55.22 -8.06 5.93
C ASN B 696 -54.78 -8.58 4.56
N THR B 697 -53.76 -7.92 4.01
CA THR B 697 -53.21 -8.31 2.72
C THR B 697 -51.83 -8.90 2.91
N ASN B 698 -51.72 -10.21 2.71
CA ASN B 698 -50.46 -10.92 2.90
C ASN B 698 -49.68 -11.08 1.59
N TYR B 699 -48.36 -11.05 1.70
CA TYR B 699 -47.49 -11.19 0.53
C TYR B 699 -46.15 -11.83 0.91
N ASP B 700 -45.70 -12.76 0.08
CA ASP B 700 -44.45 -13.46 0.32
C ASP B 700 -43.46 -13.17 -0.82
N PRO B 701 -42.45 -12.33 -0.55
CA PRO B 701 -41.44 -11.98 -1.56
C PRO B 701 -40.76 -13.20 -2.17
N SER B 702 -40.74 -14.30 -1.42
CA SER B 702 -40.10 -15.54 -1.87
C SER B 702 -40.80 -16.14 -3.09
N ARG B 703 -42.07 -15.78 -3.28
CA ARG B 703 -42.85 -16.29 -4.40
C ARG B 703 -42.80 -15.37 -5.62
N PHE B 704 -42.00 -14.30 -5.53
CA PHE B 704 -41.90 -13.35 -6.64
C PHE B 704 -40.50 -13.25 -7.22
N PRO B 705 -40.41 -13.02 -8.54
CA PRO B 705 -39.12 -12.90 -9.24
C PRO B 705 -38.24 -11.81 -8.64
N SER B 706 -37.01 -12.18 -8.29
CA SER B 706 -36.06 -11.24 -7.70
C SER B 706 -36.51 -10.78 -6.32
N GLY B 707 -37.47 -11.51 -5.74
CA GLY B 707 -37.97 -11.18 -4.43
C GLY B 707 -38.51 -9.77 -4.30
N LYS B 708 -39.31 -9.35 -5.27
CA LYS B 708 -39.89 -8.01 -5.26
C LYS B 708 -41.36 -8.05 -5.71
N VAL B 709 -42.25 -7.68 -4.79
CA VAL B 709 -43.67 -7.67 -5.05
C VAL B 709 -44.03 -6.67 -6.16
N PRO B 710 -44.60 -7.17 -7.28
CA PRO B 710 -44.98 -6.32 -8.40
C PRO B 710 -46.23 -5.49 -8.10
N MET B 711 -46.25 -4.26 -8.59
CA MET B 711 -47.39 -3.37 -8.38
C MET B 711 -48.59 -3.85 -9.19
N GLN B 712 -48.33 -4.70 -10.17
CA GLN B 712 -49.37 -5.25 -11.03
C GLN B 712 -50.24 -6.22 -10.23
N GLN B 713 -49.66 -6.77 -9.16
CA GLN B 713 -50.36 -7.72 -8.30
C GLN B 713 -51.02 -7.03 -7.12
N LEU B 714 -50.45 -5.91 -6.69
CA LEU B 714 -51.00 -5.16 -5.56
C LEU B 714 -52.33 -4.52 -5.93
N LEU B 715 -52.48 -4.16 -7.20
CA LEU B 715 -53.71 -3.55 -7.68
C LEU B 715 -54.69 -4.64 -8.10
N LYS B 716 -54.15 -5.67 -8.74
CA LYS B 716 -54.94 -6.80 -9.21
C LYS B 716 -55.79 -7.38 -8.08
N ASP B 717 -55.25 -7.39 -6.87
CA ASP B 717 -55.96 -7.92 -5.71
C ASP B 717 -56.94 -6.90 -5.14
N LEU B 718 -56.53 -5.64 -5.10
CA LEU B 718 -57.37 -4.58 -4.58
C LEU B 718 -58.67 -4.47 -5.36
N LEU B 719 -58.58 -4.70 -6.67
CA LEU B 719 -59.74 -4.65 -7.54
C LEU B 719 -60.69 -5.80 -7.25
N THR B 720 -60.12 -6.97 -6.97
CA THR B 720 -60.91 -8.16 -6.66
C THR B 720 -61.69 -7.97 -5.37
N ALA B 721 -61.06 -7.33 -4.38
CA ALA B 721 -61.69 -7.08 -3.10
C ALA B 721 -63.00 -6.30 -3.28
N TYR B 722 -62.92 -5.21 -4.04
CA TYR B 722 -64.08 -4.37 -4.30
C TYR B 722 -65.16 -5.14 -5.06
N LYS B 723 -64.73 -5.89 -6.06
CA LYS B 723 -65.65 -6.67 -6.90
C LYS B 723 -66.54 -7.61 -6.09
N PHE B 724 -66.09 -7.98 -4.90
CA PHE B 724 -66.86 -8.90 -4.06
C PHE B 724 -67.51 -8.25 -2.84
N GLY B 725 -67.66 -6.93 -2.88
CA GLY B 725 -68.30 -6.22 -1.79
C GLY B 725 -67.47 -5.94 -0.54
N VAL B 726 -66.18 -6.23 -0.58
CA VAL B 726 -65.33 -5.98 0.58
C VAL B 726 -65.47 -4.52 1.01
N LYS B 727 -65.54 -4.29 2.31
CA LYS B 727 -65.71 -2.93 2.83
C LYS B 727 -64.40 -2.23 3.20
N THR B 728 -63.52 -2.91 3.92
CA THR B 728 -62.25 -2.31 4.32
C THR B 728 -61.07 -3.26 4.28
N LEU B 729 -59.87 -2.68 4.21
CA LEU B 729 -58.62 -3.43 4.17
C LEU B 729 -57.73 -2.95 5.31
N TYR B 730 -57.30 -3.89 6.16
CA TYR B 730 -56.47 -3.55 7.31
C TYR B 730 -54.98 -3.69 6.98
N TYR B 731 -54.20 -4.18 7.93
CA TYR B 731 -52.76 -4.35 7.76
C TYR B 731 -52.33 -4.97 6.43
N GLN B 732 -51.05 -4.82 6.12
CA GLN B 732 -50.46 -5.37 4.90
C GLN B 732 -49.13 -6.00 5.30
N ASN B 733 -49.21 -7.21 5.85
CA ASN B 733 -48.03 -7.93 6.31
C ASN B 733 -47.12 -8.39 5.18
N THR B 734 -45.82 -8.19 5.36
CA THR B 734 -44.82 -8.58 4.36
C THR B 734 -43.76 -9.42 5.08
N ARG B 735 -43.90 -10.74 4.98
CA ARG B 735 -42.98 -11.67 5.62
C ARG B 735 -41.51 -11.32 5.52
N ASP B 736 -40.76 -11.67 6.56
CA ASP B 736 -39.33 -11.43 6.62
C ASP B 736 -38.63 -12.74 6.99
N GLY B 737 -38.80 -13.75 6.13
CA GLY B 737 -38.18 -15.05 6.39
C GLY B 737 -36.68 -14.96 6.55
N LEU C 6 17.99 -64.45 -19.65
CA LEU C 6 18.69 -64.03 -20.86
C LEU C 6 20.09 -63.51 -20.54
N VAL C 7 20.74 -64.14 -19.57
CA VAL C 7 22.08 -63.75 -19.17
C VAL C 7 23.09 -63.96 -20.31
N THR C 8 24.03 -63.03 -20.44
CA THR C 8 25.06 -63.12 -21.47
C THR C 8 26.43 -63.33 -20.87
N LYS C 9 27.16 -64.32 -21.38
CA LYS C 9 28.49 -64.63 -20.89
C LYS C 9 29.60 -63.91 -21.65
N ARG C 10 30.83 -64.00 -21.13
CA ARG C 10 31.99 -63.36 -21.73
C ARG C 10 32.07 -63.53 -23.24
N ASP C 11 31.70 -64.71 -23.72
CA ASP C 11 31.77 -64.99 -25.16
C ASP C 11 30.45 -64.65 -25.86
N GLY C 12 29.61 -63.86 -25.21
CA GLY C 12 28.35 -63.47 -25.82
C GLY C 12 27.33 -64.58 -25.98
N SER C 13 27.65 -65.77 -25.47
CA SER C 13 26.73 -66.90 -25.58
C SER C 13 25.64 -66.80 -24.52
N THR C 14 24.40 -66.67 -24.98
CA THR C 14 23.25 -66.54 -24.09
C THR C 14 23.04 -67.76 -23.20
N GLU C 15 22.44 -67.53 -22.04
CA GLU C 15 22.15 -68.60 -21.08
C GLU C 15 21.24 -68.07 -19.97
N ARG C 16 20.49 -68.96 -19.35
CA ARG C 16 19.55 -68.60 -18.29
C ARG C 16 20.23 -68.20 -16.98
N ILE C 17 19.42 -67.64 -16.06
CA ILE C 17 19.93 -67.21 -14.76
C ILE C 17 19.79 -68.30 -13.70
N ASN C 18 20.79 -68.40 -12.83
CA ASN C 18 20.80 -69.37 -11.75
C ASN C 18 21.30 -68.66 -10.50
N LEU C 19 20.36 -68.16 -9.71
CA LEU C 19 20.67 -67.42 -8.50
C LEU C 19 21.59 -68.13 -7.50
N ASP C 20 21.85 -69.41 -7.70
CA ASP C 20 22.73 -70.15 -6.81
C ASP C 20 24.19 -69.86 -7.13
N LYS C 21 24.48 -69.69 -8.42
CA LYS C 21 25.83 -69.40 -8.86
C LYS C 21 26.32 -68.15 -8.16
N ILE C 22 25.49 -67.11 -8.17
CA ILE C 22 25.82 -65.85 -7.52
C ILE C 22 26.00 -66.08 -6.02
N HIS C 23 25.10 -66.86 -5.45
CA HIS C 23 25.14 -67.16 -4.03
C HIS C 23 26.51 -67.73 -3.64
N ARG C 24 26.86 -68.87 -4.25
CA ARG C 24 28.14 -69.52 -3.95
C ARG C 24 29.28 -68.49 -3.95
N VAL C 25 29.28 -67.61 -4.94
CA VAL C 25 30.31 -66.58 -5.04
C VAL C 25 30.36 -65.76 -3.75
N LEU C 26 29.23 -65.15 -3.41
CA LEU C 26 29.13 -64.34 -2.21
C LEU C 26 29.51 -65.18 -0.99
N ASP C 27 28.84 -66.31 -0.82
CA ASP C 27 29.10 -67.20 0.30
C ASP C 27 30.59 -67.42 0.45
N TRP C 28 31.27 -67.63 -0.68
CA TRP C 28 32.71 -67.85 -0.71
C TRP C 28 33.48 -66.62 -0.25
N ALA C 29 33.02 -65.45 -0.66
CA ALA C 29 33.67 -64.19 -0.32
C ALA C 29 33.38 -63.73 1.10
N ALA C 30 32.37 -64.31 1.73
CA ALA C 30 32.00 -63.94 3.09
C ALA C 30 32.74 -64.76 4.14
N GLU C 31 33.34 -65.86 3.70
CA GLU C 31 34.08 -66.75 4.59
C GLU C 31 35.02 -66.03 5.56
N GLY C 32 34.83 -66.28 6.85
CA GLY C 32 35.66 -65.67 7.88
C GLY C 32 35.34 -64.23 8.23
N LEU C 33 34.18 -63.75 7.79
CA LEU C 33 33.78 -62.38 8.07
C LEU C 33 32.57 -62.33 9.00
N HIS C 34 32.67 -61.53 10.06
CA HIS C 34 31.57 -61.40 11.02
C HIS C 34 30.66 -60.23 10.68
N ASN C 35 29.44 -60.27 11.21
CA ASN C 35 28.53 -59.15 11.03
C ASN C 35 28.39 -58.84 9.55
N VAL C 36 28.41 -59.88 8.72
CA VAL C 36 28.18 -59.70 7.30
C VAL C 36 27.00 -60.58 6.88
N SER C 37 26.16 -60.06 6.00
CA SER C 37 24.99 -60.79 5.55
C SER C 37 24.89 -60.88 4.04
N ILE C 38 24.75 -62.10 3.52
CA ILE C 38 24.63 -62.32 2.09
C ILE C 38 23.34 -61.67 1.59
N SER C 39 22.27 -61.89 2.35
CA SER C 39 20.95 -61.34 2.01
C SER C 39 21.04 -59.84 1.74
N GLN C 40 21.60 -59.10 2.69
CA GLN C 40 21.73 -57.65 2.55
C GLN C 40 22.29 -57.28 1.19
N VAL C 41 23.51 -57.74 0.90
CA VAL C 41 24.15 -57.45 -0.37
C VAL C 41 23.22 -57.72 -1.54
N GLU C 42 22.28 -58.65 -1.35
CA GLU C 42 21.33 -59.01 -2.39
C GLU C 42 20.18 -58.01 -2.45
N LEU C 43 19.73 -57.55 -1.27
CA LEU C 43 18.64 -56.60 -1.19
C LEU C 43 19.16 -55.16 -1.25
N ARG C 44 20.45 -54.99 -1.00
CA ARG C 44 21.07 -53.68 -1.04
C ARG C 44 21.48 -53.30 -2.46
N SER C 45 21.67 -54.31 -3.31
CA SER C 45 22.05 -54.08 -4.69
C SER C 45 20.87 -53.57 -5.52
N HIS C 46 19.69 -54.09 -5.23
CA HIS C 46 18.49 -53.70 -5.93
C HIS C 46 18.83 -54.02 -7.36
N ILE C 47 19.55 -55.12 -7.55
CA ILE C 47 20.05 -55.42 -8.88
C ILE C 47 18.83 -55.56 -9.75
N GLN C 48 18.87 -54.94 -10.92
CA GLN C 48 17.73 -54.96 -11.80
C GLN C 48 17.97 -55.76 -13.06
N PHE C 49 17.42 -56.97 -13.11
CA PHE C 49 17.61 -57.86 -14.25
C PHE C 49 16.83 -57.36 -15.46
N TYR C 50 17.33 -57.69 -16.65
CA TYR C 50 16.55 -57.57 -17.87
C TYR C 50 17.05 -58.61 -18.86
N ASP C 51 16.24 -58.95 -19.85
CA ASP C 51 16.72 -59.91 -20.79
C ASP C 51 17.98 -59.24 -21.27
N GLY C 52 19.08 -60.01 -21.29
CA GLY C 52 20.32 -59.61 -21.92
C GLY C 52 21.40 -58.91 -21.13
N ILE C 53 21.24 -58.80 -19.80
CA ILE C 53 22.31 -58.28 -18.96
C ILE C 53 23.53 -59.21 -18.98
N LYS C 54 24.72 -58.62 -19.01
CA LYS C 54 25.98 -59.37 -18.96
C LYS C 54 26.36 -59.85 -17.56
N THR C 55 27.16 -60.91 -17.48
CA THR C 55 27.67 -61.39 -16.20
C THR C 55 28.67 -60.39 -15.60
N SER C 56 29.34 -59.64 -16.48
CA SER C 56 30.31 -58.65 -16.03
C SER C 56 29.64 -57.54 -15.24
N ASP C 57 28.49 -57.08 -15.73
CA ASP C 57 27.73 -56.05 -15.05
C ASP C 57 27.25 -56.54 -13.69
N ILE C 58 26.90 -57.82 -13.63
CA ILE C 58 26.48 -58.44 -12.37
C ILE C 58 27.56 -58.29 -11.32
N HIS C 59 28.82 -58.20 -11.78
CA HIS C 59 29.95 -58.03 -10.87
C HIS C 59 29.97 -56.61 -10.31
N GLU C 60 29.92 -55.65 -11.21
CA GLU C 60 29.95 -54.23 -10.85
C GLU C 60 28.82 -53.88 -9.89
N THR C 61 27.71 -54.60 -10.00
CA THR C 61 26.54 -54.36 -9.15
C THR C 61 26.74 -54.93 -7.74
N ILE C 62 27.13 -56.19 -7.66
CA ILE C 62 27.34 -56.84 -6.37
C ILE C 62 28.49 -56.21 -5.60
N ILE C 63 29.57 -55.90 -6.31
CA ILE C 63 30.74 -55.27 -5.70
C ILE C 63 30.36 -53.92 -5.12
N LYS C 64 29.47 -53.21 -5.82
CA LYS C 64 29.02 -51.90 -5.35
C LYS C 64 28.14 -52.03 -4.13
N ALA C 65 27.19 -52.96 -4.18
CA ALA C 65 26.27 -53.20 -3.07
C ALA C 65 27.03 -53.52 -1.79
N ALA C 66 27.92 -54.50 -1.88
CA ALA C 66 28.71 -54.92 -0.73
C ALA C 66 29.59 -53.77 -0.24
N ALA C 67 30.16 -53.02 -1.18
CA ALA C 67 31.03 -51.90 -0.86
C ALA C 67 30.32 -50.84 -0.03
N ASP C 68 29.07 -50.55 -0.37
CA ASP C 68 28.29 -49.55 0.35
C ASP C 68 27.87 -50.01 1.74
N LEU C 69 28.30 -51.21 2.12
CA LEU C 69 27.95 -51.76 3.43
C LEU C 69 29.11 -51.59 4.41
N ILE C 70 30.15 -50.89 3.98
CA ILE C 70 31.32 -50.66 4.83
C ILE C 70 30.95 -49.70 5.95
N SER C 71 30.80 -50.23 7.15
CA SER C 71 30.45 -49.42 8.32
C SER C 71 31.32 -49.78 9.51
N ARG C 72 31.32 -48.92 10.51
CA ARG C 72 32.10 -49.15 11.72
C ARG C 72 31.54 -50.40 12.40
N ASP C 73 30.22 -50.52 12.37
CA ASP C 73 29.53 -51.65 12.98
C ASP C 73 29.86 -52.95 12.24
N ALA C 74 30.26 -52.82 10.97
CA ALA C 74 30.60 -53.97 10.15
C ALA C 74 31.80 -53.65 9.27
N PRO C 75 33.02 -53.75 9.83
CA PRO C 75 34.27 -53.48 9.12
C PRO C 75 34.74 -54.59 8.17
N ASP C 76 34.26 -55.80 8.38
CA ASP C 76 34.66 -56.93 7.53
C ASP C 76 34.19 -56.82 6.09
N TYR C 77 33.25 -55.90 5.83
CA TYR C 77 32.76 -55.72 4.47
C TYR C 77 33.88 -55.13 3.63
N GLN C 78 34.95 -54.70 4.31
CA GLN C 78 36.11 -54.11 3.68
C GLN C 78 36.84 -55.17 2.84
N TYR C 79 36.89 -56.39 3.38
CA TYR C 79 37.56 -57.49 2.70
C TYR C 79 36.59 -58.33 1.88
N LEU C 80 35.30 -58.22 2.20
CA LEU C 80 34.28 -58.98 1.46
C LEU C 80 34.10 -58.41 0.07
N ALA C 81 33.97 -57.09 -0.01
CA ALA C 81 33.80 -56.42 -1.30
C ALA C 81 35.12 -56.40 -2.06
N ALA C 82 36.22 -56.41 -1.32
CA ALA C 82 37.55 -56.39 -1.91
C ALA C 82 37.85 -57.72 -2.60
N ARG C 83 37.35 -58.81 -2.01
CA ARG C 83 37.56 -60.14 -2.56
C ARG C 83 36.73 -60.33 -3.83
N LEU C 84 35.54 -59.74 -3.86
CA LEU C 84 34.67 -59.84 -5.01
C LEU C 84 35.23 -58.97 -6.13
N ALA C 85 36.05 -58.00 -5.74
CA ALA C 85 36.68 -57.10 -6.70
C ALA C 85 37.90 -57.77 -7.31
N ILE C 86 38.74 -58.35 -6.44
CA ILE C 86 39.94 -59.05 -6.89
C ILE C 86 39.54 -60.24 -7.76
N PHE C 87 38.33 -60.75 -7.51
CA PHE C 87 37.82 -61.89 -8.27
C PHE C 87 37.51 -61.44 -9.69
N HIS C 88 36.73 -60.37 -9.82
CA HIS C 88 36.36 -59.83 -11.12
C HIS C 88 37.61 -59.43 -11.90
N LEU C 89 38.63 -58.96 -11.18
CA LEU C 89 39.87 -58.54 -11.82
C LEU C 89 40.63 -59.73 -12.41
N ARG C 90 40.84 -60.77 -11.59
CA ARG C 90 41.53 -61.96 -12.03
C ARG C 90 40.91 -62.50 -13.32
N LYS C 91 39.58 -62.58 -13.33
CA LYS C 91 38.85 -63.08 -14.49
C LYS C 91 38.89 -62.11 -15.67
N LYS C 92 39.17 -60.84 -15.36
CA LYS C 92 39.22 -59.80 -16.39
C LYS C 92 40.60 -59.68 -17.04
N ALA C 93 41.61 -60.30 -16.44
CA ALA C 93 42.96 -60.22 -16.96
C ALA C 93 43.54 -61.58 -17.38
N TYR C 94 42.90 -62.65 -16.95
CA TYR C 94 43.38 -63.99 -17.29
C TYR C 94 42.31 -64.87 -17.93
N GLY C 95 41.06 -64.41 -17.87
CA GLY C 95 39.97 -65.18 -18.45
C GLY C 95 39.42 -66.15 -17.42
N GLN C 96 40.15 -66.33 -16.33
CA GLN C 96 39.76 -67.22 -15.25
C GLN C 96 40.34 -66.71 -13.94
N PHE C 97 40.04 -67.40 -12.84
CA PHE C 97 40.54 -66.99 -11.53
C PHE C 97 42.03 -67.30 -11.40
N GLU C 98 42.41 -68.54 -11.64
CA GLU C 98 43.78 -68.97 -11.41
C GLU C 98 44.78 -68.22 -12.28
N PRO C 99 45.92 -67.87 -11.67
CA PRO C 99 46.97 -67.07 -12.34
C PRO C 99 47.73 -67.81 -13.43
N PRO C 100 48.11 -67.08 -14.48
CA PRO C 100 48.95 -67.60 -15.56
C PRO C 100 50.41 -67.76 -15.14
N ALA C 101 51.15 -68.62 -15.84
CA ALA C 101 52.55 -68.84 -15.54
C ALA C 101 53.36 -67.56 -15.71
N LEU C 102 54.33 -67.34 -14.84
CA LEU C 102 55.05 -66.07 -14.79
C LEU C 102 55.84 -65.81 -16.06
N TYR C 103 56.42 -66.87 -16.63
CA TYR C 103 57.21 -66.75 -17.84
C TYR C 103 56.33 -66.48 -19.05
N ASP C 104 55.23 -67.23 -19.16
CA ASP C 104 54.30 -67.06 -20.28
C ASP C 104 53.63 -65.69 -20.22
N HIS C 105 53.48 -65.18 -19.00
CA HIS C 105 52.86 -63.87 -18.81
C HIS C 105 53.76 -62.76 -19.31
N VAL C 106 54.96 -62.68 -18.75
CA VAL C 106 55.92 -61.66 -19.14
C VAL C 106 56.15 -61.66 -20.65
N VAL C 107 56.25 -62.86 -21.22
CA VAL C 107 56.46 -63.02 -22.65
C VAL C 107 55.34 -62.36 -23.44
N LYS C 108 54.11 -62.81 -23.20
CA LYS C 108 52.94 -62.28 -23.88
C LYS C 108 52.83 -60.76 -23.72
N MET C 109 53.19 -60.26 -22.54
CA MET C 109 53.12 -58.83 -22.27
C MET C 109 54.16 -58.05 -23.06
N VAL C 110 55.38 -58.56 -23.10
CA VAL C 110 56.45 -57.90 -23.84
C VAL C 110 56.10 -57.81 -25.32
N GLU C 111 55.36 -58.80 -25.81
CA GLU C 111 54.96 -58.82 -27.21
C GLU C 111 53.87 -57.79 -27.47
N MET C 112 52.99 -57.60 -26.49
CA MET C 112 51.91 -56.64 -26.61
C MET C 112 52.40 -55.21 -26.43
N GLY C 113 53.68 -55.08 -26.06
CA GLY C 113 54.26 -53.76 -25.86
C GLY C 113 53.84 -53.11 -24.56
N LYS C 114 53.43 -53.92 -23.58
CA LYS C 114 53.01 -53.40 -22.29
C LYS C 114 54.16 -53.47 -21.29
N TYR C 115 54.96 -54.53 -21.39
CA TYR C 115 56.11 -54.72 -20.51
C TYR C 115 57.38 -54.31 -21.23
N ASP C 116 58.40 -53.94 -20.47
CA ASP C 116 59.68 -53.52 -21.05
C ASP C 116 60.43 -54.76 -21.53
N ASN C 117 60.81 -54.76 -22.80
CA ASN C 117 61.54 -55.88 -23.39
C ASN C 117 62.88 -56.16 -22.72
N HIS C 118 63.26 -55.32 -21.78
CA HIS C 118 64.53 -55.48 -21.07
C HIS C 118 64.47 -56.62 -20.07
N LEU C 119 63.26 -56.94 -19.60
CA LEU C 119 63.07 -58.02 -18.62
C LEU C 119 63.54 -59.36 -19.17
N LEU C 120 63.14 -59.66 -20.40
CA LEU C 120 63.53 -60.93 -21.03
C LEU C 120 65.04 -61.01 -21.26
N GLU C 121 65.66 -59.87 -21.53
CA GLU C 121 67.09 -59.84 -21.77
C GLU C 121 67.92 -59.88 -20.50
N ASP C 122 67.33 -59.44 -19.38
CA ASP C 122 68.04 -59.45 -18.11
C ASP C 122 67.90 -60.78 -17.37
N TYR C 123 66.73 -61.39 -17.49
CA TYR C 123 66.46 -62.66 -16.83
C TYR C 123 66.19 -63.79 -17.82
N THR C 124 66.68 -64.98 -17.50
CA THR C 124 66.50 -66.14 -18.35
C THR C 124 65.18 -66.83 -18.01
N GLU C 125 64.80 -67.81 -18.81
CA GLU C 125 63.56 -68.55 -18.59
C GLU C 125 63.64 -69.28 -17.24
N GLU C 126 64.85 -69.66 -16.86
CA GLU C 126 65.08 -70.36 -15.60
C GLU C 126 64.95 -69.42 -14.41
N GLU C 127 65.52 -68.22 -14.53
CA GLU C 127 65.46 -67.24 -13.46
C GLU C 127 64.03 -66.79 -13.20
N PHE C 128 63.22 -66.78 -14.26
CA PHE C 128 61.82 -66.38 -14.12
C PHE C 128 61.00 -67.46 -13.40
N LYS C 129 61.25 -68.72 -13.75
CA LYS C 129 60.54 -69.82 -13.13
C LYS C 129 60.87 -69.88 -11.64
N GLN C 130 62.09 -69.50 -11.29
CA GLN C 130 62.54 -69.51 -9.91
C GLN C 130 61.86 -68.40 -9.11
N MET C 131 61.65 -67.25 -9.76
CA MET C 131 60.98 -66.13 -9.09
C MET C 131 59.50 -66.42 -8.97
N ASP C 132 59.02 -67.34 -9.80
CA ASP C 132 57.61 -67.72 -9.80
C ASP C 132 57.25 -68.37 -8.46
N THR C 133 58.26 -68.88 -7.76
CA THR C 133 58.06 -69.53 -6.48
C THR C 133 57.98 -68.52 -5.34
N PHE C 134 58.54 -67.34 -5.54
CA PHE C 134 58.53 -66.30 -4.52
C PHE C 134 57.13 -65.71 -4.38
N ILE C 135 56.45 -65.55 -5.51
CA ILE C 135 55.10 -64.99 -5.53
C ILE C 135 54.07 -65.81 -4.75
N ASP C 136 53.20 -65.10 -4.02
CA ASP C 136 52.15 -65.73 -3.24
C ASP C 136 50.83 -65.10 -3.68
N HIS C 137 50.21 -65.69 -4.69
CA HIS C 137 48.95 -65.18 -5.23
C HIS C 137 47.79 -65.09 -4.24
N ASP C 138 47.94 -65.71 -3.07
CA ASP C 138 46.87 -65.67 -2.07
C ASP C 138 46.88 -64.37 -1.27
N ARG C 139 47.97 -63.61 -1.39
CA ARG C 139 48.08 -62.35 -0.66
C ARG C 139 47.14 -61.30 -1.25
N ASP C 140 46.53 -61.62 -2.38
CA ASP C 140 45.60 -60.70 -3.02
C ASP C 140 44.27 -60.65 -2.28
N MET C 141 44.15 -61.50 -1.24
CA MET C 141 42.95 -61.55 -0.44
C MET C 141 43.07 -60.73 0.84
N THR C 142 44.25 -60.14 1.05
CA THR C 142 44.50 -59.34 2.24
C THR C 142 44.32 -57.86 1.92
N PHE C 143 43.82 -57.57 0.71
CA PHE C 143 43.60 -56.19 0.28
C PHE C 143 42.29 -55.61 0.80
N SER C 144 42.32 -54.33 1.14
CA SER C 144 41.14 -53.63 1.62
C SER C 144 40.44 -53.12 0.36
N TYR C 145 39.12 -53.00 0.41
CA TYR C 145 38.36 -52.54 -0.75
C TYR C 145 38.96 -51.27 -1.34
N ALA C 146 39.29 -50.32 -0.49
CA ALA C 146 39.87 -49.05 -0.92
C ALA C 146 41.20 -49.30 -1.65
N ALA C 147 41.93 -50.30 -1.19
CA ALA C 147 43.21 -50.66 -1.79
C ALA C 147 43.02 -51.16 -3.22
N VAL C 148 42.23 -52.22 -3.35
CA VAL C 148 41.96 -52.81 -4.66
C VAL C 148 41.51 -51.74 -5.66
N LYS C 149 40.54 -50.93 -5.24
CA LYS C 149 40.03 -49.86 -6.09
C LYS C 149 41.17 -48.96 -6.57
N GLN C 150 42.04 -48.58 -5.64
CA GLN C 150 43.18 -47.73 -5.96
C GLN C 150 44.11 -48.41 -6.96
N LEU C 151 44.28 -49.72 -6.80
CA LEU C 151 45.14 -50.49 -7.69
C LEU C 151 44.55 -50.54 -9.09
N GLU C 152 43.36 -51.12 -9.19
CA GLU C 152 42.65 -51.25 -10.47
C GLU C 152 42.45 -49.91 -11.16
N GLY C 153 42.39 -48.84 -10.38
CA GLY C 153 42.25 -47.51 -10.92
C GLY C 153 43.43 -46.97 -11.71
N LYS C 154 44.61 -47.02 -11.11
CA LYS C 154 45.84 -46.61 -11.78
C LYS C 154 46.97 -47.65 -11.75
N TYR C 155 47.05 -48.40 -10.65
CA TYR C 155 48.21 -49.25 -10.38
C TYR C 155 48.46 -50.39 -11.38
N LEU C 156 47.39 -51.08 -11.76
CA LEU C 156 47.51 -52.21 -12.68
C LEU C 156 47.78 -51.72 -14.10
N VAL C 157 48.57 -52.48 -14.86
CA VAL C 157 48.74 -52.16 -16.27
C VAL C 157 47.43 -52.46 -16.98
N GLN C 158 46.84 -51.45 -17.62
CA GLN C 158 45.57 -51.63 -18.30
C GLN C 158 45.48 -50.83 -19.60
N ASN C 159 44.46 -51.13 -20.39
CA ASN C 159 44.24 -50.43 -21.65
C ASN C 159 43.19 -49.34 -21.40
N ARG C 160 43.67 -48.11 -21.23
CA ARG C 160 42.79 -46.98 -20.95
C ARG C 160 41.66 -46.81 -21.97
N VAL C 161 41.90 -47.26 -23.20
CA VAL C 161 40.91 -47.13 -24.27
C VAL C 161 39.83 -48.21 -24.18
N THR C 162 40.24 -49.47 -24.22
CA THR C 162 39.30 -50.59 -24.17
C THR C 162 38.83 -50.88 -22.74
N GLY C 163 39.67 -50.53 -21.77
CA GLY C 163 39.35 -50.76 -20.38
C GLY C 163 39.87 -52.10 -19.89
N GLU C 164 40.46 -52.86 -20.80
CA GLU C 164 41.01 -54.17 -20.47
C GLU C 164 42.13 -54.09 -19.44
N ILE C 165 42.11 -55.01 -18.48
CA ILE C 165 43.12 -55.08 -17.44
C ILE C 165 43.99 -56.30 -17.74
N TYR C 166 45.30 -56.12 -17.67
CA TYR C 166 46.23 -57.19 -17.99
C TYR C 166 46.88 -57.95 -16.82
N GLU C 167 47.57 -57.22 -15.94
CA GLU C 167 48.25 -57.86 -14.82
C GLU C 167 47.43 -57.98 -13.55
N SER C 168 48.12 -58.30 -12.45
CA SER C 168 47.51 -58.45 -11.14
C SER C 168 48.48 -57.92 -10.08
N ALA C 169 47.99 -57.77 -8.85
CA ALA C 169 48.79 -57.27 -7.75
C ALA C 169 50.14 -57.95 -7.57
N GLN C 170 50.14 -59.25 -7.29
CA GLN C 170 51.36 -59.99 -7.07
C GLN C 170 52.40 -59.88 -8.19
N PHE C 171 51.95 -59.89 -9.44
CA PHE C 171 52.89 -59.77 -10.56
C PHE C 171 53.52 -58.38 -10.57
N LEU C 172 52.83 -57.42 -9.96
CA LEU C 172 53.32 -56.05 -9.89
C LEU C 172 54.45 -55.95 -8.86
N TYR C 173 54.26 -56.61 -7.72
CA TYR C 173 55.26 -56.59 -6.65
C TYR C 173 56.57 -57.30 -7.03
N ILE C 174 56.44 -58.49 -7.60
CA ILE C 174 57.61 -59.29 -7.99
C ILE C 174 58.37 -58.69 -9.17
N LEU C 175 57.67 -58.01 -10.07
CA LEU C 175 58.31 -57.41 -11.23
C LEU C 175 59.05 -56.12 -10.89
N VAL C 176 58.46 -55.31 -10.01
CA VAL C 176 59.08 -54.05 -9.61
C VAL C 176 60.39 -54.34 -8.87
N ALA C 177 60.37 -55.36 -8.03
CA ALA C 177 61.54 -55.75 -7.27
C ALA C 177 62.65 -56.24 -8.19
N ALA C 178 62.25 -56.92 -9.26
CA ALA C 178 63.20 -57.45 -10.24
C ALA C 178 63.85 -56.36 -11.07
N CYS C 179 63.10 -55.30 -11.35
CA CYS C 179 63.61 -54.19 -12.15
C CYS C 179 64.50 -53.23 -11.36
N LEU C 180 64.43 -53.31 -10.04
CA LEU C 180 65.23 -52.43 -9.19
C LEU C 180 66.51 -53.10 -8.69
N PHE C 181 66.71 -54.36 -9.06
CA PHE C 181 67.89 -55.10 -8.66
C PHE C 181 68.43 -55.96 -9.81
N SER C 182 68.11 -55.55 -11.04
CA SER C 182 68.55 -56.28 -12.22
C SER C 182 70.04 -56.15 -12.49
N ASN C 183 70.67 -55.13 -11.91
CA ASN C 183 72.10 -54.90 -12.13
C ASN C 183 72.99 -55.55 -11.06
N TYR C 184 72.37 -56.08 -10.01
CA TYR C 184 73.13 -56.73 -8.95
C TYR C 184 73.78 -58.02 -9.44
N PRO C 185 74.90 -58.43 -8.80
CA PRO C 185 75.59 -59.66 -9.21
C PRO C 185 74.66 -60.86 -9.11
N ARG C 186 74.89 -61.88 -9.94
CA ARG C 186 73.92 -62.95 -10.10
C ARG C 186 73.61 -63.67 -8.80
N GLU C 187 74.63 -63.89 -7.97
CA GLU C 187 74.42 -64.57 -6.70
C GLU C 187 73.49 -63.81 -5.74
N THR C 188 73.65 -62.49 -5.68
CA THR C 188 72.87 -61.65 -4.77
C THR C 188 71.58 -61.10 -5.40
N ARG C 189 71.39 -61.40 -6.69
CA ARG C 189 70.27 -60.87 -7.45
C ARG C 189 68.91 -61.43 -7.01
N LEU C 190 68.71 -62.73 -7.22
CA LEU C 190 67.45 -63.38 -6.83
C LEU C 190 67.19 -63.33 -5.34
N GLN C 191 68.25 -63.23 -4.55
CA GLN C 191 68.11 -63.18 -3.09
C GLN C 191 67.33 -61.94 -2.69
N TYR C 192 67.73 -60.80 -3.24
CA TYR C 192 67.07 -59.52 -2.96
C TYR C 192 65.71 -59.44 -3.63
N VAL C 193 65.54 -60.19 -4.71
CA VAL C 193 64.27 -60.21 -5.44
C VAL C 193 63.16 -60.81 -4.58
N LYS C 194 63.54 -61.77 -3.72
CA LYS C 194 62.58 -62.42 -2.84
C LYS C 194 62.37 -61.61 -1.57
N ARG C 195 63.45 -61.08 -1.01
CA ARG C 195 63.36 -60.29 0.21
C ARG C 195 62.68 -58.94 0.02
N PHE C 196 62.75 -58.40 -1.20
CA PHE C 196 62.12 -57.11 -1.47
C PHE C 196 60.64 -57.34 -1.77
N TYR C 197 60.36 -58.32 -2.63
CA TYR C 197 59.01 -58.66 -3.01
C TYR C 197 58.13 -58.93 -1.79
N ASP C 198 58.63 -59.77 -0.88
CA ASP C 198 57.89 -60.10 0.33
C ASP C 198 57.57 -58.86 1.17
N ALA C 199 58.51 -57.91 1.19
CA ALA C 199 58.32 -56.69 1.95
C ALA C 199 57.11 -55.89 1.51
N VAL C 200 57.06 -55.55 0.22
CA VAL C 200 55.95 -54.77 -0.32
C VAL C 200 54.62 -55.53 -0.32
N SER C 201 54.65 -56.81 -0.64
CA SER C 201 53.45 -57.62 -0.68
C SER C 201 52.85 -57.87 0.70
N THR C 202 53.64 -57.64 1.74
CA THR C 202 53.17 -57.83 3.12
C THR C 202 53.08 -56.49 3.84
N PHE C 203 52.88 -55.44 3.06
CA PHE C 203 52.76 -54.08 3.59
C PHE C 203 53.85 -53.67 4.56
N LYS C 204 55.09 -54.03 4.26
CA LYS C 204 56.23 -53.66 5.11
C LYS C 204 56.85 -52.39 4.57
N ILE C 205 56.83 -52.24 3.25
CA ILE C 205 57.41 -51.08 2.58
C ILE C 205 56.42 -50.46 1.60
N SER C 206 56.30 -49.14 1.65
CA SER C 206 55.40 -48.42 0.75
C SER C 206 56.16 -47.80 -0.40
N LEU C 207 55.59 -47.88 -1.59
CA LEU C 207 56.21 -47.32 -2.79
C LEU C 207 55.30 -46.28 -3.43
N PRO C 208 55.87 -45.20 -3.96
CA PRO C 208 55.11 -44.13 -4.60
C PRO C 208 54.29 -44.60 -5.81
N THR C 209 53.20 -43.90 -6.08
CA THR C 209 52.31 -44.24 -7.19
C THR C 209 53.01 -44.35 -8.55
N PRO C 210 53.78 -43.31 -8.93
CA PRO C 210 54.48 -43.33 -10.22
C PRO C 210 55.37 -44.56 -10.45
N ILE C 211 55.91 -45.11 -9.36
CA ILE C 211 56.76 -46.28 -9.46
C ILE C 211 55.94 -47.56 -9.67
N MET C 212 55.01 -47.80 -8.76
CA MET C 212 54.15 -48.98 -8.82
C MET C 212 53.31 -49.05 -10.08
N SER C 213 53.24 -47.95 -10.82
CA SER C 213 52.44 -47.89 -12.04
C SER C 213 53.26 -47.67 -13.31
N GLY C 214 54.59 -47.76 -13.20
CA GLY C 214 55.42 -47.56 -14.37
C GLY C 214 56.59 -48.52 -14.49
N VAL C 215 57.08 -49.06 -13.38
CA VAL C 215 58.16 -50.03 -13.52
C VAL C 215 57.63 -51.18 -14.36
N ARG C 216 58.46 -51.64 -15.31
CA ARG C 216 58.08 -52.72 -16.21
C ARG C 216 57.22 -52.27 -17.42
N THR C 217 57.11 -50.95 -17.56
CA THR C 217 56.31 -50.34 -18.63
C THR C 217 57.18 -49.37 -19.42
N PRO C 218 56.86 -49.20 -20.69
CA PRO C 218 57.72 -48.49 -21.65
C PRO C 218 58.18 -47.21 -20.98
N THR C 219 57.31 -46.61 -20.18
CA THR C 219 57.63 -45.36 -19.49
C THR C 219 58.81 -45.48 -18.55
N ARG C 220 59.65 -44.44 -18.60
CA ARG C 220 60.86 -44.24 -17.82
C ARG C 220 60.75 -43.03 -16.91
N GLN C 221 59.62 -42.33 -16.98
CA GLN C 221 59.36 -41.16 -16.15
C GLN C 221 58.78 -41.67 -14.83
N PHE C 222 59.41 -41.32 -13.72
CA PHE C 222 58.93 -41.78 -12.41
C PHE C 222 58.91 -40.72 -11.32
N SER C 223 59.66 -39.64 -11.52
CA SER C 223 59.73 -38.57 -10.53
C SER C 223 58.34 -38.01 -10.19
N SER C 224 58.12 -37.74 -8.91
CA SER C 224 56.84 -37.21 -8.45
C SER C 224 56.83 -35.68 -8.37
N CYS C 225 57.80 -35.10 -7.67
CA CYS C 225 57.87 -33.64 -7.58
C CYS C 225 59.23 -33.07 -7.97
N VAL C 226 59.25 -31.77 -8.29
CA VAL C 226 60.47 -31.09 -8.71
C VAL C 226 60.63 -29.73 -8.02
N LEU C 227 61.89 -29.34 -7.81
CA LEU C 227 62.20 -28.06 -7.18
C LEU C 227 63.03 -27.20 -8.11
N ILE C 228 62.39 -26.23 -8.76
CA ILE C 228 63.09 -25.35 -9.70
C ILE C 228 63.28 -23.96 -9.11
N GLU C 229 64.51 -23.47 -9.14
CA GLU C 229 64.83 -22.15 -8.62
C GLU C 229 65.05 -21.19 -9.78
N CYS C 230 64.29 -20.09 -9.80
CA CYS C 230 64.41 -19.11 -10.87
C CYS C 230 65.41 -18.02 -10.52
N GLY C 231 66.18 -17.59 -11.52
CA GLY C 231 67.16 -16.54 -11.31
C GLY C 231 66.63 -15.19 -11.73
N ASP C 232 67.30 -14.13 -11.30
CA ASP C 232 66.88 -12.77 -11.64
C ASP C 232 67.39 -12.36 -13.03
N SER C 233 66.83 -12.99 -14.06
CA SER C 233 67.22 -12.70 -15.43
C SER C 233 66.21 -13.25 -16.43
N LEU C 234 65.96 -12.50 -17.50
CA LEU C 234 65.02 -12.93 -18.54
C LEU C 234 65.40 -14.29 -19.09
N ASP C 235 66.69 -14.61 -19.07
CA ASP C 235 67.16 -15.89 -19.56
C ASP C 235 66.79 -17.00 -18.58
N SER C 236 67.12 -16.78 -17.31
CA SER C 236 66.83 -17.74 -16.27
C SER C 236 65.33 -18.07 -16.21
N ILE C 237 64.52 -17.02 -16.29
CA ILE C 237 63.07 -17.18 -16.26
C ILE C 237 62.59 -18.01 -17.44
N ASN C 238 62.91 -17.55 -18.65
CA ASN C 238 62.53 -18.26 -19.86
C ASN C 238 62.84 -19.74 -19.75
N ALA C 239 63.94 -20.07 -19.07
CA ALA C 239 64.35 -21.44 -18.88
C ALA C 239 63.52 -22.10 -17.78
N THR C 240 63.55 -21.50 -16.60
CA THR C 240 62.80 -22.01 -15.46
C THR C 240 61.36 -22.32 -15.85
N SER C 241 60.82 -21.53 -16.78
CA SER C 241 59.46 -21.72 -17.26
C SER C 241 59.36 -22.97 -18.14
N SER C 242 60.14 -22.98 -19.21
CA SER C 242 60.14 -24.11 -20.15
C SER C 242 60.45 -25.41 -19.45
N ALA C 243 61.13 -25.33 -18.30
CA ALA C 243 61.49 -26.51 -17.53
C ALA C 243 60.26 -27.11 -16.85
N ILE C 244 59.47 -26.25 -16.22
CA ILE C 244 58.26 -26.68 -15.53
C ILE C 244 57.25 -27.25 -16.51
N VAL C 245 57.24 -26.71 -17.73
CA VAL C 245 56.33 -27.17 -18.77
C VAL C 245 56.55 -28.65 -19.08
N LYS C 246 57.80 -29.06 -19.14
CA LYS C 246 58.15 -30.45 -19.42
C LYS C 246 57.87 -31.36 -18.24
N TYR C 247 58.20 -30.91 -17.04
CA TYR C 247 57.99 -31.70 -15.83
C TYR C 247 56.52 -31.94 -15.49
N VAL C 248 55.66 -30.99 -15.83
CA VAL C 248 54.24 -31.15 -15.53
C VAL C 248 53.56 -32.11 -16.50
N SER C 249 54.00 -32.10 -17.75
CA SER C 249 53.44 -32.99 -18.76
C SER C 249 53.78 -34.42 -18.39
N GLN C 250 54.52 -34.57 -17.30
CA GLN C 250 54.92 -35.88 -16.81
C GLN C 250 54.27 -36.14 -15.45
N ARG C 251 53.26 -35.34 -15.13
CA ARG C 251 52.54 -35.46 -13.87
C ARG C 251 53.50 -35.35 -12.69
N ALA C 252 54.31 -34.30 -12.71
CA ALA C 252 55.28 -34.06 -11.64
C ALA C 252 55.00 -32.75 -10.90
N GLY C 253 54.65 -32.87 -9.63
CA GLY C 253 54.38 -31.69 -8.83
C GLY C 253 55.58 -30.77 -8.87
N ILE C 254 55.35 -29.47 -8.72
CA ILE C 254 56.43 -28.51 -8.75
C ILE C 254 56.54 -27.67 -7.49
N GLY C 255 57.74 -27.14 -7.25
CA GLY C 255 57.99 -26.31 -6.08
C GLY C 255 58.92 -25.18 -6.50
N ILE C 256 58.34 -24.09 -6.97
CA ILE C 256 59.12 -22.94 -7.43
C ILE C 256 59.54 -22.00 -6.31
N ASN C 257 60.73 -21.44 -6.44
CA ASN C 257 61.25 -20.51 -5.45
C ASN C 257 61.77 -19.25 -6.11
N ALA C 258 60.86 -18.44 -6.63
CA ALA C 258 61.25 -17.19 -7.28
C ALA C 258 61.39 -16.09 -6.23
N GLY C 259 62.45 -16.18 -5.44
CA GLY C 259 62.72 -15.16 -4.44
C GLY C 259 63.81 -14.21 -4.87
N ARG C 260 64.36 -14.45 -6.05
CA ARG C 260 65.51 -13.67 -6.52
C ARG C 260 65.05 -12.55 -7.44
N ILE C 261 63.98 -12.81 -8.19
CA ILE C 261 63.43 -11.81 -9.11
C ILE C 261 63.17 -10.50 -8.37
N ARG C 262 63.87 -9.45 -8.78
CA ARG C 262 63.72 -8.14 -8.16
C ARG C 262 62.27 -7.67 -8.14
N ALA C 263 61.98 -6.70 -7.29
CA ALA C 263 60.62 -6.17 -7.15
C ALA C 263 60.23 -5.11 -8.17
N LEU C 264 58.94 -4.85 -8.26
CA LEU C 264 58.39 -3.86 -9.17
C LEU C 264 59.01 -2.48 -8.96
N GLY C 265 59.40 -1.83 -10.06
CA GLY C 265 60.00 -0.52 -9.97
C GLY C 265 61.52 -0.55 -9.99
N SER C 266 62.09 -1.74 -9.93
CA SER C 266 63.54 -1.89 -9.95
C SER C 266 64.12 -1.52 -11.31
N PRO C 267 65.23 -0.76 -11.32
CA PRO C 267 65.90 -0.34 -12.55
C PRO C 267 66.53 -1.49 -13.33
N ILE C 268 66.28 -1.51 -14.63
CA ILE C 268 66.82 -2.55 -15.50
C ILE C 268 67.84 -1.93 -16.46
N ARG C 269 68.98 -2.59 -16.61
CA ARG C 269 70.04 -2.11 -17.48
C ARG C 269 70.42 -0.68 -17.12
N GLY C 270 70.77 -0.47 -15.85
CA GLY C 270 71.15 0.85 -15.39
C GLY C 270 69.95 1.73 -15.14
N GLY C 271 69.35 2.23 -16.22
CA GLY C 271 68.18 3.09 -16.08
C GLY C 271 67.46 3.25 -17.41
N GLU C 272 67.72 2.34 -18.34
CA GLU C 272 67.09 2.38 -19.66
C GLU C 272 65.67 1.83 -19.60
N ALA C 273 65.30 1.25 -18.47
CA ALA C 273 63.96 0.68 -18.29
C ALA C 273 63.73 0.28 -16.85
N PHE C 274 62.45 0.20 -16.46
CA PHE C 274 62.08 -0.18 -15.10
C PHE C 274 61.37 -1.53 -15.09
N HIS C 275 61.53 -2.26 -13.99
CA HIS C 275 60.92 -3.57 -13.82
C HIS C 275 59.40 -3.46 -13.89
N THR C 276 58.74 -4.52 -14.36
CA THR C 276 57.29 -4.51 -14.48
C THR C 276 56.62 -5.13 -13.26
N GLY C 277 57.35 -5.98 -12.54
CA GLY C 277 56.80 -6.61 -11.37
C GLY C 277 56.96 -8.12 -11.33
N CYS C 278 56.53 -8.73 -10.25
CA CYS C 278 56.62 -10.18 -10.07
C CYS C 278 55.34 -10.85 -10.58
N ILE C 279 54.22 -10.18 -10.38
CA ILE C 279 52.91 -10.68 -10.79
C ILE C 279 52.88 -11.16 -12.24
N PRO C 280 53.40 -10.32 -13.17
CA PRO C 280 53.41 -10.68 -14.60
C PRO C 280 54.01 -12.06 -14.86
N PHE C 281 55.10 -12.37 -14.16
CA PHE C 281 55.77 -13.66 -14.32
C PHE C 281 55.01 -14.76 -13.58
N TYR C 282 54.60 -14.47 -12.35
CA TYR C 282 53.87 -15.43 -11.54
C TYR C 282 52.69 -15.99 -12.33
N LYS C 283 51.90 -15.12 -12.94
CA LYS C 283 50.76 -15.55 -13.74
C LYS C 283 51.23 -16.45 -14.87
N HIS C 284 52.41 -16.14 -15.42
CA HIS C 284 52.96 -16.91 -16.52
C HIS C 284 53.37 -18.30 -16.03
N PHE C 285 53.78 -18.39 -14.77
CA PHE C 285 54.17 -19.69 -14.21
C PHE C 285 52.95 -20.59 -14.11
N GLN C 286 51.81 -20.00 -13.79
CA GLN C 286 50.56 -20.74 -13.67
C GLN C 286 50.21 -21.45 -14.98
N THR C 287 50.12 -20.67 -16.05
CA THR C 287 49.80 -21.23 -17.35
C THR C 287 50.76 -22.35 -17.74
N ALA C 288 51.95 -22.32 -17.14
CA ALA C 288 52.96 -23.33 -17.40
C ALA C 288 52.54 -24.61 -16.69
N VAL C 289 52.35 -24.51 -15.37
CA VAL C 289 51.94 -25.65 -14.57
C VAL C 289 50.65 -26.24 -15.12
N LYS C 290 49.75 -25.40 -15.62
CA LYS C 290 48.46 -25.87 -16.13
C LYS C 290 48.49 -26.22 -17.62
N SER C 291 49.65 -26.10 -18.24
CA SER C 291 49.79 -26.10 -19.70
C SER C 291 49.34 -27.43 -20.30
N CYS C 292 49.25 -28.46 -19.47
CA CYS C 292 48.84 -29.79 -19.93
C CYS C 292 47.62 -30.29 -19.16
N SER C 293 46.75 -29.36 -18.79
CA SER C 293 45.54 -29.70 -18.04
C SER C 293 44.31 -29.77 -18.94
N GLN C 294 43.20 -30.24 -18.38
CA GLN C 294 41.94 -30.35 -19.11
C GLN C 294 41.20 -29.01 -19.08
N GLY C 295 41.61 -28.09 -19.96
CA GLY C 295 41.07 -26.75 -19.93
C GLY C 295 41.69 -25.96 -18.80
N GLY C 296 42.69 -26.56 -18.16
CA GLY C 296 43.41 -25.95 -17.06
C GLY C 296 42.74 -26.06 -15.69
N VAL C 297 41.60 -26.75 -15.65
CA VAL C 297 40.87 -26.95 -14.40
C VAL C 297 41.24 -28.26 -13.69
N ARG C 298 42.09 -29.04 -14.33
CA ARG C 298 42.49 -30.33 -13.78
C ARG C 298 44.00 -30.48 -13.87
N GLY C 299 44.57 -31.13 -12.86
CA GLY C 299 46.01 -31.36 -12.85
C GLY C 299 46.79 -30.06 -12.68
N GLY C 300 48.08 -30.19 -12.45
CA GLY C 300 48.92 -29.02 -12.28
C GLY C 300 48.94 -28.47 -10.86
N ALA C 301 49.87 -28.97 -10.05
CA ALA C 301 50.01 -28.52 -8.67
C ALA C 301 51.38 -27.91 -8.46
N ALA C 302 51.45 -26.79 -7.75
CA ALA C 302 52.71 -26.11 -7.51
C ALA C 302 52.69 -25.29 -6.22
N THR C 303 53.86 -24.89 -5.76
CA THR C 303 54.01 -24.09 -4.54
C THR C 303 55.17 -23.13 -4.72
N LEU C 304 54.86 -21.85 -4.83
CA LEU C 304 55.87 -20.81 -5.02
C LEU C 304 56.39 -20.32 -3.66
N PHE C 305 57.67 -19.98 -3.60
CA PHE C 305 58.28 -19.52 -2.35
C PHE C 305 58.93 -18.14 -2.50
N TYR C 306 59.02 -17.42 -1.39
CA TYR C 306 59.63 -16.10 -1.36
C TYR C 306 59.83 -15.64 0.08
N PRO C 307 60.79 -14.73 0.31
CA PRO C 307 61.07 -14.22 1.66
C PRO C 307 59.91 -13.41 2.24
N MET C 308 59.90 -13.27 3.56
CA MET C 308 58.86 -12.52 4.25
C MET C 308 59.13 -11.02 4.22
N TRP C 309 60.41 -10.66 4.20
CA TRP C 309 60.80 -9.25 4.18
C TRP C 309 60.86 -8.66 2.77
N HIS C 310 60.31 -9.37 1.79
CA HIS C 310 60.31 -8.88 0.42
C HIS C 310 59.51 -7.58 0.39
N LEU C 311 59.80 -6.73 -0.59
CA LEU C 311 59.12 -5.45 -0.73
C LEU C 311 57.69 -5.58 -1.23
N GLU C 312 57.36 -6.73 -1.81
CA GLU C 312 56.01 -6.97 -2.32
C GLU C 312 55.27 -8.07 -1.55
N VAL C 313 55.66 -8.28 -0.31
CA VAL C 313 55.04 -9.30 0.52
C VAL C 313 53.52 -9.13 0.66
N GLU C 314 53.08 -7.93 1.00
CA GLU C 314 51.65 -7.65 1.17
C GLU C 314 50.87 -7.82 -0.13
N SER C 315 51.57 -7.89 -1.26
CA SER C 315 50.93 -8.04 -2.56
C SER C 315 50.87 -9.50 -3.01
N LEU C 316 51.88 -10.28 -2.61
CA LEU C 316 51.94 -11.68 -2.98
C LEU C 316 51.20 -12.54 -1.96
N LEU C 317 50.99 -11.97 -0.78
CA LEU C 317 50.32 -12.67 0.31
C LEU C 317 48.83 -12.91 0.06
N VAL C 318 48.19 -11.99 -0.67
CA VAL C 318 46.77 -12.12 -0.98
C VAL C 318 46.51 -12.53 -2.43
N LEU C 319 47.48 -13.22 -3.03
CA LEU C 319 47.34 -13.67 -4.41
C LEU C 319 46.30 -14.77 -4.56
N LYS C 320 45.84 -15.30 -3.43
CA LYS C 320 44.84 -16.36 -3.44
C LYS C 320 43.44 -15.87 -3.06
N ASN C 321 43.37 -14.71 -2.43
CA ASN C 321 42.09 -14.14 -2.02
C ASN C 321 41.19 -13.95 -3.23
N ASN C 322 40.12 -14.74 -3.30
CA ASN C 322 39.18 -14.68 -4.40
C ASN C 322 38.62 -13.28 -4.63
N ARG C 323 38.43 -12.53 -3.56
CA ARG C 323 37.90 -11.16 -3.65
C ARG C 323 39.01 -10.19 -4.01
N GLY C 324 39.24 -10.00 -5.31
CA GLY C 324 40.28 -9.08 -5.75
C GLY C 324 40.37 -8.97 -7.24
N VAL C 325 41.02 -7.91 -7.71
CA VAL C 325 41.18 -7.67 -9.14
C VAL C 325 41.95 -8.78 -9.84
N GLU C 326 41.36 -9.28 -10.92
CA GLU C 326 41.94 -10.35 -11.73
C GLU C 326 43.41 -10.08 -12.05
N GLY C 327 43.70 -8.86 -12.44
CA GLY C 327 45.06 -8.47 -12.80
C GLY C 327 46.11 -8.70 -11.73
N ASN C 328 45.71 -8.64 -10.46
CA ASN C 328 46.64 -8.83 -9.37
C ASN C 328 46.32 -10.09 -8.56
N ARG C 329 46.01 -11.18 -9.25
CA ARG C 329 45.67 -12.43 -8.58
C ARG C 329 46.12 -13.67 -9.37
N VAL C 330 46.53 -14.70 -8.61
CA VAL C 330 46.96 -15.97 -9.19
C VAL C 330 46.47 -17.05 -8.21
N ARG C 331 45.20 -17.41 -8.35
CA ARG C 331 44.57 -18.39 -7.48
C ARG C 331 44.91 -19.87 -7.71
N HIS C 332 45.54 -20.19 -8.83
CA HIS C 332 45.85 -21.59 -9.13
C HIS C 332 47.24 -22.08 -8.72
N MET C 333 47.81 -21.46 -7.69
CA MET C 333 49.13 -21.85 -7.19
C MET C 333 49.26 -21.60 -5.69
N ASP C 334 49.77 -22.59 -4.97
CA ASP C 334 49.96 -22.47 -3.53
C ASP C 334 51.25 -21.69 -3.28
N TYR C 335 51.36 -21.09 -2.10
CA TYR C 335 52.55 -20.31 -1.75
C TYR C 335 53.12 -20.68 -0.38
N GLY C 336 54.39 -20.37 -0.19
CA GLY C 336 55.05 -20.66 1.07
C GLY C 336 56.01 -19.57 1.47
N VAL C 337 55.61 -18.75 2.45
CA VAL C 337 56.44 -17.66 2.92
C VAL C 337 57.59 -18.17 3.79
N GLN C 338 58.78 -17.64 3.56
CA GLN C 338 59.97 -18.03 4.30
C GLN C 338 60.22 -17.04 5.44
N ILE C 339 60.26 -17.55 6.67
CA ILE C 339 60.47 -16.71 7.84
C ILE C 339 61.66 -17.21 8.66
N ASN C 340 62.25 -16.31 9.46
CA ASN C 340 63.39 -16.67 10.28
C ASN C 340 63.26 -16.08 11.69
N LYS C 341 64.22 -16.41 12.55
CA LYS C 341 64.25 -15.95 13.93
C LYS C 341 63.97 -14.46 14.07
N LEU C 342 64.74 -13.64 13.38
CA LEU C 342 64.59 -12.18 13.44
C LEU C 342 63.15 -11.71 13.24
N MET C 343 62.53 -12.15 12.14
CA MET C 343 61.15 -11.76 11.86
C MET C 343 60.24 -12.05 13.05
N TYR C 344 60.49 -13.17 13.72
CA TYR C 344 59.69 -13.56 14.88
C TYR C 344 59.91 -12.64 16.06
N THR C 345 61.14 -12.13 16.20
CA THR C 345 61.48 -11.24 17.31
C THR C 345 60.78 -9.90 17.16
N ARG C 346 60.70 -9.38 15.93
CA ARG C 346 60.05 -8.10 15.67
C ARG C 346 58.59 -8.15 16.12
N LEU C 347 57.97 -9.31 15.97
CA LEU C 347 56.57 -9.50 16.35
C LEU C 347 56.39 -9.43 17.86
N LEU C 348 57.05 -10.32 18.58
CA LEU C 348 56.95 -10.37 20.03
C LEU C 348 57.22 -9.02 20.69
N LYS C 349 58.16 -8.26 20.11
CA LYS C 349 58.49 -6.94 20.65
C LYS C 349 57.56 -5.84 20.14
N GLY C 350 56.63 -6.23 19.26
CA GLY C 350 55.70 -5.26 18.71
C GLY C 350 56.34 -4.18 17.87
N GLU C 351 57.50 -4.49 17.30
CA GLU C 351 58.22 -3.54 16.46
C GLU C 351 57.80 -3.70 14.99
N ASP C 352 58.45 -2.98 14.10
CA ASP C 352 58.12 -3.05 12.68
C ASP C 352 59.04 -3.98 11.91
N ILE C 353 58.64 -4.29 10.68
CA ILE C 353 59.41 -5.16 9.80
C ILE C 353 59.71 -4.41 8.51
N THR C 354 60.98 -4.26 8.18
CA THR C 354 61.38 -3.56 6.97
C THR C 354 61.40 -4.50 5.77
N LEU C 355 60.77 -4.09 4.68
CA LEU C 355 60.71 -4.89 3.46
C LEU C 355 61.71 -4.36 2.44
N PHE C 356 62.43 -5.28 1.80
CA PHE C 356 63.43 -4.90 0.81
C PHE C 356 63.27 -5.68 -0.50
N SER C 357 64.02 -5.24 -1.51
CA SER C 357 64.01 -5.89 -2.81
C SER C 357 65.26 -6.74 -2.88
N PRO C 358 65.12 -8.03 -3.20
CA PRO C 358 66.24 -8.98 -3.29
C PRO C 358 67.48 -8.43 -4.01
N SER C 359 67.28 -7.45 -4.88
CA SER C 359 68.39 -6.87 -5.63
C SER C 359 68.91 -5.55 -5.06
N ASP C 360 68.28 -5.04 -4.03
CA ASP C 360 68.70 -3.77 -3.43
C ASP C 360 69.63 -3.93 -2.22
N VAL C 361 69.66 -5.12 -1.64
CA VAL C 361 70.50 -5.39 -0.49
C VAL C 361 71.37 -6.63 -0.68
N PRO C 362 72.57 -6.45 -1.26
CA PRO C 362 73.53 -7.52 -1.54
C PRO C 362 73.92 -8.36 -0.31
N GLY C 363 74.30 -9.61 -0.57
CA GLY C 363 74.72 -10.49 0.50
C GLY C 363 73.72 -10.69 1.63
N LEU C 364 72.56 -10.08 1.51
CA LEU C 364 71.53 -10.19 2.55
C LEU C 364 70.73 -11.47 2.37
N TYR C 365 70.35 -11.77 1.13
CA TYR C 365 69.58 -12.98 0.85
C TYR C 365 70.40 -14.21 1.22
N ASP C 366 71.69 -14.18 0.90
CA ASP C 366 72.59 -15.28 1.19
C ASP C 366 72.81 -15.46 2.69
N ALA C 367 72.81 -14.34 3.41
CA ALA C 367 72.94 -14.38 4.86
C ALA C 367 71.74 -15.10 5.43
N PHE C 368 70.59 -14.86 4.82
CA PHE C 368 69.30 -15.27 5.37
C PHE C 368 69.30 -16.75 5.75
N PHE C 369 69.96 -17.58 4.95
CA PHE C 369 70.01 -19.01 5.21
C PHE C 369 71.36 -19.42 5.80
N ALA C 370 72.45 -18.94 5.19
CA ALA C 370 73.80 -19.31 5.63
C ALA C 370 74.18 -18.82 7.02
N ASP C 371 73.88 -17.57 7.33
CA ASP C 371 74.25 -17.00 8.63
C ASP C 371 73.14 -16.21 9.31
N GLN C 372 72.83 -16.57 10.55
CA GLN C 372 71.98 -15.77 11.42
C GLN C 372 72.64 -14.43 11.79
N GLU C 373 73.94 -14.49 12.03
CA GLU C 373 74.71 -13.41 12.65
C GLU C 373 75.02 -12.36 11.59
N GLU C 374 75.46 -12.82 10.41
CA GLU C 374 75.79 -11.93 9.31
C GLU C 374 74.53 -11.26 8.79
N PHE C 375 73.46 -12.03 8.68
CA PHE C 375 72.18 -11.52 8.19
C PHE C 375 71.67 -10.40 9.08
N GLU C 376 71.88 -10.56 10.39
CA GLU C 376 71.44 -9.57 11.36
C GLU C 376 72.29 -8.30 11.28
N ARG C 377 73.54 -8.46 10.87
CA ARG C 377 74.45 -7.33 10.74
C ARG C 377 74.10 -6.51 9.51
N LEU C 378 73.70 -7.19 8.44
CA LEU C 378 73.34 -6.55 7.19
C LEU C 378 71.95 -5.93 7.27
N TYR C 379 71.04 -6.61 7.95
CA TYR C 379 69.67 -6.13 8.10
C TYR C 379 69.61 -4.80 8.83
N THR C 380 70.23 -4.75 10.02
CA THR C 380 70.25 -3.53 10.81
C THR C 380 70.94 -2.39 10.08
N LYS C 381 71.90 -2.72 9.23
CA LYS C 381 72.64 -1.72 8.47
C LYS C 381 71.78 -1.11 7.36
N TYR C 382 71.19 -1.97 6.53
CA TYR C 382 70.36 -1.52 5.43
C TYR C 382 69.15 -0.71 5.88
N GLU C 383 68.63 -0.99 7.07
CA GLU C 383 67.48 -0.27 7.58
C GLU C 383 67.76 1.21 7.71
N LYS C 384 68.93 1.56 8.25
CA LYS C 384 69.30 2.97 8.42
C LYS C 384 69.76 3.55 7.09
N ASP C 385 70.18 2.68 6.18
CA ASP C 385 70.65 3.12 4.87
C ASP C 385 69.51 3.83 4.16
N ASP C 386 69.69 5.11 3.89
CA ASP C 386 68.65 5.92 3.23
C ASP C 386 68.58 5.76 1.72
N SER C 387 69.64 5.20 1.12
CA SER C 387 69.67 5.01 -0.32
C SER C 387 69.05 3.69 -0.76
N ILE C 388 68.74 2.82 0.21
CA ILE C 388 68.13 1.53 -0.09
C ILE C 388 66.61 1.63 0.00
N ARG C 389 65.92 1.25 -1.08
CA ARG C 389 64.47 1.32 -1.09
C ARG C 389 63.92 0.32 -0.07
N LYS C 390 62.99 0.78 0.77
CA LYS C 390 62.42 -0.07 1.79
C LYS C 390 61.02 0.40 2.20
N GLN C 391 60.36 -0.38 3.06
CA GLN C 391 59.03 -0.04 3.54
C GLN C 391 58.85 -0.61 4.94
N ARG C 392 58.18 0.15 5.80
CA ARG C 392 57.93 -0.28 7.18
C ARG C 392 56.52 -0.78 7.37
N VAL C 393 56.37 -1.88 8.10
CA VAL C 393 55.06 -2.46 8.39
C VAL C 393 55.06 -3.03 9.80
N LYS C 394 53.97 -2.85 10.52
CA LYS C 394 53.86 -3.35 11.88
C LYS C 394 53.83 -4.88 11.87
N ALA C 395 54.82 -5.48 12.54
CA ALA C 395 54.95 -6.93 12.62
C ALA C 395 53.63 -7.63 12.92
N VAL C 396 52.75 -6.97 13.67
CA VAL C 396 51.46 -7.54 14.02
C VAL C 396 50.54 -7.63 12.81
N GLU C 397 50.59 -6.61 11.95
CA GLU C 397 49.75 -6.57 10.77
C GLU C 397 50.19 -7.58 9.72
N LEU C 398 51.48 -7.54 9.37
CA LEU C 398 52.03 -8.44 8.36
C LEU C 398 51.68 -9.91 8.63
N PHE C 399 52.04 -10.40 9.82
CA PHE C 399 51.75 -11.78 10.17
C PHE C 399 50.25 -12.09 10.07
N SER C 400 49.43 -11.21 10.65
CA SER C 400 47.99 -11.38 10.61
C SER C 400 47.53 -11.59 9.17
N LEU C 401 48.03 -10.75 8.27
CA LEU C 401 47.69 -10.83 6.86
C LEU C 401 48.03 -12.22 6.33
N MET C 402 49.12 -12.78 6.85
CA MET C 402 49.58 -14.10 6.45
C MET C 402 48.68 -15.19 7.03
N MET C 403 48.47 -15.15 8.34
CA MET C 403 47.63 -16.14 9.01
C MET C 403 46.20 -16.07 8.51
N GLN C 404 45.79 -14.90 8.04
CA GLN C 404 44.44 -14.71 7.52
C GLN C 404 44.29 -15.41 6.18
N GLU C 405 45.29 -15.27 5.32
CA GLU C 405 45.27 -15.91 4.01
C GLU C 405 45.46 -17.41 4.15
N ARG C 406 46.12 -17.82 5.23
CA ARG C 406 46.38 -19.23 5.48
C ARG C 406 45.12 -19.90 6.03
N ALA C 407 44.23 -19.10 6.63
CA ALA C 407 42.99 -19.62 7.19
C ALA C 407 41.89 -19.59 6.16
N SER C 408 41.90 -18.56 5.31
CA SER C 408 40.89 -18.42 4.26
C SER C 408 40.96 -19.53 3.23
N THR C 409 42.11 -19.63 2.56
CA THR C 409 42.30 -20.65 1.53
C THR C 409 42.77 -21.99 2.12
N GLY C 410 43.71 -21.92 3.05
CA GLY C 410 44.23 -23.12 3.66
C GLY C 410 45.31 -23.75 2.80
N ARG C 411 46.08 -22.90 2.11
CA ARG C 411 47.14 -23.36 1.24
C ARG C 411 48.39 -22.49 1.40
N ILE C 412 48.37 -21.62 2.41
CA ILE C 412 49.50 -20.73 2.66
C ILE C 412 50.46 -21.42 3.64
N TYR C 413 51.57 -21.93 3.11
CA TYR C 413 52.55 -22.65 3.91
C TYR C 413 53.62 -21.75 4.51
N ILE C 414 54.20 -22.20 5.62
CA ILE C 414 55.25 -21.46 6.31
C ILE C 414 56.53 -22.29 6.37
N GLN C 415 57.67 -21.63 6.22
CA GLN C 415 58.96 -22.30 6.25
C GLN C 415 59.99 -21.52 7.06
N ASN C 416 60.47 -22.11 8.15
CA ASN C 416 61.45 -21.46 8.99
C ASN C 416 62.85 -21.74 8.44
N VAL C 417 63.21 -20.99 7.41
CA VAL C 417 64.50 -21.14 6.74
C VAL C 417 65.68 -21.30 7.69
N ASP C 418 65.68 -20.54 8.78
CA ASP C 418 66.76 -20.59 9.75
C ASP C 418 66.94 -21.98 10.38
N HIS C 419 65.87 -22.77 10.39
CA HIS C 419 65.95 -24.12 10.95
C HIS C 419 66.33 -25.14 9.88
N CYS C 420 65.86 -24.91 8.65
CA CYS C 420 66.14 -25.82 7.55
C CYS C 420 67.62 -25.87 7.18
N ASN C 421 68.44 -25.08 7.86
CA ASN C 421 69.87 -25.06 7.59
C ASN C 421 70.73 -25.34 8.81
N THR C 422 70.28 -24.86 9.97
CA THR C 422 71.01 -25.09 11.21
C THR C 422 70.96 -26.57 11.56
N HIS C 423 69.84 -27.20 11.24
CA HIS C 423 69.64 -28.61 11.50
C HIS C 423 69.34 -29.34 10.19
N SER C 424 70.33 -29.43 9.32
CA SER C 424 70.18 -30.10 8.04
C SER C 424 71.39 -30.94 7.70
N PRO C 425 71.25 -31.88 6.76
CA PRO C 425 72.33 -32.77 6.32
C PRO C 425 73.39 -32.06 5.48
N PHE C 426 73.11 -30.81 5.12
CA PHE C 426 73.95 -30.08 4.17
C PHE C 426 74.72 -28.96 4.86
N ASP C 427 75.48 -28.21 4.08
CA ASP C 427 76.06 -26.95 4.54
C ASP C 427 75.46 -25.76 3.79
N PRO C 428 74.84 -24.86 4.52
CA PRO C 428 74.28 -23.64 3.95
C PRO C 428 75.27 -22.97 2.99
N ALA C 429 76.49 -22.75 3.46
CA ALA C 429 77.51 -22.08 2.65
C ALA C 429 77.74 -22.82 1.34
N ILE C 430 77.95 -24.13 1.43
CA ILE C 430 78.09 -24.97 0.25
C ILE C 430 76.86 -24.90 -0.64
N ALA C 431 75.82 -25.64 -0.26
CA ALA C 431 74.48 -25.37 -0.74
C ALA C 431 73.53 -25.06 0.41
N PRO C 432 72.86 -23.91 0.32
CA PRO C 432 71.65 -23.64 1.10
C PRO C 432 70.48 -24.55 0.69
N VAL C 433 69.69 -24.96 1.68
CA VAL C 433 68.27 -25.25 1.46
C VAL C 433 67.43 -23.98 1.53
N ARG C 434 66.96 -23.52 0.38
CA ARG C 434 66.23 -22.26 0.30
C ARG C 434 64.84 -22.41 -0.31
N GLN C 435 64.37 -23.65 -0.39
CA GLN C 435 63.07 -23.97 -0.98
C GLN C 435 62.54 -25.34 -0.55
N SER C 436 61.24 -25.54 -0.79
CA SER C 436 60.51 -26.77 -0.46
C SER C 436 59.62 -27.18 -1.66
N ASN C 437 59.33 -28.47 -1.67
CA ASN C 437 58.58 -29.20 -2.70
C ASN C 437 57.06 -29.17 -2.58
N LEU C 438 56.38 -29.68 -3.59
CA LEU C 438 54.93 -29.62 -3.68
C LEU C 438 54.25 -29.92 -2.34
N CYS C 439 54.56 -31.08 -1.76
CA CYS C 439 53.96 -31.49 -0.50
C CYS C 439 54.60 -30.84 0.72
N LEU C 440 55.64 -30.04 0.49
CA LEU C 440 56.34 -29.36 1.58
C LEU C 440 57.00 -30.30 2.59
N GLU C 441 57.76 -31.27 2.10
CA GLU C 441 58.45 -32.19 2.98
C GLU C 441 59.92 -32.31 2.56
N ILE C 442 60.20 -31.89 1.33
CA ILE C 442 61.56 -31.94 0.80
C ILE C 442 62.35 -30.67 1.08
N ALA C 443 63.60 -30.84 1.50
CA ALA C 443 64.48 -29.72 1.81
C ALA C 443 65.85 -30.00 1.23
N LEU C 444 66.00 -29.72 -0.07
CA LEU C 444 67.26 -29.95 -0.76
C LEU C 444 67.76 -28.71 -1.49
N PRO C 445 69.08 -28.50 -1.51
CA PRO C 445 69.71 -27.35 -2.17
C PRO C 445 69.47 -27.35 -3.68
N THR C 446 69.59 -26.18 -4.29
CA THR C 446 69.39 -26.05 -5.73
C THR C 446 70.18 -24.87 -6.31
N LYS C 447 70.58 -25.00 -7.57
CA LYS C 447 71.34 -23.96 -8.25
C LYS C 447 70.55 -23.49 -9.47
N PRO C 448 70.31 -22.17 -9.58
CA PRO C 448 69.57 -21.60 -10.71
C PRO C 448 70.23 -21.86 -12.06
N LEU C 449 69.42 -21.95 -13.10
CA LEU C 449 69.92 -22.19 -14.45
C LEU C 449 69.89 -20.92 -15.29
N ASN C 450 70.72 -20.89 -16.33
CA ASN C 450 70.77 -19.74 -17.23
C ASN C 450 70.13 -20.12 -18.56
N ASP C 451 69.74 -21.39 -18.66
CA ASP C 451 69.11 -21.92 -19.87
C ASP C 451 68.47 -23.28 -19.56
N VAL C 452 67.66 -23.76 -20.49
CA VAL C 452 66.98 -25.04 -20.33
C VAL C 452 67.96 -26.21 -20.19
N ASN C 453 68.99 -26.22 -21.01
CA ASN C 453 69.99 -27.28 -20.99
C ASN C 453 71.26 -26.90 -20.23
N ASP C 454 71.17 -25.89 -19.38
CA ASP C 454 72.32 -25.44 -18.61
C ASP C 454 72.89 -26.60 -17.79
N GLU C 455 74.21 -26.77 -17.86
CA GLU C 455 74.89 -27.84 -17.15
C GLU C 455 75.36 -27.47 -15.74
N ASN C 456 75.34 -26.17 -15.42
CA ASN C 456 75.79 -25.72 -14.11
C ASN C 456 74.67 -25.41 -13.12
N GLY C 457 73.47 -25.92 -13.40
CA GLY C 457 72.35 -25.70 -12.51
C GLY C 457 71.98 -26.99 -11.80
N GLU C 458 71.24 -26.89 -10.70
CA GLU C 458 70.83 -28.08 -9.96
C GLU C 458 69.33 -28.11 -9.74
N ILE C 459 68.75 -29.29 -9.91
CA ILE C 459 67.31 -29.48 -9.73
C ILE C 459 67.02 -30.68 -8.83
N ALA C 460 66.58 -30.40 -7.61
CA ALA C 460 66.26 -31.46 -6.65
C ALA C 460 64.99 -32.19 -7.07
N LEU C 461 65.04 -33.52 -7.07
CA LEU C 461 63.90 -34.33 -7.46
C LEU C 461 63.24 -35.02 -6.27
N CYS C 462 62.16 -35.75 -6.56
CA CYS C 462 61.40 -36.45 -5.53
C CYS C 462 61.46 -37.97 -5.66
N THR C 463 62.19 -38.60 -4.75
CA THR C 463 62.12 -40.05 -4.56
C THR C 463 61.58 -40.31 -3.16
N LEU C 464 60.51 -41.10 -3.06
CA LEU C 464 59.83 -41.31 -1.78
C LEU C 464 59.81 -42.76 -1.27
N SER C 465 60.10 -42.98 -0.03
CA SER C 465 60.11 -44.29 0.61
C SER C 465 59.14 -44.37 1.80
N ALA C 466 58.37 -45.40 1.93
CA ALA C 466 57.34 -45.55 2.97
C ALA C 466 57.53 -46.77 3.88
N PHE C 467 57.38 -46.56 5.19
CA PHE C 467 57.49 -47.63 6.19
C PHE C 467 56.18 -47.78 6.98
N ASN C 468 55.73 -49.02 7.18
CA ASN C 468 54.43 -49.27 7.79
C ASN C 468 54.64 -49.62 9.26
N LEU C 469 54.63 -48.60 10.12
CA LEU C 469 54.82 -48.80 11.55
C LEU C 469 53.83 -49.81 12.13
N GLY C 470 52.78 -50.09 11.39
CA GLY C 470 51.78 -51.05 11.85
C GLY C 470 52.07 -52.46 11.39
N ALA C 471 53.09 -52.62 10.55
CA ALA C 471 53.45 -53.93 10.02
C ALA C 471 54.63 -54.52 10.78
N ILE C 472 55.30 -53.70 11.59
CA ILE C 472 56.45 -54.15 12.36
C ILE C 472 56.06 -54.48 13.80
N ASN C 473 56.79 -55.40 14.41
CA ASN C 473 56.53 -55.81 15.79
C ASN C 473 57.49 -55.08 16.73
N ASN C 474 58.74 -54.95 16.30
CA ASN C 474 59.76 -54.27 17.09
C ASN C 474 60.60 -53.37 16.19
N LEU C 475 61.17 -52.33 16.78
CA LEU C 475 61.98 -51.38 16.04
C LEU C 475 63.20 -51.99 15.34
N ASP C 476 63.65 -53.15 15.81
CA ASP C 476 64.82 -53.78 15.21
C ASP C 476 64.55 -54.36 13.82
N GLU C 477 63.30 -54.39 13.42
CA GLU C 477 62.93 -54.91 12.11
C GLU C 477 63.28 -53.88 11.03
N LEU C 478 63.51 -52.65 11.45
CA LEU C 478 63.84 -51.57 10.54
C LEU C 478 65.21 -51.78 9.89
N GLU C 479 65.98 -52.71 10.42
CA GLU C 479 67.31 -52.98 9.87
C GLU C 479 67.21 -53.57 8.46
N GLU C 480 66.53 -54.70 8.33
CA GLU C 480 66.37 -55.34 7.03
C GLU C 480 65.68 -54.36 6.09
N LEU C 481 64.66 -53.67 6.61
CA LEU C 481 63.91 -52.70 5.82
C LEU C 481 64.81 -51.57 5.32
N ALA C 482 65.56 -50.98 6.23
CA ALA C 482 66.47 -49.88 5.88
C ALA C 482 67.43 -50.30 4.77
N ILE C 483 67.48 -51.60 4.50
CA ILE C 483 68.36 -52.12 3.46
C ILE C 483 67.63 -52.30 2.14
N LEU C 484 66.52 -53.03 2.12
CA LEU C 484 65.80 -53.18 0.87
C LEU C 484 65.30 -51.83 0.34
N ALA C 485 64.74 -51.01 1.22
CA ALA C 485 64.24 -49.69 0.81
C ALA C 485 65.28 -48.68 0.31
N VAL C 486 66.39 -48.57 1.03
CA VAL C 486 67.46 -47.64 0.67
C VAL C 486 68.13 -48.02 -0.64
N ARG C 487 68.35 -49.32 -0.78
CA ARG C 487 69.00 -49.93 -1.94
C ARG C 487 68.17 -49.77 -3.21
N ALA C 488 66.90 -50.14 -3.14
CA ALA C 488 66.00 -50.05 -4.28
C ALA C 488 65.87 -48.62 -4.80
N LEU C 489 65.77 -47.66 -3.89
CA LEU C 489 65.65 -46.27 -4.26
C LEU C 489 66.89 -45.72 -4.95
N ASP C 490 68.04 -45.84 -4.29
CA ASP C 490 69.29 -45.35 -4.85
C ASP C 490 69.55 -45.97 -6.21
N ALA C 491 69.09 -47.21 -6.39
CA ALA C 491 69.26 -47.92 -7.65
C ALA C 491 68.42 -47.26 -8.74
N LEU C 492 67.26 -46.74 -8.35
CA LEU C 492 66.35 -46.09 -9.28
C LEU C 492 67.01 -44.86 -9.90
N LEU C 493 67.84 -44.18 -9.13
CA LEU C 493 68.53 -42.99 -9.59
C LEU C 493 69.36 -43.27 -10.84
N ASP C 494 69.92 -44.46 -10.92
CA ASP C 494 70.74 -44.84 -12.06
C ASP C 494 69.93 -45.67 -13.06
N TYR C 495 68.61 -45.64 -12.91
CA TYR C 495 67.73 -46.40 -13.79
C TYR C 495 66.84 -45.47 -14.62
N GLN C 496 66.34 -44.40 -13.97
CA GLN C 496 65.48 -43.44 -14.64
C GLN C 496 66.28 -42.48 -15.50
N ASP C 497 65.59 -41.71 -16.34
CA ASP C 497 66.25 -40.74 -17.21
C ASP C 497 66.16 -39.33 -16.64
N TYR C 498 66.99 -38.44 -17.18
CA TYR C 498 67.02 -37.05 -16.76
C TYR C 498 66.83 -36.13 -17.95
N PRO C 499 65.61 -35.60 -18.13
CA PRO C 499 65.30 -34.69 -19.24
C PRO C 499 66.12 -33.41 -19.23
N ILE C 500 66.33 -32.85 -18.04
CA ILE C 500 67.09 -31.62 -17.89
C ILE C 500 68.44 -31.89 -17.22
N PRO C 501 69.53 -31.38 -17.81
CA PRO C 501 70.88 -31.56 -17.28
C PRO C 501 71.03 -31.17 -15.82
N ALA C 502 70.32 -30.12 -15.42
CA ALA C 502 70.36 -29.63 -14.05
C ALA C 502 69.68 -30.61 -13.09
N ALA C 503 68.83 -31.47 -13.64
CA ALA C 503 68.10 -32.45 -12.82
C ALA C 503 68.98 -33.68 -12.56
N LYS C 504 69.86 -33.98 -13.51
CA LYS C 504 70.75 -35.13 -13.39
C LYS C 504 71.92 -34.80 -12.46
N ARG C 505 72.34 -33.54 -12.47
CA ARG C 505 73.44 -33.09 -11.63
C ARG C 505 73.19 -33.37 -10.16
N GLY C 506 72.14 -32.77 -9.62
CA GLY C 506 71.80 -32.96 -8.22
C GLY C 506 71.53 -34.41 -7.86
N ALA C 507 71.06 -35.18 -8.84
CA ALA C 507 70.75 -36.59 -8.62
C ALA C 507 72.03 -37.42 -8.50
N MET C 508 72.88 -37.34 -9.51
CA MET C 508 74.13 -38.08 -9.53
C MET C 508 75.11 -37.56 -8.48
N GLY C 509 74.95 -36.28 -8.14
CA GLY C 509 75.84 -35.67 -7.16
C GLY C 509 75.53 -35.92 -5.69
N ARG C 510 74.28 -35.77 -5.31
CA ARG C 510 73.89 -35.97 -3.91
C ARG C 510 73.22 -37.32 -3.65
N ARG C 511 72.58 -37.87 -4.67
CA ARG C 511 71.90 -39.16 -4.54
C ARG C 511 70.96 -39.16 -3.34
N THR C 512 70.15 -38.12 -3.22
CA THR C 512 69.22 -37.98 -2.11
C THR C 512 68.00 -38.91 -2.24
N LEU C 513 67.42 -39.25 -1.09
CA LEU C 513 66.25 -40.13 -1.06
C LEU C 513 65.21 -39.63 -0.07
N GLY C 514 64.02 -40.21 -0.16
CA GLY C 514 62.99 -39.96 0.80
C GLY C 514 62.49 -41.28 1.34
N ILE C 515 62.53 -41.42 2.66
CA ILE C 515 61.89 -42.55 3.32
C ILE C 515 61.06 -42.09 4.51
N GLY C 516 59.75 -42.28 4.42
CA GLY C 516 58.85 -41.90 5.49
C GLY C 516 58.23 -43.09 6.18
N VAL C 517 57.11 -42.86 6.86
CA VAL C 517 56.41 -43.92 7.59
C VAL C 517 54.90 -43.75 7.48
N ILE C 518 54.19 -44.88 7.53
CA ILE C 518 52.73 -44.86 7.44
C ILE C 518 52.10 -45.63 8.60
N ASN C 519 50.80 -45.43 8.79
CA ASN C 519 50.08 -46.10 9.86
C ASN C 519 50.50 -45.62 11.24
N PHE C 520 50.90 -44.34 11.32
CA PHE C 520 51.34 -43.76 12.58
C PHE C 520 50.26 -43.88 13.65
N ALA C 521 49.15 -43.17 13.46
CA ALA C 521 48.05 -43.20 14.41
C ALA C 521 47.86 -44.61 14.99
N TYR C 522 47.77 -45.60 14.10
CA TYR C 522 47.60 -46.97 14.52
C TYR C 522 48.78 -47.40 15.40
N TYR C 523 49.91 -46.73 15.21
CA TYR C 523 51.11 -47.02 15.99
C TYR C 523 50.93 -46.58 17.43
N LEU C 524 50.49 -45.34 17.62
CA LEU C 524 50.26 -44.80 18.96
C LEU C 524 49.15 -45.55 19.67
N ALA C 525 48.10 -45.88 18.93
CA ALA C 525 46.96 -46.60 19.49
C ALA C 525 47.37 -47.94 20.11
N LYS C 526 48.13 -48.73 19.35
CA LYS C 526 48.58 -50.03 19.83
C LYS C 526 49.44 -49.91 21.08
N HIS C 527 50.07 -48.75 21.27
CA HIS C 527 50.92 -48.53 22.42
C HIS C 527 50.22 -47.64 23.45
N GLY C 528 48.91 -47.47 23.28
CA GLY C 528 48.13 -46.65 24.19
C GLY C 528 48.67 -45.24 24.35
N LYS C 529 49.11 -44.65 23.23
CA LYS C 529 49.63 -43.29 23.25
C LYS C 529 48.79 -42.37 22.38
N ARG C 530 48.57 -41.15 22.83
CA ARG C 530 47.78 -40.18 22.08
C ARG C 530 48.64 -39.05 21.54
N TYR C 531 47.99 -38.03 20.99
CA TYR C 531 48.70 -36.89 20.42
C TYR C 531 48.80 -35.66 21.32
N SER C 532 47.65 -35.14 21.74
CA SER C 532 47.58 -33.94 22.56
C SER C 532 47.99 -33.99 24.04
N ASP C 533 48.13 -35.18 24.61
CA ASP C 533 48.51 -35.27 26.02
C ASP C 533 50.01 -35.22 26.28
N GLY C 534 50.79 -35.52 25.24
CA GLY C 534 52.24 -35.48 25.37
C GLY C 534 52.85 -36.70 26.05
N SER C 535 52.07 -37.78 26.13
CA SER C 535 52.57 -39.01 26.75
C SER C 535 53.23 -39.88 25.70
N ALA C 536 53.23 -39.42 24.46
CA ALA C 536 53.83 -40.16 23.36
C ALA C 536 55.15 -39.53 22.93
N ASN C 537 55.58 -38.51 23.66
CA ASN C 537 56.83 -37.81 23.35
C ASN C 537 58.04 -38.74 23.34
N ASN C 538 58.27 -39.44 24.45
CA ASN C 538 59.41 -40.36 24.54
C ASN C 538 59.35 -41.46 23.51
N LEU C 539 58.17 -42.06 23.33
CA LEU C 539 58.01 -43.14 22.36
C LEU C 539 58.40 -42.66 20.97
N THR C 540 58.13 -41.38 20.70
CA THR C 540 58.45 -40.79 19.41
C THR C 540 59.96 -40.59 19.28
N HIS C 541 60.60 -40.30 20.40
CA HIS C 541 62.05 -40.09 20.43
C HIS C 541 62.78 -41.42 20.30
N LYS C 542 62.13 -42.50 20.72
CA LYS C 542 62.72 -43.83 20.65
C LYS C 542 62.54 -44.42 19.26
N THR C 543 61.32 -44.38 18.76
CA THR C 543 60.98 -44.91 17.45
C THR C 543 61.75 -44.24 16.31
N PHE C 544 61.74 -42.91 16.28
CA PHE C 544 62.44 -42.16 15.25
C PHE C 544 63.95 -42.14 15.38
N GLU C 545 64.46 -42.53 16.53
CA GLU C 545 65.91 -42.56 16.73
C GLU C 545 66.43 -43.83 16.05
N ALA C 546 65.61 -44.87 16.09
CA ALA C 546 65.95 -46.15 15.48
C ALA C 546 65.86 -46.06 13.96
N ILE C 547 64.74 -45.50 13.49
CA ILE C 547 64.49 -45.34 12.08
C ILE C 547 65.64 -44.63 11.38
N GLN C 548 66.06 -43.51 11.94
CA GLN C 548 67.15 -42.72 11.40
C GLN C 548 68.48 -43.47 11.49
N TYR C 549 68.69 -44.14 12.62
CA TYR C 549 69.92 -44.91 12.84
C TYR C 549 70.12 -45.94 11.75
N TYR C 550 69.15 -46.85 11.61
CA TYR C 550 69.22 -47.91 10.61
C TYR C 550 69.28 -47.37 9.19
N LEU C 551 68.88 -46.12 9.01
CA LEU C 551 68.90 -45.50 7.69
C LEU C 551 70.30 -44.97 7.38
N LEU C 552 70.99 -44.50 8.41
CA LEU C 552 72.34 -43.98 8.26
C LEU C 552 73.34 -45.13 8.16
N LYS C 553 73.05 -46.21 8.89
CA LYS C 553 73.92 -47.38 8.90
C LYS C 553 73.73 -48.19 7.63
N ALA C 554 72.58 -48.01 6.97
CA ALA C 554 72.29 -48.73 5.73
C ALA C 554 72.98 -48.05 4.56
N SER C 555 73.05 -46.72 4.59
CA SER C 555 73.68 -45.95 3.54
C SER C 555 75.20 -46.01 3.70
N ASN C 556 75.64 -46.13 4.95
CA ASN C 556 77.06 -46.20 5.26
C ASN C 556 77.64 -47.51 4.73
N GLU C 557 76.83 -48.57 4.77
CA GLU C 557 77.25 -49.87 4.28
C GLU C 557 77.37 -49.84 2.76
N LEU C 558 76.43 -49.14 2.12
CA LEU C 558 76.43 -49.02 0.67
C LEU C 558 77.57 -48.13 0.22
N ALA C 559 78.14 -47.37 1.16
CA ALA C 559 79.25 -46.48 0.86
C ALA C 559 80.55 -47.27 0.70
N LYS C 560 80.61 -48.44 1.32
CA LYS C 560 81.80 -49.28 1.22
C LYS C 560 81.71 -50.16 -0.01
N GLU C 561 80.48 -50.52 -0.37
CA GLU C 561 80.19 -51.38 -1.50
C GLU C 561 80.21 -50.69 -2.87
N GLN C 562 79.70 -49.45 -2.93
CA GLN C 562 79.65 -48.73 -4.19
C GLN C 562 80.26 -47.34 -4.19
N GLY C 563 80.67 -46.87 -3.01
CA GLY C 563 81.28 -45.54 -2.93
C GLY C 563 80.30 -44.45 -2.54
N ALA C 564 80.78 -43.49 -1.77
CA ALA C 564 79.95 -42.37 -1.33
C ALA C 564 79.55 -41.48 -2.49
N CYS C 565 78.47 -40.73 -2.32
CA CYS C 565 77.98 -39.83 -3.35
C CYS C 565 79.04 -38.81 -3.76
N PRO C 566 79.08 -38.43 -5.04
CA PRO C 566 80.04 -37.47 -5.59
C PRO C 566 80.18 -36.18 -4.78
N TRP C 567 79.07 -35.57 -4.37
CA TRP C 567 79.12 -34.29 -3.66
C TRP C 567 79.26 -34.39 -2.14
N PHE C 568 79.36 -35.61 -1.63
CA PHE C 568 79.19 -35.91 -0.21
C PHE C 568 79.98 -34.89 0.61
N ASN C 569 81.02 -34.35 0.01
CA ASN C 569 81.87 -33.35 0.66
C ASN C 569 81.10 -32.10 1.06
N GLU C 570 79.96 -31.88 0.43
CA GLU C 570 79.15 -30.70 0.71
C GLU C 570 78.12 -30.95 1.80
N THR C 571 78.25 -32.08 2.49
CA THR C 571 77.33 -32.43 3.57
C THR C 571 78.02 -32.38 4.92
N THR C 572 77.30 -31.89 5.93
CA THR C 572 77.84 -31.80 7.29
C THR C 572 78.20 -33.20 7.79
N TYR C 573 77.58 -34.21 7.20
CA TYR C 573 77.83 -35.60 7.57
C TYR C 573 79.29 -35.96 7.28
N ALA C 574 79.88 -35.28 6.30
CA ALA C 574 81.27 -35.53 5.94
C ALA C 574 82.23 -34.77 6.85
N LYS C 575 81.68 -33.99 7.76
CA LYS C 575 82.51 -33.22 8.69
C LYS C 575 82.33 -33.67 10.14
N GLY C 576 81.61 -34.77 10.33
CA GLY C 576 81.40 -35.31 11.65
C GLY C 576 80.20 -34.75 12.41
N ILE C 577 79.28 -34.11 11.70
CA ILE C 577 78.09 -33.55 12.32
C ILE C 577 76.87 -34.42 12.04
N LEU C 578 76.23 -34.87 13.11
CA LEU C 578 75.06 -35.73 13.00
C LEU C 578 73.78 -34.99 13.41
N PRO C 579 72.61 -35.53 13.06
CA PRO C 579 71.32 -34.91 13.39
C PRO C 579 71.17 -34.64 14.89
N ILE C 580 71.73 -35.53 15.70
CA ILE C 580 71.66 -35.40 17.15
C ILE C 580 72.62 -34.35 17.68
N ASP C 581 73.11 -33.49 16.79
CA ASP C 581 74.05 -32.45 17.19
C ASP C 581 73.58 -31.04 16.82
N THR C 582 72.63 -30.94 15.90
CA THR C 582 72.15 -29.63 15.48
C THR C 582 70.65 -29.41 15.70
N TYR C 583 70.02 -30.24 16.51
CA TYR C 583 68.59 -30.09 16.78
C TYR C 583 68.35 -28.96 17.78
N LYS C 584 67.14 -28.42 17.78
CA LYS C 584 66.78 -27.33 18.69
C LYS C 584 67.02 -27.75 20.13
N LYS C 585 67.68 -26.90 20.89
CA LYS C 585 68.00 -27.18 22.30
C LYS C 585 66.79 -27.23 23.21
N ASP C 586 65.73 -26.51 22.87
CA ASP C 586 64.52 -26.49 23.68
C ASP C 586 63.83 -27.85 23.79
N LEU C 587 64.21 -28.79 22.93
CA LEU C 587 63.61 -30.12 22.96
C LEU C 587 63.98 -30.94 24.19
N ASP C 588 65.00 -30.50 24.92
CA ASP C 588 65.42 -31.21 26.12
C ASP C 588 64.51 -30.96 27.32
N THR C 589 63.53 -30.09 27.14
CA THR C 589 62.60 -29.76 28.22
C THR C 589 61.28 -30.53 28.11
N ILE C 590 61.11 -31.27 27.03
CA ILE C 590 59.89 -32.04 26.81
C ILE C 590 60.15 -33.53 26.61
N ALA C 591 61.40 -33.95 26.80
CA ALA C 591 61.76 -35.35 26.62
C ALA C 591 63.10 -35.67 27.25
N ASN C 592 63.21 -36.87 27.80
CA ASN C 592 64.45 -37.32 28.45
C ASN C 592 64.84 -38.72 27.98
N GLU C 593 64.07 -39.26 27.03
CA GLU C 593 64.32 -40.58 26.49
C GLU C 593 65.75 -40.67 25.97
N PRO C 594 66.58 -41.54 26.58
CA PRO C 594 67.98 -41.72 26.18
C PRO C 594 68.13 -42.45 24.84
N LEU C 595 69.22 -42.15 24.14
CA LEU C 595 69.49 -42.78 22.85
C LEU C 595 69.65 -44.29 23.03
N HIS C 596 68.87 -45.06 22.28
CA HIS C 596 68.91 -46.51 22.36
C HIS C 596 69.79 -47.15 21.29
N TYR C 597 70.71 -46.37 20.72
CA TYR C 597 71.59 -46.88 19.69
C TYR C 597 72.98 -46.27 19.73
N ASP C 598 73.97 -47.06 19.32
CA ASP C 598 75.36 -46.62 19.29
C ASP C 598 75.60 -45.64 18.15
N TRP C 599 75.46 -44.34 18.43
CA TRP C 599 75.66 -43.33 17.42
C TRP C 599 77.13 -42.98 17.24
N GLU C 600 77.92 -43.22 18.27
CA GLU C 600 79.36 -42.95 18.22
C GLU C 600 80.04 -43.96 17.31
N ALA C 601 79.57 -45.20 17.36
CA ALA C 601 80.13 -46.27 16.54
C ALA C 601 79.82 -45.99 15.07
N LEU C 602 78.63 -45.44 14.83
CA LEU C 602 78.20 -45.11 13.47
C LEU C 602 78.84 -43.79 13.05
N ARG C 603 79.15 -42.95 14.05
CA ARG C 603 79.77 -41.66 13.80
C ARG C 603 81.11 -41.84 13.08
N GLU C 604 81.83 -42.89 13.46
CA GLU C 604 83.13 -43.18 12.86
C GLU C 604 82.99 -43.93 11.53
N SER C 605 82.12 -44.94 11.51
CA SER C 605 81.91 -45.72 10.30
C SER C 605 81.47 -44.87 9.11
N ILE C 606 80.78 -43.76 9.41
CA ILE C 606 80.33 -42.85 8.36
C ILE C 606 81.44 -41.86 8.03
N LYS C 607 82.20 -41.44 9.03
CA LYS C 607 83.34 -40.59 8.73
C LYS C 607 84.32 -41.36 7.83
N THR C 608 84.56 -42.62 8.17
CA THR C 608 85.50 -43.46 7.42
C THR C 608 85.16 -43.83 5.96
N HIS C 609 83.91 -44.22 5.71
CA HIS C 609 83.54 -44.71 4.38
C HIS C 609 82.59 -43.79 3.62
N GLY C 610 81.94 -42.90 4.34
CA GLY C 610 81.02 -41.92 3.80
C GLY C 610 79.60 -42.40 3.66
N LEU C 611 78.76 -41.59 3.02
CA LEU C 611 77.37 -41.91 2.80
C LEU C 611 77.04 -41.97 1.31
N ARG C 612 76.22 -42.93 0.92
CA ARG C 612 75.82 -43.10 -0.48
C ARG C 612 74.76 -42.06 -0.83
N ASN C 613 74.17 -41.46 0.20
CA ASN C 613 73.13 -40.45 0.00
C ASN C 613 73.34 -39.26 0.92
N SER C 614 73.05 -38.07 0.42
CA SER C 614 73.19 -36.85 1.21
C SER C 614 72.13 -36.80 2.30
N THR C 615 70.87 -36.98 1.89
CA THR C 615 69.76 -37.02 2.84
C THR C 615 68.88 -38.23 2.60
N LEU C 616 68.63 -38.99 3.66
CA LEU C 616 67.91 -40.26 3.53
C LEU C 616 66.59 -40.29 4.29
N SER C 617 66.35 -39.27 5.10
CA SER C 617 65.11 -39.21 5.88
C SER C 617 64.25 -38.01 5.51
N ALA C 618 62.99 -38.28 5.17
CA ALA C 618 62.04 -37.23 4.82
C ALA C 618 60.65 -37.58 5.32
N LEU C 619 59.83 -36.57 5.57
CA LEU C 619 58.45 -36.79 6.01
C LEU C 619 57.48 -36.23 4.97
N MET C 620 56.57 -37.06 4.51
CA MET C 620 55.59 -36.65 3.50
C MET C 620 54.22 -37.29 3.70
N PRO C 621 53.20 -36.62 3.20
CA PRO C 621 51.82 -37.14 3.25
C PRO C 621 51.67 -38.28 2.25
N SER C 622 50.94 -39.32 2.64
CA SER C 622 50.57 -40.37 1.70
C SER C 622 49.06 -40.63 1.72
N GLU C 623 48.42 -40.56 0.57
CA GLU C 623 47.00 -40.88 0.50
C GLU C 623 46.77 -42.22 -0.22
N THR C 624 47.32 -42.33 -1.43
CA THR C 624 47.29 -43.57 -2.18
C THR C 624 48.10 -44.64 -1.47
N SER C 625 49.24 -44.21 -0.93
CA SER C 625 50.20 -45.09 -0.28
C SER C 625 49.59 -45.83 0.92
N SER C 626 49.03 -45.07 1.85
CA SER C 626 48.42 -45.64 3.05
C SER C 626 47.16 -46.44 2.77
N GLN C 627 46.50 -46.15 1.65
CA GLN C 627 45.27 -46.85 1.29
C GLN C 627 45.50 -48.32 0.96
N ILE C 628 46.36 -48.59 -0.01
CA ILE C 628 46.66 -49.96 -0.43
C ILE C 628 47.06 -50.82 0.77
N SER C 629 47.71 -50.19 1.75
CA SER C 629 48.16 -50.90 2.94
C SER C 629 47.15 -50.83 4.07
N ASN C 630 45.99 -50.23 3.80
CA ASN C 630 44.95 -50.09 4.80
C ASN C 630 45.52 -49.47 6.07
N ALA C 631 46.39 -48.48 5.89
CA ALA C 631 47.03 -47.80 7.00
C ALA C 631 46.53 -46.36 7.13
N THR C 632 46.99 -45.66 8.16
CA THR C 632 46.57 -44.28 8.36
C THR C 632 47.54 -43.37 7.60
N ASN C 633 47.02 -42.27 7.08
CA ASN C 633 47.82 -41.33 6.31
C ASN C 633 48.95 -40.71 7.15
N GLY C 634 50.18 -40.97 6.73
CA GLY C 634 51.34 -40.44 7.43
C GLY C 634 51.23 -40.46 8.95
N ILE C 635 51.63 -39.36 9.57
CA ILE C 635 51.58 -39.24 11.03
C ILE C 635 50.23 -38.68 11.46
N GLU C 636 49.51 -38.08 10.51
CA GLU C 636 48.21 -37.49 10.79
C GLU C 636 47.23 -38.45 11.44
N PRO C 637 46.48 -37.97 12.44
CA PRO C 637 45.50 -38.79 13.15
C PRO C 637 44.23 -38.91 12.30
N PRO C 638 43.53 -40.03 12.39
CA PRO C 638 42.30 -40.23 11.61
C PRO C 638 41.14 -39.33 12.04
N ARG C 639 40.55 -38.64 11.08
CA ARG C 639 39.41 -37.75 11.36
C ARG C 639 38.27 -38.57 11.95
N GLY C 640 38.12 -39.79 11.45
CA GLY C 640 37.07 -40.66 11.93
C GLY C 640 37.45 -42.12 11.79
N TYR C 641 36.48 -43.01 12.00
CA TYR C 641 36.72 -44.44 11.91
C TYR C 641 36.59 -44.90 10.46
N VAL C 642 35.68 -44.27 9.72
CA VAL C 642 35.46 -44.59 8.32
C VAL C 642 35.66 -43.34 7.47
N SER C 643 36.62 -43.40 6.55
CA SER C 643 36.92 -42.27 5.69
C SER C 643 36.17 -42.43 4.36
N ILE C 644 35.56 -41.34 3.89
CA ILE C 644 34.80 -41.36 2.64
C ILE C 644 35.43 -40.48 1.57
N LYS C 645 35.68 -41.08 0.41
CA LYS C 645 36.27 -40.36 -0.72
C LYS C 645 35.49 -40.66 -2.00
N ALA C 646 35.65 -39.80 -3.01
CA ALA C 646 34.95 -39.98 -4.27
C ALA C 646 35.88 -40.45 -5.38
N SER C 647 35.35 -41.28 -6.28
CA SER C 647 36.10 -41.81 -7.40
C SER C 647 35.18 -41.98 -8.60
N LYS C 648 35.75 -42.08 -9.79
CA LYS C 648 34.95 -42.24 -11.00
C LYS C 648 34.18 -43.56 -10.92
N ASP C 649 34.63 -44.45 -10.03
CA ASP C 649 34.00 -45.75 -9.85
C ASP C 649 32.96 -45.69 -8.74
N GLY C 650 32.91 -44.57 -8.02
CA GLY C 650 31.95 -44.43 -6.94
C GLY C 650 32.56 -43.87 -5.67
N ILE C 651 31.88 -44.10 -4.56
CA ILE C 651 32.34 -43.62 -3.26
C ILE C 651 33.29 -44.64 -2.63
N LEU C 652 34.25 -44.14 -1.86
CA LEU C 652 35.23 -45.01 -1.20
C LEU C 652 35.17 -44.90 0.31
N ARG C 653 35.04 -46.04 0.98
CA ARG C 653 34.99 -46.07 2.44
C ARG C 653 36.12 -46.93 2.99
N GLN C 654 36.97 -46.33 3.82
CA GLN C 654 38.08 -47.03 4.43
C GLN C 654 37.94 -46.96 5.94
N VAL C 655 38.08 -48.11 6.60
CA VAL C 655 37.95 -48.16 8.05
C VAL C 655 39.30 -48.32 8.72
N VAL C 656 39.49 -47.61 9.83
CA VAL C 656 40.75 -47.68 10.57
C VAL C 656 41.06 -49.13 10.89
N PRO C 657 42.26 -49.61 10.54
CA PRO C 657 42.67 -50.99 10.79
C PRO C 657 42.52 -51.45 12.24
N ASP C 658 42.02 -52.67 12.39
CA ASP C 658 41.81 -53.28 13.71
C ASP C 658 40.82 -52.50 14.57
N TYR C 659 39.88 -51.84 13.90
CA TYR C 659 38.84 -51.06 14.58
C TYR C 659 38.05 -51.98 15.52
N GLU C 660 38.11 -53.28 15.25
CA GLU C 660 37.31 -54.20 16.05
C GLU C 660 37.72 -54.14 17.53
N HIS C 661 39.02 -54.09 17.79
CA HIS C 661 39.49 -53.98 19.17
C HIS C 661 40.06 -52.60 19.55
N LEU C 662 40.35 -51.77 18.54
CA LEU C 662 41.03 -50.50 18.77
C LEU C 662 40.14 -49.25 18.80
N HIS C 663 38.83 -49.44 18.72
CA HIS C 663 37.91 -48.32 18.56
C HIS C 663 38.03 -47.29 19.68
N ASP C 664 38.35 -47.75 20.88
CA ASP C 664 38.49 -46.84 22.02
C ASP C 664 39.93 -46.40 22.24
N ALA C 665 40.86 -47.01 21.52
CA ALA C 665 42.27 -46.67 21.65
C ALA C 665 42.62 -45.50 20.72
N TYR C 666 41.91 -45.42 19.61
CA TYR C 666 42.12 -44.36 18.63
C TYR C 666 41.66 -42.99 19.14
N GLU C 667 42.28 -41.95 18.60
CA GLU C 667 41.94 -40.57 18.97
C GLU C 667 41.73 -39.77 17.69
N LEU C 668 40.47 -39.68 17.26
CA LEU C 668 40.12 -38.96 16.05
C LEU C 668 40.60 -37.51 16.08
N LEU C 669 40.81 -36.95 14.89
CA LEU C 669 41.28 -35.58 14.73
C LEU C 669 40.54 -34.56 15.59
N TRP C 670 39.23 -34.49 15.42
CA TRP C 670 38.40 -33.53 16.16
C TRP C 670 38.19 -33.89 17.62
N GLU C 671 38.97 -34.84 18.13
CA GLU C 671 38.87 -35.23 19.52
C GLU C 671 40.03 -34.62 20.30
N MET C 672 40.93 -33.96 19.57
CA MET C 672 42.09 -33.32 20.18
C MET C 672 41.73 -31.96 20.75
N PRO C 673 42.08 -31.72 22.03
CA PRO C 673 41.80 -30.45 22.70
C PRO C 673 42.46 -29.27 21.99
N GLY C 674 43.64 -29.51 21.43
CA GLY C 674 44.36 -28.47 20.73
C GLY C 674 45.45 -29.01 19.82
N ASN C 675 46.32 -28.13 19.35
CA ASN C 675 47.43 -28.53 18.48
C ASN C 675 48.74 -28.70 19.23
N ASP C 676 48.75 -28.24 20.48
CA ASP C 676 49.94 -28.35 21.32
C ASP C 676 50.56 -29.75 21.28
N GLY C 677 49.75 -30.74 21.65
CA GLY C 677 50.22 -32.11 21.67
C GLY C 677 50.79 -32.58 20.34
N TYR C 678 50.02 -32.42 19.27
CA TYR C 678 50.45 -32.83 17.94
C TYR C 678 51.70 -32.09 17.50
N LEU C 679 51.85 -30.85 17.96
CA LEU C 679 53.02 -30.04 17.60
C LEU C 679 54.29 -30.54 18.27
N GLN C 680 54.15 -31.15 19.44
CA GLN C 680 55.29 -31.67 20.17
C GLN C 680 55.84 -32.95 19.53
N LEU C 681 54.94 -33.76 18.98
CA LEU C 681 55.35 -35.00 18.33
C LEU C 681 56.08 -34.68 17.03
N VAL C 682 55.53 -33.75 16.27
CA VAL C 682 56.13 -33.34 15.00
C VAL C 682 57.50 -32.73 15.27
N GLY C 683 57.58 -31.89 16.29
CA GLY C 683 58.84 -31.25 16.63
C GLY C 683 59.89 -32.28 17.01
N ILE C 684 59.47 -33.31 17.74
CA ILE C 684 60.37 -34.38 18.17
C ILE C 684 60.82 -35.19 16.95
N MET C 685 59.99 -35.20 15.91
CA MET C 685 60.32 -35.93 14.69
C MET C 685 61.38 -35.20 13.88
N GLN C 686 61.31 -33.87 13.89
CA GLN C 686 62.26 -33.06 13.14
C GLN C 686 63.68 -33.18 13.70
N LYS C 687 63.79 -33.46 14.98
CA LYS C 687 65.09 -33.59 15.63
C LYS C 687 65.97 -34.64 14.97
N PHE C 688 65.36 -35.66 14.36
CA PHE C 688 66.12 -36.71 13.70
C PHE C 688 66.00 -36.69 12.19
N ILE C 689 64.84 -36.27 11.69
CA ILE C 689 64.60 -36.20 10.25
C ILE C 689 65.65 -35.34 9.56
N ASP C 690 66.11 -35.83 8.40
CA ASP C 690 66.93 -35.07 7.46
C ASP C 690 66.15 -33.92 6.82
N GLN C 691 64.89 -34.19 6.50
CA GLN C 691 64.08 -33.31 5.66
C GLN C 691 62.74 -32.95 6.29
N SER C 692 62.17 -31.85 5.81
CA SER C 692 60.96 -31.26 6.38
C SER C 692 59.71 -32.14 6.29
N ILE C 693 58.92 -32.08 7.36
CA ILE C 693 57.65 -32.78 7.52
C ILE C 693 56.46 -32.08 6.84
N SER C 694 55.36 -32.83 6.72
CA SER C 694 54.13 -32.36 6.07
C SER C 694 53.00 -31.99 7.04
N ALA C 695 53.35 -31.74 8.30
CA ALA C 695 52.36 -31.61 9.37
C ALA C 695 51.34 -30.48 9.20
N ASN C 696 50.12 -30.76 9.64
CA ASN C 696 48.94 -29.91 9.44
C ASN C 696 48.51 -29.24 10.73
N THR C 697 47.83 -28.11 10.60
CA THR C 697 47.33 -27.37 11.75
C THR C 697 45.80 -27.36 11.69
N ASN C 698 45.18 -28.10 12.60
CA ASN C 698 43.73 -28.21 12.65
C ASN C 698 43.09 -27.28 13.68
N TYR C 699 41.91 -26.77 13.37
CA TYR C 699 41.19 -25.89 14.27
C TYR C 699 39.69 -26.15 14.22
N ASP C 700 39.07 -26.25 15.40
CA ASP C 700 37.63 -26.50 15.49
C ASP C 700 36.92 -25.26 16.01
N PRO C 701 36.19 -24.55 15.13
CA PRO C 701 35.46 -23.33 15.49
C PRO C 701 34.51 -23.51 16.68
N SER C 702 34.00 -24.72 16.86
CA SER C 702 33.07 -25.01 17.95
C SER C 702 33.71 -24.84 19.33
N ARG C 703 35.02 -25.01 19.41
CA ARG C 703 35.73 -24.89 20.69
C ARG C 703 36.04 -23.44 21.02
N PHE C 704 35.89 -22.55 20.04
CA PHE C 704 36.17 -21.13 20.25
C PHE C 704 34.91 -20.29 20.38
N PRO C 705 34.98 -19.23 21.21
CA PRO C 705 33.84 -18.33 21.43
C PRO C 705 33.30 -17.75 20.13
N SER C 706 31.98 -17.81 19.96
CA SER C 706 31.31 -17.29 18.77
C SER C 706 31.73 -18.04 17.51
N GLY C 707 32.39 -19.19 17.71
CA GLY C 707 32.82 -19.99 16.59
C GLY C 707 33.76 -19.27 15.64
N LYS C 708 34.71 -18.54 16.19
CA LYS C 708 35.68 -17.81 15.38
C LYS C 708 37.08 -17.93 15.97
N VAL C 709 37.98 -18.54 15.19
CA VAL C 709 39.36 -18.75 15.61
C VAL C 709 40.08 -17.45 15.87
N PRO C 710 40.52 -17.23 17.12
CA PRO C 710 41.24 -16.01 17.50
C PRO C 710 42.66 -15.97 16.92
N MET C 711 43.09 -14.79 16.51
CA MET C 711 44.43 -14.63 15.94
C MET C 711 45.50 -14.95 16.98
N GLN C 712 45.22 -14.61 18.23
CA GLN C 712 46.14 -14.86 19.33
C GLN C 712 46.55 -16.33 19.35
N GLN C 713 45.58 -17.21 19.10
CA GLN C 713 45.83 -18.65 19.10
C GLN C 713 46.56 -19.10 17.84
N LEU C 714 46.41 -18.35 16.76
CA LEU C 714 47.07 -18.69 15.51
C LEU C 714 48.56 -18.35 15.57
N LEU C 715 48.91 -17.41 16.44
CA LEU C 715 50.30 -17.00 16.61
C LEU C 715 50.94 -17.88 17.68
N LYS C 716 50.12 -18.26 18.67
CA LYS C 716 50.57 -19.10 19.77
C LYS C 716 51.13 -20.42 19.26
N ASP C 717 50.31 -21.17 18.54
CA ASP C 717 50.72 -22.46 18.00
C ASP C 717 51.91 -22.32 17.06
N LEU C 718 51.92 -21.25 16.27
CA LEU C 718 53.00 -21.02 15.32
C LEU C 718 54.32 -20.84 16.06
N LEU C 719 54.28 -20.12 17.17
CA LEU C 719 55.47 -19.88 17.97
C LEU C 719 55.96 -21.18 18.61
N THR C 720 55.04 -22.03 18.99
CA THR C 720 55.37 -23.31 19.61
C THR C 720 56.10 -24.22 18.62
N ALA C 721 55.57 -24.33 17.42
CA ALA C 721 56.18 -25.16 16.39
C ALA C 721 57.64 -24.80 16.22
N TYR C 722 57.91 -23.52 15.99
CA TYR C 722 59.27 -23.03 15.81
C TYR C 722 60.13 -23.38 17.03
N LYS C 723 59.57 -23.20 18.21
CA LYS C 723 60.26 -23.47 19.46
C LYS C 723 60.81 -24.89 19.56
N PHE C 724 60.16 -25.82 18.87
CA PHE C 724 60.58 -27.23 18.92
C PHE C 724 61.31 -27.69 17.65
N GLY C 725 61.70 -26.75 16.81
CA GLY C 725 62.43 -27.09 15.60
C GLY C 725 61.62 -27.49 14.38
N VAL C 726 60.31 -27.24 14.40
CA VAL C 726 59.48 -27.59 13.26
C VAL C 726 59.95 -26.79 12.04
N LYS C 727 60.35 -27.51 10.98
CA LYS C 727 60.84 -26.87 9.77
C LYS C 727 59.76 -26.24 8.90
N THR C 728 58.75 -27.02 8.54
CA THR C 728 57.67 -26.50 7.70
C THR C 728 56.27 -26.89 8.16
N LEU C 729 55.28 -26.15 7.68
CA LEU C 729 53.88 -26.38 8.01
C LEU C 729 53.08 -26.53 6.72
N TYR C 730 52.34 -27.62 6.61
CA TYR C 730 51.54 -27.90 5.42
C TYR C 730 50.12 -27.33 5.54
N TYR C 731 49.13 -28.12 5.16
CA TYR C 731 47.73 -27.71 5.21
C TYR C 731 47.28 -27.13 6.55
N GLN C 732 46.13 -26.48 6.53
CA GLN C 732 45.52 -25.90 7.72
C GLN C 732 44.05 -26.26 7.68
N ASN C 733 43.73 -27.47 8.13
CA ASN C 733 42.36 -27.95 8.13
C ASN C 733 41.47 -27.28 9.17
N THR C 734 40.35 -26.75 8.70
CA THR C 734 39.38 -26.08 9.58
C THR C 734 38.06 -26.83 9.50
N ARG C 735 37.58 -27.30 10.65
CA ARG C 735 36.33 -28.05 10.72
C ARG C 735 35.08 -27.23 10.42
N ASP C 736 34.03 -27.90 9.95
CA ASP C 736 32.78 -27.23 9.62
C ASP C 736 31.75 -28.22 9.10
N GLY C 737 31.38 -29.18 9.96
CA GLY C 737 30.40 -30.19 9.59
C GLY C 737 29.14 -29.58 9.01
N LEU D 6 55.74 37.74 -7.91
CA LEU D 6 56.75 36.80 -7.46
C LEU D 6 56.87 35.61 -8.43
N VAL D 7 56.54 35.85 -9.69
CA VAL D 7 56.60 34.81 -10.70
C VAL D 7 57.97 34.14 -10.71
N THR D 8 57.97 32.85 -10.43
CA THR D 8 59.22 32.08 -10.36
C THR D 8 59.77 31.81 -11.75
N LYS D 9 61.10 31.86 -11.87
CA LYS D 9 61.77 31.59 -13.14
C LYS D 9 62.53 30.27 -13.10
N ARG D 10 63.01 29.84 -14.26
CA ARG D 10 63.75 28.59 -14.35
C ARG D 10 64.81 28.41 -13.26
N ASP D 11 65.48 29.51 -12.89
CA ASP D 11 66.51 29.45 -11.87
C ASP D 11 65.97 29.71 -10.47
N GLY D 12 64.65 29.61 -10.31
CA GLY D 12 64.04 29.83 -9.01
C GLY D 12 64.08 31.26 -8.52
N SER D 13 64.59 32.17 -9.33
CA SER D 13 64.66 33.58 -8.94
C SER D 13 63.30 34.26 -9.08
N THR D 14 62.74 34.72 -7.97
CA THR D 14 61.41 35.33 -8.03
C THR D 14 61.39 36.58 -8.91
N GLU D 15 60.36 36.71 -9.73
CA GLU D 15 60.23 37.84 -10.64
C GLU D 15 58.80 38.38 -10.70
N ARG D 16 58.66 39.68 -10.95
CA ARG D 16 57.36 40.32 -11.08
C ARG D 16 56.60 39.89 -12.34
N ILE D 17 55.29 39.75 -12.21
CA ILE D 17 54.42 39.41 -13.34
C ILE D 17 54.30 40.56 -14.33
N ASN D 18 54.13 40.23 -15.61
CA ASN D 18 53.97 41.24 -16.65
C ASN D 18 53.17 40.61 -17.78
N LEU D 19 51.86 40.82 -17.75
CA LEU D 19 50.94 40.28 -18.73
C LEU D 19 51.26 40.58 -20.19
N ASP D 20 52.21 41.48 -20.43
CA ASP D 20 52.60 41.80 -21.81
C ASP D 20 53.55 40.75 -22.36
N LYS D 21 54.40 40.21 -21.49
CA LYS D 21 55.36 39.18 -21.89
C LYS D 21 54.60 38.01 -22.49
N ILE D 22 53.55 37.59 -21.79
CA ILE D 22 52.72 36.48 -22.23
C ILE D 22 52.06 36.85 -23.56
N HIS D 23 51.55 38.07 -23.62
CA HIS D 23 50.88 38.55 -24.82
C HIS D 23 51.78 38.41 -26.04
N ARG D 24 52.94 39.05 -26.01
CA ARG D 24 53.89 38.98 -27.12
C ARG D 24 54.06 37.54 -27.60
N VAL D 25 54.21 36.62 -26.65
CA VAL D 25 54.38 35.21 -26.98
C VAL D 25 53.22 34.72 -27.85
N LEU D 26 52.01 34.88 -27.32
CA LEU D 26 50.80 34.47 -28.05
C LEU D 26 50.73 35.18 -29.39
N ASP D 27 50.80 36.51 -29.34
CA ASP D 27 50.73 37.34 -30.54
C ASP D 27 51.68 36.77 -31.60
N TRP D 28 52.87 36.39 -31.15
CA TRP D 28 53.90 35.82 -32.03
C TRP D 28 53.48 34.48 -32.61
N ALA D 29 52.84 33.66 -31.78
CA ALA D 29 52.41 32.33 -32.20
C ALA D 29 51.12 32.35 -33.03
N ALA D 30 50.44 33.49 -33.04
CA ALA D 30 49.19 33.62 -33.80
C ALA D 30 49.43 34.12 -35.22
N GLU D 31 50.63 34.64 -35.46
CA GLU D 31 50.99 35.16 -36.78
C GLU D 31 50.62 34.25 -37.94
N GLY D 32 49.87 34.80 -38.89
CA GLY D 32 49.46 34.04 -40.05
C GLY D 32 48.31 33.06 -39.85
N LEU D 33 47.61 33.18 -38.74
CA LEU D 33 46.49 32.29 -38.44
C LEU D 33 45.17 33.05 -38.43
N HIS D 34 44.18 32.53 -39.15
CA HIS D 34 42.87 33.16 -39.23
C HIS D 34 41.90 32.59 -38.18
N ASN D 35 40.86 33.35 -37.87
CA ASN D 35 39.83 32.86 -36.98
C ASN D 35 40.47 32.39 -35.67
N VAL D 36 41.51 33.10 -35.25
CA VAL D 36 42.14 32.82 -33.96
C VAL D 36 42.11 34.09 -33.11
N SER D 37 41.86 33.93 -31.82
CA SER D 37 41.79 35.07 -30.92
C SER D 37 42.69 34.91 -29.70
N ILE D 38 43.51 35.92 -29.45
CA ILE D 38 44.42 35.91 -28.32
C ILE D 38 43.59 35.94 -27.04
N SER D 39 42.57 36.79 -27.03
CA SER D 39 41.77 37.03 -25.82
C SER D 39 41.06 35.77 -25.32
N GLN D 40 40.53 34.98 -26.24
CA GLN D 40 39.83 33.75 -25.89
C GLN D 40 40.75 32.75 -25.22
N VAL D 41 41.93 32.57 -25.79
CA VAL D 41 42.91 31.63 -25.26
C VAL D 41 43.19 31.89 -23.78
N GLU D 42 43.46 33.16 -23.45
CA GLU D 42 43.74 33.54 -22.08
C GLU D 42 42.49 33.35 -21.25
N LEU D 43 41.35 33.68 -21.83
CA LEU D 43 40.07 33.54 -21.14
C LEU D 43 39.66 32.07 -21.04
N ARG D 44 40.09 31.28 -22.01
CA ARG D 44 39.76 29.85 -22.03
C ARG D 44 40.72 29.05 -21.15
N SER D 45 41.74 29.73 -20.62
CA SER D 45 42.72 29.09 -19.78
C SER D 45 42.29 29.18 -18.33
N HIS D 46 41.59 30.25 -18.01
CA HIS D 46 41.07 30.41 -16.67
C HIS D 46 42.30 30.25 -15.82
N ILE D 47 43.44 30.75 -16.32
CA ILE D 47 44.69 30.51 -15.65
C ILE D 47 44.53 31.10 -14.27
N GLN D 48 44.95 30.34 -13.27
CA GLN D 48 44.77 30.79 -11.89
C GLN D 48 46.10 31.11 -11.23
N PHE D 49 46.29 32.50 -11.27
CA PHE D 49 47.51 32.98 -10.65
C PHE D 49 47.47 32.83 -9.13
N TYR D 50 48.64 32.53 -8.58
CA TYR D 50 48.94 32.51 -7.17
C TYR D 50 50.43 32.84 -7.05
N ASP D 51 50.86 33.34 -5.89
CA ASP D 51 52.26 33.71 -5.73
C ASP D 51 53.16 32.51 -5.91
N GLY D 52 54.24 32.70 -6.65
CA GLY D 52 55.27 31.70 -6.81
C GLY D 52 55.00 30.67 -7.89
N ILE D 53 53.97 30.88 -8.69
CA ILE D 53 53.70 29.97 -9.79
C ILE D 53 54.88 30.03 -10.75
N LYS D 54 55.31 28.85 -11.22
CA LYS D 54 56.43 28.77 -12.15
C LYS D 54 56.05 29.24 -13.56
N THR D 55 57.00 29.86 -14.25
CA THR D 55 56.77 30.25 -15.63
C THR D 55 56.50 29.03 -16.51
N SER D 56 57.02 27.88 -16.08
CA SER D 56 56.83 26.63 -16.82
C SER D 56 55.37 26.20 -16.82
N ASP D 57 54.76 26.24 -15.65
CA ASP D 57 53.35 25.88 -15.51
C ASP D 57 52.49 26.79 -16.38
N ILE D 58 52.92 28.04 -16.52
CA ILE D 58 52.22 29.00 -17.37
C ILE D 58 52.18 28.50 -18.80
N HIS D 59 53.21 27.75 -19.20
CA HIS D 59 53.27 27.19 -20.55
C HIS D 59 52.22 26.10 -20.71
N GLU D 60 52.24 25.13 -19.80
CA GLU D 60 51.31 24.02 -19.81
C GLU D 60 49.86 24.48 -19.82
N THR D 61 49.61 25.63 -19.21
CA THR D 61 48.27 26.19 -19.13
C THR D 61 47.83 26.83 -20.45
N ILE D 62 48.67 27.69 -21.00
CA ILE D 62 48.36 28.36 -22.26
C ILE D 62 48.28 27.37 -23.41
N ILE D 63 49.21 26.42 -23.44
CA ILE D 63 49.25 25.41 -24.49
C ILE D 63 47.98 24.57 -24.44
N LYS D 64 47.48 24.33 -23.24
CA LYS D 64 46.25 23.55 -23.07
C LYS D 64 45.04 24.33 -23.53
N ALA D 65 44.97 25.59 -23.11
CA ALA D 65 43.86 26.46 -23.46
C ALA D 65 43.72 26.59 -24.98
N ALA D 66 44.83 26.92 -25.65
CA ALA D 66 44.83 27.07 -27.09
C ALA D 66 44.50 25.74 -27.77
N ALA D 67 45.02 24.66 -27.22
CA ALA D 67 44.80 23.33 -27.77
C ALA D 67 43.32 22.96 -27.79
N ASP D 68 42.61 23.29 -26.72
CA ASP D 68 41.18 23.00 -26.62
C ASP D 68 40.33 23.86 -27.54
N LEU D 69 40.98 24.71 -28.33
CA LEU D 69 40.26 25.58 -29.26
C LEU D 69 40.29 25.03 -30.68
N ILE D 70 40.84 23.83 -30.82
CA ILE D 70 40.92 23.19 -32.14
C ILE D 70 39.53 22.77 -32.61
N SER D 71 38.98 23.53 -33.55
CA SER D 71 37.65 23.23 -34.08
C SER D 71 37.66 23.32 -35.60
N ARG D 72 36.61 22.77 -36.21
CA ARG D 72 36.48 22.79 -37.66
C ARG D 72 36.37 24.25 -38.10
N ASP D 73 35.65 25.02 -37.31
CA ASP D 73 35.44 26.44 -37.59
C ASP D 73 36.75 27.22 -37.47
N ALA D 74 37.68 26.67 -36.71
CA ALA D 74 38.98 27.31 -36.50
C ALA D 74 40.09 26.26 -36.46
N PRO D 75 40.54 25.81 -37.64
CA PRO D 75 41.60 24.81 -37.78
C PRO D 75 43.03 25.31 -37.53
N ASP D 76 43.23 26.62 -37.66
CA ASP D 76 44.56 27.20 -37.46
C ASP D 76 45.08 27.08 -36.03
N TYR D 77 44.20 26.75 -35.10
CA TYR D 77 44.60 26.60 -33.70
C TYR D 77 45.50 25.37 -33.59
N GLN D 78 45.54 24.60 -34.68
CA GLN D 78 46.34 23.39 -34.76
C GLN D 78 47.83 23.74 -34.75
N TYR D 79 48.17 24.82 -35.45
CA TYR D 79 49.54 25.28 -35.54
C TYR D 79 49.87 26.33 -34.49
N LEU D 80 48.84 26.97 -33.95
CA LEU D 80 49.03 28.00 -32.92
C LEU D 80 49.47 27.36 -31.61
N ALA D 81 48.76 26.31 -31.21
CA ALA D 81 49.08 25.60 -29.97
C ALA D 81 50.35 24.76 -30.16
N ALA D 82 50.56 24.32 -31.40
CA ALA D 82 51.74 23.51 -31.72
C ALA D 82 53.01 24.35 -31.62
N ARG D 83 52.91 25.61 -32.00
CA ARG D 83 54.04 26.52 -31.95
C ARG D 83 54.40 26.87 -30.51
N LEU D 84 53.38 27.00 -29.67
CA LEU D 84 53.58 27.33 -28.26
C LEU D 84 54.15 26.10 -27.56
N ALA D 85 53.94 24.94 -28.16
CA ALA D 85 54.43 23.68 -27.61
C ALA D 85 55.89 23.50 -28.00
N ILE D 86 56.18 23.71 -29.28
CA ILE D 86 57.55 23.58 -29.77
C ILE D 86 58.43 24.63 -29.10
N PHE D 87 57.81 25.73 -28.68
CA PHE D 87 58.52 26.80 -28.01
C PHE D 87 58.97 26.33 -26.62
N HIS D 88 58.01 25.81 -25.86
CA HIS D 88 58.29 25.31 -24.51
C HIS D 88 59.32 24.19 -24.57
N LEU D 89 59.28 23.40 -25.65
CA LEU D 89 60.21 22.29 -25.82
C LEU D 89 61.63 22.79 -26.04
N ARG D 90 61.80 23.70 -27.00
CA ARG D 90 63.12 24.27 -27.30
C ARG D 90 63.77 24.81 -26.04
N LYS D 91 63.00 25.55 -25.26
CA LYS D 91 63.49 26.13 -24.02
C LYS D 91 63.73 25.09 -22.94
N LYS D 92 63.07 23.94 -23.08
CA LYS D 92 63.19 22.85 -22.11
C LYS D 92 64.36 21.92 -22.39
N ALA D 93 64.93 22.02 -23.59
CA ALA D 93 66.04 21.16 -23.97
C ALA D 93 67.34 21.91 -24.25
N TYR D 94 67.25 23.24 -24.42
CA TYR D 94 68.43 24.04 -24.71
C TYR D 94 68.60 25.20 -23.74
N GLY D 95 67.56 25.49 -22.96
CA GLY D 95 67.64 26.58 -22.02
C GLY D 95 67.18 27.88 -22.68
N GLN D 96 67.07 27.84 -24.00
CA GLN D 96 66.64 28.99 -24.78
C GLN D 96 65.95 28.50 -26.04
N PHE D 97 65.45 29.43 -26.85
CA PHE D 97 64.77 29.08 -28.09
C PHE D 97 65.75 28.59 -29.14
N GLU D 98 66.75 29.42 -29.46
CA GLU D 98 67.76 29.08 -30.46
C GLU D 98 68.58 27.84 -30.11
N PRO D 99 68.50 26.84 -31.00
CA PRO D 99 69.17 25.55 -30.80
C PRO D 99 70.70 25.61 -30.84
N PRO D 100 71.31 24.71 -30.07
CA PRO D 100 72.78 24.57 -29.97
C PRO D 100 73.44 23.92 -31.19
N ALA D 101 74.73 24.18 -31.38
CA ALA D 101 75.47 23.68 -32.53
C ALA D 101 75.47 22.15 -32.58
N LEU D 102 75.41 21.61 -33.79
CA LEU D 102 75.17 20.19 -34.02
C LEU D 102 76.29 19.33 -33.44
N TYR D 103 77.52 19.82 -33.55
CA TYR D 103 78.68 19.08 -33.06
C TYR D 103 78.72 19.10 -31.53
N ASP D 104 78.50 20.27 -30.94
CA ASP D 104 78.52 20.40 -29.49
C ASP D 104 77.37 19.63 -28.87
N HIS D 105 76.28 19.49 -29.62
CA HIS D 105 75.11 18.76 -29.14
C HIS D 105 75.39 17.27 -29.06
N VAL D 106 75.76 16.68 -30.21
CA VAL D 106 76.06 15.26 -30.27
C VAL D 106 77.11 14.86 -29.24
N VAL D 107 78.13 15.72 -29.08
CA VAL D 107 79.20 15.47 -28.12
C VAL D 107 78.64 15.36 -26.71
N LYS D 108 77.98 16.42 -26.26
CA LYS D 108 77.39 16.45 -24.92
C LYS D 108 76.45 15.28 -24.68
N MET D 109 75.70 14.89 -25.71
CA MET D 109 74.76 13.78 -25.61
C MET D 109 75.48 12.44 -25.45
N VAL D 110 76.51 12.22 -26.25
CA VAL D 110 77.27 10.98 -26.18
C VAL D 110 77.90 10.82 -24.81
N GLU D 111 78.24 11.94 -24.17
CA GLU D 111 78.85 11.90 -22.85
C GLU D 111 77.80 11.56 -21.79
N MET D 112 76.58 12.04 -21.99
CA MET D 112 75.50 11.76 -21.06
C MET D 112 74.97 10.34 -21.23
N GLY D 113 75.46 9.65 -22.25
CA GLY D 113 75.02 8.29 -22.49
C GLY D 113 73.65 8.20 -23.12
N LYS D 114 73.22 9.26 -23.80
CA LYS D 114 71.93 9.29 -24.46
C LYS D 114 72.07 8.92 -25.94
N TYR D 115 73.15 9.39 -26.54
CA TYR D 115 73.43 9.10 -27.94
C TYR D 115 74.44 7.97 -28.06
N ASP D 116 74.42 7.27 -29.19
CA ASP D 116 75.35 6.17 -29.41
C ASP D 116 76.73 6.72 -29.73
N ASN D 117 77.73 6.28 -28.97
CA ASN D 117 79.10 6.73 -29.16
C ASN D 117 79.67 6.42 -30.53
N HIS D 118 78.91 5.67 -31.33
CA HIS D 118 79.35 5.28 -32.67
C HIS D 118 79.29 6.46 -33.64
N LEU D 119 78.43 7.43 -33.35
CA LEU D 119 78.28 8.61 -34.21
C LEU D 119 79.58 9.39 -34.32
N LEU D 120 80.24 9.62 -33.19
CA LEU D 120 81.49 10.37 -33.18
C LEU D 120 82.60 9.62 -33.91
N GLU D 121 82.55 8.30 -33.85
CA GLU D 121 83.57 7.48 -34.51
C GLU D 121 83.33 7.32 -36.00
N ASP D 122 82.08 7.46 -36.44
CA ASP D 122 81.76 7.33 -37.85
C ASP D 122 81.91 8.64 -38.60
N TYR D 123 81.58 9.75 -37.93
CA TYR D 123 81.67 11.06 -38.54
C TYR D 123 82.67 11.96 -37.82
N THR D 124 83.39 12.77 -38.60
CA THR D 124 84.39 13.68 -38.06
C THR D 124 83.72 15.00 -37.68
N GLU D 125 84.47 15.87 -37.02
CA GLU D 125 83.96 17.16 -36.61
C GLU D 125 83.57 17.98 -37.84
N GLU D 126 84.28 17.75 -38.94
CA GLU D 126 84.02 18.44 -40.19
C GLU D 126 82.75 17.93 -40.86
N GLU D 127 82.56 16.62 -40.85
CA GLU D 127 81.37 16.02 -41.47
C GLU D 127 80.11 16.44 -40.72
N PHE D 128 80.24 16.67 -39.41
CA PHE D 128 79.09 17.09 -38.61
C PHE D 128 78.71 18.53 -38.90
N LYS D 129 79.72 19.39 -39.03
CA LYS D 129 79.47 20.80 -39.32
C LYS D 129 78.81 20.95 -40.68
N GLN D 130 79.17 20.06 -41.61
CA GLN D 130 78.61 20.10 -42.95
C GLN D 130 77.15 19.66 -42.94
N MET D 131 76.81 18.68 -42.10
CA MET D 131 75.44 18.22 -42.00
C MET D 131 74.59 19.25 -41.27
N ASP D 132 75.27 20.11 -40.52
CA ASP D 132 74.60 21.16 -39.76
C ASP D 132 73.90 22.13 -40.71
N THR D 133 74.38 22.16 -41.95
CA THR D 133 73.81 23.06 -42.95
C THR D 133 72.55 22.46 -43.60
N PHE D 134 72.43 21.13 -43.54
CA PHE D 134 71.27 20.47 -44.13
C PHE D 134 70.02 20.73 -43.28
N ILE D 135 70.20 20.74 -41.97
CA ILE D 135 69.10 20.96 -41.03
C ILE D 135 68.42 22.33 -41.20
N ASP D 136 67.09 22.32 -41.11
CA ASP D 136 66.28 23.53 -41.22
C ASP D 136 65.41 23.60 -39.96
N HIS D 137 65.94 24.23 -38.92
CA HIS D 137 65.22 24.35 -37.66
C HIS D 137 63.87 25.06 -37.72
N ASP D 138 63.58 25.72 -38.84
CA ASP D 138 62.31 26.42 -38.98
C ASP D 138 61.17 25.48 -39.35
N ARG D 139 61.51 24.26 -39.76
CA ARG D 139 60.50 23.28 -40.14
C ARG D 139 59.74 22.79 -38.92
N ASP D 140 60.21 23.16 -37.73
CA ASP D 140 59.56 22.75 -36.49
C ASP D 140 58.27 23.53 -36.28
N MET D 141 58.01 24.49 -37.17
CA MET D 141 56.80 25.31 -37.10
C MET D 141 55.70 24.79 -38.00
N THR D 142 56.00 23.73 -38.76
CA THR D 142 55.02 23.14 -39.67
C THR D 142 54.35 21.94 -39.02
N PHE D 143 54.62 21.74 -37.72
CA PHE D 143 54.04 20.63 -36.98
C PHE D 143 52.63 20.92 -36.48
N SER D 144 51.79 19.89 -36.52
CA SER D 144 50.41 20.00 -36.05
C SER D 144 50.47 19.71 -34.55
N TYR D 145 49.57 20.30 -33.78
CA TYR D 145 49.57 20.09 -32.34
C TYR D 145 49.64 18.60 -31.98
N ALA D 146 48.83 17.80 -32.66
CA ALA D 146 48.81 16.36 -32.41
C ALA D 146 50.19 15.75 -32.68
N ALA D 147 50.87 16.29 -33.69
CA ALA D 147 52.20 15.82 -34.05
C ALA D 147 53.20 16.08 -32.94
N VAL D 148 53.33 17.34 -32.56
CA VAL D 148 54.26 17.74 -31.50
C VAL D 148 54.04 16.89 -30.25
N LYS D 149 52.78 16.79 -29.83
CA LYS D 149 52.42 16.01 -28.65
C LYS D 149 52.94 14.58 -28.78
N GLN D 150 52.74 13.98 -29.94
CA GLN D 150 53.20 12.62 -30.20
C GLN D 150 54.72 12.53 -30.11
N LEU D 151 55.40 13.56 -30.60
CA LEU D 151 56.85 13.60 -30.56
C LEU D 151 57.36 13.69 -29.13
N GLU D 152 56.96 14.74 -28.42
CA GLU D 152 57.53 15.01 -27.11
C GLU D 152 57.28 13.86 -26.16
N GLY D 153 56.07 13.30 -26.21
CA GLY D 153 55.75 12.18 -25.34
C GLY D 153 56.56 10.92 -25.58
N LYS D 154 56.78 10.56 -26.85
CA LYS D 154 57.50 9.33 -27.17
C LYS D 154 58.75 9.48 -28.03
N TYR D 155 58.60 10.11 -29.20
CA TYR D 155 59.66 10.17 -30.20
C TYR D 155 60.92 10.90 -29.74
N LEU D 156 60.73 12.02 -29.05
CA LEU D 156 61.83 12.85 -28.57
C LEU D 156 62.57 12.14 -27.46
N VAL D 157 63.90 12.20 -27.49
CA VAL D 157 64.71 11.62 -26.43
C VAL D 157 64.43 12.40 -25.15
N GLN D 158 64.35 11.70 -24.03
CA GLN D 158 64.06 12.39 -22.77
C GLN D 158 64.36 11.53 -21.56
N ASN D 159 64.38 12.15 -20.39
CA ASN D 159 64.63 11.45 -19.14
C ASN D 159 63.28 11.13 -18.51
N ARG D 160 62.84 9.89 -18.67
CA ARG D 160 61.56 9.44 -18.14
C ARG D 160 61.39 9.68 -16.65
N VAL D 161 62.50 9.74 -15.92
CA VAL D 161 62.47 9.96 -14.48
C VAL D 161 62.30 11.43 -14.10
N THR D 162 63.23 12.26 -14.56
CA THR D 162 63.19 13.69 -14.27
C THR D 162 62.20 14.43 -15.16
N GLY D 163 61.97 13.89 -16.35
CA GLY D 163 61.04 14.52 -17.28
C GLY D 163 61.75 15.44 -18.24
N GLU D 164 63.05 15.62 -18.04
CA GLU D 164 63.86 16.49 -18.88
C GLU D 164 63.89 16.03 -20.34
N ILE D 165 63.77 16.98 -21.25
CA ILE D 165 63.80 16.70 -22.68
C ILE D 165 65.14 17.22 -23.20
N TYR D 166 65.81 16.39 -24.01
CA TYR D 166 67.12 16.76 -24.52
C TYR D 166 67.21 17.27 -25.96
N GLU D 167 66.73 16.47 -26.92
CA GLU D 167 66.82 16.85 -28.32
C GLU D 167 65.60 17.61 -28.85
N SER D 168 65.53 17.72 -30.18
CA SER D 168 64.44 18.40 -30.86
C SER D 168 64.13 17.64 -32.16
N ALA D 169 63.02 18.00 -32.78
CA ALA D 169 62.58 17.36 -34.03
C ALA D 169 63.66 17.27 -35.11
N GLN D 170 64.16 18.41 -35.56
CA GLN D 170 65.16 18.44 -36.62
C GLN D 170 66.41 17.60 -36.35
N PHE D 171 66.90 17.61 -35.11
CA PHE D 171 68.08 16.82 -34.78
C PHE D 171 67.76 15.33 -34.88
N LEU D 172 66.48 15.00 -34.74
CA LEU D 172 66.04 13.61 -34.82
C LEU D 172 66.06 13.13 -36.28
N TYR D 173 65.60 13.98 -37.18
CA TYR D 173 65.57 13.65 -38.60
C TYR D 173 66.96 13.51 -39.23
N ILE D 174 67.84 14.46 -38.93
CA ILE D 174 69.20 14.45 -39.49
C ILE D 174 70.07 13.33 -38.91
N LEU D 175 69.83 12.97 -37.65
CA LEU D 175 70.61 11.91 -37.00
C LEU D 175 70.20 10.52 -37.45
N VAL D 176 68.89 10.31 -37.64
CA VAL D 176 68.39 9.01 -38.07
C VAL D 176 68.90 8.71 -39.48
N ALA D 177 68.92 9.73 -40.32
CA ALA D 177 69.38 9.59 -41.70
C ALA D 177 70.86 9.26 -41.73
N ALA D 178 71.60 9.83 -40.79
CA ALA D 178 73.05 9.62 -40.70
C ALA D 178 73.39 8.22 -40.22
N CYS D 179 72.56 7.66 -39.36
CA CYS D 179 72.78 6.32 -38.82
C CYS D 179 72.37 5.21 -39.78
N LEU D 180 71.55 5.55 -40.77
CA LEU D 180 71.07 4.56 -41.74
C LEU D 180 71.91 4.54 -43.02
N PHE D 181 72.91 5.42 -43.09
CA PHE D 181 73.77 5.51 -44.26
C PHE D 181 75.23 5.73 -43.85
N SER D 182 75.56 5.34 -42.62
CA SER D 182 76.92 5.51 -42.11
C SER D 182 77.93 4.57 -42.77
N ASN D 183 77.44 3.49 -43.37
CA ASN D 183 78.34 2.53 -44.02
C ASN D 183 78.57 2.81 -45.50
N TYR D 184 77.84 3.77 -46.07
CA TYR D 184 78.00 4.11 -47.48
C TYR D 184 79.36 4.76 -47.73
N PRO D 185 79.87 4.64 -48.96
CA PRO D 185 81.16 5.24 -49.31
C PRO D 185 81.15 6.75 -49.07
N ARG D 186 82.30 7.29 -48.66
CA ARG D 186 82.41 8.71 -48.38
C ARG D 186 82.16 9.59 -49.61
N GLU D 187 82.02 8.96 -50.77
CA GLU D 187 81.55 9.66 -51.96
C GLU D 187 80.09 10.09 -51.81
N THR D 188 79.26 9.18 -51.29
CA THR D 188 77.83 9.40 -51.15
C THR D 188 77.29 9.44 -49.72
N ARG D 189 78.18 9.43 -48.74
CA ARG D 189 77.77 9.35 -47.34
C ARG D 189 76.92 10.55 -46.92
N LEU D 190 77.32 11.72 -47.38
CA LEU D 190 76.65 12.97 -47.05
C LEU D 190 75.57 13.35 -48.05
N GLN D 191 75.69 12.87 -49.28
CA GLN D 191 74.72 13.16 -50.33
C GLN D 191 73.35 12.61 -49.92
N TYR D 192 73.34 11.34 -49.51
CA TYR D 192 72.12 10.67 -49.09
C TYR D 192 71.64 11.19 -47.74
N VAL D 193 72.58 11.71 -46.95
CA VAL D 193 72.24 12.24 -45.63
C VAL D 193 71.35 13.48 -45.76
N LYS D 194 71.56 14.23 -46.84
CA LYS D 194 70.78 15.44 -47.08
C LYS D 194 69.46 15.11 -47.78
N ARG D 195 69.52 14.20 -48.75
CA ARG D 195 68.33 13.81 -49.50
C ARG D 195 67.34 12.99 -48.67
N PHE D 196 67.83 12.29 -47.66
CA PHE D 196 66.95 11.49 -46.81
C PHE D 196 66.33 12.39 -45.75
N TYR D 197 67.18 13.19 -45.10
CA TYR D 197 66.74 14.11 -44.06
C TYR D 197 65.62 15.01 -44.55
N ASP D 198 65.80 15.61 -45.73
CA ASP D 198 64.79 16.49 -46.29
C ASP D 198 63.47 15.78 -46.52
N ALA D 199 63.54 14.51 -46.89
CA ALA D 199 62.34 13.71 -47.16
C ALA D 199 61.44 13.59 -45.93
N VAL D 200 62.01 13.11 -44.82
CA VAL D 200 61.26 12.94 -43.58
C VAL D 200 60.82 14.25 -42.95
N SER D 201 61.70 15.25 -42.97
CA SER D 201 61.40 16.55 -42.38
C SER D 201 60.33 17.32 -43.16
N THR D 202 60.08 16.90 -44.39
CA THR D 202 59.06 17.55 -45.22
C THR D 202 57.88 16.62 -45.46
N PHE D 203 57.68 15.70 -44.53
CA PHE D 203 56.59 14.73 -44.59
C PHE D 203 56.48 13.99 -45.92
N LYS D 204 57.61 13.60 -46.50
CA LYS D 204 57.61 12.86 -47.76
C LYS D 204 57.67 11.37 -47.46
N ILE D 205 58.38 11.02 -46.39
CA ILE D 205 58.55 9.63 -45.98
C ILE D 205 58.22 9.44 -44.51
N SER D 206 57.41 8.43 -44.20
CA SER D 206 57.03 8.13 -42.83
C SER D 206 57.89 7.00 -42.27
N LEU D 207 58.28 7.14 -41.00
CA LEU D 207 59.09 6.14 -40.33
C LEU D 207 58.38 5.63 -39.08
N PRO D 208 58.50 4.32 -38.81
CA PRO D 208 57.87 3.70 -37.63
C PRO D 208 58.34 4.30 -36.31
N THR D 209 57.47 4.25 -35.31
CA THR D 209 57.76 4.77 -33.98
C THR D 209 59.05 4.24 -33.36
N PRO D 210 59.23 2.91 -33.32
CA PRO D 210 60.44 2.33 -32.73
C PRO D 210 61.75 2.85 -33.33
N ILE D 211 61.71 3.23 -34.61
CA ILE D 211 62.90 3.75 -35.27
C ILE D 211 63.17 5.20 -34.87
N MET D 212 62.17 6.05 -35.07
CA MET D 212 62.29 7.47 -34.76
C MET D 212 62.56 7.73 -33.28
N SER D 213 62.41 6.71 -32.45
CA SER D 213 62.61 6.85 -31.01
C SER D 213 63.77 6.01 -30.46
N GLY D 214 64.42 5.28 -31.35
CA GLY D 214 65.50 4.39 -30.95
C GLY D 214 66.83 4.65 -31.63
N VAL D 215 66.78 5.19 -32.84
CA VAL D 215 67.99 5.48 -33.59
C VAL D 215 68.75 6.57 -32.86
N ARG D 216 70.06 6.46 -32.81
CA ARG D 216 70.84 7.47 -32.11
C ARG D 216 70.90 7.31 -30.58
N THR D 217 70.35 6.20 -30.07
CA THR D 217 70.36 5.90 -28.63
C THR D 217 70.93 4.50 -28.39
N PRO D 218 71.49 4.24 -27.21
CA PRO D 218 72.27 3.03 -27.01
C PRO D 218 71.48 1.86 -27.58
N THR D 219 70.16 1.99 -27.59
CA THR D 219 69.27 0.87 -27.91
C THR D 219 69.52 0.32 -29.32
N ARG D 220 69.21 -0.96 -29.50
CA ARG D 220 69.38 -1.63 -30.79
C ARG D 220 68.15 -2.42 -31.20
N GLN D 221 67.15 -2.41 -30.33
CA GLN D 221 65.89 -3.11 -30.60
C GLN D 221 64.99 -2.14 -31.37
N PHE D 222 64.53 -2.55 -32.55
CA PHE D 222 63.69 -1.68 -33.36
C PHE D 222 62.48 -2.35 -34.00
N SER D 223 62.51 -3.67 -34.09
CA SER D 223 61.40 -4.42 -34.69
C SER D 223 60.08 -4.11 -34.01
N SER D 224 59.02 -4.00 -34.82
CA SER D 224 57.69 -3.70 -34.32
C SER D 224 56.85 -4.96 -34.05
N CYS D 225 56.72 -5.82 -35.06
CA CYS D 225 55.97 -7.06 -34.88
C CYS D 225 56.75 -8.31 -35.27
N VAL D 226 56.29 -9.45 -34.78
CA VAL D 226 56.94 -10.74 -35.05
C VAL D 226 55.93 -11.83 -35.41
N LEU D 227 56.36 -12.77 -36.25
CA LEU D 227 55.52 -13.88 -36.68
C LEU D 227 56.15 -15.21 -36.28
N ILE D 228 55.67 -15.79 -35.19
CA ILE D 228 56.20 -17.06 -34.70
C ILE D 228 55.26 -18.21 -35.00
N GLU D 229 55.78 -19.27 -35.60
CA GLU D 229 54.98 -20.45 -35.94
C GLU D 229 55.33 -21.57 -34.98
N CYS D 230 54.32 -22.11 -34.30
CA CYS D 230 54.53 -23.19 -33.34
C CYS D 230 54.38 -24.55 -34.00
N GLY D 231 55.22 -25.50 -33.58
CA GLY D 231 55.16 -26.84 -34.14
C GLY D 231 54.40 -27.77 -33.23
N ASP D 232 54.02 -28.93 -33.74
CA ASP D 232 53.27 -29.91 -32.96
C ASP D 232 54.21 -30.76 -32.11
N SER D 233 54.79 -30.14 -31.09
CA SER D 233 55.70 -30.84 -30.19
C SER D 233 55.97 -30.02 -28.92
N LEU D 234 56.08 -30.72 -27.80
CA LEU D 234 56.35 -30.07 -26.52
C LEU D 234 57.60 -29.21 -26.58
N ASP D 235 58.55 -29.63 -27.42
CA ASP D 235 59.79 -28.88 -27.57
C ASP D 235 59.54 -27.59 -28.34
N SER D 236 58.89 -27.71 -29.49
CA SER D 236 58.56 -26.57 -30.32
C SER D 236 57.78 -25.52 -29.53
N ILE D 237 56.78 -25.98 -28.78
CA ILE D 237 55.95 -25.11 -27.96
C ILE D 237 56.79 -24.38 -26.93
N ASN D 238 57.48 -25.14 -26.09
CA ASN D 238 58.33 -24.57 -25.05
C ASN D 238 59.22 -23.48 -25.62
N ALA D 239 59.65 -23.65 -26.87
CA ALA D 239 60.49 -22.67 -27.53
C ALA D 239 59.65 -21.49 -28.02
N THR D 240 58.67 -21.79 -28.86
CA THR D 240 57.78 -20.77 -29.41
C THR D 240 57.30 -19.84 -28.31
N SER D 241 57.12 -20.38 -27.11
CA SER D 241 56.67 -19.61 -25.96
C SER D 241 57.76 -18.68 -25.46
N SER D 242 58.90 -19.28 -25.07
CA SER D 242 60.03 -18.51 -24.57
C SER D 242 60.47 -17.44 -25.56
N ALA D 243 60.16 -17.66 -26.84
CA ALA D 243 60.52 -16.71 -27.88
C ALA D 243 59.67 -15.45 -27.81
N ILE D 244 58.36 -15.64 -27.64
CA ILE D 244 57.42 -14.53 -27.55
C ILE D 244 57.68 -13.71 -26.30
N VAL D 245 58.12 -14.37 -25.24
CA VAL D 245 58.42 -13.71 -23.97
C VAL D 245 59.49 -12.64 -24.15
N LYS D 246 60.51 -12.95 -24.94
CA LYS D 246 61.61 -12.03 -25.19
C LYS D 246 61.19 -10.89 -26.12
N TYR D 247 60.46 -11.23 -27.18
CA TYR D 247 60.02 -10.25 -28.14
C TYR D 247 59.03 -9.21 -27.59
N VAL D 248 58.21 -9.63 -26.64
CA VAL D 248 57.22 -8.71 -26.05
C VAL D 248 57.89 -7.74 -25.08
N SER D 249 58.90 -8.20 -24.37
CA SER D 249 59.62 -7.36 -23.42
C SER D 249 60.33 -6.26 -24.20
N GLN D 250 60.22 -6.32 -25.51
CA GLN D 250 60.83 -5.34 -26.39
C GLN D 250 59.75 -4.54 -27.12
N ARG D 251 58.53 -4.64 -26.61
CA ARG D 251 57.39 -3.94 -27.18
C ARG D 251 57.21 -4.30 -28.64
N ALA D 252 57.19 -5.60 -28.91
CA ALA D 252 57.04 -6.10 -30.27
C ALA D 252 55.75 -6.92 -30.41
N GLY D 253 54.83 -6.40 -31.22
CA GLY D 253 53.58 -7.10 -31.45
C GLY D 253 53.87 -8.50 -31.97
N ILE D 254 52.98 -9.45 -31.69
CA ILE D 254 53.18 -10.82 -32.12
C ILE D 254 52.05 -11.34 -32.99
N GLY D 255 52.38 -12.35 -33.81
CA GLY D 255 51.40 -12.97 -34.69
C GLY D 255 51.65 -14.46 -34.69
N ILE D 256 51.00 -15.17 -33.77
CA ILE D 256 51.17 -16.61 -33.65
C ILE D 256 50.28 -17.41 -34.58
N ASN D 257 50.79 -18.54 -35.06
CA ASN D 257 50.05 -19.43 -35.94
C ASN D 257 50.27 -20.87 -35.52
N ALA D 258 49.68 -21.23 -34.38
CA ALA D 258 49.69 -22.59 -33.89
C ALA D 258 48.50 -23.38 -34.44
N GLY D 259 48.53 -23.66 -35.74
CA GLY D 259 47.49 -24.49 -36.33
C GLY D 259 47.99 -25.91 -36.56
N ARG D 260 49.24 -26.18 -36.16
CA ARG D 260 49.82 -27.49 -36.33
C ARG D 260 49.51 -28.36 -35.11
N ILE D 261 49.44 -27.74 -33.94
CA ILE D 261 49.15 -28.46 -32.70
C ILE D 261 47.87 -29.28 -32.86
N ARG D 262 48.01 -30.60 -32.75
CA ARG D 262 46.87 -31.51 -32.89
C ARG D 262 45.73 -31.14 -31.95
N ALA D 263 44.53 -31.65 -32.24
CA ALA D 263 43.34 -31.34 -31.44
C ALA D 263 43.18 -32.23 -30.21
N LEU D 264 42.30 -31.79 -29.31
CA LEU D 264 42.00 -32.50 -28.08
C LEU D 264 41.56 -33.94 -28.35
N GLY D 265 42.11 -34.87 -27.59
CA GLY D 265 41.75 -36.27 -27.76
C GLY D 265 42.71 -37.04 -28.65
N SER D 266 43.65 -36.33 -29.26
CA SER D 266 44.63 -36.95 -30.15
C SER D 266 45.61 -37.82 -29.36
N PRO D 267 45.91 -39.02 -29.87
CA PRO D 267 46.85 -39.94 -29.22
C PRO D 267 48.29 -39.45 -29.22
N ILE D 268 48.93 -39.55 -28.05
CA ILE D 268 50.32 -39.11 -27.90
C ILE D 268 51.20 -40.34 -27.64
N ARG D 269 52.32 -40.42 -28.34
CA ARG D 269 53.26 -41.53 -28.19
C ARG D 269 52.54 -42.86 -28.41
N GLY D 270 51.89 -42.98 -29.57
CA GLY D 270 51.17 -44.20 -29.90
C GLY D 270 49.84 -44.27 -29.20
N GLY D 271 49.85 -44.56 -27.90
CA GLY D 271 48.62 -44.65 -27.14
C GLY D 271 48.89 -44.65 -25.65
N GLU D 272 50.07 -44.18 -25.26
CA GLU D 272 50.45 -44.14 -23.86
C GLU D 272 49.83 -42.93 -23.15
N ALA D 273 49.22 -42.05 -23.93
CA ALA D 273 48.59 -40.84 -23.39
C ALA D 273 47.78 -40.12 -24.45
N PHE D 274 46.79 -39.34 -24.01
CA PHE D 274 45.94 -38.59 -24.92
C PHE D 274 46.18 -37.09 -24.78
N HIS D 275 46.01 -36.36 -25.87
CA HIS D 275 46.20 -34.91 -25.89
C HIS D 275 45.25 -34.23 -24.91
N THR D 276 45.67 -33.09 -24.37
CA THR D 276 44.85 -32.36 -23.41
C THR D 276 44.02 -31.28 -24.09
N GLY D 277 44.48 -30.81 -25.25
CA GLY D 277 43.75 -29.78 -25.98
C GLY D 277 44.61 -28.61 -26.39
N CYS D 278 43.99 -27.67 -27.09
CA CYS D 278 44.69 -26.47 -27.56
C CYS D 278 44.55 -25.34 -26.55
N ILE D 279 43.40 -25.28 -25.90
CA ILE D 279 43.11 -24.25 -24.90
C ILE D 279 44.19 -24.12 -23.84
N PRO D 280 44.64 -25.25 -23.26
CA PRO D 280 45.69 -25.22 -22.23
C PRO D 280 46.93 -24.42 -22.66
N PHE D 281 47.33 -24.60 -23.91
CA PHE D 281 48.51 -23.89 -24.44
C PHE D 281 48.16 -22.45 -24.79
N TYR D 282 47.02 -22.26 -25.44
CA TYR D 282 46.57 -20.92 -25.82
C TYR D 282 46.61 -19.98 -24.62
N LYS D 283 46.05 -20.43 -23.50
CA LYS D 283 46.04 -19.62 -22.28
C LYS D 283 47.47 -19.32 -21.86
N HIS D 284 48.35 -20.29 -22.07
CA HIS D 284 49.76 -20.12 -21.71
C HIS D 284 50.43 -19.09 -22.60
N PHE D 285 49.97 -18.99 -23.85
CA PHE D 285 50.54 -18.02 -24.78
C PHE D 285 50.19 -16.61 -24.31
N GLN D 286 49.00 -16.45 -23.75
CA GLN D 286 48.54 -15.15 -23.25
C GLN D 286 49.46 -14.63 -22.16
N THR D 287 49.67 -15.44 -21.12
CA THR D 287 50.53 -15.05 -20.01
C THR D 287 51.93 -14.68 -20.52
N ALA D 288 52.28 -15.20 -21.69
CA ALA D 288 53.59 -14.93 -22.29
C ALA D 288 53.63 -13.54 -22.90
N VAL D 289 52.56 -13.17 -23.60
CA VAL D 289 52.47 -11.87 -24.24
C VAL D 289 52.18 -10.77 -23.23
N LYS D 290 51.36 -11.09 -22.23
CA LYS D 290 51.00 -10.13 -21.20
C LYS D 290 51.95 -10.22 -20.00
N SER D 291 53.03 -10.97 -20.16
CA SER D 291 53.96 -11.22 -19.08
C SER D 291 54.77 -9.95 -18.74
N CYS D 292 55.21 -9.26 -19.78
CA CYS D 292 55.99 -8.04 -19.63
C CYS D 292 55.23 -6.90 -18.98
N SER D 293 53.99 -6.71 -19.40
CA SER D 293 53.17 -5.59 -18.94
C SER D 293 52.78 -5.71 -17.48
N GLN D 294 52.82 -4.58 -16.77
CA GLN D 294 52.36 -4.55 -15.39
C GLN D 294 50.84 -4.69 -15.36
N GLY D 295 50.34 -5.52 -14.44
CA GLY D 295 48.92 -5.73 -14.30
C GLY D 295 48.40 -6.71 -15.34
N GLY D 296 49.31 -7.26 -16.14
CA GLY D 296 48.94 -8.23 -17.15
C GLY D 296 48.24 -7.64 -18.35
N VAL D 297 47.12 -6.95 -18.09
CA VAL D 297 46.27 -6.43 -19.16
C VAL D 297 46.93 -5.39 -20.06
N ARG D 298 47.72 -4.49 -19.46
CA ARG D 298 48.31 -3.38 -20.22
C ARG D 298 49.29 -3.89 -21.29
N GLY D 299 49.22 -3.28 -22.47
CA GLY D 299 50.11 -3.64 -23.56
C GLY D 299 49.74 -4.98 -24.15
N GLY D 300 50.66 -5.57 -24.91
CA GLY D 300 50.47 -6.94 -25.39
C GLY D 300 49.40 -7.03 -26.45
N ALA D 301 49.82 -7.08 -27.71
CA ALA D 301 48.89 -7.19 -28.83
C ALA D 301 49.28 -8.34 -29.76
N ALA D 302 48.62 -9.48 -29.59
CA ALA D 302 48.90 -10.65 -30.40
C ALA D 302 47.69 -11.10 -31.23
N THR D 303 47.94 -11.95 -32.21
CA THR D 303 46.90 -12.47 -33.07
C THR D 303 47.22 -13.92 -33.45
N LEU D 304 46.44 -14.86 -32.92
CA LEU D 304 46.65 -16.27 -33.18
C LEU D 304 45.90 -16.70 -34.44
N PHE D 305 46.48 -17.63 -35.19
CA PHE D 305 45.87 -18.12 -36.42
C PHE D 305 45.66 -19.63 -36.43
N TYR D 306 44.67 -20.07 -37.21
CA TYR D 306 44.36 -21.49 -37.32
C TYR D 306 43.37 -21.71 -38.47
N PRO D 307 43.36 -22.92 -39.05
CA PRO D 307 42.47 -23.25 -40.16
C PRO D 307 40.99 -23.22 -39.77
N MET D 308 40.12 -23.10 -40.77
CA MET D 308 38.68 -23.05 -40.53
C MET D 308 38.10 -24.45 -40.37
N TRP D 309 38.71 -25.42 -41.04
CA TRP D 309 38.25 -26.80 -40.98
C TRP D 309 38.82 -27.58 -39.80
N HIS D 310 39.43 -26.88 -38.85
CA HIS D 310 40.00 -27.55 -37.69
C HIS D 310 38.87 -28.22 -36.91
N LEU D 311 39.20 -29.27 -36.16
CA LEU D 311 38.20 -30.01 -35.40
C LEU D 311 37.69 -29.25 -34.18
N GLU D 312 38.42 -28.21 -33.77
CA GLU D 312 38.03 -27.41 -32.61
C GLU D 312 37.68 -25.98 -32.99
N VAL D 313 37.25 -25.78 -34.23
CA VAL D 313 36.90 -24.45 -34.71
C VAL D 313 35.81 -23.78 -33.87
N GLU D 314 34.71 -24.50 -33.64
CA GLU D 314 33.60 -23.96 -32.86
C GLU D 314 33.97 -23.66 -31.42
N SER D 315 35.12 -24.16 -30.97
CA SER D 315 35.58 -23.93 -29.61
C SER D 315 36.57 -22.78 -29.51
N LEU D 316 37.34 -22.57 -30.57
CA LEU D 316 38.32 -21.50 -30.60
C LEU D 316 37.70 -20.21 -31.11
N LEU D 317 36.58 -20.36 -31.81
CA LEU D 317 35.87 -19.22 -32.40
C LEU D 317 35.23 -18.31 -31.36
N VAL D 318 34.80 -18.87 -30.23
CA VAL D 318 34.17 -18.08 -29.18
C VAL D 318 35.10 -17.88 -27.98
N LEU D 319 36.40 -17.91 -28.22
CA LEU D 319 37.38 -17.72 -27.15
C LEU D 319 37.38 -16.29 -26.63
N LYS D 320 36.70 -15.40 -27.33
CA LYS D 320 36.63 -13.99 -26.94
C LYS D 320 35.30 -13.61 -26.31
N ASN D 321 34.28 -14.43 -26.54
CA ASN D 321 32.95 -14.16 -25.98
C ASN D 321 33.02 -14.08 -24.46
N ASN D 322 32.81 -12.88 -23.93
CA ASN D 322 32.85 -12.64 -22.50
C ASN D 322 31.93 -13.57 -21.71
N ARG D 323 30.79 -13.90 -22.29
CA ARG D 323 29.84 -14.79 -21.63
C ARG D 323 30.23 -16.25 -21.81
N GLY D 324 31.04 -16.76 -20.91
CA GLY D 324 31.48 -18.15 -21.01
C GLY D 324 32.39 -18.57 -19.86
N VAL D 325 32.52 -19.87 -19.69
CA VAL D 325 33.35 -20.42 -18.62
C VAL D 325 34.82 -20.01 -18.75
N GLU D 326 35.35 -19.49 -17.65
CA GLU D 326 36.74 -19.04 -17.59
C GLU D 326 37.71 -20.08 -18.15
N GLY D 327 37.49 -21.34 -17.77
CA GLY D 327 38.33 -22.42 -18.23
C GLY D 327 38.46 -22.58 -19.73
N ASN D 328 37.42 -22.19 -20.47
CA ASN D 328 37.45 -22.32 -21.92
C ASN D 328 37.41 -20.95 -22.61
N ARG D 329 38.18 -20.00 -22.09
CA ARG D 329 38.22 -18.67 -22.67
C ARG D 329 39.59 -17.99 -22.57
N VAL D 330 39.92 -17.21 -23.59
CA VAL D 330 41.18 -16.47 -23.65
C VAL D 330 40.85 -15.15 -24.34
N ARG D 331 40.35 -14.20 -23.56
CA ARG D 331 39.94 -12.89 -24.05
C ARG D 331 41.04 -11.88 -24.36
N HIS D 332 42.26 -12.14 -23.92
CA HIS D 332 43.35 -11.19 -24.15
C HIS D 332 44.21 -11.43 -25.40
N MET D 333 43.63 -12.04 -26.42
CA MET D 333 44.34 -12.31 -27.67
C MET D 333 43.38 -12.29 -28.87
N ASP D 334 43.78 -11.61 -29.93
CA ASP D 334 42.97 -11.55 -31.13
C ASP D 334 43.21 -12.83 -31.95
N TYR D 335 42.26 -13.17 -32.81
CA TYR D 335 42.38 -14.37 -33.63
C TYR D 335 42.10 -14.11 -35.10
N GLY D 336 42.60 -14.99 -35.96
CA GLY D 336 42.40 -14.85 -37.39
C GLY D 336 42.19 -16.19 -38.05
N VAL D 337 40.95 -16.49 -38.42
CA VAL D 337 40.62 -17.75 -39.07
C VAL D 337 41.07 -17.75 -40.52
N GLN D 338 41.66 -18.87 -40.94
CA GLN D 338 42.14 -19.02 -42.32
C GLN D 338 41.11 -19.76 -43.15
N ILE D 339 40.66 -19.13 -44.24
CA ILE D 339 39.65 -19.72 -45.11
C ILE D 339 40.15 -19.77 -46.56
N ASN D 340 39.58 -20.68 -47.35
CA ASN D 340 39.97 -20.81 -48.74
C ASN D 340 38.75 -20.99 -49.64
N LYS D 341 38.99 -21.05 -50.95
CA LYS D 341 37.94 -21.20 -51.95
C LYS D 341 36.92 -22.27 -51.60
N LEU D 342 37.40 -23.49 -51.36
CA LEU D 342 36.52 -24.61 -51.03
C LEU D 342 35.52 -24.30 -49.92
N MET D 343 36.01 -23.82 -48.79
CA MET D 343 35.14 -23.48 -47.66
C MET D 343 34.01 -22.55 -48.11
N TYR D 344 34.33 -21.62 -48.99
CA TYR D 344 33.35 -20.67 -49.50
C TYR D 344 32.30 -21.34 -50.38
N THR D 345 32.71 -22.37 -51.11
CA THR D 345 31.80 -23.09 -51.99
C THR D 345 30.77 -23.87 -51.19
N ARG D 346 31.20 -24.50 -50.10
CA ARG D 346 30.30 -25.27 -49.25
C ARG D 346 29.16 -24.39 -48.74
N LEU D 347 29.46 -23.12 -48.49
CA LEU D 347 28.46 -22.18 -47.99
C LEU D 347 27.40 -21.87 -49.04
N LEU D 348 27.84 -21.33 -50.17
CA LEU D 348 26.94 -20.97 -51.26
C LEU D 348 26.01 -22.12 -51.64
N LYS D 349 26.54 -23.34 -51.63
CA LYS D 349 25.75 -24.51 -51.98
C LYS D 349 24.92 -25.04 -50.80
N GLY D 350 25.09 -24.41 -49.65
CA GLY D 350 24.35 -24.82 -48.47
C GLY D 350 24.70 -26.21 -47.97
N GLU D 351 25.91 -26.67 -48.29
CA GLU D 351 26.36 -27.99 -47.87
C GLU D 351 27.06 -27.90 -46.52
N ASP D 352 27.62 -29.01 -46.07
CA ASP D 352 28.32 -29.03 -44.78
C ASP D 352 29.82 -28.87 -44.92
N ILE D 353 30.48 -28.64 -43.78
CA ILE D 353 31.93 -28.48 -43.72
C ILE D 353 32.49 -29.48 -42.73
N THR D 354 33.40 -30.33 -43.21
CA THR D 354 34.01 -31.35 -42.37
C THR D 354 35.22 -30.78 -41.63
N LEU D 355 35.26 -31.02 -40.32
CA LEU D 355 36.37 -30.54 -39.50
C LEU D 355 37.34 -31.68 -39.19
N PHE D 356 38.63 -31.40 -39.31
CA PHE D 356 39.65 -32.42 -39.05
C PHE D 356 40.73 -31.92 -38.09
N SER D 357 41.58 -32.86 -37.67
CA SER D 357 42.68 -32.54 -36.77
C SER D 357 43.94 -32.50 -37.63
N PRO D 358 44.70 -31.40 -37.56
CA PRO D 358 45.93 -31.20 -38.34
C PRO D 358 46.85 -32.43 -38.40
N SER D 359 46.74 -33.32 -37.42
CA SER D 359 47.57 -34.51 -37.37
C SER D 359 46.88 -35.78 -37.86
N ASP D 360 45.60 -35.69 -38.20
CA ASP D 360 44.86 -36.86 -38.67
C ASP D 360 44.79 -36.99 -40.18
N VAL D 361 45.08 -35.89 -40.89
CA VAL D 361 45.04 -35.91 -42.35
C VAL D 361 46.33 -35.35 -42.96
N PRO D 362 47.32 -36.24 -43.19
CA PRO D 362 48.62 -35.88 -43.76
C PRO D 362 48.56 -35.17 -45.12
N GLY D 363 49.58 -34.35 -45.38
CA GLY D 363 49.65 -33.63 -46.64
C GLY D 363 48.46 -32.76 -46.96
N LEU D 364 47.49 -32.69 -46.05
CA LEU D 364 46.30 -31.87 -46.27
C LEU D 364 46.56 -30.41 -45.92
N TYR D 365 47.23 -30.19 -44.78
CA TYR D 365 47.55 -28.83 -44.35
C TYR D 365 48.46 -28.16 -45.36
N ASP D 366 49.43 -28.91 -45.87
CA ASP D 366 50.36 -28.39 -46.87
C ASP D 366 49.62 -27.80 -48.07
N ALA D 367 48.79 -28.62 -48.70
CA ALA D 367 48.01 -28.18 -49.85
C ALA D 367 47.15 -26.98 -49.50
N PHE D 368 46.73 -26.91 -48.24
CA PHE D 368 45.89 -25.81 -47.77
C PHE D 368 46.40 -24.47 -48.30
N PHE D 369 47.68 -24.44 -48.67
CA PHE D 369 48.29 -23.22 -49.20
C PHE D 369 48.97 -23.46 -50.54
N ALA D 370 49.79 -24.50 -50.58
CA ALA D 370 50.67 -24.76 -51.72
C ALA D 370 49.90 -25.07 -52.99
N ASP D 371 48.86 -25.89 -52.87
CA ASP D 371 48.05 -26.26 -54.01
C ASP D 371 46.58 -26.39 -53.60
N GLN D 372 45.69 -26.02 -54.50
CA GLN D 372 44.25 -26.07 -54.22
C GLN D 372 43.66 -27.32 -54.87
N GLU D 373 44.29 -27.78 -55.94
CA GLU D 373 43.84 -28.96 -56.66
C GLU D 373 44.14 -30.19 -55.82
N GLU D 374 45.34 -30.25 -55.25
CA GLU D 374 45.75 -31.37 -54.42
C GLU D 374 44.95 -31.38 -53.12
N PHE D 375 44.74 -30.20 -52.56
CA PHE D 375 43.99 -30.05 -51.32
C PHE D 375 42.57 -30.57 -51.49
N GLU D 376 42.00 -30.31 -52.66
CA GLU D 376 40.64 -30.72 -52.98
C GLU D 376 40.56 -32.23 -53.15
N ARG D 377 41.66 -32.84 -53.61
CA ARG D 377 41.71 -34.28 -53.82
C ARG D 377 41.82 -35.00 -52.49
N LEU D 378 42.57 -34.42 -51.56
CA LEU D 378 42.77 -34.99 -50.23
C LEU D 378 41.55 -34.78 -49.35
N TYR D 379 40.92 -33.62 -49.49
CA TYR D 379 39.75 -33.27 -48.70
C TYR D 379 38.59 -34.24 -48.97
N THR D 380 38.23 -34.38 -50.24
CA THR D 380 37.14 -35.26 -50.64
C THR D 380 37.42 -36.70 -50.24
N LYS D 381 38.70 -37.08 -50.23
CA LYS D 381 39.09 -38.44 -49.88
C LYS D 381 38.92 -38.70 -48.38
N TYR D 382 39.48 -37.83 -47.56
CA TYR D 382 39.41 -37.98 -46.11
C TYR D 382 37.98 -37.94 -45.57
N GLU D 383 37.09 -37.23 -46.26
CA GLU D 383 35.70 -37.13 -45.82
C GLU D 383 35.03 -38.50 -45.79
N LYS D 384 35.25 -39.29 -46.84
CA LYS D 384 34.66 -40.62 -46.91
C LYS D 384 35.44 -41.60 -46.05
N ASP D 385 36.69 -41.26 -45.75
CA ASP D 385 37.55 -42.10 -44.93
C ASP D 385 36.91 -42.24 -43.55
N ASP D 386 36.53 -43.46 -43.20
CA ASP D 386 35.87 -43.72 -41.92
C ASP D 386 36.82 -43.83 -40.72
N SER D 387 38.11 -44.01 -41.00
CA SER D 387 39.10 -44.13 -39.94
C SER D 387 39.65 -42.78 -39.48
N ILE D 388 39.32 -41.73 -40.23
CA ILE D 388 39.78 -40.39 -39.89
C ILE D 388 38.75 -39.67 -39.02
N ARG D 389 39.17 -39.19 -37.86
CA ARG D 389 38.24 -38.49 -36.97
C ARG D 389 37.80 -37.19 -37.63
N LYS D 390 36.49 -36.94 -37.64
CA LYS D 390 35.96 -35.74 -38.26
C LYS D 390 34.62 -35.34 -37.65
N GLN D 391 34.10 -34.19 -38.08
CA GLN D 391 32.82 -33.69 -37.60
C GLN D 391 32.16 -32.87 -38.70
N ARG D 392 30.85 -32.99 -38.82
CA ARG D 392 30.09 -32.26 -39.84
C ARG D 392 29.34 -31.08 -39.24
N VAL D 393 29.38 -29.95 -39.94
CA VAL D 393 28.70 -28.74 -39.49
C VAL D 393 28.16 -28.01 -40.71
N LYS D 394 26.95 -27.46 -40.58
CA LYS D 394 26.33 -26.73 -41.68
C LYS D 394 27.10 -25.44 -41.96
N ALA D 395 27.61 -25.32 -43.18
CA ALA D 395 28.39 -24.16 -43.61
C ALA D 395 27.77 -22.84 -43.20
N VAL D 396 26.43 -22.81 -43.13
CA VAL D 396 25.72 -21.59 -42.75
C VAL D 396 25.92 -21.27 -41.28
N GLU D 397 25.94 -22.30 -40.45
CA GLU D 397 26.11 -22.13 -39.01
C GLU D 397 27.54 -21.69 -38.66
N LEU D 398 28.51 -22.46 -39.13
CA LEU D 398 29.91 -22.18 -38.86
C LEU D 398 30.29 -20.72 -39.16
N PHE D 399 30.05 -20.27 -40.38
CA PHE D 399 30.37 -18.90 -40.76
C PHE D 399 29.67 -17.90 -39.85
N SER D 400 28.36 -18.10 -39.64
CA SER D 400 27.60 -17.21 -38.78
C SER D 400 28.29 -17.06 -37.43
N LEU D 401 28.69 -18.19 -36.85
CA LEU D 401 29.37 -18.20 -35.56
C LEU D 401 30.61 -17.31 -35.64
N MET D 402 31.25 -17.32 -36.81
CA MET D 402 32.46 -16.52 -37.03
C MET D 402 32.11 -15.04 -37.16
N MET D 403 31.18 -14.72 -38.05
CA MET D 403 30.77 -13.34 -38.27
C MET D 403 30.15 -12.75 -37.00
N GLN D 404 29.59 -13.60 -36.16
CA GLN D 404 28.96 -13.16 -34.93
C GLN D 404 30.04 -12.73 -33.93
N GLU D 405 31.10 -13.54 -33.83
CA GLU D 405 32.20 -13.23 -32.92
C GLU D 405 33.01 -12.05 -33.44
N ARG D 406 32.98 -11.85 -34.76
CA ARG D 406 33.70 -10.76 -35.39
C ARG D 406 32.94 -9.45 -35.19
N ALA D 407 31.63 -9.56 -34.97
CA ALA D 407 30.80 -8.38 -34.78
C ALA D 407 30.72 -8.01 -33.30
N SER D 408 30.71 -9.03 -32.45
CA SER D 408 30.64 -8.83 -31.00
C SER D 408 31.88 -8.12 -30.46
N THR D 409 33.04 -8.75 -30.63
CA THR D 409 34.30 -8.19 -30.15
C THR D 409 34.91 -7.21 -31.15
N GLY D 410 34.90 -7.58 -32.42
CA GLY D 410 35.48 -6.72 -33.44
C GLY D 410 36.97 -6.92 -33.54
N ARG D 411 37.41 -8.15 -33.29
CA ARG D 411 38.82 -8.48 -33.34
C ARG D 411 39.05 -9.83 -34.03
N ILE D 412 38.00 -10.36 -34.64
CA ILE D 412 38.07 -11.64 -35.35
C ILE D 412 38.43 -11.37 -36.80
N TYR D 413 39.70 -11.61 -37.16
CA TYR D 413 40.19 -11.38 -38.50
C TYR D 413 40.03 -12.57 -39.44
N ILE D 414 39.94 -12.30 -40.73
CA ILE D 414 39.80 -13.33 -41.75
C ILE D 414 40.98 -13.29 -42.72
N GLN D 415 41.43 -14.46 -43.15
CA GLN D 415 42.55 -14.56 -44.08
C GLN D 415 42.29 -15.61 -45.16
N ASN D 416 42.23 -15.15 -46.41
CA ASN D 416 42.00 -16.05 -47.54
C ASN D 416 43.33 -16.64 -47.98
N VAL D 417 43.79 -17.64 -47.25
CA VAL D 417 45.06 -18.31 -47.53
C VAL D 417 45.30 -18.61 -49.00
N ASP D 418 44.25 -19.04 -49.69
CA ASP D 418 44.35 -19.39 -51.11
C ASP D 418 44.80 -18.20 -51.97
N HIS D 419 44.55 -16.99 -51.50
CA HIS D 419 44.95 -15.79 -52.25
C HIS D 419 46.35 -15.33 -51.85
N CYS D 420 46.69 -15.52 -50.58
CA CYS D 420 47.99 -15.10 -50.06
C CYS D 420 49.15 -15.89 -50.65
N ASN D 421 48.84 -16.86 -51.52
CA ASN D 421 49.88 -17.66 -52.15
C ASN D 421 49.81 -17.65 -53.68
N THR D 422 48.60 -17.60 -54.21
CA THR D 422 48.42 -17.57 -55.66
C THR D 422 48.94 -16.24 -56.21
N HIS D 423 48.76 -15.18 -55.41
CA HIS D 423 49.21 -13.85 -55.77
C HIS D 423 50.17 -13.32 -54.71
N SER D 424 51.35 -13.93 -54.64
CA SER D 424 52.36 -13.52 -53.67
C SER D 424 53.76 -13.50 -54.31
N PRO D 425 54.71 -12.82 -53.66
CA PRO D 425 56.10 -12.72 -54.15
C PRO D 425 56.88 -14.02 -53.98
N PHE D 426 56.28 -14.99 -53.29
CA PHE D 426 56.94 -16.26 -53.05
C PHE D 426 56.33 -17.43 -53.80
N ASP D 427 57.06 -18.55 -53.82
CA ASP D 427 56.56 -19.78 -54.40
C ASP D 427 55.92 -20.59 -53.29
N PRO D 428 54.71 -21.08 -53.53
CA PRO D 428 53.98 -21.86 -52.53
C PRO D 428 54.79 -23.11 -52.20
N ALA D 429 55.47 -23.67 -53.20
CA ALA D 429 56.41 -24.78 -53.00
C ALA D 429 57.71 -24.54 -52.18
N ILE D 430 58.40 -23.42 -52.44
CA ILE D 430 59.64 -23.02 -51.73
C ILE D 430 59.50 -22.43 -50.30
N ALA D 431 58.53 -21.55 -50.14
CA ALA D 431 58.22 -20.81 -48.91
C ALA D 431 56.83 -20.18 -48.99
N PRO D 432 55.81 -20.90 -48.51
CA PRO D 432 54.42 -20.43 -48.52
C PRO D 432 54.05 -19.54 -47.33
N VAL D 433 53.09 -18.66 -47.54
CA VAL D 433 52.62 -17.76 -46.49
C VAL D 433 51.46 -18.46 -45.79
N ARG D 434 51.62 -18.76 -44.50
CA ARG D 434 50.58 -19.45 -43.76
C ARG D 434 50.15 -18.72 -42.48
N GLN D 435 50.43 -17.41 -42.43
CA GLN D 435 50.07 -16.60 -41.27
C GLN D 435 50.31 -15.12 -41.54
N SER D 436 49.81 -14.31 -40.60
CA SER D 436 49.83 -12.85 -40.66
C SER D 436 50.21 -12.28 -39.28
N ASN D 437 50.71 -11.05 -39.35
CA ASN D 437 51.24 -10.24 -38.24
C ASN D 437 50.21 -9.46 -37.43
N LEU D 438 50.65 -8.76 -36.39
CA LEU D 438 49.74 -8.21 -35.40
C LEU D 438 48.72 -7.24 -36.01
N CYS D 439 49.15 -6.41 -36.94
CA CYS D 439 48.24 -5.53 -37.66
C CYS D 439 47.57 -6.18 -38.87
N LEU D 440 47.92 -7.42 -39.15
CA LEU D 440 47.36 -8.16 -40.28
C LEU D 440 47.65 -7.54 -41.64
N GLU D 441 48.90 -7.20 -41.89
CA GLU D 441 49.28 -6.63 -43.18
C GLU D 441 50.49 -7.37 -43.74
N ILE D 442 51.18 -8.09 -42.87
CA ILE D 442 52.36 -8.84 -43.27
C ILE D 442 52.02 -10.26 -43.72
N ALA D 443 52.62 -10.68 -44.82
CA ALA D 443 52.40 -12.02 -45.37
C ALA D 443 53.74 -12.61 -45.78
N LEU D 444 54.47 -13.15 -44.80
CA LEU D 444 55.78 -13.73 -45.06
C LEU D 444 55.88 -15.17 -44.55
N PRO D 445 56.60 -16.03 -45.28
CA PRO D 445 56.79 -17.45 -44.91
C PRO D 445 57.55 -17.60 -43.60
N THR D 446 57.40 -18.75 -42.96
CA THR D 446 58.07 -19.03 -41.69
C THR D 446 58.30 -20.52 -41.49
N LYS D 447 59.36 -20.86 -40.76
CA LYS D 447 59.70 -22.24 -40.47
C LYS D 447 59.71 -22.46 -38.97
N PRO D 448 58.96 -23.45 -38.48
CA PRO D 448 58.89 -23.76 -37.05
C PRO D 448 60.24 -24.13 -36.44
N LEU D 449 60.40 -23.81 -35.16
CA LEU D 449 61.65 -24.12 -34.46
C LEU D 449 61.48 -25.33 -33.54
N ASN D 450 62.60 -25.96 -33.20
CA ASN D 450 62.59 -27.12 -32.31
C ASN D 450 63.19 -26.71 -30.97
N ASP D 451 63.65 -25.46 -30.90
CA ASP D 451 64.26 -24.91 -29.69
C ASP D 451 64.37 -23.40 -29.82
N VAL D 452 64.69 -22.73 -28.71
CA VAL D 452 64.82 -21.29 -28.68
C VAL D 452 65.94 -20.79 -29.60
N ASN D 453 67.08 -21.48 -29.58
CA ASN D 453 68.22 -21.10 -30.40
C ASN D 453 68.35 -21.93 -31.68
N ASP D 454 67.26 -22.58 -32.09
CA ASP D 454 67.28 -23.41 -33.29
C ASP D 454 67.73 -22.58 -34.49
N GLU D 455 68.67 -23.14 -35.26
CA GLU D 455 69.22 -22.46 -36.43
C GLU D 455 68.46 -22.76 -37.73
N ASN D 456 67.61 -23.77 -37.71
CA ASN D 456 66.86 -24.15 -38.90
C ASN D 456 65.42 -23.63 -38.95
N GLY D 457 65.12 -22.64 -38.13
CA GLY D 457 63.78 -22.08 -38.12
C GLY D 457 63.79 -20.68 -38.70
N GLU D 458 62.62 -20.17 -39.09
CA GLU D 458 62.53 -18.83 -39.66
C GLU D 458 61.50 -17.99 -38.94
N ILE D 459 61.85 -16.73 -38.69
CA ILE D 459 60.95 -15.80 -38.00
C ILE D 459 60.85 -14.49 -38.77
N ALA D 460 59.71 -14.27 -39.41
CA ALA D 460 59.47 -13.06 -40.18
C ALA D 460 59.32 -11.86 -39.25
N LEU D 461 60.03 -10.78 -39.54
CA LEU D 461 59.97 -9.57 -38.72
C LEU D 461 59.20 -8.44 -39.39
N CYS D 462 59.10 -7.33 -38.66
CA CYS D 462 58.38 -6.16 -39.15
C CYS D 462 59.27 -4.94 -39.38
N THR D 463 59.54 -4.65 -40.65
CA THR D 463 60.36 -3.50 -41.04
C THR D 463 59.43 -2.65 -41.91
N LEU D 464 58.81 -1.63 -41.31
CA LEU D 464 57.87 -0.79 -42.05
C LEU D 464 58.24 0.67 -42.25
N SER D 465 57.51 1.27 -43.19
CA SER D 465 57.65 2.67 -43.62
C SER D 465 56.41 3.05 -44.43
N ALA D 466 56.20 4.33 -44.71
CA ALA D 466 55.07 4.72 -45.53
C ALA D 466 55.29 6.03 -46.29
N PHE D 467 54.57 6.19 -47.39
CA PHE D 467 54.65 7.39 -48.21
C PHE D 467 53.49 8.32 -47.89
N ASN D 468 53.68 9.62 -48.15
CA ASN D 468 52.65 10.60 -47.91
C ASN D 468 52.07 11.06 -49.24
N LEU D 469 51.03 10.36 -49.70
CA LEU D 469 50.38 10.69 -50.96
C LEU D 469 49.95 12.15 -51.03
N GLY D 470 49.91 12.82 -49.88
CA GLY D 470 49.51 14.21 -49.83
C GLY D 470 50.68 15.16 -49.92
N ALA D 471 51.89 14.61 -49.91
CA ALA D 471 53.10 15.42 -49.99
C ALA D 471 53.67 15.44 -51.40
N ILE D 472 53.19 14.55 -52.25
CA ILE D 472 53.66 14.48 -53.63
C ILE D 472 52.72 15.22 -54.58
N ASN D 473 53.28 15.73 -55.68
CA ASN D 473 52.50 16.45 -56.67
C ASN D 473 52.15 15.53 -57.83
N ASN D 474 53.10 14.69 -58.22
CA ASN D 474 52.89 13.74 -59.30
C ASN D 474 53.48 12.38 -58.92
N LEU D 475 52.96 11.32 -59.53
CA LEU D 475 53.43 9.97 -59.24
C LEU D 475 54.90 9.71 -59.55
N ASP D 476 55.49 10.53 -60.41
CA ASP D 476 56.90 10.36 -60.77
C ASP D 476 57.85 10.72 -59.65
N GLU D 477 57.34 11.33 -58.59
CA GLU D 477 58.17 11.70 -57.45
C GLU D 477 58.50 10.48 -56.61
N LEU D 478 57.76 9.40 -56.84
CA LEU D 478 57.96 8.16 -56.11
C LEU D 478 59.29 7.51 -56.46
N GLU D 479 59.95 7.99 -57.51
CA GLU D 479 61.23 7.43 -57.92
C GLU D 479 62.31 7.71 -56.89
N GLU D 480 62.55 8.99 -56.61
CA GLU D 480 63.55 9.38 -55.62
C GLU D 480 63.19 8.73 -54.29
N LEU D 481 61.91 8.79 -53.94
CA LEU D 481 61.42 8.22 -52.70
C LEU D 481 61.69 6.71 -52.62
N ALA D 482 61.31 5.98 -53.66
CA ALA D 482 61.51 4.54 -53.71
C ALA D 482 62.98 4.19 -53.51
N ILE D 483 63.83 5.21 -53.57
CA ILE D 483 65.27 5.00 -53.39
C ILE D 483 65.70 5.27 -51.96
N LEU D 484 65.45 6.48 -51.47
CA LEU D 484 65.82 6.85 -50.11
C LEU D 484 65.18 5.91 -49.09
N ALA D 485 63.91 5.58 -49.33
CA ALA D 485 63.15 4.67 -48.45
C ALA D 485 63.56 3.19 -48.45
N VAL D 486 63.74 2.63 -49.64
CA VAL D 486 64.09 1.21 -49.78
C VAL D 486 65.49 0.95 -49.22
N ARG D 487 66.37 1.89 -49.52
CA ARG D 487 67.77 1.86 -49.13
C ARG D 487 67.94 1.92 -47.61
N ALA D 488 67.30 2.90 -46.98
CA ALA D 488 67.39 3.07 -45.54
C ALA D 488 66.90 1.84 -44.78
N LEU D 489 65.80 1.26 -45.24
CA LEU D 489 65.23 0.08 -44.59
C LEU D 489 66.13 -1.15 -44.69
N ASP D 490 66.50 -1.52 -45.91
CA ASP D 490 67.35 -2.68 -46.12
C ASP D 490 68.65 -2.53 -45.33
N ALA D 491 69.11 -1.30 -45.19
CA ALA D 491 70.35 -1.03 -44.45
C ALA D 491 70.15 -1.33 -42.97
N LEU D 492 68.94 -1.10 -42.49
CA LEU D 492 68.60 -1.34 -41.08
C LEU D 492 68.74 -2.82 -40.75
N LEU D 493 68.44 -3.67 -41.72
CA LEU D 493 68.53 -5.12 -41.53
C LEU D 493 69.92 -5.55 -41.11
N ASP D 494 70.94 -4.85 -41.61
CA ASP D 494 72.32 -5.17 -41.27
C ASP D 494 72.84 -4.25 -40.17
N TYR D 495 71.92 -3.56 -39.50
CA TYR D 495 72.29 -2.63 -38.44
C TYR D 495 71.77 -3.10 -37.08
N GLN D 496 70.53 -3.60 -37.08
CA GLN D 496 69.90 -4.08 -35.86
C GLN D 496 70.42 -5.47 -35.46
N ASP D 497 70.11 -5.90 -34.25
CA ASP D 497 70.53 -7.21 -33.78
C ASP D 497 69.42 -8.24 -33.88
N TYR D 498 69.79 -9.51 -33.78
CA TYR D 498 68.85 -10.61 -33.87
C TYR D 498 68.98 -11.50 -32.64
N PRO D 499 68.07 -11.36 -31.67
CA PRO D 499 68.08 -12.15 -30.44
C PRO D 499 67.92 -13.65 -30.68
N ILE D 500 67.04 -14.00 -31.63
CA ILE D 500 66.80 -15.40 -31.95
C ILE D 500 67.37 -15.75 -33.32
N PRO D 501 68.13 -16.85 -33.42
CA PRO D 501 68.74 -17.31 -34.67
C PRO D 501 67.74 -17.43 -35.82
N ALA D 502 66.53 -17.86 -35.50
CA ALA D 502 65.48 -18.04 -36.50
C ALA D 502 64.99 -16.69 -37.03
N ALA D 503 65.22 -15.64 -36.26
CA ALA D 503 64.80 -14.30 -36.66
C ALA D 503 65.80 -13.66 -37.62
N LYS D 504 67.07 -14.05 -37.49
CA LYS D 504 68.12 -13.53 -38.33
C LYS D 504 68.12 -14.24 -39.69
N ARG D 505 67.75 -15.52 -39.67
CA ARG D 505 67.69 -16.32 -40.90
C ARG D 505 66.79 -15.67 -41.95
N GLY D 506 65.51 -15.53 -41.63
CA GLY D 506 64.58 -14.94 -42.57
C GLY D 506 64.94 -13.52 -42.97
N ALA D 507 65.63 -12.82 -42.07
CA ALA D 507 66.03 -11.43 -42.33
C ALA D 507 67.16 -11.37 -43.34
N MET D 508 68.25 -12.08 -43.05
CA MET D 508 69.42 -12.10 -43.93
C MET D 508 69.12 -12.85 -45.23
N GLY D 509 68.18 -13.79 -45.15
CA GLY D 509 67.82 -14.58 -46.33
C GLY D 509 66.89 -13.94 -47.33
N ARG D 510 65.81 -13.33 -46.85
CA ARG D 510 64.84 -12.72 -47.74
C ARG D 510 64.96 -11.20 -47.82
N ARG D 511 65.46 -10.58 -46.75
CA ARG D 511 65.62 -9.14 -46.69
C ARG D 511 64.32 -8.42 -47.06
N THR D 512 63.22 -8.87 -46.48
CA THR D 512 61.91 -8.28 -46.75
C THR D 512 61.71 -6.91 -46.13
N LEU D 513 60.84 -6.12 -46.74
CA LEU D 513 60.52 -4.78 -46.27
C LEU D 513 59.01 -4.58 -46.27
N GLY D 514 58.55 -3.50 -45.65
CA GLY D 514 57.13 -3.20 -45.58
C GLY D 514 56.86 -1.70 -45.64
N ILE D 515 56.23 -1.25 -46.72
CA ILE D 515 55.92 0.16 -46.89
C ILE D 515 54.48 0.36 -47.34
N GLY D 516 53.77 1.24 -46.64
CA GLY D 516 52.38 1.52 -46.95
C GLY D 516 52.18 2.96 -47.39
N VAL D 517 51.00 3.51 -47.07
CA VAL D 517 50.68 4.89 -47.44
C VAL D 517 49.75 5.53 -46.43
N ILE D 518 49.85 6.86 -46.32
CA ILE D 518 49.02 7.62 -45.41
C ILE D 518 48.40 8.79 -46.18
N ASN D 519 47.46 9.49 -45.54
CA ASN D 519 46.80 10.63 -46.15
C ASN D 519 46.11 10.22 -47.45
N PHE D 520 45.66 8.96 -47.50
CA PHE D 520 44.98 8.44 -48.68
C PHE D 520 43.66 9.16 -48.93
N ALA D 521 42.90 9.39 -47.87
CA ALA D 521 41.62 10.07 -47.99
C ALA D 521 41.84 11.45 -48.60
N TYR D 522 42.88 12.13 -48.14
CA TYR D 522 43.24 13.46 -48.63
C TYR D 522 43.65 13.37 -50.09
N TYR D 523 44.10 12.18 -50.49
CA TYR D 523 44.53 11.94 -51.87
C TYR D 523 43.33 11.93 -52.80
N LEU D 524 42.31 11.16 -52.43
CA LEU D 524 41.09 11.07 -53.24
C LEU D 524 40.36 12.40 -53.28
N ALA D 525 40.34 13.10 -52.15
CA ALA D 525 39.66 14.39 -52.06
C ALA D 525 40.24 15.40 -53.04
N LYS D 526 41.56 15.54 -53.07
CA LYS D 526 42.20 16.48 -53.96
C LYS D 526 41.93 16.16 -55.43
N HIS D 527 41.61 14.91 -55.71
CA HIS D 527 41.31 14.49 -57.07
C HIS D 527 39.82 14.28 -57.27
N GLY D 528 39.03 14.80 -56.33
CA GLY D 528 37.58 14.68 -56.42
C GLY D 528 37.10 13.25 -56.57
N LYS D 529 37.74 12.32 -55.86
CA LYS D 529 37.36 10.92 -55.92
C LYS D 529 36.89 10.44 -54.54
N ARG D 530 35.85 9.61 -54.53
CA ARG D 530 35.31 9.07 -53.29
C ARG D 530 35.61 7.58 -53.15
N TYR D 531 35.00 6.95 -52.14
CA TYR D 531 35.20 5.54 -51.88
C TYR D 531 34.10 4.62 -52.41
N SER D 532 32.87 4.87 -51.96
CA SER D 532 31.72 4.05 -52.32
C SER D 532 31.11 4.15 -53.73
N ASP D 533 31.47 5.18 -54.49
CA ASP D 533 30.89 5.32 -55.83
C ASP D 533 31.65 4.54 -56.90
N GLY D 534 32.89 4.19 -56.62
CA GLY D 534 33.68 3.44 -57.58
C GLY D 534 34.28 4.26 -58.71
N SER D 535 34.32 5.58 -58.53
CA SER D 535 34.87 6.46 -59.55
C SER D 535 36.37 6.66 -59.30
N ALA D 536 36.86 6.06 -58.23
CA ALA D 536 38.27 6.16 -57.88
C ALA D 536 39.02 4.88 -58.21
N ASN D 537 38.32 3.93 -58.83
CA ASN D 537 38.93 2.65 -59.20
C ASN D 537 40.15 2.79 -60.09
N ASN D 538 39.98 3.46 -61.23
CA ASN D 538 41.10 3.65 -62.16
C ASN D 538 42.25 4.42 -61.53
N LEU D 539 41.93 5.49 -60.81
CA LEU D 539 42.96 6.30 -60.17
C LEU D 539 43.78 5.44 -59.22
N THR D 540 43.14 4.46 -58.60
CA THR D 540 43.81 3.56 -57.67
C THR D 540 44.71 2.59 -58.44
N HIS D 541 44.28 2.22 -59.64
CA HIS D 541 45.05 1.31 -60.48
C HIS D 541 46.26 2.02 -61.07
N LYS D 542 46.15 3.34 -61.23
CA LYS D 542 47.25 4.13 -61.78
C LYS D 542 48.28 4.46 -60.71
N THR D 543 47.79 4.96 -59.58
CA THR D 543 48.64 5.33 -58.46
C THR D 543 49.46 4.16 -57.91
N PHE D 544 48.79 3.06 -57.63
CA PHE D 544 49.45 1.88 -57.08
C PHE D 544 50.29 1.10 -58.08
N GLU D 545 50.13 1.39 -59.36
CA GLU D 545 50.91 0.70 -60.38
C GLU D 545 52.28 1.36 -60.42
N ALA D 546 52.29 2.67 -60.15
CA ALA D 546 53.52 3.45 -60.14
C ALA D 546 54.32 3.15 -58.88
N ILE D 547 53.63 3.18 -57.74
CA ILE D 547 54.25 2.91 -56.45
C ILE D 547 55.01 1.59 -56.46
N GLN D 548 54.35 0.54 -56.92
CA GLN D 548 54.95 -0.79 -56.99
C GLN D 548 56.09 -0.83 -58.01
N TYR D 549 55.90 -0.17 -59.14
CA TYR D 549 56.91 -0.13 -60.19
C TYR D 549 58.22 0.45 -59.67
N TYR D 550 58.16 1.67 -59.17
CA TYR D 550 59.35 2.34 -58.64
C TYR D 550 59.96 1.60 -57.45
N LEU D 551 59.18 0.72 -56.84
CA LEU D 551 59.68 -0.05 -55.69
C LEU D 551 60.45 -1.27 -56.18
N LEU D 552 60.01 -1.83 -57.31
CA LEU D 552 60.66 -2.99 -57.89
C LEU D 552 61.92 -2.56 -58.64
N LYS D 553 61.87 -1.38 -59.23
CA LYS D 553 63.00 -0.85 -59.99
C LYS D 553 64.06 -0.30 -59.05
N ALA D 554 63.65 0.01 -57.82
CA ALA D 554 64.58 0.54 -56.81
C ALA D 554 65.37 -0.59 -56.18
N SER D 555 64.71 -1.73 -55.99
CA SER D 555 65.34 -2.90 -55.40
C SER D 555 66.20 -3.61 -56.44
N ASN D 556 65.79 -3.51 -57.70
CA ASN D 556 66.52 -4.13 -58.80
C ASN D 556 67.86 -3.44 -58.98
N GLU D 557 67.88 -2.13 -58.75
CA GLU D 557 69.11 -1.35 -58.87
C GLU D 557 70.06 -1.70 -57.75
N LEU D 558 69.51 -1.93 -56.56
CA LEU D 558 70.30 -2.29 -55.40
C LEU D 558 70.83 -3.71 -55.55
N ALA D 559 70.23 -4.46 -56.47
CA ALA D 559 70.63 -5.84 -56.72
C ALA D 559 71.93 -5.88 -57.52
N LYS D 560 72.20 -4.83 -58.29
CA LYS D 560 73.41 -4.74 -59.08
C LYS D 560 74.55 -4.19 -58.23
N GLU D 561 74.19 -3.32 -57.30
CA GLU D 561 75.13 -2.66 -56.41
C GLU D 561 75.61 -3.50 -55.23
N GLN D 562 74.71 -4.29 -54.64
CA GLN D 562 75.07 -5.09 -53.48
C GLN D 562 74.72 -6.57 -53.57
N GLY D 563 74.04 -6.97 -54.64
CA GLY D 563 73.68 -8.36 -54.81
C GLY D 563 72.29 -8.70 -54.30
N ALA D 564 71.63 -9.62 -55.00
CA ALA D 564 70.28 -10.04 -54.63
C ALA D 564 70.28 -10.78 -53.30
N CYS D 565 69.12 -10.82 -52.66
CA CYS D 565 68.98 -11.51 -51.38
C CYS D 565 69.34 -12.98 -51.50
N PRO D 566 69.94 -13.55 -50.44
CA PRO D 566 70.37 -14.96 -50.38
C PRO D 566 69.31 -15.95 -50.85
N TRP D 567 68.07 -15.81 -50.39
CA TRP D 567 67.02 -16.78 -50.72
C TRP D 567 66.24 -16.49 -52.00
N PHE D 568 66.63 -15.43 -52.71
CA PHE D 568 65.84 -14.84 -53.77
C PHE D 568 65.30 -15.94 -54.69
N ASN D 569 66.02 -17.06 -54.72
CA ASN D 569 65.64 -18.20 -55.54
C ASN D 569 64.29 -18.78 -55.16
N GLU D 570 63.85 -18.49 -53.93
CA GLU D 570 62.58 -19.01 -53.44
C GLU D 570 61.42 -18.05 -53.72
N THR D 571 61.67 -17.06 -54.58
CA THR D 571 60.64 -16.09 -54.94
C THR D 571 60.22 -16.22 -56.40
N THR D 572 58.92 -16.09 -56.65
CA THR D 572 58.40 -16.20 -58.01
C THR D 572 59.04 -15.12 -58.89
N TYR D 573 59.53 -14.06 -58.25
CA TYR D 573 60.18 -12.97 -58.95
C TYR D 573 61.43 -13.47 -59.68
N ALA D 574 62.02 -14.52 -59.14
CA ALA D 574 63.22 -15.11 -59.72
C ALA D 574 62.89 -16.06 -60.86
N LYS D 575 61.60 -16.28 -61.10
CA LYS D 575 61.15 -17.17 -62.15
C LYS D 575 60.40 -16.44 -63.27
N GLY D 576 60.42 -15.11 -63.20
CA GLY D 576 59.75 -14.30 -64.21
C GLY D 576 58.29 -14.02 -63.98
N ILE D 577 57.83 -14.20 -62.74
CA ILE D 577 56.43 -13.94 -62.41
C ILE D 577 56.30 -12.64 -61.64
N LEU D 578 55.49 -11.72 -62.18
CA LEU D 578 55.27 -10.41 -61.57
C LEU D 578 53.86 -10.31 -60.99
N PRO D 579 53.64 -9.32 -60.12
CA PRO D 579 52.32 -9.11 -59.49
C PRO D 579 51.20 -8.98 -60.51
N ILE D 580 51.51 -8.38 -61.66
CA ILE D 580 50.53 -8.18 -62.72
C ILE D 580 50.28 -9.46 -63.50
N ASP D 581 50.65 -10.60 -62.93
CA ASP D 581 50.45 -11.88 -63.59
C ASP D 581 49.67 -12.88 -62.75
N THR D 582 49.58 -12.65 -61.45
CA THR D 582 48.87 -13.57 -60.57
C THR D 582 47.71 -12.94 -59.80
N TYR D 583 47.25 -11.77 -60.23
CA TYR D 583 46.14 -11.11 -59.55
C TYR D 583 44.81 -11.74 -59.96
N LYS D 584 43.79 -11.57 -59.14
CA LYS D 584 42.47 -12.13 -59.41
C LYS D 584 41.96 -11.63 -60.76
N LYS D 585 41.48 -12.55 -61.58
CA LYS D 585 40.98 -12.22 -62.91
C LYS D 585 39.71 -11.39 -62.91
N ASP D 586 38.91 -11.49 -61.86
CA ASP D 586 37.67 -10.73 -61.78
C ASP D 586 37.87 -9.22 -61.73
N LEU D 587 39.10 -8.79 -61.48
CA LEU D 587 39.41 -7.36 -61.40
C LEU D 587 39.31 -6.64 -62.75
N ASP D 588 39.25 -7.41 -63.84
CA ASP D 588 39.16 -6.81 -65.17
C ASP D 588 37.76 -6.33 -65.50
N THR D 589 36.81 -6.59 -64.61
CA THR D 589 35.42 -6.18 -64.83
C THR D 589 35.08 -4.88 -64.12
N ILE D 590 36.01 -4.37 -63.31
CA ILE D 590 35.78 -3.14 -62.58
C ILE D 590 36.83 -2.07 -62.85
N ALA D 591 37.69 -2.33 -63.83
CA ALA D 591 38.74 -1.38 -64.18
C ALA D 591 39.36 -1.69 -65.54
N ASN D 592 39.70 -0.64 -66.28
CA ASN D 592 40.30 -0.79 -67.60
C ASN D 592 41.53 0.09 -67.74
N GLU D 593 41.91 0.77 -66.66
CA GLU D 593 43.07 1.65 -66.64
C GLU D 593 44.31 0.89 -67.11
N PRO D 594 44.89 1.30 -68.25
CA PRO D 594 46.08 0.66 -68.81
C PRO D 594 47.35 0.94 -68.01
N LEU D 595 48.29 0.00 -68.04
CA LEU D 595 49.56 0.15 -67.33
C LEU D 595 50.31 1.36 -67.87
N HIS D 596 50.69 2.27 -66.97
CA HIS D 596 51.40 3.48 -67.34
C HIS D 596 52.91 3.35 -67.16
N TYR D 597 53.41 2.12 -67.10
CA TYR D 597 54.84 1.91 -66.92
C TYR D 597 55.36 0.68 -67.65
N ASP D 598 56.62 0.75 -68.07
CA ASP D 598 57.26 -0.32 -68.81
C ASP D 598 57.58 -1.48 -67.86
N TRP D 599 56.66 -2.43 -67.74
CA TRP D 599 56.88 -3.59 -66.87
C TRP D 599 57.73 -4.66 -67.54
N GLU D 600 57.71 -4.69 -68.86
CA GLU D 600 58.49 -5.67 -69.61
C GLU D 600 59.97 -5.33 -69.52
N ALA D 601 60.28 -4.04 -69.52
CA ALA D 601 61.66 -3.58 -69.43
C ALA D 601 62.21 -3.93 -68.05
N LEU D 602 61.34 -3.83 -67.04
CA LEU D 602 61.72 -4.13 -65.67
C LEU D 602 61.69 -5.64 -65.46
N ARG D 603 60.86 -6.32 -66.25
CA ARG D 603 60.72 -7.77 -66.17
C ARG D 603 62.06 -8.44 -66.45
N GLU D 604 62.82 -7.86 -67.37
CA GLU D 604 64.14 -8.40 -67.73
C GLU D 604 65.23 -7.94 -66.77
N SER D 605 65.22 -6.67 -66.41
CA SER D 605 66.22 -6.11 -65.52
C SER D 605 66.22 -6.82 -64.16
N ILE D 606 65.07 -7.34 -63.76
CA ILE D 606 64.95 -8.05 -62.49
C ILE D 606 65.32 -9.51 -62.71
N LYS D 607 64.98 -10.08 -63.85
CA LYS D 607 65.35 -11.48 -64.02
C LYS D 607 66.87 -11.69 -63.94
N THR D 608 67.65 -10.88 -64.65
CA THR D 608 69.11 -10.98 -64.57
C THR D 608 69.81 -10.47 -63.29
N HIS D 609 69.56 -9.22 -62.91
CA HIS D 609 70.14 -8.65 -61.69
C HIS D 609 69.66 -9.29 -60.38
N GLY D 610 68.37 -9.58 -60.34
CA GLY D 610 67.62 -10.03 -59.18
C GLY D 610 67.08 -8.91 -58.31
N LEU D 611 66.54 -9.28 -57.15
CA LEU D 611 65.97 -8.32 -56.21
C LEU D 611 66.70 -8.37 -54.88
N ARG D 612 66.92 -7.21 -54.28
CA ARG D 612 67.59 -7.12 -52.99
C ARG D 612 66.63 -7.50 -51.87
N ASN D 613 65.34 -7.53 -52.21
CA ASN D 613 64.31 -7.87 -51.23
C ASN D 613 63.27 -8.81 -51.84
N SER D 614 62.77 -9.74 -51.04
CA SER D 614 61.76 -10.68 -51.51
C SER D 614 60.43 -9.97 -51.71
N THR D 615 59.98 -9.24 -50.69
CA THR D 615 58.71 -8.51 -50.78
C THR D 615 58.90 -7.01 -50.55
N LEU D 616 58.38 -6.21 -51.49
CA LEU D 616 58.57 -4.76 -51.43
C LEU D 616 57.43 -3.92 -50.82
N SER D 617 56.19 -4.34 -51.04
CA SER D 617 55.02 -3.60 -50.56
C SER D 617 54.38 -4.26 -49.34
N ALA D 618 54.09 -3.44 -48.32
CA ALA D 618 53.60 -3.93 -47.04
C ALA D 618 52.65 -2.92 -46.38
N LEU D 619 51.51 -2.68 -47.02
CA LEU D 619 50.52 -1.76 -46.48
C LEU D 619 50.21 -2.09 -45.02
N MET D 620 49.69 -1.11 -44.30
CA MET D 620 49.36 -1.29 -42.89
C MET D 620 48.75 -0.03 -42.29
N PRO D 621 48.16 -0.16 -41.10
CA PRO D 621 47.55 0.99 -40.43
C PRO D 621 48.63 1.84 -39.78
N SER D 622 48.49 3.16 -39.86
CA SER D 622 49.36 4.06 -39.12
C SER D 622 48.55 5.05 -38.30
N GLU D 623 48.81 5.11 -36.99
CA GLU D 623 48.15 6.11 -36.15
C GLU D 623 49.12 7.21 -35.71
N THR D 624 50.23 6.79 -35.12
CA THR D 624 51.31 7.71 -34.76
C THR D 624 51.93 8.32 -36.01
N SER D 625 52.09 7.47 -37.02
CA SER D 625 52.74 7.84 -38.28
C SER D 625 52.02 8.98 -38.98
N SER D 626 50.73 8.80 -39.23
CA SER D 626 49.93 9.81 -39.91
C SER D 626 49.73 11.09 -39.09
N GLN D 627 49.85 10.99 -37.78
CA GLN D 627 49.68 12.14 -36.90
C GLN D 627 50.77 13.20 -37.08
N ILE D 628 52.02 12.79 -36.88
CA ILE D 628 53.15 13.70 -37.01
C ILE D 628 53.12 14.44 -38.36
N SER D 629 52.62 13.75 -39.38
CA SER D 629 52.54 14.32 -40.72
C SER D 629 51.20 15.00 -40.98
N ASN D 630 50.34 15.05 -39.97
CA ASN D 630 49.02 15.65 -40.09
C ASN D 630 48.30 15.07 -41.30
N ALA D 631 48.43 13.76 -41.48
CA ALA D 631 47.81 13.07 -42.59
C ALA D 631 46.70 12.15 -42.10
N THR D 632 46.00 11.52 -43.04
CA THR D 632 44.92 10.60 -42.69
C THR D 632 45.51 9.21 -42.49
N ASN D 633 44.93 8.46 -41.56
CA ASN D 633 45.41 7.12 -41.26
C ASN D 633 45.28 6.17 -42.45
N GLY D 634 46.43 5.68 -42.93
CA GLY D 634 46.44 4.76 -44.05
C GLY D 634 45.48 5.11 -45.17
N ILE D 635 44.78 4.10 -45.68
CA ILE D 635 43.81 4.31 -46.75
C ILE D 635 42.43 4.60 -46.18
N GLU D 636 42.26 4.29 -44.89
CA GLU D 636 41.00 4.52 -44.21
C GLU D 636 40.49 5.95 -44.34
N PRO D 637 39.18 6.11 -44.57
CA PRO D 637 38.57 7.44 -44.70
C PRO D 637 38.36 8.03 -43.31
N PRO D 638 38.45 9.36 -43.18
CA PRO D 638 38.26 10.02 -41.88
C PRO D 638 36.83 9.94 -41.35
N ARG D 639 36.69 9.51 -40.11
CA ARG D 639 35.38 9.40 -39.48
C ARG D 639 34.74 10.78 -39.43
N GLY D 640 35.57 11.79 -39.17
CA GLY D 640 35.08 13.15 -39.09
C GLY D 640 36.14 14.16 -39.51
N TYR D 641 35.87 15.44 -39.27
CA TYR D 641 36.82 16.48 -39.62
C TYR D 641 37.85 16.68 -38.51
N VAL D 642 37.41 16.48 -37.27
CA VAL D 642 38.27 16.61 -36.11
C VAL D 642 38.27 15.31 -35.32
N SER D 643 39.44 14.70 -35.18
CA SER D 643 39.56 13.44 -34.45
C SER D 643 39.99 13.71 -33.01
N ILE D 644 39.33 13.04 -32.08
CA ILE D 644 39.63 13.22 -30.65
C ILE D 644 40.21 11.96 -30.01
N LYS D 645 41.36 12.12 -29.37
CA LYS D 645 42.03 11.01 -28.71
C LYS D 645 42.46 11.42 -27.30
N ALA D 646 42.73 10.44 -26.45
CA ALA D 646 43.14 10.71 -25.08
C ALA D 646 44.62 10.42 -24.86
N SER D 647 45.26 11.24 -24.02
CA SER D 647 46.67 11.08 -23.70
C SER D 647 46.91 11.48 -22.25
N LYS D 648 48.04 11.05 -21.68
CA LYS D 648 48.35 11.38 -20.30
C LYS D 648 48.50 12.89 -20.16
N ASP D 649 48.68 13.56 -21.29
CA ASP D 649 48.86 15.01 -21.31
C ASP D 649 47.52 15.71 -21.54
N GLY D 650 46.49 14.93 -21.86
CA GLY D 650 45.19 15.50 -22.10
C GLY D 650 44.50 14.95 -23.35
N ILE D 651 43.53 15.70 -23.85
CA ILE D 651 42.79 15.30 -25.05
C ILE D 651 43.52 15.77 -26.31
N LEU D 652 43.41 15.00 -27.38
CA LEU D 652 44.05 15.33 -28.64
C LEU D 652 43.04 15.55 -29.77
N ARG D 653 43.15 16.70 -30.44
CA ARG D 653 42.25 17.01 -31.55
C ARG D 653 43.06 17.24 -32.81
N GLN D 654 42.77 16.45 -33.84
CA GLN D 654 43.46 16.58 -35.13
C GLN D 654 42.43 16.87 -36.20
N VAL D 655 42.70 17.88 -37.02
CA VAL D 655 41.79 18.26 -38.09
C VAL D 655 42.30 17.81 -39.45
N VAL D 656 41.38 17.32 -40.28
CA VAL D 656 41.75 16.87 -41.62
C VAL D 656 42.49 17.99 -42.34
N PRO D 657 43.68 17.69 -42.87
CA PRO D 657 44.49 18.68 -43.59
C PRO D 657 43.76 19.40 -44.72
N ASP D 658 43.99 20.72 -44.79
CA ASP D 658 43.39 21.58 -45.81
C ASP D 658 41.86 21.59 -45.73
N TYR D 659 41.34 21.39 -44.52
CA TYR D 659 39.90 21.41 -44.28
C TYR D 659 39.33 22.75 -44.73
N GLU D 660 40.18 23.77 -44.79
CA GLU D 660 39.68 25.10 -45.13
C GLU D 660 39.03 25.11 -46.51
N HIS D 661 39.65 24.44 -47.48
CA HIS D 661 39.06 24.35 -48.81
C HIS D 661 38.48 22.97 -49.17
N LEU D 662 38.83 21.95 -48.40
CA LEU D 662 38.46 20.57 -48.73
C LEU D 662 37.26 20.00 -47.97
N HIS D 663 36.59 20.82 -47.17
CA HIS D 663 35.55 20.32 -46.27
C HIS D 663 34.42 19.61 -47.01
N ASP D 664 34.13 20.05 -48.23
CA ASP D 664 33.06 19.44 -49.02
C ASP D 664 33.59 18.35 -49.96
N ALA D 665 34.91 18.25 -50.08
CA ALA D 665 35.52 17.26 -50.95
C ALA D 665 35.69 15.95 -50.20
N TYR D 666 35.87 16.04 -48.88
CA TYR D 666 36.05 14.86 -48.04
C TYR D 666 34.77 14.05 -47.89
N GLU D 667 34.94 12.76 -47.65
CA GLU D 667 33.81 11.85 -47.46
C GLU D 667 34.04 11.06 -46.18
N LEU D 668 33.46 11.55 -45.08
CA LEU D 668 33.61 10.91 -43.79
C LEU D 668 33.15 9.45 -43.81
N LEU D 669 33.70 8.66 -42.89
CA LEU D 669 33.39 7.24 -42.78
C LEU D 669 31.89 6.93 -42.81
N TRP D 670 31.16 7.52 -41.88
CA TRP D 670 29.72 7.28 -41.78
C TRP D 670 28.88 7.95 -42.86
N GLU D 671 29.55 8.44 -43.91
CA GLU D 671 28.85 9.07 -45.00
C GLU D 671 28.79 8.10 -46.19
N MET D 672 29.44 6.95 -46.01
CA MET D 672 29.46 5.94 -47.06
C MET D 672 28.20 5.08 -47.02
N PRO D 673 27.53 4.94 -48.17
CA PRO D 673 26.30 4.14 -48.27
C PRO D 673 26.53 2.68 -47.88
N GLY D 674 27.72 2.18 -48.20
CA GLY D 674 28.05 0.80 -47.88
C GLY D 674 29.53 0.53 -47.93
N ASN D 675 29.91 -0.75 -47.92
CA ASN D 675 31.31 -1.15 -47.97
C ASN D 675 31.75 -1.54 -49.37
N ASP D 676 30.78 -1.71 -50.26
CA ASP D 676 31.06 -2.08 -51.65
C ASP D 676 32.17 -1.23 -52.26
N GLY D 677 31.97 0.08 -52.27
CA GLY D 677 32.96 0.98 -52.82
C GLY D 677 34.34 0.83 -52.22
N TYR D 678 34.42 0.91 -50.90
CA TYR D 678 35.69 0.78 -50.20
C TYR D 678 36.35 -0.57 -50.45
N LEU D 679 35.53 -1.59 -50.66
CA LEU D 679 36.05 -2.93 -50.91
C LEU D 679 36.69 -3.06 -52.29
N GLN D 680 36.20 -2.26 -53.24
CA GLN D 680 36.74 -2.28 -54.60
C GLN D 680 38.11 -1.61 -54.66
N LEU D 681 38.31 -0.57 -53.87
CA LEU D 681 39.59 0.14 -53.85
C LEU D 681 40.65 -0.74 -53.22
N VAL D 682 40.29 -1.39 -52.10
CA VAL D 682 41.21 -2.26 -51.40
C VAL D 682 41.58 -3.44 -52.30
N GLY D 683 40.58 -4.00 -52.97
CA GLY D 683 40.82 -5.12 -53.86
C GLY D 683 41.77 -4.74 -54.97
N ILE D 684 41.60 -3.52 -55.50
CA ILE D 684 42.44 -3.02 -56.57
C ILE D 684 43.87 -2.80 -56.06
N MET D 685 43.99 -2.55 -54.76
CA MET D 685 45.29 -2.32 -54.15
C MET D 685 46.06 -3.63 -54.00
N GLN D 686 45.34 -4.70 -53.71
CA GLN D 686 45.95 -6.02 -53.52
C GLN D 686 46.55 -6.55 -54.82
N LYS D 687 46.00 -6.13 -55.95
CA LYS D 687 46.46 -6.57 -57.25
C LYS D 687 47.95 -6.26 -57.48
N PHE D 688 48.45 -5.22 -56.84
CA PHE D 688 49.86 -4.84 -56.99
C PHE D 688 50.68 -5.08 -55.73
N ILE D 689 50.06 -4.92 -54.57
CA ILE D 689 50.75 -5.12 -53.30
C ILE D 689 51.36 -6.51 -53.20
N ASP D 690 52.58 -6.55 -52.68
CA ASP D 690 53.26 -7.78 -52.29
C ASP D 690 52.58 -8.45 -51.10
N GLN D 691 52.13 -7.64 -50.15
CA GLN D 691 51.69 -8.12 -48.84
C GLN D 691 50.31 -7.61 -48.45
N SER D 692 49.67 -8.33 -47.53
CA SER D 692 48.29 -8.08 -47.14
C SER D 692 48.03 -6.71 -46.50
N ILE D 693 46.88 -6.15 -46.84
CA ILE D 693 46.40 -4.88 -46.34
C ILE D 693 45.61 -5.07 -45.04
N SER D 694 45.45 -3.98 -44.30
CA SER D 694 44.79 -3.97 -42.99
C SER D 694 43.39 -3.34 -42.99
N ALA D 695 42.77 -3.24 -44.16
CA ALA D 695 41.51 -2.51 -44.32
C ALA D 695 40.35 -3.08 -43.50
N ASN D 696 39.46 -2.19 -43.04
CA ASN D 696 38.41 -2.52 -42.09
C ASN D 696 36.97 -2.39 -42.62
N THR D 697 36.07 -3.14 -42.00
CA THR D 697 34.69 -3.30 -42.45
C THR D 697 33.77 -2.53 -41.49
N ASN D 698 33.23 -1.42 -41.97
CA ASN D 698 32.37 -0.57 -41.16
C ASN D 698 30.89 -0.83 -41.41
N TYR D 699 30.08 -0.69 -40.36
CA TYR D 699 28.65 -0.90 -40.46
C TYR D 699 27.88 0.09 -39.58
N ASP D 700 26.85 0.72 -40.14
CA ASP D 700 26.04 1.68 -39.41
C ASP D 700 24.65 1.10 -39.15
N PRO D 701 24.38 0.72 -37.89
CA PRO D 701 23.08 0.15 -37.50
C PRO D 701 21.88 1.00 -37.89
N SER D 702 22.09 2.31 -37.97
CA SER D 702 21.01 3.24 -38.32
C SER D 702 20.47 3.02 -39.74
N ARG D 703 21.32 2.51 -40.64
CA ARG D 703 20.92 2.27 -42.01
C ARG D 703 20.17 0.95 -42.17
N PHE D 704 20.21 0.12 -41.14
CA PHE D 704 19.54 -1.18 -41.19
C PHE D 704 18.25 -1.20 -40.37
N PRO D 705 17.25 -1.97 -40.84
CA PRO D 705 15.95 -2.09 -40.16
C PRO D 705 16.10 -2.54 -38.71
N SER D 706 15.42 -1.84 -37.82
CA SER D 706 15.46 -2.15 -36.39
C SER D 706 16.86 -1.96 -35.81
N GLY D 707 17.73 -1.31 -36.57
CA GLY D 707 19.09 -1.07 -36.11
C GLY D 707 19.86 -2.34 -35.79
N LYS D 708 19.75 -3.34 -36.65
CA LYS D 708 20.45 -4.60 -36.45
C LYS D 708 21.02 -5.12 -37.76
N VAL D 709 22.35 -5.20 -37.81
CA VAL D 709 23.06 -5.66 -39.00
C VAL D 709 22.67 -7.09 -39.38
N PRO D 710 22.09 -7.27 -40.57
CA PRO D 710 21.68 -8.59 -41.05
C PRO D 710 22.88 -9.46 -41.44
N MET D 711 22.79 -10.75 -41.14
CA MET D 711 23.87 -11.67 -41.46
C MET D 711 24.07 -11.78 -42.97
N GLN D 712 22.97 -11.68 -43.71
CA GLN D 712 23.01 -11.75 -45.17
C GLN D 712 24.00 -10.73 -45.71
N GLN D 713 24.01 -9.54 -45.12
CA GLN D 713 24.90 -8.47 -45.54
C GLN D 713 26.34 -8.71 -45.09
N LEU D 714 26.51 -9.44 -44.01
CA LEU D 714 27.84 -9.74 -43.49
C LEU D 714 28.54 -10.78 -44.35
N LEU D 715 27.75 -11.58 -45.06
CA LEU D 715 28.29 -12.61 -45.94
C LEU D 715 28.48 -12.02 -47.33
N LYS D 716 27.60 -11.10 -47.69
CA LYS D 716 27.63 -10.42 -48.97
C LYS D 716 28.95 -9.69 -49.17
N ASP D 717 29.27 -8.78 -48.26
CA ASP D 717 30.51 -8.01 -48.34
C ASP D 717 31.74 -8.91 -48.28
N LEU D 718 31.67 -9.96 -47.47
CA LEU D 718 32.78 -10.89 -47.34
C LEU D 718 33.06 -11.59 -48.67
N LEU D 719 32.00 -11.96 -49.37
CA LEU D 719 32.12 -12.64 -50.65
C LEU D 719 32.72 -11.70 -51.70
N THR D 720 32.35 -10.42 -51.62
CA THR D 720 32.84 -9.41 -52.55
C THR D 720 34.35 -9.22 -52.39
N ALA D 721 34.80 -9.07 -51.15
CA ALA D 721 36.22 -8.88 -50.87
C ALA D 721 37.03 -9.97 -51.54
N TYR D 722 36.68 -11.22 -51.27
CA TYR D 722 37.37 -12.37 -51.85
C TYR D 722 37.36 -12.29 -53.37
N LYS D 723 36.21 -11.94 -53.93
CA LYS D 723 36.04 -11.84 -55.37
C LYS D 723 37.03 -10.91 -56.05
N PHE D 724 37.51 -9.92 -55.31
CA PHE D 724 38.47 -8.96 -55.87
C PHE D 724 39.91 -9.17 -55.41
N GLY D 725 40.18 -10.32 -54.81
CA GLY D 725 41.52 -10.63 -54.37
C GLY D 725 41.96 -10.10 -53.01
N VAL D 726 41.02 -9.63 -52.21
CA VAL D 726 41.36 -9.12 -50.87
C VAL D 726 41.98 -10.25 -50.06
N LYS D 727 43.22 -10.06 -49.62
CA LYS D 727 43.93 -11.07 -48.84
C LYS D 727 43.45 -11.19 -47.39
N THR D 728 43.46 -10.08 -46.65
CA THR D 728 43.04 -10.11 -45.26
C THR D 728 42.10 -8.98 -44.87
N LEU D 729 41.41 -9.17 -43.75
CA LEU D 729 40.46 -8.19 -43.23
C LEU D 729 40.82 -7.90 -41.77
N TYR D 730 41.05 -6.60 -41.55
CA TYR D 730 41.30 -5.99 -40.26
C TYR D 730 39.99 -5.53 -39.61
N TYR D 731 40.14 -4.81 -38.51
CA TYR D 731 39.03 -4.43 -37.63
C TYR D 731 37.66 -4.43 -38.30
N GLN D 732 36.62 -4.38 -37.47
CA GLN D 732 35.24 -4.34 -37.93
C GLN D 732 34.54 -3.28 -37.09
N ASN D 733 34.70 -2.01 -37.49
CA ASN D 733 34.11 -0.90 -36.78
C ASN D 733 32.59 -0.81 -36.92
N THR D 734 31.90 -0.77 -35.78
CA THR D 734 30.45 -0.67 -35.77
C THR D 734 30.06 0.63 -35.06
N ARG D 735 29.34 1.49 -35.78
CA ARG D 735 29.02 2.83 -35.27
C ARG D 735 28.03 2.82 -34.11
N ASP D 736 28.43 3.43 -33.00
CA ASP D 736 27.55 3.59 -31.85
C ASP D 736 27.36 5.07 -31.55
N GLY D 737 26.11 5.49 -31.40
CA GLY D 737 25.82 6.90 -31.15
C GLY D 737 24.57 7.10 -30.32
N ALA E 1 7.66 79.03 -36.53
CA ALA E 1 7.42 78.04 -37.61
C ALA E 1 7.08 76.68 -37.04
N TYR E 2 7.43 76.46 -35.78
CA TYR E 2 7.15 75.18 -35.12
C TYR E 2 5.90 75.28 -34.26
N THR E 3 5.20 74.17 -34.11
CA THR E 3 3.99 74.13 -33.31
C THR E 3 3.75 72.71 -32.78
N THR E 4 3.62 72.59 -31.47
CA THR E 4 3.39 71.30 -30.83
C THR E 4 2.23 70.56 -31.47
N PHE E 5 1.27 71.33 -31.94
CA PHE E 5 0.19 70.80 -32.75
C PHE E 5 0.07 71.66 -33.99
N SER E 6 0.19 71.04 -35.15
CA SER E 6 0.01 71.77 -36.40
C SER E 6 -1.48 72.03 -36.63
N GLN E 7 -1.82 73.26 -36.99
CA GLN E 7 -3.20 73.58 -37.31
C GLN E 7 -3.50 73.25 -38.77
N THR E 8 -3.45 71.96 -39.08
CA THR E 8 -3.68 71.50 -40.44
C THR E 8 -4.12 70.03 -40.47
N LYS E 9 -4.69 69.61 -41.58
CA LYS E 9 -5.01 68.20 -41.80
C LYS E 9 -4.01 67.65 -42.80
N ASN E 10 -3.32 66.58 -42.44
CA ASN E 10 -2.25 66.05 -43.25
C ASN E 10 -2.31 64.54 -43.32
N ASP E 11 -1.87 63.98 -44.44
CA ASP E 11 -1.60 62.56 -44.47
C ASP E 11 -0.20 62.37 -43.94
N GLN E 12 -0.11 61.75 -42.77
CA GLN E 12 1.18 61.47 -42.15
C GLN E 12 1.98 60.40 -42.88
N LEU E 13 1.34 59.68 -43.78
CA LEU E 13 2.01 58.62 -44.53
C LEU E 13 2.79 59.18 -45.72
N LYS E 14 2.53 60.45 -46.05
CA LYS E 14 3.21 61.09 -47.16
C LYS E 14 4.21 62.15 -46.67
N GLU E 15 4.24 62.36 -45.36
CA GLU E 15 5.15 63.32 -44.76
C GLU E 15 6.58 62.80 -44.70
N PRO E 16 7.57 63.66 -45.02
CA PRO E 16 8.96 63.23 -44.99
C PRO E 16 9.40 63.03 -43.54
N MET E 17 10.38 62.16 -43.32
CA MET E 17 10.85 61.90 -41.96
C MET E 17 11.07 63.17 -41.16
N PHE E 18 11.72 64.15 -41.79
CA PHE E 18 12.01 65.41 -41.13
C PHE E 18 11.57 66.63 -41.94
N PHE E 19 11.48 67.78 -41.30
CA PHE E 19 11.24 69.00 -42.05
C PHE E 19 9.91 68.89 -42.79
N GLY E 20 9.04 68.02 -42.30
CA GLY E 20 7.67 67.98 -42.82
C GLY E 20 6.75 68.75 -41.88
N GLN E 21 5.45 68.56 -42.03
CA GLN E 21 4.49 69.24 -41.18
C GLN E 21 4.57 68.67 -39.77
N PRO E 22 4.72 69.54 -38.76
CA PRO E 22 4.80 69.11 -37.36
C PRO E 22 3.72 68.10 -37.00
N VAL E 23 4.09 66.91 -36.54
CA VAL E 23 3.06 65.92 -36.23
C VAL E 23 2.16 66.42 -35.10
N ASN E 24 0.84 66.29 -35.27
CA ASN E 24 -0.11 66.77 -34.27
C ASN E 24 -0.96 65.67 -33.65
N VAL E 25 -1.09 64.55 -34.35
CA VAL E 25 -1.92 63.43 -33.88
C VAL E 25 -1.07 62.19 -33.73
N ALA E 26 -1.20 61.48 -32.62
CA ALA E 26 -0.30 60.37 -32.37
C ALA E 26 -1.00 59.03 -32.56
N ARG E 27 -1.01 58.54 -33.79
CA ARG E 27 -1.65 57.27 -34.11
C ARG E 27 -0.59 56.20 -34.40
N TYR E 28 -0.91 54.95 -34.07
CA TYR E 28 0.02 53.84 -34.27
C TYR E 28 -0.64 52.71 -35.05
N ASP E 29 -1.62 53.05 -35.87
CA ASP E 29 -2.35 52.06 -36.66
C ASP E 29 -1.75 51.96 -38.06
N GLN E 30 -0.88 52.91 -38.40
CA GLN E 30 -0.24 52.93 -39.72
C GLN E 30 1.13 53.60 -39.63
N GLN E 31 2.05 53.17 -40.48
CA GLN E 31 3.40 53.74 -40.50
C GLN E 31 3.95 53.80 -41.91
N LYS E 32 4.62 54.90 -42.24
CA LYS E 32 5.22 55.06 -43.56
C LYS E 32 6.40 54.08 -43.59
N TYR E 33 7.02 53.90 -42.43
CA TYR E 33 8.14 53.00 -42.25
C TYR E 33 7.89 52.19 -40.97
N ASP E 34 7.38 50.99 -41.13
CA ASP E 34 7.08 50.13 -39.99
C ASP E 34 8.29 49.78 -39.13
N ILE E 35 9.48 50.13 -39.60
CA ILE E 35 10.70 49.84 -38.85
C ILE E 35 10.70 50.51 -37.48
N PHE E 36 10.43 51.81 -37.44
CA PHE E 36 10.40 52.54 -36.18
C PHE E 36 9.39 51.92 -35.21
N GLU E 37 8.17 51.70 -35.70
CA GLU E 37 7.12 51.12 -34.87
C GLU E 37 7.62 49.81 -34.26
N LYS E 38 8.26 48.99 -35.09
CA LYS E 38 8.80 47.71 -34.64
C LYS E 38 9.86 47.95 -33.57
N LEU E 39 10.60 49.04 -33.72
CA LEU E 39 11.64 49.39 -32.75
C LEU E 39 11.02 49.74 -31.40
N ILE E 40 10.04 50.64 -31.44
CA ILE E 40 9.34 51.05 -30.22
C ILE E 40 8.84 49.82 -29.49
N GLU E 41 8.21 48.92 -30.23
CA GLU E 41 7.67 47.68 -29.67
C GLU E 41 8.77 46.86 -29.00
N LYS E 42 9.75 46.44 -29.80
CA LYS E 42 10.86 45.63 -29.29
C LYS E 42 11.49 46.26 -28.05
N GLN E 43 11.69 47.56 -28.07
CA GLN E 43 12.29 48.26 -26.94
C GLN E 43 11.40 48.13 -25.71
N LEU E 44 10.09 48.29 -25.91
CA LEU E 44 9.13 48.18 -24.80
C LEU E 44 9.25 46.84 -24.09
N SER E 45 9.38 45.77 -24.87
CA SER E 45 9.48 44.43 -24.31
C SER E 45 10.84 44.25 -23.62
N PHE E 46 11.73 45.22 -23.80
CA PHE E 46 13.06 45.15 -23.20
C PHE E 46 13.15 46.00 -21.94
N PHE E 47 12.02 46.60 -21.54
CA PHE E 47 12.00 47.43 -20.34
C PHE E 47 12.56 46.70 -19.13
N TRP E 48 13.70 47.18 -18.63
CA TRP E 48 14.34 46.59 -17.47
C TRP E 48 14.48 47.66 -16.39
N ARG E 49 14.91 47.26 -15.21
CA ARG E 49 15.08 48.20 -14.12
C ARG E 49 16.35 47.89 -13.33
N PRO E 50 17.29 48.85 -13.29
CA PRO E 50 18.57 48.72 -12.58
C PRO E 50 18.47 48.28 -11.13
N GLU E 51 17.50 48.82 -10.40
CA GLU E 51 17.32 48.50 -8.99
C GLU E 51 17.18 47.02 -8.68
N GLU E 52 16.78 46.22 -9.67
CA GLU E 52 16.61 44.78 -9.45
C GLU E 52 17.80 43.95 -9.87
N VAL E 53 18.88 44.60 -10.31
CA VAL E 53 20.08 43.89 -10.71
C VAL E 53 21.04 43.80 -9.54
N ASP E 54 21.26 42.58 -9.05
CA ASP E 54 22.14 42.36 -7.91
C ASP E 54 23.58 42.79 -8.19
N VAL E 55 24.01 43.86 -7.52
CA VAL E 55 25.34 44.40 -7.66
C VAL E 55 25.99 44.47 -6.28
N SER E 56 25.52 43.62 -5.38
CA SER E 56 26.03 43.58 -4.01
C SER E 56 27.44 43.00 -3.88
N ARG E 57 27.76 42.01 -4.70
CA ARG E 57 29.08 41.38 -4.65
C ARG E 57 30.10 42.13 -5.50
N ASP E 58 29.66 43.19 -6.16
CA ASP E 58 30.55 43.98 -7.01
C ASP E 58 31.49 44.88 -6.22
N ARG E 59 31.00 45.46 -5.13
CA ARG E 59 31.82 46.33 -4.31
C ARG E 59 33.12 45.66 -3.90
N ILE E 60 33.01 44.51 -3.23
CA ILE E 60 34.19 43.76 -2.79
C ILE E 60 35.14 43.43 -3.93
N ASP E 61 34.59 42.93 -5.04
CA ASP E 61 35.40 42.58 -6.20
C ASP E 61 36.23 43.79 -6.64
N TYR E 62 35.55 44.91 -6.85
CA TYR E 62 36.22 46.14 -7.26
C TYR E 62 37.38 46.48 -6.34
N GLN E 63 37.16 46.33 -5.03
CA GLN E 63 38.18 46.62 -4.04
C GLN E 63 39.36 45.66 -4.11
N ALA E 64 39.11 44.42 -4.54
CA ALA E 64 40.15 43.41 -4.65
C ALA E 64 40.94 43.53 -5.95
N LEU E 65 40.53 44.46 -6.81
CA LEU E 65 41.19 44.67 -8.08
C LEU E 65 42.44 45.53 -7.96
N PRO E 66 43.48 45.22 -8.75
CA PRO E 66 44.72 46.00 -8.69
C PRO E 66 44.37 47.46 -8.99
N GLU E 67 45.31 48.36 -8.77
CA GLU E 67 45.03 49.77 -9.03
C GLU E 67 44.89 50.12 -10.50
N HIS E 68 45.66 49.44 -11.35
CA HIS E 68 45.58 49.72 -12.78
C HIS E 68 44.30 49.09 -13.33
N GLU E 69 43.70 48.20 -12.55
CA GLU E 69 42.46 47.55 -12.95
C GLU E 69 41.26 48.35 -12.44
N LYS E 70 41.40 48.95 -11.26
CA LYS E 70 40.32 49.77 -10.71
C LYS E 70 40.21 50.94 -11.67
N HIS E 71 41.36 51.35 -12.18
CA HIS E 71 41.46 52.45 -13.14
C HIS E 71 40.70 52.14 -14.41
N ILE E 72 41.03 51.01 -15.02
CA ILE E 72 40.37 50.59 -16.26
C ILE E 72 38.85 50.56 -16.13
N PHE E 73 38.37 49.91 -15.08
CA PHE E 73 36.93 49.81 -14.85
C PHE E 73 36.23 51.15 -14.68
N ILE E 74 36.62 51.90 -13.66
CA ILE E 74 36.01 53.19 -13.37
C ILE E 74 36.11 54.19 -14.54
N SER E 75 37.24 54.19 -15.22
CA SER E 75 37.44 55.10 -16.36
C SER E 75 36.43 54.79 -17.46
N ASN E 76 36.36 53.52 -17.84
CA ASN E 76 35.45 53.08 -18.87
C ASN E 76 34.00 53.34 -18.46
N LEU E 77 33.74 53.24 -17.17
CA LEU E 77 32.39 53.47 -16.64
C LEU E 77 32.02 54.94 -16.71
N LYS E 78 32.95 55.82 -16.35
CA LYS E 78 32.71 57.25 -16.37
C LYS E 78 32.38 57.70 -17.79
N TYR E 79 33.08 57.14 -18.76
CA TYR E 79 32.84 57.48 -20.16
C TYR E 79 31.45 57.07 -20.59
N GLN E 80 30.99 55.92 -20.09
CA GLN E 80 29.66 55.42 -20.41
C GLN E 80 28.61 56.33 -19.79
N THR E 81 28.92 56.86 -18.61
CA THR E 81 28.02 57.76 -17.90
C THR E 81 27.84 59.03 -18.72
N LEU E 82 28.95 59.58 -19.21
CA LEU E 82 28.93 60.79 -20.01
C LEU E 82 28.14 60.63 -21.30
N LEU E 83 28.43 59.57 -22.04
CA LEU E 83 27.76 59.31 -23.30
C LEU E 83 26.24 59.25 -23.21
N ASP E 84 25.71 58.25 -22.48
CA ASP E 84 24.27 58.12 -22.35
C ASP E 84 23.62 59.30 -21.64
N SER E 85 24.40 60.08 -20.90
CA SER E 85 23.86 61.24 -20.22
C SER E 85 23.45 62.24 -21.28
N ILE E 86 24.19 62.22 -22.39
CA ILE E 86 23.93 63.10 -23.52
C ILE E 86 22.88 62.47 -24.42
N GLN E 87 22.90 61.14 -24.50
CA GLN E 87 21.95 60.39 -25.32
C GLN E 87 20.56 60.33 -24.70
N GLY E 88 20.43 60.90 -23.51
CA GLY E 88 19.14 60.89 -22.84
C GLY E 88 18.33 62.13 -23.15
N ARG E 89 19.01 63.23 -23.46
CA ARG E 89 18.34 64.48 -23.76
C ARG E 89 18.48 64.90 -25.23
N SER E 90 19.65 64.70 -25.80
CA SER E 90 19.92 65.08 -27.18
C SER E 90 18.80 64.71 -28.17
N PRO E 91 18.44 63.41 -28.25
CA PRO E 91 17.38 62.99 -29.17
C PRO E 91 16.10 63.81 -29.10
N ASN E 92 15.55 63.98 -27.90
CA ASN E 92 14.32 64.74 -27.73
C ASN E 92 14.47 66.24 -27.94
N VAL E 93 15.65 66.77 -27.64
CA VAL E 93 15.90 68.20 -27.77
C VAL E 93 16.34 68.62 -29.17
N ALA E 94 16.95 67.70 -29.91
CA ALA E 94 17.42 68.02 -31.25
C ALA E 94 16.67 67.33 -32.39
N LEU E 95 16.00 66.23 -32.09
CA LEU E 95 15.26 65.49 -33.10
C LEU E 95 13.76 65.74 -33.10
N LEU E 96 13.16 65.78 -31.91
CA LEU E 96 11.73 66.01 -31.77
C LEU E 96 11.20 67.18 -32.60
N PRO E 97 11.83 68.37 -32.48
CA PRO E 97 11.39 69.55 -33.21
C PRO E 97 11.54 69.45 -34.74
N LEU E 98 12.06 68.33 -35.22
CA LEU E 98 12.24 68.16 -36.66
C LEU E 98 11.55 66.94 -37.25
N ILE E 99 10.91 66.13 -36.40
CA ILE E 99 10.22 64.94 -36.87
C ILE E 99 8.82 65.30 -37.35
N SER E 100 8.46 64.81 -38.53
CA SER E 100 7.14 65.08 -39.11
C SER E 100 6.26 63.83 -39.21
N ILE E 101 6.84 62.67 -38.91
CA ILE E 101 6.09 61.43 -38.94
C ILE E 101 5.93 60.88 -37.53
N PRO E 102 4.72 60.41 -37.18
CA PRO E 102 4.41 59.87 -35.85
C PRO E 102 5.31 58.74 -35.34
N GLU E 103 5.34 57.62 -36.06
CA GLU E 103 6.16 56.48 -35.66
C GLU E 103 7.58 56.87 -35.28
N LEU E 104 8.16 57.79 -36.02
CA LEU E 104 9.53 58.24 -35.76
C LEU E 104 9.61 59.08 -34.49
N GLU E 105 8.68 60.01 -34.33
CA GLU E 105 8.65 60.87 -33.15
C GLU E 105 8.63 60.04 -31.88
N THR E 106 7.62 59.19 -31.76
CA THR E 106 7.47 58.33 -30.59
C THR E 106 8.74 57.55 -30.31
N TRP E 107 9.33 56.99 -31.36
CA TRP E 107 10.56 56.20 -31.23
C TRP E 107 11.65 57.03 -30.55
N VAL E 108 11.94 58.20 -31.12
CA VAL E 108 12.97 59.09 -30.59
C VAL E 108 12.82 59.30 -29.09
N GLU E 109 11.58 59.44 -28.62
CA GLU E 109 11.35 59.65 -27.19
C GLU E 109 11.53 58.36 -26.42
N THR E 110 11.15 57.24 -27.03
CA THR E 110 11.31 55.94 -26.39
C THR E 110 12.79 55.64 -26.31
N TRP E 111 13.47 55.85 -27.43
CA TRP E 111 14.91 55.63 -27.53
C TRP E 111 15.64 56.55 -26.55
N ALA E 112 15.26 57.82 -26.54
CA ALA E 112 15.88 58.79 -25.64
C ALA E 112 15.61 58.39 -24.20
N PHE E 113 14.38 57.94 -23.94
CA PHE E 113 13.99 57.52 -22.59
C PHE E 113 14.84 56.35 -22.13
N SER E 114 14.94 55.32 -22.96
CA SER E 114 15.72 54.14 -22.63
C SER E 114 17.14 54.53 -22.22
N GLU E 115 17.62 55.63 -22.77
CA GLU E 115 18.96 56.12 -22.46
C GLU E 115 19.04 56.65 -21.04
N THR E 116 17.97 57.27 -20.58
CA THR E 116 17.93 57.82 -19.22
C THR E 116 18.03 56.67 -18.22
N ILE E 117 17.47 55.52 -18.60
CA ILE E 117 17.51 54.33 -17.75
C ILE E 117 18.96 53.90 -17.59
N HIS E 118 19.72 53.98 -18.68
CA HIS E 118 21.13 53.61 -18.65
C HIS E 118 21.86 54.52 -17.68
N SER E 119 21.59 55.82 -17.78
CA SER E 119 22.21 56.80 -16.90
C SER E 119 21.83 56.51 -15.45
N ARG E 120 20.64 55.96 -15.26
CA ARG E 120 20.16 55.64 -13.93
C ARG E 120 20.86 54.40 -13.39
N SER E 121 21.17 53.45 -14.28
CA SER E 121 21.85 52.23 -13.87
C SER E 121 23.29 52.54 -13.44
N TYR E 122 23.95 53.42 -14.19
CA TYR E 122 25.33 53.79 -13.85
C TYR E 122 25.38 54.29 -12.41
N THR E 123 24.45 55.17 -12.06
CA THR E 123 24.38 55.71 -10.71
C THR E 123 24.26 54.56 -9.72
N HIS E 124 23.43 53.58 -10.07
CA HIS E 124 23.20 52.41 -9.22
C HIS E 124 24.50 51.64 -9.03
N ILE E 125 25.23 51.42 -10.12
CA ILE E 125 26.49 50.69 -10.07
C ILE E 125 27.53 51.44 -9.24
N ILE E 126 27.69 52.73 -9.52
CA ILE E 126 28.65 53.56 -8.81
C ILE E 126 28.43 53.59 -7.31
N ARG E 127 27.24 54.04 -6.89
CA ARG E 127 26.92 54.14 -5.47
C ARG E 127 26.96 52.80 -4.73
N ASN E 128 27.21 51.72 -5.46
CA ASN E 128 27.28 50.39 -4.85
C ASN E 128 28.65 49.75 -4.95
N ILE E 129 29.65 50.52 -5.38
CA ILE E 129 31.00 50.01 -5.50
C ILE E 129 32.00 50.95 -4.85
N VAL E 130 31.66 52.24 -4.82
CA VAL E 130 32.52 53.25 -4.20
C VAL E 130 31.84 53.82 -2.97
N ASN E 131 32.62 54.49 -2.14
CA ASN E 131 32.10 55.09 -0.92
C ASN E 131 31.58 56.50 -1.14
N ASP E 132 32.28 57.27 -1.97
CA ASP E 132 31.87 58.63 -2.27
C ASP E 132 31.68 58.85 -3.76
N PRO E 133 30.45 58.63 -4.27
CA PRO E 133 30.08 58.78 -5.68
C PRO E 133 30.41 60.15 -6.27
N SER E 134 30.15 61.20 -5.50
CA SER E 134 30.41 62.57 -5.97
C SER E 134 31.76 62.69 -6.69
N VAL E 135 32.75 61.96 -6.21
CA VAL E 135 34.08 62.00 -6.80
C VAL E 135 34.04 61.55 -8.26
N VAL E 136 33.42 60.41 -8.50
CA VAL E 136 33.30 59.85 -9.85
C VAL E 136 32.52 60.76 -10.79
N PHE E 137 31.47 61.38 -10.28
CA PHE E 137 30.64 62.27 -11.09
C PHE E 137 31.26 63.64 -11.36
N ASP E 138 31.99 64.18 -10.39
CA ASP E 138 32.62 65.48 -10.57
C ASP E 138 33.82 65.41 -11.51
N ASP E 139 34.38 64.21 -11.67
CA ASP E 139 35.53 64.02 -12.54
C ASP E 139 35.10 63.97 -14.01
N ILE E 140 33.93 63.40 -14.25
CA ILE E 140 33.40 63.28 -15.61
C ILE E 140 33.31 64.64 -16.30
N VAL E 141 33.18 65.70 -15.52
CA VAL E 141 33.06 67.05 -16.07
C VAL E 141 34.41 67.72 -16.31
N THR E 142 35.38 67.48 -15.44
CA THR E 142 36.69 68.09 -15.57
C THR E 142 37.77 67.17 -16.12
N ASN E 143 37.50 65.86 -16.14
CA ASN E 143 38.47 64.90 -16.65
C ASN E 143 38.88 65.31 -18.07
N GLU E 144 40.14 65.70 -18.21
CA GLU E 144 40.68 66.14 -19.49
C GLU E 144 40.60 65.09 -20.58
N GLN E 145 41.04 63.87 -20.27
CA GLN E 145 41.01 62.77 -21.24
C GLN E 145 39.61 62.39 -21.70
N ILE E 146 38.63 62.50 -20.81
CA ILE E 146 37.25 62.16 -21.17
C ILE E 146 36.64 63.21 -22.08
N GLN E 147 36.91 64.48 -21.80
CA GLN E 147 36.37 65.57 -22.61
C GLN E 147 37.05 65.60 -23.98
N LYS E 148 38.32 65.23 -24.01
CA LYS E 148 39.07 65.18 -25.27
C LYS E 148 38.43 64.14 -26.16
N ARG E 149 38.12 63.00 -25.57
CA ARG E 149 37.50 61.88 -26.29
C ARG E 149 36.04 62.16 -26.59
N ALA E 150 35.48 63.16 -25.94
CA ALA E 150 34.08 63.53 -26.14
C ALA E 150 33.95 64.88 -26.85
N GLU E 151 35.07 65.58 -27.01
CA GLU E 151 35.08 66.87 -27.66
C GLU E 151 34.50 66.79 -29.07
N GLY E 152 33.36 67.43 -29.29
CA GLY E 152 32.74 67.41 -30.60
C GLY E 152 31.30 66.91 -30.61
N ILE E 153 31.06 65.77 -29.97
CA ILE E 153 29.73 65.19 -29.92
C ILE E 153 28.70 66.19 -29.40
N SER E 154 28.99 66.80 -28.25
CA SER E 154 28.07 67.77 -27.65
C SER E 154 27.88 68.98 -28.55
N SER E 155 28.97 69.45 -29.15
CA SER E 155 28.93 70.61 -30.04
C SER E 155 28.12 70.30 -31.30
N TYR E 156 28.23 69.08 -31.79
CA TYR E 156 27.52 68.66 -32.99
C TYR E 156 26.01 68.80 -32.83
N TYR E 157 25.49 68.31 -31.70
CA TYR E 157 24.06 68.40 -31.43
C TYR E 157 23.58 69.84 -31.36
N ASP E 158 24.22 70.64 -30.51
CA ASP E 158 23.86 72.03 -30.33
C ASP E 158 23.86 72.83 -31.63
N GLU E 159 24.82 72.58 -32.49
CA GLU E 159 24.92 73.29 -33.76
C GLU E 159 23.71 72.98 -34.63
N LEU E 160 23.15 71.78 -34.47
CA LEU E 160 21.99 71.37 -35.23
C LEU E 160 20.74 72.02 -34.66
N ILE E 161 20.66 72.07 -33.33
CA ILE E 161 19.53 72.67 -32.64
C ILE E 161 19.47 74.17 -32.92
N GLU E 162 20.60 74.85 -32.75
CA GLU E 162 20.66 76.28 -32.99
C GLU E 162 20.17 76.62 -34.39
N MET E 163 20.69 75.92 -35.38
CA MET E 163 20.30 76.14 -36.76
C MET E 163 18.82 75.81 -36.96
N THR E 164 18.32 74.89 -36.15
CA THR E 164 16.92 74.49 -36.23
C THR E 164 16.01 75.60 -35.69
N SER E 165 16.40 76.17 -34.56
CA SER E 165 15.63 77.26 -33.95
C SER E 165 15.53 78.45 -34.89
N TYR E 166 16.64 78.79 -35.54
CA TYR E 166 16.68 79.91 -36.47
C TYR E 166 15.73 79.68 -37.64
N TRP E 167 15.64 78.44 -38.11
CA TRP E 167 14.77 78.09 -39.21
C TRP E 167 13.31 78.24 -38.80
N HIS E 168 12.96 77.80 -37.60
CA HIS E 168 11.60 78.02 -37.15
C HIS E 168 11.34 79.52 -37.04
N LEU E 169 12.29 80.25 -36.45
CA LEU E 169 12.18 81.70 -36.28
C LEU E 169 12.23 82.55 -37.56
N LEU E 170 13.16 82.25 -38.45
CA LEU E 170 13.40 83.11 -39.62
C LEU E 170 13.13 82.47 -40.99
N GLY E 171 13.04 81.14 -41.01
CA GLY E 171 12.84 80.42 -42.26
C GLY E 171 14.04 80.61 -43.17
N GLU E 172 14.02 80.01 -44.35
CA GLU E 172 15.13 80.14 -45.28
C GLU E 172 15.28 81.56 -45.80
N GLY E 173 16.47 81.88 -46.27
CA GLY E 173 16.74 83.20 -46.80
C GLY E 173 17.88 83.89 -46.07
N THR E 174 18.01 85.19 -46.27
CA THR E 174 19.05 85.97 -45.64
C THR E 174 18.41 87.03 -44.75
N HIS E 175 18.79 87.04 -43.47
CA HIS E 175 18.22 88.00 -42.53
C HIS E 175 19.28 88.89 -41.89
N THR E 176 18.83 89.81 -41.05
CA THR E 176 19.71 90.74 -40.35
C THR E 176 19.40 90.75 -38.85
N VAL E 177 20.30 90.17 -38.07
CA VAL E 177 20.13 90.11 -36.62
C VAL E 177 21.16 90.99 -35.93
N ASN E 178 20.67 92.05 -35.29
CA ASN E 178 21.53 92.99 -34.58
C ASN E 178 22.58 93.61 -35.48
N GLY E 179 22.24 93.73 -36.77
CA GLY E 179 23.18 94.31 -37.72
C GLY E 179 24.12 93.32 -38.35
N LYS E 180 23.82 92.03 -38.21
CA LYS E 180 24.67 90.99 -38.79
C LYS E 180 23.86 90.07 -39.70
N THR E 181 24.33 89.91 -40.92
CA THR E 181 23.68 89.08 -41.92
C THR E 181 23.73 87.59 -41.57
N VAL E 182 22.57 86.99 -41.37
CA VAL E 182 22.47 85.57 -41.03
C VAL E 182 21.78 84.80 -42.16
N THR E 183 22.55 84.01 -42.89
CA THR E 183 22.01 83.22 -44.00
C THR E 183 21.42 81.90 -43.52
N VAL E 184 20.13 81.71 -43.76
CA VAL E 184 19.45 80.49 -43.36
C VAL E 184 19.20 79.61 -44.57
N SER E 185 19.88 78.47 -44.63
CA SER E 185 19.74 77.54 -45.74
C SER E 185 19.30 76.16 -45.26
N LEU E 186 18.09 75.78 -45.64
CA LEU E 186 17.54 74.47 -45.25
C LEU E 186 18.47 73.36 -45.73
N ARG E 187 19.00 73.52 -46.94
CA ARG E 187 19.90 72.52 -47.51
C ARG E 187 21.07 72.29 -46.56
N GLU E 188 21.53 73.36 -45.93
CA GLU E 188 22.64 73.27 -44.97
C GLU E 188 22.17 72.63 -43.68
N LEU E 189 20.97 72.97 -43.26
CA LEU E 189 20.40 72.40 -42.04
C LEU E 189 20.17 70.91 -42.22
N LYS E 190 19.73 70.53 -43.42
CA LYS E 190 19.50 69.12 -43.73
C LYS E 190 20.85 68.43 -43.76
N LYS E 191 21.89 69.20 -44.04
CA LYS E 191 23.25 68.69 -44.09
C LYS E 191 23.76 68.37 -42.70
N LYS E 192 23.51 69.27 -41.75
CA LYS E 192 23.93 69.07 -40.37
C LYS E 192 23.14 67.94 -39.72
N LEU E 193 21.83 67.94 -39.93
CA LEU E 193 20.96 66.92 -39.39
C LEU E 193 21.51 65.54 -39.76
N TYR E 194 21.77 65.36 -41.05
CA TYR E 194 22.30 64.10 -41.56
C TYR E 194 23.62 63.74 -40.89
N LEU E 195 24.65 64.54 -41.13
CA LEU E 195 25.96 64.30 -40.55
C LEU E 195 25.87 64.06 -39.05
N CYS E 196 25.08 64.87 -38.36
CA CYS E 196 24.91 64.73 -36.92
C CYS E 196 24.39 63.34 -36.61
N LEU E 197 23.43 62.87 -37.40
CA LEU E 197 22.86 61.53 -37.21
C LEU E 197 23.95 60.48 -37.35
N MET E 198 24.84 60.68 -38.32
CA MET E 198 25.94 59.74 -38.54
C MET E 198 26.84 59.72 -37.32
N SER E 199 27.05 60.88 -36.72
CA SER E 199 27.88 60.99 -35.53
C SER E 199 27.26 60.16 -34.41
N VAL E 200 25.96 60.32 -34.22
CA VAL E 200 25.24 59.58 -33.19
C VAL E 200 25.43 58.09 -33.42
N ASN E 201 25.14 57.66 -34.64
CA ASN E 201 25.28 56.26 -35.01
C ASN E 201 26.65 55.72 -34.64
N ALA E 202 27.70 56.44 -35.04
CA ALA E 202 29.06 56.04 -34.74
C ALA E 202 29.28 55.94 -33.23
N LEU E 203 28.62 56.84 -32.49
CA LEU E 203 28.74 56.87 -31.03
C LEU E 203 28.05 55.67 -30.38
N GLU E 204 26.83 55.39 -30.81
CA GLU E 204 26.06 54.28 -30.25
C GLU E 204 26.34 52.92 -30.88
N ALA E 205 27.03 52.91 -32.02
CA ALA E 205 27.34 51.67 -32.70
C ALA E 205 28.80 51.27 -32.55
N ILE E 206 29.67 52.24 -32.31
CA ILE E 206 31.10 51.96 -32.15
C ILE E 206 31.62 52.33 -30.77
N ARG E 207 31.63 53.62 -30.47
CA ARG E 207 32.12 54.11 -29.18
C ARG E 207 31.67 53.25 -27.99
N PHE E 208 30.38 53.00 -27.90
CA PHE E 208 29.83 52.21 -26.80
C PHE E 208 30.25 50.73 -26.81
N TYR E 209 30.25 50.10 -27.98
CA TYR E 209 30.64 48.69 -28.04
C TYR E 209 32.08 48.50 -27.60
N VAL E 210 32.91 49.52 -27.82
CA VAL E 210 34.31 49.45 -27.40
C VAL E 210 34.35 49.43 -25.88
N SER E 211 33.46 50.20 -25.27
CA SER E 211 33.39 50.27 -23.81
C SER E 211 32.69 49.04 -23.26
N PHE E 212 31.81 48.43 -24.06
CA PHE E 212 31.10 47.24 -23.63
C PHE E 212 32.09 46.10 -23.47
N ALA E 213 32.89 45.87 -24.50
CA ALA E 213 33.89 44.81 -24.50
C ALA E 213 34.70 44.85 -23.20
N CYS E 214 35.16 46.04 -22.82
CA CYS E 214 35.94 46.21 -21.60
C CYS E 214 35.12 45.82 -20.37
N SER E 215 33.86 46.24 -20.35
CA SER E 215 32.98 45.93 -19.22
C SER E 215 32.74 44.41 -19.11
N PHE E 216 32.68 43.75 -20.26
CA PHE E 216 32.45 42.31 -20.27
C PHE E 216 33.75 41.53 -20.08
N ALA E 217 34.86 42.26 -20.02
CA ALA E 217 36.16 41.63 -19.81
C ALA E 217 36.17 41.03 -18.40
N PHE E 218 35.81 41.86 -17.42
CA PHE E 218 35.76 41.45 -16.03
C PHE E 218 34.74 40.31 -15.89
N ALA E 219 33.69 40.37 -16.68
CA ALA E 219 32.64 39.36 -16.65
C ALA E 219 33.21 37.98 -16.98
N GLU E 220 34.03 37.91 -18.02
CA GLU E 220 34.66 36.66 -18.44
C GLU E 220 35.48 36.08 -17.29
N ARG E 221 35.95 36.97 -16.42
CA ARG E 221 36.76 36.57 -15.28
C ARG E 221 35.89 36.37 -14.03
N GLU E 222 34.58 36.34 -14.25
CA GLU E 222 33.60 36.15 -13.18
C GLU E 222 33.64 37.28 -12.16
N LEU E 223 34.05 38.46 -12.61
CA LEU E 223 34.12 39.63 -11.74
C LEU E 223 33.13 40.69 -12.18
N MET E 224 32.65 41.49 -11.23
CA MET E 224 31.69 42.54 -11.52
C MET E 224 30.43 41.97 -12.14
N GLU E 225 29.93 40.88 -11.54
CA GLU E 225 28.73 40.21 -12.02
C GLU E 225 27.61 41.22 -12.25
N GLY E 226 27.31 41.99 -11.22
CA GLY E 226 26.26 43.00 -11.31
C GLY E 226 26.44 43.93 -12.48
N ASN E 227 27.68 44.35 -12.71
CA ASN E 227 27.99 45.26 -13.81
C ASN E 227 27.67 44.57 -15.14
N ALA E 228 28.14 43.34 -15.28
CA ALA E 228 27.91 42.57 -16.49
C ALA E 228 26.42 42.51 -16.87
N LYS E 229 25.58 42.16 -15.90
CA LYS E 229 24.14 42.06 -16.15
C LYS E 229 23.59 43.36 -16.74
N ILE E 230 23.74 44.45 -16.02
CA ILE E 230 23.26 45.76 -16.47
C ILE E 230 23.73 46.10 -17.88
N ILE E 231 25.04 46.08 -18.09
CA ILE E 231 25.61 46.40 -19.39
C ILE E 231 25.01 45.50 -20.47
N ARG E 232 24.72 44.26 -20.11
CA ARG E 232 24.12 43.31 -21.06
C ARG E 232 22.80 43.84 -21.58
N LEU E 233 21.98 44.36 -20.67
CA LEU E 233 20.68 44.92 -21.03
C LEU E 233 20.90 46.18 -21.87
N ILE E 234 21.75 47.08 -21.37
CA ILE E 234 22.06 48.32 -22.06
C ILE E 234 22.51 48.02 -23.49
N ALA E 235 23.21 46.90 -23.65
CA ALA E 235 23.71 46.49 -24.96
C ALA E 235 22.57 46.04 -25.85
N ARG E 236 21.68 45.21 -25.31
CA ARG E 236 20.54 44.71 -26.08
C ARG E 236 19.70 45.87 -26.62
N ASP E 237 19.65 46.97 -25.86
CA ASP E 237 18.89 48.14 -26.28
C ASP E 237 19.71 48.98 -27.25
N GLU E 238 20.96 49.24 -26.88
CA GLU E 238 21.85 50.05 -27.71
C GLU E 238 21.89 49.48 -29.13
N ALA E 239 21.59 48.19 -29.25
CA ALA E 239 21.59 47.53 -30.56
C ALA E 239 20.49 48.12 -31.43
N LEU E 240 19.29 48.24 -30.87
CA LEU E 240 18.16 48.80 -31.60
C LEU E 240 18.40 50.28 -31.86
N HIS E 241 19.05 50.94 -30.92
CA HIS E 241 19.34 52.37 -31.04
C HIS E 241 20.11 52.68 -32.31
N LEU E 242 21.26 52.03 -32.48
CA LEU E 242 22.09 52.23 -33.65
C LEU E 242 21.37 51.82 -34.93
N THR E 243 20.62 50.72 -34.84
CA THR E 243 19.86 50.22 -35.99
C THR E 243 18.94 51.32 -36.52
N GLY E 244 18.32 52.05 -35.59
CA GLY E 244 17.43 53.12 -35.98
C GLY E 244 18.13 54.16 -36.85
N THR E 245 19.20 54.74 -36.33
CA THR E 245 19.96 55.74 -37.07
C THR E 245 20.47 55.20 -38.40
N GLN E 246 20.86 53.93 -38.42
CA GLN E 246 21.36 53.30 -39.64
C GLN E 246 20.29 53.40 -40.74
N HIS E 247 19.07 52.98 -40.39
CA HIS E 247 17.97 53.02 -41.35
C HIS E 247 17.60 54.46 -41.72
N MET E 248 17.64 55.35 -40.75
CA MET E 248 17.32 56.75 -40.99
C MET E 248 18.28 57.35 -42.01
N LEU E 249 19.57 57.22 -41.74
CA LEU E 249 20.60 57.75 -42.62
C LEU E 249 20.57 57.09 -44.00
N ASN E 250 20.41 55.78 -44.04
CA ASN E 250 20.37 55.06 -45.31
C ASN E 250 19.18 55.49 -46.16
N LEU E 251 18.01 55.63 -45.53
CA LEU E 251 16.80 56.05 -46.24
C LEU E 251 17.00 57.45 -46.82
N LEU E 252 17.70 58.30 -46.09
CA LEU E 252 17.98 59.67 -46.54
C LEU E 252 18.94 59.65 -47.71
N ARG E 253 19.76 58.60 -47.77
CA ARG E 253 20.75 58.45 -48.83
C ARG E 253 20.18 57.84 -50.10
N SER E 254 19.11 57.05 -49.96
CA SER E 254 18.49 56.42 -51.11
C SER E 254 17.55 57.40 -51.81
N GLY E 255 17.35 58.56 -51.19
CA GLY E 255 16.48 59.56 -51.77
C GLY E 255 15.02 59.16 -51.69
N ALA E 256 14.78 57.90 -51.31
CA ALA E 256 13.42 57.38 -51.19
C ALA E 256 12.52 58.34 -50.45
N ASP E 257 12.92 58.67 -49.23
CA ASP E 257 12.14 59.53 -48.35
C ASP E 257 12.10 60.94 -48.90
N ASP E 258 13.27 61.38 -49.35
CA ASP E 258 13.45 62.70 -49.91
C ASP E 258 14.54 62.62 -50.96
N PRO E 259 14.37 63.43 -52.02
CA PRO E 259 15.39 63.70 -53.05
C PRO E 259 16.61 64.57 -52.69
N GLU E 260 16.38 65.70 -52.00
CA GLU E 260 17.42 66.65 -51.63
C GLU E 260 18.44 66.05 -50.67
N MET E 261 17.96 65.24 -49.72
CA MET E 261 18.84 64.60 -48.76
C MET E 261 19.71 63.55 -49.46
N ALA E 262 19.20 63.01 -50.56
CA ALA E 262 19.94 62.01 -51.32
C ALA E 262 21.19 62.67 -51.87
N GLU E 263 21.02 63.88 -52.41
CA GLU E 263 22.12 64.64 -52.97
C GLU E 263 23.10 65.03 -51.86
N ILE E 264 22.55 65.54 -50.77
CA ILE E 264 23.36 65.95 -49.62
C ILE E 264 24.23 64.80 -49.13
N ALA E 265 23.63 63.63 -48.99
CA ALA E 265 24.34 62.44 -48.53
C ALA E 265 25.60 62.20 -49.36
N GLU E 266 25.46 62.30 -50.68
CA GLU E 266 26.58 62.09 -51.59
C GLU E 266 27.60 63.23 -51.52
N GLU E 267 27.11 64.43 -51.24
CA GLU E 267 27.96 65.61 -51.15
C GLU E 267 28.71 65.70 -49.82
N CYS E 268 28.27 64.90 -48.85
CA CYS E 268 28.90 64.88 -47.53
C CYS E 268 29.70 63.60 -47.37
N LYS E 269 29.65 62.77 -48.40
CA LYS E 269 30.34 61.48 -48.41
C LYS E 269 31.68 61.49 -47.68
N GLN E 270 32.56 62.42 -48.06
CA GLN E 270 33.88 62.51 -47.44
C GLN E 270 33.79 62.81 -45.94
N GLU E 271 32.93 63.75 -45.58
CA GLU E 271 32.77 64.13 -44.18
C GLU E 271 32.36 62.94 -43.31
N CYS E 272 31.34 62.21 -43.73
CA CYS E 272 30.88 61.05 -42.97
C CYS E 272 32.04 60.09 -42.77
N TYR E 273 32.82 59.89 -43.83
CA TYR E 273 33.97 59.00 -43.78
C TYR E 273 35.05 59.54 -42.84
N ASP E 274 35.24 60.86 -42.83
CA ASP E 274 36.23 61.46 -41.96
C ASP E 274 35.82 61.34 -40.50
N LEU E 275 34.57 61.72 -40.20
CA LEU E 275 34.05 61.65 -38.84
C LEU E 275 34.26 60.25 -38.28
N PHE E 276 33.92 59.24 -39.08
CA PHE E 276 34.07 57.85 -38.68
C PHE E 276 35.52 57.50 -38.34
N VAL E 277 36.44 57.88 -39.21
CA VAL E 277 37.86 57.60 -38.98
C VAL E 277 38.33 58.34 -37.72
N GLN E 278 37.94 59.60 -37.61
CA GLN E 278 38.31 60.43 -36.47
C GLN E 278 37.77 59.81 -35.18
N ALA E 279 36.50 59.44 -35.21
CA ALA E 279 35.84 58.84 -34.05
C ALA E 279 36.58 57.58 -33.62
N ALA E 280 36.78 56.66 -34.56
CA ALA E 280 37.48 55.41 -34.29
C ALA E 280 38.88 55.69 -33.76
N GLN E 281 39.44 56.83 -34.13
CA GLN E 281 40.78 57.20 -33.68
C GLN E 281 40.76 57.64 -32.23
N GLN E 282 39.74 58.43 -31.87
CA GLN E 282 39.61 58.91 -30.51
C GLN E 282 39.51 57.74 -29.55
N GLU E 283 38.98 56.63 -30.04
CA GLU E 283 38.84 55.42 -29.24
C GLU E 283 40.21 54.76 -29.08
N LYS E 284 40.91 54.59 -30.19
CA LYS E 284 42.24 54.00 -30.19
C LYS E 284 43.14 54.69 -29.18
N ASP E 285 43.19 56.02 -29.24
CA ASP E 285 44.03 56.79 -28.34
C ASP E 285 43.68 56.57 -26.87
N TRP E 286 42.40 56.38 -26.59
CA TRP E 286 41.94 56.16 -25.22
C TRP E 286 42.64 54.96 -24.60
N ALA E 287 43.02 53.99 -25.43
CA ALA E 287 43.69 52.78 -24.95
C ALA E 287 44.90 53.12 -24.09
N ASP E 288 45.69 54.11 -24.52
CA ASP E 288 46.88 54.51 -23.79
C ASP E 288 46.55 54.99 -22.38
N TYR E 289 45.68 55.98 -22.27
CA TYR E 289 45.30 56.53 -20.98
C TYR E 289 44.62 55.47 -20.10
N LEU E 290 44.06 54.46 -20.74
CA LEU E 290 43.37 53.40 -20.01
C LEU E 290 44.33 52.36 -19.43
N PHE E 291 45.42 52.08 -20.14
CA PHE E 291 46.39 51.10 -19.67
C PHE E 291 47.73 51.77 -19.34
N ARG E 292 47.70 53.06 -19.05
CA ARG E 292 48.93 53.78 -18.73
C ARG E 292 49.61 53.20 -17.50
N ASP E 293 48.84 52.48 -16.69
CA ASP E 293 49.37 51.87 -15.47
C ASP E 293 49.48 50.36 -15.61
N GLY E 294 49.29 49.87 -16.84
CA GLY E 294 49.36 48.44 -17.07
C GLY E 294 48.07 47.89 -17.64
N SER E 295 48.16 46.80 -18.38
CA SER E 295 47.03 46.27 -19.13
C SER E 295 46.43 44.98 -18.56
N MET E 296 45.10 44.96 -18.47
CA MET E 296 44.37 43.82 -17.94
C MET E 296 44.42 42.60 -18.86
N ILE E 297 44.23 41.42 -18.30
CA ILE E 297 44.35 40.17 -19.04
C ILE E 297 43.32 40.04 -20.15
N GLY E 298 43.73 39.44 -21.26
CA GLY E 298 42.92 39.31 -22.46
C GLY E 298 42.40 40.66 -22.93
N LEU E 299 43.02 41.74 -22.46
CA LEU E 299 42.62 43.09 -22.82
C LEU E 299 43.78 44.07 -22.68
N ASN E 300 44.25 44.58 -23.81
CA ASN E 300 45.35 45.54 -23.81
C ASN E 300 45.19 46.50 -24.99
N LYS E 301 46.15 47.41 -25.15
CA LYS E 301 46.08 48.38 -26.25
C LYS E 301 45.98 47.71 -27.61
N ASP E 302 46.68 46.60 -27.80
CA ASP E 302 46.64 45.88 -29.07
C ASP E 302 45.23 45.36 -29.31
N ILE E 303 44.79 44.44 -28.45
CA ILE E 303 43.46 43.86 -28.55
C ILE E 303 42.39 44.90 -28.87
N LEU E 304 42.43 46.04 -28.17
CA LEU E 304 41.45 47.09 -28.41
C LEU E 304 41.56 47.68 -29.81
N CYS E 305 42.77 48.06 -30.20
CA CYS E 305 42.99 48.63 -31.52
C CYS E 305 42.51 47.65 -32.58
N GLN E 306 42.63 46.36 -32.28
CA GLN E 306 42.21 45.30 -33.19
C GLN E 306 40.70 45.27 -33.27
N TYR E 307 40.04 45.46 -32.12
CA TYR E 307 38.59 45.45 -32.06
C TYR E 307 38.00 46.69 -32.73
N VAL E 308 38.52 47.85 -32.38
CA VAL E 308 38.04 49.11 -32.96
C VAL E 308 38.00 49.05 -34.48
N GLU E 309 39.02 48.43 -35.08
CA GLU E 309 39.08 48.32 -36.53
C GLU E 309 38.04 47.32 -37.02
N TYR E 310 37.90 46.21 -36.30
CA TYR E 310 36.93 45.18 -36.65
C TYR E 310 35.51 45.74 -36.64
N ILE E 311 35.12 46.29 -35.51
CA ILE E 311 33.79 46.87 -35.34
C ILE E 311 33.50 47.99 -36.34
N THR E 312 34.30 49.05 -36.29
CA THR E 312 34.13 50.20 -37.18
C THR E 312 33.85 49.78 -38.63
N ASN E 313 34.70 48.92 -39.18
CA ASN E 313 34.51 48.46 -40.56
C ASN E 313 33.09 47.98 -40.81
N ILE E 314 32.60 47.10 -39.94
CA ILE E 314 31.25 46.56 -40.08
C ILE E 314 30.21 47.67 -40.03
N ARG E 315 30.42 48.64 -39.14
CA ARG E 315 29.49 49.75 -38.99
C ARG E 315 29.44 50.63 -40.23
N MET E 316 30.60 51.11 -40.67
CA MET E 316 30.68 51.97 -41.85
C MET E 316 30.17 51.30 -43.11
N GLN E 317 30.35 49.98 -43.21
CA GLN E 317 29.89 49.26 -44.39
C GLN E 317 28.36 49.13 -44.38
N ALA E 318 27.78 49.19 -43.18
CA ALA E 318 26.34 49.08 -43.03
C ALA E 318 25.61 50.37 -43.41
N VAL E 319 26.35 51.47 -43.47
CA VAL E 319 25.77 52.76 -43.83
C VAL E 319 26.17 53.23 -45.22
N GLY E 320 26.94 52.38 -45.93
CA GLY E 320 27.37 52.73 -47.27
C GLY E 320 28.66 53.50 -47.35
N LEU E 321 29.65 53.12 -46.55
CA LEU E 321 30.95 53.79 -46.56
C LEU E 321 32.08 52.79 -46.71
N ASP E 322 33.20 53.24 -47.27
CA ASP E 322 34.36 52.38 -47.47
C ASP E 322 35.00 52.01 -46.13
N LEU E 323 35.76 50.92 -46.12
CA LEU E 323 36.42 50.46 -44.92
C LEU E 323 37.83 51.06 -44.79
N PRO E 324 38.03 51.97 -43.84
CA PRO E 324 39.32 52.63 -43.61
C PRO E 324 40.33 51.76 -42.86
N PHE E 325 39.85 50.69 -42.25
CA PHE E 325 40.72 49.80 -41.49
C PHE E 325 40.99 48.47 -42.19
N GLN E 326 42.03 47.78 -41.73
CA GLN E 326 42.42 46.49 -42.30
C GLN E 326 41.43 45.41 -41.87
N THR E 327 40.92 44.66 -42.85
CA THR E 327 39.96 43.60 -42.58
C THR E 327 40.58 42.51 -41.69
N ARG E 328 39.74 41.92 -40.85
CA ARG E 328 40.19 40.85 -39.95
C ARG E 328 39.02 40.21 -39.24
N SER E 329 39.24 38.97 -38.77
CA SER E 329 38.28 38.18 -38.02
C SER E 329 38.10 38.68 -36.58
N ASN E 330 36.97 38.32 -35.97
CA ASN E 330 36.60 38.86 -34.66
C ASN E 330 37.78 38.74 -33.71
N PRO E 331 38.29 39.87 -33.20
CA PRO E 331 39.42 39.88 -32.27
C PRO E 331 39.05 39.38 -30.88
N ILE E 332 37.75 39.37 -30.58
CA ILE E 332 37.26 38.92 -29.29
C ILE E 332 35.92 38.20 -29.40
N PRO E 333 35.90 37.01 -30.03
CA PRO E 333 34.69 36.20 -30.22
C PRO E 333 33.90 35.95 -28.94
N TRP E 334 34.49 36.24 -27.80
CA TRP E 334 33.81 36.03 -26.52
C TRP E 334 32.72 37.07 -26.27
N ILE E 335 32.84 38.22 -26.92
CA ILE E 335 31.85 39.28 -26.76
C ILE E 335 30.51 38.88 -27.34
N ASN E 336 30.51 37.92 -28.26
CA ASN E 336 29.30 37.44 -28.89
C ASN E 336 28.38 36.79 -27.86
N THR E 337 28.97 36.29 -26.78
CA THR E 337 28.21 35.65 -25.71
C THR E 337 27.29 36.63 -25.00
N TRP E 338 27.63 37.92 -25.07
CA TRP E 338 26.83 38.93 -24.41
C TRP E 338 25.88 39.62 -25.39
N LEU E 339 26.31 39.74 -26.64
CA LEU E 339 25.50 40.36 -27.67
C LEU E 339 24.79 39.30 -28.51
N THR E 367 21.44 -19.11 -47.91
CA THR E 367 22.29 -19.83 -48.89
C THR E 367 21.80 -19.65 -50.31
N ASP E 368 20.48 -19.66 -50.50
CA ASP E 368 19.90 -19.50 -51.83
C ASP E 368 20.31 -18.19 -52.51
N ASP E 369 19.96 -17.08 -51.90
CA ASP E 369 20.28 -15.77 -52.46
C ASP E 369 21.79 -15.49 -52.49
N LEU E 370 22.56 -16.36 -51.85
CA LEU E 370 24.01 -16.21 -51.80
C LEU E 370 24.70 -17.05 -52.87
N SER E 371 24.18 -18.25 -53.10
CA SER E 371 24.76 -19.16 -54.09
C SER E 371 24.85 -18.56 -55.48
N ASN E 372 23.99 -17.59 -55.77
CA ASN E 372 23.97 -16.93 -57.07
C ASN E 372 25.23 -16.12 -57.32
N PHE E 373 25.92 -15.74 -56.25
CA PHE E 373 27.13 -14.95 -56.35
C PHE E 373 28.30 -15.76 -56.92
N GLN E 374 29.03 -15.16 -57.86
CA GLN E 374 30.17 -15.83 -58.47
C GLN E 374 31.45 -15.52 -57.72
N LEU E 375 32.17 -16.56 -57.33
CA LEU E 375 33.42 -16.39 -56.60
C LEU E 375 34.57 -16.04 -57.54
N ALA F 1 23.16 79.86 -26.85
CA ALA F 1 23.20 79.94 -25.36
C ALA F 1 22.92 78.58 -24.73
N TYR F 2 22.33 77.69 -25.51
CA TYR F 2 22.02 76.34 -25.02
C TYR F 2 23.07 75.34 -25.49
N THR F 3 23.29 74.31 -24.69
CA THR F 3 24.26 73.27 -25.02
C THR F 3 23.89 71.96 -24.34
N THR F 4 23.74 70.92 -25.14
CA THR F 4 23.38 69.59 -24.64
C THR F 4 24.28 69.18 -23.49
N PHE F 5 25.48 69.73 -23.43
CA PHE F 5 26.42 69.40 -22.38
C PHE F 5 27.31 70.59 -22.02
N SER F 6 26.95 71.30 -20.96
CA SER F 6 27.73 72.44 -20.50
C SER F 6 29.06 71.95 -19.93
N GLN F 7 30.15 72.44 -20.49
CA GLN F 7 31.49 72.13 -20.01
C GLN F 7 31.88 73.09 -18.91
N THR F 8 31.10 73.07 -17.85
CA THR F 8 31.47 73.67 -16.59
C THR F 8 31.06 72.67 -15.51
N LYS F 9 31.96 72.40 -14.58
CA LYS F 9 31.56 71.57 -13.46
C LYS F 9 30.89 72.51 -12.46
N ASN F 10 29.59 72.34 -12.31
CA ASN F 10 28.80 73.17 -11.39
C ASN F 10 28.02 72.29 -10.43
N ASP F 11 27.72 72.85 -9.25
CA ASP F 11 26.97 72.11 -8.24
C ASP F 11 25.50 72.11 -8.64
N GLN F 12 25.02 70.95 -9.09
CA GLN F 12 23.64 70.82 -9.54
C GLN F 12 22.64 70.97 -8.41
N LEU F 13 23.11 70.92 -7.17
CA LEU F 13 22.23 71.06 -6.01
C LEU F 13 21.91 72.51 -5.72
N LYS F 14 22.66 73.42 -6.34
CA LYS F 14 22.44 74.85 -6.16
C LYS F 14 21.84 75.50 -7.39
N GLU F 15 21.66 74.70 -8.44
CA GLU F 15 21.09 75.20 -9.70
C GLU F 15 19.57 75.35 -9.59
N PRO F 16 19.03 76.45 -10.12
CA PRO F 16 17.59 76.69 -10.08
C PRO F 16 16.89 75.70 -11.00
N MET F 17 15.65 75.35 -10.70
CA MET F 17 14.90 74.40 -11.53
C MET F 17 15.05 74.70 -13.02
N PHE F 18 14.84 75.97 -13.39
CA PHE F 18 14.88 76.36 -14.78
C PHE F 18 15.69 77.63 -15.00
N PHE F 19 16.31 77.75 -16.18
CA PHE F 19 17.09 78.93 -16.52
C PHE F 19 18.48 78.88 -15.93
N GLY F 20 18.83 77.75 -15.31
CA GLY F 20 20.13 77.59 -14.71
C GLY F 20 21.12 77.08 -15.75
N GLN F 21 22.27 76.58 -15.30
CA GLN F 21 23.26 76.05 -16.22
C GLN F 21 22.76 74.74 -16.81
N PRO F 22 22.78 74.60 -18.14
CA PRO F 22 22.33 73.38 -18.81
C PRO F 22 22.91 72.12 -18.18
N VAL F 23 22.03 71.25 -17.69
CA VAL F 23 22.45 70.01 -17.06
C VAL F 23 23.48 69.28 -17.92
N ASN F 24 24.62 68.95 -17.32
CA ASN F 24 25.70 68.27 -18.04
C ASN F 24 25.85 66.77 -17.76
N VAL F 25 25.75 66.39 -16.49
CA VAL F 25 25.97 65.00 -16.07
C VAL F 25 24.72 64.44 -15.40
N ALA F 26 24.34 63.22 -15.75
CA ALA F 26 23.06 62.70 -15.28
C ALA F 26 23.26 61.76 -14.09
N ARG F 27 23.27 62.33 -12.89
CA ARG F 27 23.45 61.55 -11.67
C ARG F 27 22.14 61.49 -10.88
N TYR F 28 21.93 60.38 -10.19
CA TYR F 28 20.71 60.19 -9.41
C TYR F 28 21.02 59.81 -7.97
N ASP F 29 22.19 60.23 -7.50
CA ASP F 29 22.62 59.93 -6.13
C ASP F 29 22.25 61.07 -5.19
N GLN F 30 21.84 62.19 -5.76
CA GLN F 30 21.47 63.36 -4.97
C GLN F 30 20.43 64.20 -5.72
N GLN F 31 19.58 64.90 -4.98
CA GLN F 31 18.56 65.73 -5.58
C GLN F 31 18.29 66.97 -4.74
N LYS F 32 18.12 68.11 -5.39
CA LYS F 32 17.83 69.36 -4.69
C LYS F 32 16.40 69.22 -4.17
N TYR F 33 15.60 68.50 -4.94
CA TYR F 33 14.20 68.24 -4.60
C TYR F 33 13.93 66.75 -4.88
N ASP F 34 13.86 65.97 -3.82
CA ASP F 34 13.72 64.52 -3.91
C ASP F 34 12.43 64.12 -4.62
N ILE F 35 11.45 65.03 -4.62
CA ILE F 35 10.12 64.70 -5.13
C ILE F 35 10.13 64.28 -6.60
N PHE F 36 10.91 64.94 -7.45
CA PHE F 36 10.99 64.49 -8.83
C PHE F 36 11.55 63.06 -8.91
N GLU F 37 12.66 62.84 -8.22
CA GLU F 37 13.29 61.51 -8.20
C GLU F 37 12.26 60.47 -7.78
N LYS F 38 11.52 60.77 -6.73
CA LYS F 38 10.49 59.86 -6.24
C LYS F 38 9.43 59.64 -7.31
N LEU F 39 9.16 60.68 -8.09
CA LEU F 39 8.18 60.60 -9.17
C LEU F 39 8.66 59.64 -10.24
N ILE F 40 9.90 59.84 -10.69
CA ILE F 40 10.49 58.99 -11.71
C ILE F 40 10.39 57.53 -11.27
N GLU F 41 10.78 57.28 -10.02
CA GLU F 41 10.72 55.94 -9.45
C GLU F 41 9.31 55.36 -9.50
N LYS F 42 8.38 56.03 -8.84
CA LYS F 42 7.00 55.58 -8.80
C LYS F 42 6.44 55.31 -10.19
N GLN F 43 6.75 56.21 -11.13
CA GLN F 43 6.27 56.04 -12.50
C GLN F 43 6.84 54.77 -13.12
N LEU F 44 8.13 54.53 -12.88
CA LEU F 44 8.80 53.34 -13.41
C LEU F 44 8.09 52.07 -12.97
N SER F 45 7.73 52.00 -11.70
CA SER F 45 7.04 50.83 -11.17
C SER F 45 5.62 50.73 -11.72
N PHE F 46 5.18 51.77 -12.42
CA PHE F 46 3.85 51.79 -13.00
C PHE F 46 3.87 51.45 -14.49
N PHE F 47 5.05 51.10 -15.00
CA PHE F 47 5.18 50.77 -16.40
C PHE F 47 4.21 49.66 -16.82
N TRP F 48 3.27 50.01 -17.68
CA TRP F 48 2.28 49.07 -18.17
C TRP F 48 2.36 49.01 -19.69
N ARG F 49 1.64 48.08 -20.29
CA ARG F 49 1.65 47.96 -21.74
C ARG F 49 0.24 47.67 -22.26
N PRO F 50 -0.28 48.57 -23.12
CA PRO F 50 -1.61 48.45 -23.72
C PRO F 50 -1.91 47.12 -24.40
N GLU F 51 -0.93 46.60 -25.14
CA GLU F 51 -1.11 45.34 -25.85
C GLU F 51 -1.57 44.17 -25.00
N GLU F 52 -1.32 44.21 -23.70
CA GLU F 52 -1.72 43.12 -22.82
C GLU F 52 -3.07 43.34 -22.12
N VAL F 53 -3.74 44.44 -22.45
CA VAL F 53 -5.04 44.73 -21.87
C VAL F 53 -6.14 44.19 -22.77
N ASP F 54 -6.86 43.18 -22.28
CA ASP F 54 -7.92 42.57 -23.05
C ASP F 54 -9.04 43.55 -23.39
N VAL F 55 -9.16 43.87 -24.68
CA VAL F 55 -10.17 44.78 -25.17
C VAL F 55 -10.97 44.09 -26.27
N SER F 56 -10.99 42.76 -26.23
CA SER F 56 -11.68 41.96 -27.23
C SER F 56 -13.19 42.03 -27.13
N ARG F 57 -13.72 42.11 -25.91
CA ARG F 57 -15.17 42.17 -25.72
C ARG F 57 -15.70 43.60 -25.81
N ASP F 58 -14.81 44.55 -26.04
CA ASP F 58 -15.19 45.96 -26.14
C ASP F 58 -15.87 46.29 -27.47
N ARG F 59 -15.38 45.68 -28.56
CA ARG F 59 -15.95 45.93 -29.87
C ARG F 59 -17.46 45.70 -29.89
N ILE F 60 -17.88 44.50 -29.51
CA ILE F 60 -19.29 44.15 -29.49
C ILE F 60 -20.10 45.10 -28.61
N ASP F 61 -19.62 45.37 -27.41
CA ASP F 61 -20.32 46.28 -26.50
C ASP F 61 -20.57 47.62 -27.18
N TYR F 62 -19.51 48.20 -27.72
CA TYR F 62 -19.60 49.48 -28.41
C TYR F 62 -20.69 49.46 -29.47
N GLN F 63 -20.76 48.36 -30.22
CA GLN F 63 -21.74 48.20 -31.28
C GLN F 63 -23.17 48.10 -30.74
N ALA F 64 -23.30 47.57 -29.53
CA ALA F 64 -24.62 47.40 -28.91
C ALA F 64 -25.08 48.68 -28.21
N LEU F 65 -24.23 49.70 -28.22
CA LEU F 65 -24.57 50.98 -27.58
C LEU F 65 -25.43 51.86 -28.47
N PRO F 66 -26.37 52.60 -27.88
CA PRO F 66 -27.24 53.48 -28.66
C PRO F 66 -26.34 54.45 -29.42
N GLU F 67 -26.91 55.20 -30.37
CA GLU F 67 -26.10 56.13 -31.14
C GLU F 67 -25.62 57.34 -30.35
N HIS F 68 -26.43 57.80 -29.41
CA HIS F 68 -26.03 58.94 -28.60
C HIS F 68 -25.00 58.49 -27.57
N GLU F 69 -24.89 57.17 -27.39
CA GLU F 69 -23.91 56.61 -26.46
C GLU F 69 -22.62 56.30 -27.18
N LYS F 70 -22.70 55.89 -28.44
CA LYS F 70 -21.51 55.63 -29.23
C LYS F 70 -20.82 56.98 -29.38
N HIS F 71 -21.65 58.01 -29.49
CA HIS F 71 -21.20 59.38 -29.64
C HIS F 71 -20.42 59.83 -28.42
N ILE F 72 -21.02 59.66 -27.25
CA ILE F 72 -20.38 60.05 -25.99
C ILE F 72 -19.02 59.40 -25.82
N PHE F 73 -18.97 58.09 -26.01
CA PHE F 73 -17.73 57.33 -25.86
C PHE F 73 -16.61 57.78 -26.80
N ILE F 74 -16.86 57.66 -28.11
CA ILE F 74 -15.88 58.02 -29.11
C ILE F 74 -15.42 59.48 -29.02
N SER F 75 -16.36 60.39 -28.74
CA SER F 75 -16.03 61.80 -28.64
C SER F 75 -15.04 62.03 -27.50
N ASN F 76 -15.38 61.51 -26.33
CA ASN F 76 -14.54 61.64 -25.15
C ASN F 76 -13.18 60.99 -25.39
N LEU F 77 -13.18 59.91 -26.17
CA LEU F 77 -11.95 59.19 -26.48
C LEU F 77 -11.05 60.00 -27.41
N LYS F 78 -11.65 60.60 -28.43
CA LYS F 78 -10.90 61.41 -29.38
C LYS F 78 -10.20 62.56 -28.67
N TYR F 79 -10.91 63.19 -27.73
CA TYR F 79 -10.35 64.29 -26.97
C TYR F 79 -9.15 63.83 -26.16
N GLN F 80 -9.23 62.62 -25.62
CA GLN F 80 -8.14 62.07 -24.82
C GLN F 80 -6.95 61.80 -25.73
N THR F 81 -7.23 61.39 -26.97
CA THR F 81 -6.18 61.11 -27.95
C THR F 81 -5.43 62.40 -28.26
N LEU F 82 -6.17 63.48 -28.47
CA LEU F 82 -5.58 64.78 -28.78
C LEU F 82 -4.71 65.31 -27.65
N LEU F 83 -5.25 65.30 -26.43
CA LEU F 83 -4.52 65.80 -25.28
C LEU F 83 -3.17 65.13 -25.05
N ASP F 84 -3.16 63.83 -24.76
CA ASP F 84 -1.90 63.13 -24.52
C ASP F 84 -0.99 63.10 -25.74
N SER F 85 -1.55 63.34 -26.93
CA SER F 85 -0.73 63.37 -28.14
C SER F 85 0.17 64.58 -28.04
N ILE F 86 -0.34 65.62 -27.38
CA ILE F 86 0.40 66.86 -27.18
C ILE F 86 1.28 66.73 -25.94
N GLN F 87 0.79 65.99 -24.96
CA GLN F 87 1.54 65.78 -23.72
C GLN F 87 2.68 64.80 -23.88
N GLY F 88 2.81 64.24 -25.09
CA GLY F 88 3.88 63.29 -25.34
C GLY F 88 5.13 63.98 -25.85
N ARG F 89 4.94 65.10 -26.54
CA ARG F 89 6.07 65.84 -27.10
C ARG F 89 6.33 67.18 -26.40
N SER F 90 5.25 67.88 -26.06
CA SER F 90 5.37 69.19 -25.41
C SER F 90 6.41 69.26 -24.29
N PRO F 91 6.30 68.39 -23.28
CA PRO F 91 7.28 68.40 -22.18
C PRO F 91 8.74 68.40 -22.59
N ASN F 92 9.13 67.45 -23.45
CA ASN F 92 10.51 67.36 -23.90
C ASN F 92 10.93 68.50 -24.85
N VAL F 93 9.98 69.02 -25.61
CA VAL F 93 10.28 70.08 -26.57
C VAL F 93 10.24 71.48 -25.96
N ALA F 94 9.46 71.66 -24.89
CA ALA F 94 9.34 72.97 -24.27
C ALA F 94 9.97 73.08 -22.88
N LEU F 95 10.17 71.95 -22.21
CA LEU F 95 10.75 71.96 -20.87
C LEU F 95 12.21 71.57 -20.82
N LEU F 96 12.59 70.53 -21.58
CA LEU F 96 13.96 70.05 -21.60
C LEU F 96 15.01 71.17 -21.77
N PRO F 97 14.84 72.02 -22.80
CA PRO F 97 15.79 73.11 -23.05
C PRO F 97 15.86 74.18 -21.94
N LEU F 98 15.06 74.02 -20.90
CA LEU F 98 15.03 74.99 -19.82
C LEU F 98 15.32 74.43 -18.43
N ILE F 99 15.48 73.10 -18.35
CA ILE F 99 15.76 72.47 -17.07
C ILE F 99 17.26 72.52 -16.76
N SER F 100 17.59 72.92 -15.54
CA SER F 100 18.98 73.02 -15.13
C SER F 100 19.37 72.02 -14.05
N ILE F 101 18.37 71.30 -13.51
CA ILE F 101 18.61 70.30 -12.50
C ILE F 101 18.34 68.91 -13.08
N PRO F 102 19.23 67.94 -12.80
CA PRO F 102 19.11 66.56 -13.29
C PRO F 102 17.80 65.84 -12.99
N GLU F 103 17.48 65.67 -11.70
CA GLU F 103 16.26 64.98 -11.31
C GLU F 103 15.03 65.47 -12.07
N LEU F 104 14.94 66.77 -12.29
CA LEU F 104 13.81 67.35 -13.00
C LEU F 104 13.82 67.00 -14.49
N GLU F 105 14.99 67.11 -15.10
CA GLU F 105 15.15 66.80 -16.52
C GLU F 105 14.66 65.38 -16.81
N THR F 106 15.27 64.41 -16.15
CA THR F 106 14.92 63.01 -16.32
C THR F 106 13.42 62.79 -16.17
N TRP F 107 12.84 63.40 -15.12
CA TRP F 107 11.41 63.27 -14.86
C TRP F 107 10.60 63.69 -16.08
N VAL F 108 10.84 64.91 -16.56
CA VAL F 108 10.13 65.44 -17.72
C VAL F 108 10.11 64.45 -18.88
N GLU F 109 11.22 63.77 -19.12
CA GLU F 109 11.30 62.80 -20.21
C GLU F 109 10.52 61.53 -19.86
N THR F 110 10.56 61.14 -18.60
CA THR F 110 9.86 59.96 -18.14
C THR F 110 8.36 60.26 -18.22
N TRP F 111 7.99 61.43 -17.70
CA TRP F 111 6.60 61.88 -17.70
C TRP F 111 6.11 62.02 -19.14
N ALA F 112 6.91 62.65 -19.98
CA ALA F 112 6.55 62.83 -21.37
C ALA F 112 6.43 61.47 -22.06
N PHE F 113 7.36 60.58 -21.73
CA PHE F 113 7.36 59.22 -22.30
C PHE F 113 6.09 58.49 -21.93
N SER F 114 5.75 58.50 -20.64
CA SER F 114 4.54 57.82 -20.17
C SER F 114 3.32 58.27 -20.95
N GLU F 115 3.35 59.51 -21.42
CA GLU F 115 2.25 60.07 -22.20
C GLU F 115 2.14 59.41 -23.56
N THR F 116 3.29 59.08 -24.15
CA THR F 116 3.31 58.43 -25.46
C THR F 116 2.64 57.07 -25.35
N ILE F 117 2.82 56.43 -24.20
CA ILE F 117 2.21 55.12 -23.95
C ILE F 117 0.70 55.27 -23.99
N HIS F 118 0.21 56.37 -23.42
CA HIS F 118 -1.22 56.64 -23.39
C HIS F 118 -1.72 56.77 -24.82
N SER F 119 -1.00 57.53 -25.64
CA SER F 119 -1.36 57.73 -27.03
C SER F 119 -1.34 56.39 -27.76
N ARG F 120 -0.46 55.49 -27.32
CA ARG F 120 -0.35 54.18 -27.93
C ARG F 120 -1.55 53.30 -27.55
N SER F 121 -2.02 53.47 -26.32
CA SER F 121 -3.16 52.69 -25.84
C SER F 121 -4.42 53.09 -26.59
N TYR F 122 -4.61 54.38 -26.79
CA TYR F 122 -5.79 54.88 -27.50
C TYR F 122 -5.89 54.18 -28.85
N THR F 123 -4.76 54.13 -29.57
CA THR F 123 -4.72 53.48 -30.87
C THR F 123 -5.17 52.04 -30.72
N HIS F 124 -4.69 51.38 -29.67
CA HIS F 124 -5.05 49.99 -29.39
C HIS F 124 -6.55 49.85 -29.18
N ILE F 125 -7.13 50.77 -28.41
CA ILE F 125 -8.56 50.74 -28.12
C ILE F 125 -9.37 50.98 -29.40
N ILE F 126 -9.01 52.03 -30.13
CA ILE F 126 -9.71 52.37 -31.37
C ILE F 126 -9.72 51.24 -32.39
N ARG F 127 -8.55 50.79 -32.80
CA ARG F 127 -8.43 49.73 -33.80
C ARG F 127 -9.07 48.41 -33.36
N ASN F 128 -9.58 48.36 -32.13
CA ASN F 128 -10.21 47.14 -31.64
C ASN F 128 -11.70 47.32 -31.32
N ILE F 129 -12.27 48.45 -31.74
CA ILE F 129 -13.68 48.72 -31.50
C ILE F 129 -14.36 49.20 -32.78
N VAL F 130 -13.58 49.83 -33.65
CA VAL F 130 -14.10 50.32 -34.92
C VAL F 130 -13.48 49.56 -36.08
N ASN F 131 -14.09 49.67 -37.25
CA ASN F 131 -13.58 48.96 -38.43
C ASN F 131 -12.55 49.80 -39.19
N ASP F 132 -12.78 51.10 -39.26
CA ASP F 132 -11.86 52.00 -39.96
C ASP F 132 -11.37 53.12 -39.05
N PRO F 133 -10.25 52.89 -38.35
CA PRO F 133 -9.64 53.85 -37.42
C PRO F 133 -9.34 55.23 -38.04
N SER F 134 -8.85 55.23 -39.27
CA SER F 134 -8.52 56.48 -39.96
C SER F 134 -9.59 57.55 -39.76
N VAL F 135 -10.85 57.13 -39.75
CA VAL F 135 -11.96 58.06 -39.56
C VAL F 135 -11.84 58.80 -38.24
N VAL F 136 -11.67 58.04 -37.16
CA VAL F 136 -11.55 58.61 -35.82
C VAL F 136 -10.36 59.55 -35.68
N PHE F 137 -9.24 59.19 -36.32
CA PHE F 137 -8.03 59.99 -36.25
C PHE F 137 -8.06 61.25 -37.11
N ASP F 138 -8.68 61.15 -38.29
CA ASP F 138 -8.76 62.31 -39.18
C ASP F 138 -9.74 63.35 -38.68
N ASP F 139 -10.66 62.94 -37.81
CA ASP F 139 -11.65 63.86 -37.27
C ASP F 139 -11.05 64.70 -36.15
N ILE F 140 -10.13 64.11 -35.39
CA ILE F 140 -9.48 64.81 -34.28
C ILE F 140 -8.81 66.10 -34.75
N VAL F 141 -8.42 66.14 -36.02
CA VAL F 141 -7.74 67.31 -36.56
C VAL F 141 -8.70 68.38 -37.08
N THR F 142 -9.81 67.96 -37.69
CA THR F 142 -10.78 68.89 -38.23
C THR F 142 -12.02 69.11 -37.37
N ASN F 143 -12.23 68.23 -36.39
CA ASN F 143 -13.39 68.36 -35.51
C ASN F 143 -13.39 69.76 -34.89
N GLU F 144 -14.39 70.55 -35.28
CA GLU F 144 -14.51 71.91 -34.78
C GLU F 144 -14.64 72.02 -33.27
N GLN F 145 -15.54 71.21 -32.70
CA GLN F 145 -15.77 71.22 -31.26
C GLN F 145 -14.54 70.81 -30.44
N ILE F 146 -13.74 69.89 -30.98
CA ILE F 146 -12.56 69.44 -30.27
C ILE F 146 -11.46 70.50 -30.28
N GLN F 147 -11.30 71.17 -31.42
CA GLN F 147 -10.28 72.22 -31.54
C GLN F 147 -10.68 73.44 -30.71
N LYS F 148 -11.98 73.71 -30.65
CA LYS F 148 -12.48 74.84 -29.87
C LYS F 148 -12.13 74.60 -28.41
N ARG F 149 -12.36 73.37 -27.95
CA ARG F 149 -12.09 72.99 -26.58
C ARG F 149 -10.59 72.84 -26.33
N ALA F 150 -9.81 72.79 -27.41
CA ALA F 150 -8.37 72.64 -27.30
C ALA F 150 -7.63 73.91 -27.74
N GLU F 151 -8.39 74.85 -28.31
CA GLU F 151 -7.82 76.11 -28.78
C GLU F 151 -7.10 76.85 -27.64
N GLY F 152 -5.79 76.97 -27.77
CA GLY F 152 -5.02 77.67 -26.75
C GLY F 152 -3.88 76.85 -26.16
N ILE F 153 -4.18 75.62 -25.77
CA ILE F 153 -3.16 74.75 -25.18
C ILE F 153 -1.94 74.61 -26.08
N SER F 154 -2.17 74.28 -27.34
CA SER F 154 -1.07 74.12 -28.31
C SER F 154 -0.31 75.43 -28.50
N SER F 155 -1.05 76.52 -28.59
CA SER F 155 -0.44 77.84 -28.78
C SER F 155 0.39 78.25 -27.57
N TYR F 156 -0.09 77.91 -26.38
CA TYR F 156 0.60 78.25 -25.14
C TYR F 156 2.01 77.67 -25.12
N TYR F 157 2.14 76.39 -25.45
CA TYR F 157 3.44 75.72 -25.47
C TYR F 157 4.39 76.39 -26.46
N ASP F 158 3.95 76.49 -27.72
CA ASP F 158 4.77 77.08 -28.77
C ASP F 158 5.27 78.48 -28.43
N GLU F 159 4.42 79.29 -27.82
CA GLU F 159 4.80 80.65 -27.46
C GLU F 159 5.94 80.64 -26.44
N LEU F 160 5.98 79.59 -25.63
CA LEU F 160 7.03 79.46 -24.62
C LEU F 160 8.32 79.00 -25.29
N ILE F 161 8.20 78.07 -26.22
CA ILE F 161 9.35 77.54 -26.95
C ILE F 161 9.99 78.63 -27.80
N GLU F 162 9.17 79.33 -28.58
CA GLU F 162 9.66 80.41 -29.43
C GLU F 162 10.47 81.41 -28.62
N MET F 163 9.89 81.87 -27.51
CA MET F 163 10.56 82.84 -26.65
C MET F 163 11.83 82.24 -26.06
N THR F 164 11.83 80.91 -25.88
CA THR F 164 12.98 80.22 -25.33
C THR F 164 14.12 80.19 -26.34
N SER F 165 13.80 79.90 -27.59
CA SER F 165 14.79 79.85 -28.65
C SER F 165 15.47 81.20 -28.82
N TYR F 166 14.66 82.27 -28.80
CA TYR F 166 15.18 83.62 -28.95
C TYR F 166 16.17 83.97 -27.84
N TRP F 167 15.87 83.51 -26.62
CA TRP F 167 16.73 83.76 -25.48
C TRP F 167 18.06 83.03 -25.64
N HIS F 168 17.99 81.78 -26.11
CA HIS F 168 19.17 80.96 -26.31
C HIS F 168 19.97 81.37 -27.54
N LEU F 169 19.39 82.25 -28.36
CA LEU F 169 20.11 82.81 -29.49
C LEU F 169 20.65 84.22 -29.20
N LEU F 170 19.81 85.08 -28.64
CA LEU F 170 20.22 86.47 -28.39
C LEU F 170 20.32 86.90 -26.92
N GLY F 171 19.71 86.14 -26.02
CA GLY F 171 19.71 86.50 -24.62
C GLY F 171 18.75 87.66 -24.32
N GLU F 172 18.91 88.28 -23.16
CA GLU F 172 18.08 89.43 -22.79
C GLU F 172 18.54 90.72 -23.46
N GLY F 173 17.64 91.67 -23.55
CA GLY F 173 17.95 92.94 -24.18
C GLY F 173 17.04 93.26 -25.33
N THR F 174 17.43 94.25 -26.13
CA THR F 174 16.65 94.66 -27.28
C THR F 174 17.48 94.45 -28.55
N HIS F 175 16.94 93.68 -29.49
CA HIS F 175 17.65 93.38 -30.72
C HIS F 175 16.90 93.86 -31.97
N THR F 176 17.52 93.67 -33.13
CA THR F 176 16.92 94.05 -34.40
C THR F 176 16.98 92.89 -35.40
N VAL F 177 15.83 92.30 -35.67
CA VAL F 177 15.73 91.18 -36.59
C VAL F 177 15.01 91.60 -37.86
N ASN F 178 15.74 91.61 -38.98
CA ASN F 178 15.18 92.00 -40.27
C ASN F 178 14.57 93.39 -40.25
N GLY F 179 15.13 94.26 -39.40
CA GLY F 179 14.64 95.61 -39.30
C GLY F 179 13.50 95.79 -38.31
N LYS F 180 13.31 94.81 -37.44
CA LYS F 180 12.24 94.89 -36.46
C LYS F 180 12.79 94.68 -35.04
N THR F 181 12.49 95.63 -34.16
CA THR F 181 12.95 95.58 -32.78
C THR F 181 12.30 94.46 -31.99
N VAL F 182 13.12 93.53 -31.51
CA VAL F 182 12.63 92.39 -30.72
C VAL F 182 13.17 92.47 -29.29
N THR F 183 12.29 92.78 -28.35
CA THR F 183 12.68 92.88 -26.95
C THR F 183 12.66 91.53 -26.25
N VAL F 184 13.81 91.11 -25.75
CA VAL F 184 13.95 89.84 -25.05
C VAL F 184 14.04 90.08 -23.55
N SER F 185 13.01 89.67 -22.82
CA SER F 185 12.97 89.84 -21.37
C SER F 185 12.80 88.50 -20.66
N LEU F 186 13.84 88.09 -19.93
CA LEU F 186 13.81 86.83 -19.19
C LEU F 186 12.63 86.83 -18.23
N ARG F 187 12.39 87.97 -17.59
CA ARG F 187 11.30 88.10 -16.63
C ARG F 187 9.98 87.70 -17.31
N GLU F 188 9.86 88.07 -18.58
CA GLU F 188 8.65 87.74 -19.34
C GLU F 188 8.64 86.26 -19.70
N LEU F 189 9.82 85.73 -20.06
CA LEU F 189 9.93 84.33 -20.41
C LEU F 189 9.62 83.47 -19.19
N LYS F 190 10.09 83.91 -18.03
CA LYS F 190 9.85 83.20 -16.79
C LYS F 190 8.36 83.28 -16.49
N LYS F 191 7.72 84.31 -17.00
CA LYS F 191 6.30 84.55 -16.82
C LYS F 191 5.50 83.54 -17.64
N LYS F 192 5.90 83.34 -18.89
CA LYS F 192 5.22 82.40 -19.78
C LYS F 192 5.43 80.97 -19.29
N LEU F 193 6.68 80.64 -18.93
CA LEU F 193 7.01 79.31 -18.46
C LEU F 193 6.08 78.94 -17.31
N TYR F 194 5.96 79.83 -16.34
CA TYR F 194 5.10 79.63 -15.18
C TYR F 194 3.65 79.40 -15.61
N LEU F 195 3.03 80.44 -16.15
CA LEU F 195 1.65 80.35 -16.60
C LEU F 195 1.40 79.12 -17.45
N CYS F 196 2.33 78.83 -18.35
CA CYS F 196 2.20 77.67 -19.22
C CYS F 196 2.13 76.40 -18.37
N LEU F 197 2.96 76.34 -17.34
CA LEU F 197 2.96 75.19 -16.45
C LEU F 197 1.60 75.04 -15.77
N MET F 198 1.01 76.17 -15.41
CA MET F 198 -0.30 76.17 -14.77
C MET F 198 -1.35 75.61 -15.75
N SER F 199 -1.19 75.95 -17.02
CA SER F 199 -2.10 75.49 -18.05
C SER F 199 -2.01 73.97 -18.15
N VAL F 200 -0.78 73.46 -18.16
CA VAL F 200 -0.54 72.03 -18.24
C VAL F 200 -1.23 71.35 -17.05
N ASN F 201 -0.93 71.84 -15.86
CA ASN F 201 -1.50 71.30 -14.63
C ASN F 201 -3.02 71.21 -14.75
N ALA F 202 -3.65 72.30 -15.14
CA ALA F 202 -5.10 72.34 -15.28
C ALA F 202 -5.57 71.30 -16.29
N LEU F 203 -4.76 71.08 -17.32
CA LEU F 203 -5.09 70.12 -18.37
C LEU F 203 -5.00 68.68 -17.87
N GLU F 204 -3.90 68.37 -17.18
CA GLU F 204 -3.69 67.01 -16.66
C GLU F 204 -4.35 66.73 -15.31
N ALA F 205 -4.79 67.79 -14.63
CA ALA F 205 -5.43 67.62 -13.32
C ALA F 205 -6.94 67.80 -13.38
N ILE F 206 -7.42 68.53 -14.37
CA ILE F 206 -8.86 68.77 -14.51
C ILE F 206 -9.43 68.20 -15.80
N ARG F 207 -9.01 68.77 -16.93
CA ARG F 207 -9.48 68.34 -18.24
C ARG F 207 -9.58 66.81 -18.38
N PHE F 208 -8.48 66.12 -18.07
CA PHE F 208 -8.45 64.67 -18.17
C PHE F 208 -9.36 63.94 -17.21
N TYR F 209 -9.41 64.37 -15.95
CA TYR F 209 -10.26 63.71 -14.98
C TYR F 209 -11.73 63.78 -15.39
N VAL F 210 -12.09 64.88 -16.05
CA VAL F 210 -13.47 65.05 -16.51
C VAL F 210 -13.75 63.97 -17.56
N SER F 211 -12.75 63.69 -18.39
CA SER F 211 -12.90 62.67 -19.43
C SER F 211 -12.80 61.29 -18.82
N PHE F 212 -12.06 61.16 -17.72
CA PHE F 212 -11.91 59.88 -17.05
C PHE F 212 -13.26 59.43 -16.52
N ALA F 213 -13.92 60.31 -15.78
CA ALA F 213 -15.23 60.02 -15.19
C ALA F 213 -16.15 59.41 -16.25
N CYS F 214 -16.20 60.04 -17.42
CA CYS F 214 -17.06 59.56 -18.50
C CYS F 214 -16.64 58.16 -18.95
N SER F 215 -15.33 57.94 -19.04
CA SER F 215 -14.80 56.65 -19.46
C SER F 215 -15.14 55.56 -18.44
N PHE F 216 -15.16 55.94 -17.16
CA PHE F 216 -15.49 54.99 -16.11
C PHE F 216 -16.99 54.85 -15.90
N ALA F 217 -17.76 55.64 -16.64
CA ALA F 217 -19.21 55.59 -16.55
C ALA F 217 -19.66 54.24 -17.10
N PHE F 218 -19.17 53.93 -18.30
CA PHE F 218 -19.49 52.66 -18.96
C PHE F 218 -19.00 51.50 -18.10
N ALA F 219 -17.88 51.72 -17.42
CA ALA F 219 -17.29 50.70 -16.55
C ALA F 219 -18.26 50.30 -15.45
N GLU F 220 -18.86 51.29 -14.81
CA GLU F 220 -19.82 51.04 -13.74
C GLU F 220 -20.97 50.19 -14.25
N ARG F 221 -21.22 50.27 -15.55
CA ARG F 221 -22.28 49.52 -16.19
C ARG F 221 -21.75 48.20 -16.77
N GLU F 222 -20.52 47.87 -16.39
CA GLU F 222 -19.87 46.64 -16.84
C GLU F 222 -19.64 46.63 -18.35
N LEU F 223 -19.54 47.81 -18.94
CA LEU F 223 -19.32 47.93 -20.37
C LEU F 223 -17.95 48.54 -20.66
N MET F 224 -17.38 48.18 -21.80
CA MET F 224 -16.06 48.68 -22.19
C MET F 224 -15.02 48.31 -21.15
N GLU F 225 -15.06 47.05 -20.71
CA GLU F 225 -14.11 46.54 -19.71
C GLU F 225 -12.69 46.92 -20.10
N GLY F 226 -12.30 46.55 -21.30
CA GLY F 226 -10.95 46.85 -21.78
C GLY F 226 -10.59 48.31 -21.66
N ASN F 227 -11.52 49.18 -22.02
CA ASN F 227 -11.31 50.62 -21.95
C ASN F 227 -11.05 51.03 -20.50
N ALA F 228 -11.89 50.52 -19.60
CA ALA F 228 -11.78 50.82 -18.18
C ALA F 228 -10.39 50.52 -17.64
N LYS F 229 -9.89 49.31 -17.92
CA LYS F 229 -8.57 48.91 -17.44
C LYS F 229 -7.49 49.92 -17.86
N ILE F 230 -7.36 50.14 -19.16
CA ILE F 230 -6.37 51.07 -19.69
C ILE F 230 -6.46 52.45 -19.05
N ILE F 231 -7.65 53.06 -19.09
CA ILE F 231 -7.85 54.37 -18.51
C ILE F 231 -7.44 54.38 -17.05
N ARG F 232 -7.68 53.27 -16.35
CA ARG F 232 -7.32 53.15 -14.95
C ARG F 232 -5.83 53.37 -14.76
N LEU F 233 -5.03 52.72 -15.60
CA LEU F 233 -3.57 52.86 -15.55
C LEU F 233 -3.20 54.30 -15.89
N ILE F 234 -3.73 54.80 -17.00
CA ILE F 234 -3.46 56.15 -17.44
C ILE F 234 -3.77 57.14 -16.32
N ALA F 235 -4.79 56.83 -15.54
CA ALA F 235 -5.20 57.68 -14.42
C ALA F 235 -4.17 57.63 -13.31
N ARG F 236 -3.74 56.43 -12.95
CA ARG F 236 -2.75 56.26 -11.90
C ARG F 236 -1.47 57.03 -12.22
N ASP F 237 -1.15 57.15 -13.50
CA ASP F 237 0.04 57.88 -13.92
C ASP F 237 -0.24 59.37 -13.98
N GLU F 238 -1.36 59.72 -14.62
CA GLU F 238 -1.74 61.13 -14.75
C GLU F 238 -1.75 61.79 -13.38
N ALA F 239 -1.95 60.99 -12.34
CA ALA F 239 -1.98 61.50 -10.97
C ALA F 239 -0.63 62.08 -10.60
N LEU F 240 0.44 61.33 -10.87
CA LEU F 240 1.79 61.76 -10.57
C LEU F 240 2.16 62.94 -11.47
N HIS F 241 1.64 62.91 -12.70
CA HIS F 241 1.91 63.96 -13.67
C HIS F 241 1.52 65.34 -13.12
N LEU F 242 0.25 65.47 -12.75
CA LEU F 242 -0.25 66.74 -12.23
C LEU F 242 0.47 67.13 -10.94
N THR F 243 0.75 66.14 -10.10
CA THR F 243 1.44 66.36 -8.84
C THR F 243 2.77 67.06 -9.10
N GLY F 244 3.46 66.65 -10.17
CA GLY F 244 4.72 67.25 -10.51
C GLY F 244 4.59 68.75 -10.75
N THR F 245 3.73 69.12 -11.69
CA THR F 245 3.51 70.53 -12.00
C THR F 245 3.05 71.32 -10.78
N GLN F 246 2.23 70.69 -9.94
CA GLN F 246 1.75 71.36 -8.73
C GLN F 246 2.93 71.80 -7.87
N HIS F 247 3.84 70.87 -7.60
CA HIS F 247 5.02 71.17 -6.81
C HIS F 247 5.93 72.17 -7.50
N MET F 248 6.08 72.03 -8.82
CA MET F 248 6.93 72.93 -9.58
C MET F 248 6.43 74.38 -9.45
N LEU F 249 5.15 74.57 -9.77
CA LEU F 249 4.54 75.89 -9.69
C LEU F 249 4.54 76.46 -8.28
N ASN F 250 4.22 75.62 -7.29
CA ASN F 250 4.20 76.07 -5.90
C ASN F 250 5.59 76.51 -5.43
N LEU F 251 6.61 75.72 -5.78
CA LEU F 251 7.97 76.05 -5.40
C LEU F 251 8.38 77.38 -6.00
N LEU F 252 7.94 77.63 -7.23
CA LEU F 252 8.25 78.87 -7.92
C LEU F 252 7.55 80.05 -7.26
N ARG F 253 6.42 79.74 -6.61
CA ARG F 253 5.63 80.77 -5.94
C ARG F 253 6.13 81.08 -4.53
N SER F 254 6.80 80.11 -3.90
CA SER F 254 7.33 80.32 -2.55
C SER F 254 8.65 81.08 -2.61
N GLY F 255 9.16 81.26 -3.83
CA GLY F 255 10.42 81.97 -4.00
C GLY F 255 11.60 81.13 -3.54
N ALA F 256 11.31 80.01 -2.89
CA ALA F 256 12.34 79.11 -2.40
C ALA F 256 13.41 78.87 -3.44
N ASP F 257 12.99 78.59 -4.68
CA ASP F 257 13.94 78.30 -5.79
C ASP F 257 14.52 79.49 -6.59
N ASP F 258 13.67 80.41 -7.05
CA ASP F 258 14.09 81.68 -7.62
C ASP F 258 13.18 82.82 -7.19
N PRO F 259 13.71 83.77 -6.40
CA PRO F 259 12.96 84.94 -5.91
C PRO F 259 12.17 85.67 -6.98
N GLU F 260 12.77 85.84 -8.15
CA GLU F 260 12.11 86.53 -9.25
C GLU F 260 10.80 85.85 -9.64
N MET F 261 10.81 84.52 -9.66
CA MET F 261 9.60 83.77 -10.01
C MET F 261 8.54 83.94 -8.93
N ALA F 262 8.98 84.18 -7.70
CA ALA F 262 8.07 84.38 -6.59
C ALA F 262 7.25 85.63 -6.88
N GLU F 263 7.93 86.68 -7.32
CA GLU F 263 7.27 87.94 -7.66
C GLU F 263 6.34 87.74 -8.84
N ILE F 264 6.85 87.07 -9.88
CA ILE F 264 6.08 86.81 -11.08
C ILE F 264 4.78 86.08 -10.75
N ALA F 265 4.88 85.05 -9.92
CA ALA F 265 3.72 84.26 -9.52
C ALA F 265 2.62 85.16 -8.97
N GLU F 266 2.99 86.10 -8.12
CA GLU F 266 2.04 87.02 -7.51
C GLU F 266 1.51 88.03 -8.53
N GLU F 267 2.35 88.39 -9.50
CA GLU F 267 1.98 89.35 -10.53
C GLU F 267 1.11 88.73 -11.63
N CYS F 268 1.06 87.40 -11.66
CA CYS F 268 0.28 86.69 -12.66
C CYS F 268 -0.95 86.08 -11.99
N LYS F 269 -1.05 86.30 -10.68
CA LYS F 269 -2.15 85.78 -9.88
C LYS F 269 -3.49 85.75 -10.62
N GLN F 270 -3.91 86.90 -11.14
CA GLN F 270 -5.18 86.99 -11.85
C GLN F 270 -5.22 86.09 -13.07
N GLU F 271 -4.16 86.09 -13.86
CA GLU F 271 -4.09 85.27 -15.06
C GLU F 271 -4.29 83.78 -14.76
N CYS F 272 -3.53 83.26 -13.79
CA CYS F 272 -3.66 81.86 -13.42
C CYS F 272 -5.11 81.55 -13.06
N TYR F 273 -5.73 82.47 -12.33
CA TYR F 273 -7.12 82.31 -11.92
C TYR F 273 -8.06 82.36 -13.12
N ASP F 274 -7.76 83.22 -14.09
CA ASP F 274 -8.59 83.33 -15.28
C ASP F 274 -8.47 82.08 -16.14
N LEU F 275 -7.24 81.64 -16.39
CA LEU F 275 -7.00 80.45 -17.19
C LEU F 275 -7.80 79.28 -16.64
N PHE F 276 -7.71 79.09 -15.32
CA PHE F 276 -8.43 78.02 -14.64
C PHE F 276 -9.94 78.10 -14.87
N VAL F 277 -10.51 79.28 -14.67
CA VAL F 277 -11.94 79.47 -14.87
C VAL F 277 -12.31 79.19 -16.33
N GLN F 278 -11.52 79.76 -17.23
CA GLN F 278 -11.74 79.58 -18.67
C GLN F 278 -11.67 78.10 -19.03
N ALA F 279 -10.63 77.43 -18.53
CA ALA F 279 -10.44 76.01 -18.79
C ALA F 279 -11.64 75.20 -18.32
N ALA F 280 -12.01 75.39 -17.06
CA ALA F 280 -13.14 74.68 -16.48
C ALA F 280 -14.41 74.97 -17.26
N GLN F 281 -14.46 76.13 -17.90
CA GLN F 281 -15.61 76.52 -18.68
C GLN F 281 -15.65 75.76 -20.00
N GLN F 282 -14.50 75.63 -20.64
CA GLN F 282 -14.41 74.91 -21.90
C GLN F 282 -14.90 73.49 -21.72
N GLU F 283 -14.75 72.96 -20.50
CA GLU F 283 -15.19 71.62 -20.18
C GLU F 283 -16.71 71.60 -20.06
N LYS F 284 -17.23 72.54 -19.28
CA LYS F 284 -18.67 72.66 -19.07
C LYS F 284 -19.42 72.69 -20.41
N ASP F 285 -18.96 73.55 -21.31
CA ASP F 285 -19.60 73.69 -22.62
C ASP F 285 -19.58 72.39 -23.41
N TRP F 286 -18.51 71.61 -23.27
CA TRP F 286 -18.39 70.35 -23.99
C TRP F 286 -19.55 69.42 -23.68
N ALA F 287 -20.13 69.57 -22.49
CA ALA F 287 -21.25 68.74 -22.07
C ALA F 287 -22.38 68.76 -23.10
N ASP F 288 -22.69 69.96 -23.60
CA ASP F 288 -23.76 70.11 -24.60
C ASP F 288 -23.52 69.28 -25.85
N TYR F 289 -22.37 69.51 -26.49
CA TYR F 289 -22.02 68.79 -27.71
C TYR F 289 -21.93 67.28 -27.47
N LEU F 290 -21.66 66.91 -26.22
CA LEU F 290 -21.53 65.50 -25.86
C LEU F 290 -22.88 64.81 -25.68
N PHE F 291 -23.86 65.54 -25.16
CA PHE F 291 -25.19 64.97 -24.97
C PHE F 291 -26.23 65.61 -25.87
N ARG F 292 -25.78 66.19 -26.98
CA ARG F 292 -26.70 66.83 -27.91
C ARG F 292 -27.73 65.86 -28.46
N ASP F 293 -27.42 64.57 -28.38
CA ASP F 293 -28.32 63.54 -28.87
C ASP F 293 -28.94 62.75 -27.73
N GLY F 294 -28.76 63.25 -26.51
CA GLY F 294 -29.30 62.57 -25.35
C GLY F 294 -28.21 62.16 -24.38
N SER F 295 -28.57 62.06 -23.10
CA SER F 295 -27.59 61.86 -22.03
C SER F 295 -27.61 60.46 -21.43
N MET F 296 -26.42 59.89 -21.25
CA MET F 296 -26.25 58.55 -20.69
C MET F 296 -26.58 58.49 -19.20
N ILE F 297 -26.93 57.30 -18.74
CA ILE F 297 -27.36 57.11 -17.35
C ILE F 297 -26.27 57.43 -16.33
N GLY F 298 -26.71 58.01 -15.21
CA GLY F 298 -25.82 58.48 -14.17
C GLY F 298 -24.76 59.43 -14.71
N LEU F 299 -25.04 60.00 -15.87
CA LEU F 299 -24.12 60.94 -16.52
C LEU F 299 -24.85 61.85 -17.49
N ASN F 300 -24.93 63.13 -17.16
CA ASN F 300 -25.58 64.12 -18.01
C ASN F 300 -24.91 65.48 -17.84
N LYS F 301 -25.44 66.49 -18.52
CA LYS F 301 -24.85 67.82 -18.44
C LYS F 301 -24.78 68.35 -17.01
N ASP F 302 -25.80 68.05 -16.21
CA ASP F 302 -25.81 68.49 -14.82
C ASP F 302 -24.67 67.83 -14.07
N ILE F 303 -24.72 66.51 -13.93
CA ILE F 303 -23.70 65.75 -13.23
C ILE F 303 -22.29 66.22 -13.59
N LEU F 304 -22.03 66.42 -14.87
CA LEU F 304 -20.71 66.89 -15.31
C LEU F 304 -20.38 68.28 -14.79
N CYS F 305 -21.31 69.22 -14.98
CA CYS F 305 -21.09 70.59 -14.50
C CYS F 305 -20.84 70.56 -13.01
N GLN F 306 -21.46 69.61 -12.32
CA GLN F 306 -21.31 69.46 -10.88
C GLN F 306 -19.92 68.95 -10.55
N TYR F 307 -19.43 68.03 -11.37
CA TYR F 307 -18.11 67.44 -11.18
C TYR F 307 -17.01 68.46 -11.47
N VAL F 308 -17.10 69.11 -12.64
CA VAL F 308 -16.12 70.10 -13.04
C VAL F 308 -15.88 71.13 -11.93
N GLU F 309 -16.94 71.55 -11.27
CA GLU F 309 -16.81 72.53 -10.19
C GLU F 309 -16.14 71.89 -8.98
N TYR F 310 -16.52 70.65 -8.68
CA TYR F 310 -15.95 69.92 -7.55
C TYR F 310 -14.45 69.75 -7.73
N ILE F 311 -14.07 69.13 -8.84
CA ILE F 311 -12.66 68.88 -9.15
C ILE F 311 -11.84 70.17 -9.20
N THR F 312 -12.20 71.07 -10.10
CA THR F 312 -11.50 72.34 -10.26
C THR F 312 -11.15 73.01 -8.94
N ASN F 313 -12.16 73.18 -8.08
CA ASN F 313 -11.94 73.80 -6.77
C ASN F 313 -10.76 73.18 -6.04
N ILE F 314 -10.76 71.85 -5.93
CA ILE F 314 -9.70 71.13 -5.25
C ILE F 314 -8.34 71.39 -5.91
N ARG F 315 -8.33 71.43 -7.24
CA ARG F 315 -7.10 71.67 -7.98
C ARG F 315 -6.53 73.06 -7.74
N MET F 316 -7.36 74.08 -7.96
CA MET F 316 -6.93 75.47 -7.76
C MET F 316 -6.50 75.77 -6.33
N GLN F 317 -7.13 75.09 -5.37
CA GLN F 317 -6.78 75.30 -3.97
C GLN F 317 -5.44 74.67 -3.64
N ALA F 318 -5.06 73.66 -4.42
CA ALA F 318 -3.80 72.96 -4.21
C ALA F 318 -2.61 73.74 -4.74
N VAL F 319 -2.88 74.74 -5.58
CA VAL F 319 -1.82 75.56 -6.15
C VAL F 319 -1.81 76.98 -5.58
N GLY F 320 -2.70 77.25 -4.64
CA GLY F 320 -2.77 78.56 -4.02
C GLY F 320 -3.66 79.57 -4.72
N LEU F 321 -4.85 79.13 -5.14
CA LEU F 321 -5.79 80.01 -5.83
C LEU F 321 -7.18 79.91 -5.19
N ASP F 322 -7.94 80.99 -5.32
CA ASP F 322 -9.29 81.02 -4.75
C ASP F 322 -10.23 80.10 -5.53
N LEU F 323 -11.31 79.68 -4.88
CA LEU F 323 -12.28 78.79 -5.50
C LEU F 323 -13.37 79.58 -6.22
N PRO F 324 -13.37 79.52 -7.56
CA PRO F 324 -14.36 80.23 -8.38
C PRO F 324 -15.72 79.54 -8.46
N PHE F 325 -15.76 78.28 -8.05
CA PHE F 325 -17.01 77.51 -8.08
C PHE F 325 -17.62 77.30 -6.70
N GLN F 326 -18.90 76.93 -6.69
CA GLN F 326 -19.64 76.68 -5.46
C GLN F 326 -19.20 75.38 -4.83
N THR F 327 -18.84 75.43 -3.55
CA THR F 327 -18.39 74.24 -2.83
C THR F 327 -19.48 73.17 -2.77
N ARG F 328 -19.08 71.91 -2.81
CA ARG F 328 -20.01 70.80 -2.74
C ARG F 328 -19.29 69.48 -2.58
N SER F 329 -20.01 68.47 -2.08
CA SER F 329 -19.42 67.15 -1.88
C SER F 329 -19.14 66.50 -3.22
N ASN F 330 -18.60 65.28 -3.19
CA ASN F 330 -18.27 64.55 -4.41
C ASN F 330 -19.56 64.22 -5.17
N PRO F 331 -19.70 64.74 -6.39
CA PRO F 331 -20.88 64.50 -7.22
C PRO F 331 -20.93 63.08 -7.78
N ILE F 332 -19.79 62.39 -7.75
CA ILE F 332 -19.71 61.02 -8.25
C ILE F 332 -18.71 60.19 -7.46
N PRO F 333 -19.01 59.91 -6.19
CA PRO F 333 -18.14 59.12 -5.31
C PRO F 333 -17.70 57.77 -5.88
N TRP F 334 -18.34 57.34 -6.96
CA TRP F 334 -18.00 56.07 -7.59
C TRP F 334 -16.67 56.13 -8.32
N ILE F 335 -16.25 57.33 -8.70
CA ILE F 335 -14.99 57.50 -9.41
C ILE F 335 -13.79 57.18 -8.50
N ASN F 336 -14.02 57.26 -7.20
CA ASN F 336 -12.96 56.97 -6.22
C ASN F 336 -12.53 55.52 -6.32
N THR F 337 -13.41 54.66 -6.82
CA THR F 337 -13.12 53.25 -6.97
C THR F 337 -12.04 53.00 -8.02
N TRP F 338 -11.87 53.97 -8.93
CA TRP F 338 -10.87 53.84 -9.98
C TRP F 338 -9.58 54.60 -9.68
N LEU F 339 -9.71 55.84 -9.22
CA LEU F 339 -8.54 56.65 -8.92
C LEU F 339 -7.60 55.93 -7.96
N THR F 367 -19.41 27.87 45.21
CA THR F 367 -20.20 29.12 45.39
C THR F 367 -19.51 30.03 46.40
N ASP F 368 -18.21 29.84 46.58
CA ASP F 368 -17.48 30.67 47.54
C ASP F 368 -17.40 32.14 47.14
N ASP F 369 -16.76 32.41 46.02
CA ASP F 369 -16.61 33.79 45.56
C ASP F 369 -17.94 34.44 45.18
N LEU F 370 -19.00 33.62 45.13
CA LEU F 370 -20.33 34.11 44.78
C LEU F 370 -21.17 34.42 46.02
N SER F 371 -21.04 33.57 47.04
CA SER F 371 -21.78 33.73 48.28
C SER F 371 -21.57 35.09 48.94
N ASN F 372 -20.44 35.71 48.66
CA ASN F 372 -20.11 37.01 49.22
C ASN F 372 -21.02 38.13 48.70
N PHE F 373 -21.64 37.88 47.55
CA PHE F 373 -22.53 38.87 46.93
C PHE F 373 -23.84 39.00 47.71
N GLN F 374 -24.28 40.24 47.93
CA GLN F 374 -25.51 40.50 48.65
C GLN F 374 -26.69 40.59 47.68
N LEU F 375 -27.73 39.82 47.96
CA LEU F 375 -28.93 39.82 47.12
C LEU F 375 -29.83 41.02 47.43
N ALA G 1 -17.38 -76.80 38.25
CA ALA G 1 -16.29 -76.22 39.06
C ALA G 1 -15.97 -74.80 38.58
N TYR G 2 -16.36 -74.49 37.36
CA TYR G 2 -16.12 -73.16 36.80
C TYR G 2 -17.36 -72.29 36.92
N THR G 3 -17.15 -70.98 37.03
CA THR G 3 -18.25 -70.03 37.14
C THR G 3 -17.81 -68.65 36.64
N THR G 4 -18.54 -68.13 35.67
CA THR G 4 -18.25 -66.82 35.09
C THR G 4 -18.07 -65.77 36.17
N PHE G 5 -18.68 -66.00 37.33
CA PHE G 5 -18.58 -65.05 38.43
C PHE G 5 -18.61 -65.75 39.79
N SER G 6 -17.44 -65.97 40.38
CA SER G 6 -17.40 -66.74 41.62
C SER G 6 -18.20 -66.00 42.69
N GLN G 7 -19.04 -66.73 43.42
CA GLN G 7 -19.84 -66.13 44.48
C GLN G 7 -19.03 -66.07 45.75
N THR G 8 -17.94 -65.32 45.71
CA THR G 8 -17.07 -65.13 46.86
C THR G 8 -16.26 -63.85 46.69
N LYS G 9 -15.72 -63.35 47.80
CA LYS G 9 -14.81 -62.22 47.73
C LYS G 9 -13.41 -62.72 48.05
N ASN G 10 -12.47 -62.49 47.15
CA ASN G 10 -11.11 -62.96 47.36
C ASN G 10 -10.09 -61.92 46.90
N ASP G 11 -8.93 -61.92 47.53
CA ASP G 11 -7.86 -60.98 47.17
C ASP G 11 -7.23 -61.46 45.86
N GLN G 12 -7.54 -60.75 44.78
CA GLN G 12 -7.01 -61.11 43.47
C GLN G 12 -5.50 -60.93 43.35
N LEU G 13 -4.90 -60.26 44.32
CA LEU G 13 -3.46 -60.03 44.32
C LEU G 13 -2.70 -61.24 44.85
N LYS G 14 -3.42 -62.16 45.47
CA LYS G 14 -2.81 -63.36 46.03
C LYS G 14 -3.19 -64.60 45.23
N GLU G 15 -4.04 -64.42 44.23
CA GLU G 15 -4.49 -65.52 43.38
C GLU G 15 -3.41 -65.92 42.37
N PRO G 16 -3.23 -67.23 42.17
CA PRO G 16 -2.22 -67.70 41.22
C PRO G 16 -2.69 -67.38 39.80
N MET G 17 -1.74 -67.21 38.88
CA MET G 17 -2.10 -66.89 37.49
C MET G 17 -3.22 -67.79 36.96
N PHE G 18 -3.06 -69.09 37.18
CA PHE G 18 -4.03 -70.06 36.67
C PHE G 18 -4.41 -71.10 37.71
N PHE G 19 -5.64 -71.60 37.61
CA PHE G 19 -6.13 -72.63 38.53
C PHE G 19 -6.59 -72.04 39.85
N GLY G 20 -6.62 -70.71 39.93
CA GLY G 20 -7.04 -70.05 41.15
C GLY G 20 -8.55 -69.86 41.12
N GLN G 21 -9.06 -69.00 42.00
CA GLN G 21 -10.50 -68.75 42.04
C GLN G 21 -10.91 -67.96 40.80
N PRO G 22 -11.95 -68.44 40.09
CA PRO G 22 -12.43 -67.76 38.87
C PRO G 22 -12.62 -66.26 39.09
N VAL G 23 -11.91 -65.47 38.30
CA VAL G 23 -11.99 -64.01 38.40
C VAL G 23 -13.44 -63.55 38.42
N ASN G 24 -13.80 -62.76 39.43
CA ASN G 24 -15.17 -62.27 39.60
C ASN G 24 -15.40 -60.81 39.20
N VAL G 25 -14.49 -59.92 39.61
CA VAL G 25 -14.64 -58.49 39.39
C VAL G 25 -13.49 -57.95 38.56
N ALA G 26 -13.79 -57.11 37.57
CA ALA G 26 -12.76 -56.69 36.63
C ALA G 26 -12.23 -55.31 36.97
N ARG G 27 -11.22 -55.27 37.83
CA ARG G 27 -10.60 -54.01 38.24
C ARG G 27 -9.20 -53.88 37.63
N TYR G 28 -8.80 -52.64 37.35
CA TYR G 28 -7.50 -52.38 36.76
C TYR G 28 -6.72 -51.34 37.56
N ASP G 29 -7.03 -51.25 38.84
CA ASP G 29 -6.35 -50.30 39.72
C ASP G 29 -5.16 -50.94 40.42
N GLN G 30 -5.08 -52.27 40.33
CA GLN G 30 -3.99 -53.00 40.95
C GLN G 30 -3.68 -54.27 40.16
N GLN G 31 -2.44 -54.72 40.20
CA GLN G 31 -2.04 -55.93 39.49
C GLN G 31 -0.95 -56.68 40.25
N LYS G 32 -1.07 -58.00 40.28
CA LYS G 32 -0.08 -58.85 40.96
C LYS G 32 1.17 -58.78 40.10
N TYR G 33 0.95 -58.65 38.79
CA TYR G 33 2.02 -58.55 37.81
C TYR G 33 1.65 -57.45 36.82
N ASP G 34 2.29 -56.30 36.98
CA ASP G 34 1.99 -55.11 36.20
C ASP G 34 2.19 -55.33 34.71
N ILE G 35 3.02 -56.31 34.36
CA ILE G 35 3.41 -56.52 32.97
C ILE G 35 2.22 -56.81 32.05
N PHE G 36 1.25 -57.61 32.49
CA PHE G 36 0.07 -57.81 31.66
C PHE G 36 -0.66 -56.50 31.43
N GLU G 37 -0.91 -55.76 32.50
CA GLU G 37 -1.60 -54.48 32.41
C GLU G 37 -0.89 -53.58 31.40
N LYS G 38 0.44 -53.53 31.51
CA LYS G 38 1.24 -52.72 30.60
C LYS G 38 1.08 -53.23 29.17
N LEU G 39 0.88 -54.54 29.03
CA LEU G 39 0.70 -55.14 27.71
C LEU G 39 -0.62 -54.69 27.11
N ILE G 40 -1.69 -54.81 27.89
CA ILE G 40 -3.02 -54.40 27.45
C ILE G 40 -2.96 -52.96 26.97
N GLU G 41 -2.33 -52.11 27.77
CA GLU G 41 -2.19 -50.70 27.44
C GLU G 41 -1.47 -50.51 26.12
N LYS G 42 -0.22 -50.97 26.06
CA LYS G 42 0.58 -50.84 24.85
C LYS G 42 -0.16 -51.34 23.61
N GLN G 43 -0.84 -52.47 23.74
CA GLN G 43 -1.59 -53.03 22.63
C GLN G 43 -2.70 -52.09 22.20
N LEU G 44 -3.41 -51.51 23.16
CA LEU G 44 -4.49 -50.59 22.89
C LEU G 44 -4.02 -49.43 22.03
N SER G 45 -2.87 -48.86 22.38
CA SER G 45 -2.32 -47.73 21.64
C SER G 45 -1.84 -48.17 20.25
N PHE G 46 -1.83 -49.48 20.03
CA PHE G 46 -1.40 -50.03 18.74
C PHE G 46 -2.59 -50.39 17.86
N PHE G 47 -3.79 -50.09 18.33
CA PHE G 47 -5.00 -50.39 17.57
C PHE G 47 -4.94 -49.81 16.16
N TRP G 48 -4.90 -50.69 15.17
CA TRP G 48 -4.85 -50.28 13.78
C TRP G 48 -6.04 -50.89 13.04
N ARG G 49 -6.22 -50.50 11.79
CA ARG G 49 -7.33 -51.03 11.00
C ARG G 49 -6.89 -51.30 9.57
N PRO G 50 -6.98 -52.57 9.13
CA PRO G 50 -6.60 -53.00 7.79
C PRO G 50 -7.22 -52.21 6.65
N GLU G 51 -8.50 -51.87 6.78
CA GLU G 51 -9.22 -51.12 5.75
C GLU G 51 -8.56 -49.82 5.32
N GLU G 52 -7.76 -49.23 6.20
CA GLU G 52 -7.10 -47.96 5.87
C GLU G 52 -5.70 -48.11 5.31
N VAL G 53 -5.26 -49.36 5.12
CA VAL G 53 -3.93 -49.61 4.58
C VAL G 53 -4.02 -49.76 3.06
N ASP G 54 -3.44 -48.81 2.33
CA ASP G 54 -3.47 -48.83 0.88
C ASP G 54 -2.78 -50.06 0.29
N VAL G 55 -3.58 -50.94 -0.30
CA VAL G 55 -3.08 -52.17 -0.92
C VAL G 55 -3.56 -52.21 -2.37
N SER G 56 -3.82 -51.03 -2.93
CA SER G 56 -4.31 -50.91 -4.31
C SER G 56 -3.25 -51.23 -5.36
N ARG G 57 -2.00 -50.88 -5.09
CA ARG G 57 -0.93 -51.14 -6.04
C ARG G 57 -0.33 -52.53 -5.87
N ASP G 58 -0.85 -53.29 -4.92
CA ASP G 58 -0.36 -54.64 -4.66
C ASP G 58 -0.83 -55.66 -5.69
N ARG G 59 -2.07 -55.51 -6.15
CA ARG G 59 -2.63 -56.44 -7.13
C ARG G 59 -1.73 -56.54 -8.36
N ILE G 60 -1.46 -55.40 -9.01
CA ILE G 60 -0.62 -55.37 -10.19
C ILE G 60 0.76 -55.97 -9.95
N ASP G 61 1.40 -55.58 -8.84
CA ASP G 61 2.72 -56.10 -8.51
C ASP G 61 2.68 -57.63 -8.46
N TYR G 62 1.75 -58.16 -7.69
CA TYR G 62 1.59 -59.60 -7.55
C TYR G 62 1.50 -60.28 -8.92
N GLN G 63 0.72 -59.68 -9.82
CA GLN G 63 0.54 -60.21 -11.17
C GLN G 63 1.82 -60.16 -12.00
N ALA G 64 2.67 -59.17 -11.72
CA ALA G 64 3.91 -59.02 -12.46
C ALA G 64 5.02 -59.92 -11.91
N LEU G 65 4.72 -60.64 -10.83
CA LEU G 65 5.69 -61.53 -10.21
C LEU G 65 5.78 -62.87 -10.93
N PRO G 66 6.99 -63.44 -11.00
CA PRO G 66 7.17 -64.74 -11.67
C PRO G 66 6.26 -65.75 -10.98
N GLU G 67 6.10 -66.93 -11.56
CA GLU G 67 5.24 -67.93 -10.95
C GLU G 67 5.79 -68.53 -9.67
N HIS G 68 7.11 -68.66 -9.58
CA HIS G 68 7.72 -69.23 -8.38
C HIS G 68 7.71 -68.17 -7.28
N GLU G 69 7.48 -66.92 -7.68
CA GLU G 69 7.42 -65.82 -6.72
C GLU G 69 5.99 -65.61 -6.25
N LYS G 70 5.02 -65.83 -7.14
CA LYS G 70 3.61 -65.70 -6.76
C LYS G 70 3.39 -66.80 -5.75
N HIS G 71 4.06 -67.92 -5.98
CA HIS G 71 3.98 -69.09 -5.12
C HIS G 71 4.49 -68.78 -3.73
N ILE G 72 5.71 -68.24 -3.65
CA ILE G 72 6.32 -67.88 -2.37
C ILE G 72 5.43 -66.96 -1.55
N PHE G 73 4.94 -65.91 -2.18
CA PHE G 73 4.09 -64.93 -1.50
C PHE G 73 2.79 -65.53 -0.96
N ILE G 74 1.96 -66.05 -1.85
CA ILE G 74 0.68 -66.63 -1.47
C ILE G 74 0.79 -67.77 -0.46
N SER G 75 1.80 -68.61 -0.62
CA SER G 75 2.00 -69.74 0.28
C SER G 75 2.26 -69.23 1.69
N ASN G 76 3.22 -68.31 1.81
CA ASN G 76 3.60 -67.74 3.10
C ASN G 76 2.40 -67.00 3.71
N LEU G 77 1.57 -66.42 2.85
CA LEU G 77 0.40 -65.68 3.32
C LEU G 77 -0.67 -66.62 3.84
N LYS G 78 -0.89 -67.73 3.14
CA LYS G 78 -1.89 -68.71 3.56
C LYS G 78 -1.54 -69.25 4.94
N TYR G 79 -0.25 -69.49 5.17
CA TYR G 79 0.21 -70.01 6.45
C TYR G 79 -0.06 -69.01 7.57
N GLN G 80 0.10 -67.72 7.25
CA GLN G 80 -0.14 -66.66 8.23
C GLN G 80 -1.62 -66.61 8.55
N THR G 81 -2.46 -66.85 7.54
CA THR G 81 -3.90 -66.84 7.71
C THR G 81 -4.31 -67.95 8.67
N LEU G 82 -3.77 -69.14 8.45
CA LEU G 82 -4.06 -70.30 9.28
C LEU G 82 -3.66 -70.08 10.74
N LEU G 83 -2.43 -69.63 10.94
CA LEU G 83 -1.91 -69.40 12.29
C LEU G 83 -2.76 -68.45 13.12
N ASP G 84 -2.83 -67.18 12.72
CA ASP G 84 -3.62 -66.21 13.48
C ASP G 84 -5.10 -66.55 13.54
N SER G 85 -5.57 -67.39 12.62
CA SER G 85 -6.97 -67.78 12.64
C SER G 85 -7.19 -68.62 13.89
N ILE G 86 -6.15 -69.35 14.27
CA ILE G 86 -6.20 -70.19 15.47
C ILE G 86 -5.86 -69.36 16.69
N GLN G 87 -4.99 -68.36 16.51
CA GLN G 87 -4.60 -67.48 17.60
C GLN G 87 -5.68 -66.47 17.96
N GLY G 88 -6.78 -66.49 17.21
CA GLY G 88 -7.86 -65.57 17.47
C GLY G 88 -8.89 -66.15 18.44
N ARG G 89 -9.02 -67.48 18.43
CA ARG G 89 -9.97 -68.14 19.31
C ARG G 89 -9.31 -68.94 20.42
N SER G 90 -8.21 -69.62 20.10
CA SER G 90 -7.50 -70.43 21.08
C SER G 90 -7.32 -69.79 22.46
N PRO G 91 -6.71 -68.59 22.52
CA PRO G 91 -6.50 -67.92 23.80
C PRO G 91 -7.74 -67.81 24.69
N ASN G 92 -8.83 -67.29 24.14
CA ASN G 92 -10.07 -67.14 24.91
C ASN G 92 -10.77 -68.46 25.21
N VAL G 93 -10.60 -69.45 24.34
CA VAL G 93 -11.25 -70.73 24.54
C VAL G 93 -10.47 -71.70 25.43
N ALA G 94 -9.16 -71.55 25.46
CA ALA G 94 -8.33 -72.45 26.27
C ALA G 94 -7.68 -71.79 27.50
N LEU G 95 -7.54 -70.46 27.47
CA LEU G 95 -6.91 -69.76 28.58
C LEU G 95 -7.90 -69.10 29.54
N LEU G 96 -8.93 -68.45 28.99
CA LEU G 96 -9.93 -67.77 29.80
C LEU G 96 -10.46 -68.61 30.96
N PRO G 97 -10.90 -69.85 30.69
CA PRO G 97 -11.44 -70.73 31.73
C PRO G 97 -10.43 -71.14 32.81
N LEU G 98 -9.19 -70.71 32.66
CA LEU G 98 -8.16 -71.07 33.63
C LEU G 98 -7.46 -69.89 34.30
N ILE G 99 -7.80 -68.67 33.89
CA ILE G 99 -7.19 -67.48 34.47
C ILE G 99 -7.90 -67.10 35.77
N SER G 100 -7.11 -66.84 36.81
CA SER G 100 -7.67 -66.46 38.10
C SER G 100 -7.33 -65.03 38.51
N ILE G 101 -6.49 -64.38 37.72
CA ILE G 101 -6.12 -62.99 37.99
C ILE G 101 -6.69 -62.09 36.90
N PRO G 102 -7.26 -60.94 37.28
CA PRO G 102 -7.86 -59.97 36.35
C PRO G 102 -6.97 -59.48 35.21
N GLU G 103 -5.87 -58.82 35.55
CA GLU G 103 -4.96 -58.29 34.54
C GLU G 103 -4.64 -59.30 33.44
N LEU G 104 -4.45 -60.56 33.83
CA LEU G 104 -4.13 -61.61 32.87
C LEU G 104 -5.32 -61.95 31.98
N GLU G 105 -6.49 -62.09 32.59
CA GLU G 105 -7.70 -62.42 31.84
C GLU G 105 -7.93 -61.41 30.73
N THR G 106 -8.04 -60.14 31.10
CA THR G 106 -8.26 -59.06 30.15
C THR G 106 -7.24 -59.12 29.01
N TRP G 107 -5.97 -59.30 29.37
CA TRP G 107 -4.91 -59.37 28.38
C TRP G 107 -5.21 -60.45 27.34
N VAL G 108 -5.43 -61.67 27.81
CA VAL G 108 -5.71 -62.80 26.93
C VAL G 108 -6.78 -62.46 25.88
N GLU G 109 -7.82 -61.75 26.30
CA GLU G 109 -8.89 -61.38 25.39
C GLU G 109 -8.44 -60.28 24.45
N THR G 110 -7.63 -59.35 24.96
CA THR G 110 -7.12 -58.25 24.14
C THR G 110 -6.17 -58.86 23.11
N TRP G 111 -5.28 -59.70 23.60
CA TRP G 111 -4.30 -60.38 22.77
C TRP G 111 -5.02 -61.24 21.73
N ALA G 112 -6.01 -62.01 22.17
CA ALA G 112 -6.77 -62.85 21.28
C ALA G 112 -7.51 -61.99 20.26
N PHE G 113 -8.04 -60.86 20.73
CA PHE G 113 -8.76 -59.94 19.85
C PHE G 113 -7.85 -59.40 18.76
N SER G 114 -6.70 -58.88 19.16
CA SER G 114 -5.74 -58.33 18.22
C SER G 114 -5.44 -59.33 17.10
N GLU G 115 -5.51 -60.62 17.44
CA GLU G 115 -5.24 -61.68 16.47
C GLU G 115 -6.35 -61.74 15.42
N THR G 116 -7.59 -61.47 15.83
CA THR G 116 -8.70 -61.49 14.89
C THR G 116 -8.52 -60.39 13.86
N ILE G 117 -7.93 -59.28 14.29
CA ILE G 117 -7.68 -58.15 13.40
C ILE G 117 -6.70 -58.60 12.32
N HIS G 118 -5.72 -59.40 12.71
CA HIS G 118 -4.73 -59.91 11.77
C HIS G 118 -5.43 -60.76 10.73
N SER G 119 -6.31 -61.66 11.19
CA SER G 119 -7.06 -62.53 10.30
C SER G 119 -7.92 -61.68 9.36
N ARG G 120 -8.37 -60.52 9.86
CA ARG G 120 -9.20 -59.62 9.07
C ARG G 120 -8.36 -58.94 7.99
N SER G 121 -7.11 -58.60 8.34
CA SER G 121 -6.22 -57.94 7.39
C SER G 121 -5.87 -58.88 6.24
N TYR G 122 -5.60 -60.14 6.56
CA TYR G 122 -5.26 -61.11 5.53
C TYR G 122 -6.36 -61.14 4.47
N THR G 123 -7.61 -61.19 4.92
CA THR G 123 -8.75 -61.19 4.02
C THR G 123 -8.68 -59.96 3.12
N HIS G 124 -8.37 -58.82 3.73
CA HIS G 124 -8.25 -57.56 3.01
C HIS G 124 -7.19 -57.65 1.93
N ILE G 125 -6.03 -58.20 2.29
CA ILE G 125 -4.93 -58.35 1.35
C ILE G 125 -5.29 -59.29 0.20
N ILE G 126 -5.81 -60.46 0.55
CA ILE G 126 -6.19 -61.46 -0.44
C ILE G 126 -7.20 -60.93 -1.46
N ARG G 127 -8.36 -60.50 -0.98
CA ARG G 127 -9.41 -59.99 -1.86
C ARG G 127 -8.99 -58.77 -2.69
N ASN G 128 -7.78 -58.28 -2.46
CA ASN G 128 -7.29 -57.12 -3.20
C ASN G 128 -6.08 -57.43 -4.08
N ILE G 129 -5.77 -58.72 -4.23
CA ILE G 129 -4.64 -59.13 -5.06
C ILE G 129 -5.04 -60.25 -6.01
N VAL G 130 -6.03 -61.04 -5.59
CA VAL G 130 -6.52 -62.15 -6.41
C VAL G 130 -7.94 -61.87 -6.85
N ASN G 131 -8.40 -62.60 -7.86
CA ASN G 131 -9.75 -62.42 -8.38
C ASN G 131 -10.78 -63.27 -7.64
N ASP G 132 -10.38 -64.49 -7.29
CA ASP G 132 -11.27 -65.40 -6.57
C ASP G 132 -10.65 -65.87 -5.25
N PRO G 133 -10.89 -65.13 -4.16
CA PRO G 133 -10.38 -65.44 -2.82
C PRO G 133 -10.70 -66.84 -2.32
N SER G 134 -11.92 -67.30 -2.58
CA SER G 134 -12.35 -68.63 -2.15
C SER G 134 -11.27 -69.69 -2.38
N VAL G 135 -10.56 -69.57 -3.49
CA VAL G 135 -9.50 -70.52 -3.83
C VAL G 135 -8.43 -70.55 -2.75
N VAL G 136 -7.92 -69.38 -2.39
CA VAL G 136 -6.88 -69.25 -1.38
C VAL G 136 -7.32 -69.76 -0.02
N PHE G 137 -8.58 -69.51 0.33
CA PHE G 137 -9.12 -69.94 1.62
C PHE G 137 -9.45 -71.43 1.70
N ASP G 138 -9.94 -72.00 0.59
CA ASP G 138 -10.28 -73.41 0.57
C ASP G 138 -9.05 -74.31 0.55
N ASP G 139 -7.92 -73.74 0.13
CA ASP G 139 -6.68 -74.49 0.06
C ASP G 139 -6.04 -74.62 1.44
N ILE G 140 -6.18 -73.57 2.26
CA ILE G 140 -5.62 -73.56 3.60
C ILE G 140 -6.09 -74.75 4.44
N VAL G 141 -7.27 -75.28 4.09
CA VAL G 141 -7.84 -76.41 4.82
C VAL G 141 -7.36 -77.76 4.30
N THR G 142 -7.20 -77.89 2.99
CA THR G 142 -6.78 -79.15 2.39
C THR G 142 -5.30 -79.20 2.00
N ASN G 143 -4.65 -78.04 1.96
CA ASN G 143 -3.23 -77.99 1.60
C ASN G 143 -2.46 -78.93 2.51
N GLU G 144 -1.92 -80.00 1.92
CA GLU G 144 -1.16 -81.00 2.66
C GLU G 144 0.06 -80.44 3.37
N GLN G 145 0.86 -79.65 2.65
CA GLN G 145 2.07 -79.06 3.22
C GLN G 145 1.79 -78.09 4.37
N ILE G 146 0.68 -77.38 4.30
CA ILE G 146 0.34 -76.42 5.34
C ILE G 146 -0.11 -77.14 6.61
N GLN G 147 -0.89 -78.21 6.46
CA GLN G 147 -1.39 -78.96 7.60
C GLN G 147 -0.25 -79.75 8.25
N LYS G 148 0.70 -80.20 7.43
CA LYS G 148 1.84 -80.94 7.93
C LYS G 148 2.65 -80.01 8.84
N ARG G 149 2.84 -78.79 8.37
CA ARG G 149 3.59 -77.78 9.11
C ARG G 149 2.79 -77.24 10.29
N ALA G 150 1.49 -77.51 10.29
CA ALA G 150 0.62 -77.04 11.36
C ALA G 150 0.12 -78.20 12.23
N GLU G 151 0.40 -79.43 11.79
CA GLU G 151 -0.01 -80.62 12.51
C GLU G 151 0.53 -80.62 13.95
N GLY G 152 -0.37 -80.51 14.92
CA GLY G 152 0.05 -80.50 16.31
C GLY G 152 -0.43 -79.31 17.10
N ILE G 153 -0.22 -78.11 16.55
CA ILE G 153 -0.64 -76.89 17.23
C ILE G 153 -2.10 -76.93 17.64
N SER G 154 -2.98 -77.26 16.68
CA SER G 154 -4.41 -77.32 16.95
C SER G 154 -4.73 -78.40 17.97
N SER G 155 -4.08 -79.55 17.86
CA SER G 155 -4.30 -80.65 18.77
C SER G 155 -3.84 -80.30 20.18
N TYR G 156 -2.74 -79.57 20.27
CA TYR G 156 -2.19 -79.17 21.56
C TYR G 156 -3.19 -78.36 22.38
N TYR G 157 -3.83 -77.39 21.75
CA TYR G 157 -4.82 -76.56 22.42
C TYR G 157 -6.00 -77.37 22.91
N ASP G 158 -6.61 -78.13 22.00
CA ASP G 158 -7.77 -78.94 22.34
C ASP G 158 -7.52 -79.92 23.48
N GLU G 159 -6.33 -80.52 23.51
CA GLU G 159 -6.00 -81.46 24.57
C GLU G 159 -5.97 -80.77 25.92
N LEU G 160 -5.64 -79.49 25.92
CA LEU G 160 -5.60 -78.70 27.15
C LEU G 160 -7.01 -78.35 27.58
N ILE G 161 -7.84 -77.97 26.62
CA ILE G 161 -9.22 -77.60 26.87
C ILE G 161 -10.01 -78.80 27.39
N GLU G 162 -9.89 -79.92 26.69
CA GLU G 162 -10.60 -81.14 27.08
C GLU G 162 -10.28 -81.50 28.52
N MET G 163 -8.99 -81.54 28.85
CA MET G 163 -8.56 -81.85 30.20
C MET G 163 -9.06 -80.82 31.20
N THR G 164 -9.23 -79.59 30.71
CA THR G 164 -9.72 -78.51 31.56
C THR G 164 -11.19 -78.70 31.88
N SER G 165 -11.98 -79.06 30.87
CA SER G 165 -13.40 -79.28 31.06
C SER G 165 -13.65 -80.41 32.06
N TYR G 166 -12.87 -81.49 31.94
CA TYR G 166 -13.01 -82.63 32.83
C TYR G 166 -12.73 -82.24 34.28
N TRP G 167 -11.75 -81.36 34.47
CA TRP G 167 -11.40 -80.89 35.80
C TRP G 167 -12.52 -80.06 36.40
N HIS G 168 -13.10 -79.19 35.58
CA HIS G 168 -14.19 -78.32 36.02
C HIS G 168 -15.51 -79.08 36.17
N LEU G 169 -15.54 -80.32 35.68
CA LEU G 169 -16.70 -81.17 35.89
C LEU G 169 -16.51 -82.16 37.04
N LEU G 170 -15.36 -82.83 37.08
CA LEU G 170 -15.11 -83.86 38.08
C LEU G 170 -14.00 -83.56 39.10
N GLY G 171 -13.13 -82.62 38.78
CA GLY G 171 -12.00 -82.31 39.65
C GLY G 171 -10.91 -83.37 39.58
N GLU G 172 -10.01 -83.37 40.57
CA GLU G 172 -8.95 -84.37 40.62
C GLU G 172 -9.44 -85.70 41.18
N GLY G 173 -8.71 -86.76 40.87
CA GLY G 173 -9.08 -88.07 41.35
C GLY G 173 -9.29 -89.05 40.21
N THR G 174 -9.89 -90.19 40.52
CA THR G 174 -10.16 -91.23 39.52
C THR G 174 -11.67 -91.42 39.41
N HIS G 175 -12.20 -91.29 38.20
CA HIS G 175 -13.62 -91.45 37.98
C HIS G 175 -13.96 -92.56 36.99
N THR G 176 -15.25 -92.78 36.79
CA THR G 176 -15.72 -93.81 35.86
C THR G 176 -16.76 -93.23 34.91
N VAL G 177 -16.36 -93.06 33.65
CA VAL G 177 -17.24 -92.52 32.62
C VAL G 177 -17.62 -93.59 31.62
N ASN G 178 -18.90 -93.97 31.60
CA ASN G 178 -19.41 -94.99 30.69
C ASN G 178 -18.68 -96.32 30.87
N GLY G 179 -18.21 -96.57 32.09
CA GLY G 179 -17.52 -97.82 32.36
C GLY G 179 -16.02 -97.76 32.09
N LYS G 180 -15.48 -96.55 31.94
CA LYS G 180 -14.05 -96.40 31.68
C LYS G 180 -13.41 -95.48 32.72
N THR G 181 -12.35 -95.98 33.35
CA THR G 181 -11.63 -95.23 34.37
C THR G 181 -10.89 -94.01 33.80
N VAL G 182 -11.28 -92.83 34.27
CA VAL G 182 -10.67 -91.58 33.81
C VAL G 182 -9.93 -90.91 34.97
N THR G 183 -8.61 -90.92 34.91
CA THR G 183 -7.79 -90.32 35.97
C THR G 183 -7.58 -88.83 35.71
N VAL G 184 -8.05 -88.01 36.66
CA VAL G 184 -7.91 -86.56 36.56
C VAL G 184 -6.81 -86.07 37.49
N SER G 185 -5.70 -85.62 36.92
CA SER G 185 -4.58 -85.12 37.71
C SER G 185 -4.26 -83.67 37.37
N LEU G 186 -4.47 -82.78 38.33
CA LEU G 186 -4.20 -81.36 38.13
C LEU G 186 -2.74 -81.16 37.74
N ARG G 187 -1.85 -81.92 38.39
CA ARG G 187 -0.43 -81.82 38.10
C ARG G 187 -0.18 -82.05 36.62
N GLU G 188 -0.95 -82.97 36.03
CA GLU G 188 -0.82 -83.26 34.61
C GLU G 188 -1.43 -82.14 33.77
N LEU G 189 -2.54 -81.59 34.24
CA LEU G 189 -3.21 -80.50 33.54
C LEU G 189 -2.30 -79.27 33.57
N LYS G 190 -1.65 -79.04 34.70
CA LYS G 190 -0.74 -77.92 34.84
C LYS G 190 0.44 -78.14 33.91
N LYS G 191 0.71 -79.40 33.63
CA LYS G 191 1.80 -79.81 32.76
C LYS G 191 1.47 -79.46 31.31
N LYS G 192 0.25 -79.76 30.89
CA LYS G 192 -0.19 -79.47 29.53
C LYS G 192 -0.30 -77.97 29.31
N LEU G 193 -0.90 -77.28 30.28
CA LEU G 193 -1.07 -75.84 30.20
C LEU G 193 0.29 -75.19 29.92
N TYR G 194 1.28 -75.56 30.72
CA TYR G 194 2.63 -75.04 30.57
C TYR G 194 3.19 -75.33 29.18
N LEU G 195 3.40 -76.60 28.88
CA LEU G 195 3.93 -77.01 27.58
C LEU G 195 3.17 -76.36 26.43
N CYS G 196 1.85 -76.33 26.54
CA CYS G 196 1.03 -75.72 25.50
C CYS G 196 1.41 -74.26 25.34
N LEU G 197 1.63 -73.57 26.46
CA LEU G 197 2.01 -72.16 26.42
C LEU G 197 3.34 -72.00 25.69
N MET G 198 4.25 -72.95 25.91
CA MET G 198 5.55 -72.92 25.25
C MET G 198 5.36 -73.08 23.74
N SER G 199 4.42 -73.93 23.36
CA SER G 199 4.12 -74.16 21.95
C SER G 199 3.66 -72.86 21.32
N VAL G 200 2.75 -72.17 22.01
CA VAL G 200 2.21 -70.90 21.52
C VAL G 200 3.37 -69.93 21.32
N ASN G 201 4.15 -69.75 22.37
CA ASN G 201 5.30 -68.85 22.33
C ASN G 201 6.16 -69.12 21.11
N ALA G 202 6.50 -70.39 20.90
CA ALA G 202 7.32 -70.78 19.76
C ALA G 202 6.64 -70.42 18.45
N LEU G 203 5.32 -70.51 18.44
CA LEU G 203 4.53 -70.21 17.25
C LEU G 203 4.50 -68.71 16.96
N GLU G 204 4.26 -67.90 17.98
CA GLU G 204 4.20 -66.45 17.82
C GLU G 204 5.54 -65.74 17.89
N ALA G 205 6.57 -66.44 18.35
CA ALA G 205 7.90 -65.85 18.48
C ALA G 205 8.86 -66.32 17.39
N ILE G 206 8.61 -67.51 16.85
CA ILE G 206 9.48 -68.06 15.81
C ILE G 206 8.75 -68.27 14.48
N ARG G 207 7.79 -69.18 14.48
CA ARG G 207 7.02 -69.48 13.27
C ARG G 207 6.62 -68.24 12.47
N PHE G 208 6.00 -67.28 13.15
CA PHE G 208 5.57 -66.05 12.49
C PHE G 208 6.69 -65.15 11.98
N TYR G 209 7.74 -64.98 12.77
CA TYR G 209 8.85 -64.15 12.33
C TYR G 209 9.49 -64.70 11.06
N VAL G 210 9.49 -66.02 10.93
CA VAL G 210 10.05 -66.65 9.74
C VAL G 210 9.23 -66.22 8.54
N SER G 211 7.91 -66.15 8.73
CA SER G 211 7.01 -65.76 7.67
C SER G 211 7.07 -64.25 7.46
N PHE G 212 7.39 -63.51 8.51
CA PHE G 212 7.49 -62.06 8.42
C PHE G 212 8.63 -61.69 7.48
N ALA G 213 9.80 -62.28 7.74
CA ALA G 213 10.99 -62.02 6.92
C ALA G 213 10.66 -62.15 5.44
N CYS G 214 9.98 -63.23 5.07
CA CYS G 214 9.60 -63.46 3.69
C CYS G 214 8.69 -62.35 3.17
N SER G 215 7.74 -61.94 4.01
CA SER G 215 6.81 -60.88 3.63
C SER G 215 7.54 -59.56 3.42
N PHE G 216 8.56 -59.31 4.23
CA PHE G 216 9.33 -58.09 4.12
C PHE G 216 10.40 -58.18 3.05
N ALA G 217 10.52 -59.35 2.43
CA ALA G 217 11.50 -59.56 1.37
C ALA G 217 11.06 -58.72 0.17
N PHE G 218 9.80 -58.87 -0.21
CA PHE G 218 9.22 -58.13 -1.32
C PHE G 218 9.27 -56.63 -1.02
N ALA G 219 9.12 -56.30 0.27
CA ALA G 219 9.14 -54.91 0.70
C ALA G 219 10.47 -54.26 0.37
N GLU G 220 11.56 -54.96 0.66
CA GLU G 220 12.90 -54.46 0.38
C GLU G 220 13.06 -54.17 -1.11
N ARG G 221 12.27 -54.88 -1.92
CA ARG G 221 12.31 -54.72 -3.37
C ARG G 221 11.25 -53.72 -3.83
N GLU G 222 10.66 -53.03 -2.86
CA GLU G 222 9.64 -52.03 -3.13
C GLU G 222 8.37 -52.64 -3.74
N LEU G 223 8.14 -53.92 -3.45
CA LEU G 223 6.97 -54.62 -3.96
C LEU G 223 6.03 -55.00 -2.82
N MET G 224 4.74 -55.07 -3.12
CA MET G 224 3.73 -55.41 -2.14
C MET G 224 3.75 -54.41 -0.98
N GLU G 225 3.81 -53.14 -1.33
CA GLU G 225 3.83 -52.06 -0.34
C GLU G 225 2.73 -52.26 0.70
N GLY G 226 1.50 -52.41 0.21
CA GLY G 226 0.37 -52.61 1.11
C GLY G 226 0.57 -53.77 2.07
N ASN G 227 1.10 -54.87 1.55
CA ASN G 227 1.34 -56.05 2.37
C ASN G 227 2.34 -55.71 3.48
N ALA G 228 3.43 -55.04 3.09
CA ALA G 228 4.47 -54.64 4.02
C ALA G 228 3.92 -53.87 5.20
N LYS G 229 3.12 -52.84 4.92
CA LYS G 229 2.53 -52.01 5.97
C LYS G 229 1.78 -52.85 7.00
N ILE G 230 0.78 -53.60 6.53
CA ILE G 230 -0.02 -54.44 7.41
C ILE G 230 0.82 -55.38 8.26
N ILE G 231 1.68 -56.16 7.61
CA ILE G 231 2.54 -57.10 8.32
C ILE G 231 3.38 -56.37 9.37
N ARG G 232 3.77 -55.13 9.06
CA ARG G 232 4.56 -54.33 9.97
C ARG G 232 3.81 -54.14 11.29
N LEU G 233 2.53 -53.80 11.19
CA LEU G 233 1.69 -53.60 12.37
C LEU G 233 1.53 -54.93 13.09
N ILE G 234 1.16 -55.96 12.35
CA ILE G 234 0.97 -57.30 12.91
C ILE G 234 2.22 -57.70 13.68
N ALA G 235 3.37 -57.31 13.17
CA ALA G 235 4.65 -57.64 13.80
C ALA G 235 4.81 -56.88 15.12
N ARG G 236 4.50 -55.58 15.10
CA ARG G 236 4.62 -54.76 16.30
C ARG G 236 3.75 -55.33 17.42
N ASP G 237 2.63 -55.95 17.06
CA ASP G 237 1.74 -56.52 18.06
C ASP G 237 2.22 -57.91 18.46
N GLU G 238 2.54 -58.73 17.46
CA GLU G 238 3.02 -60.08 17.71
C GLU G 238 4.18 -60.06 18.69
N ALA G 239 4.91 -58.94 18.71
CA ALA G 239 6.05 -58.78 19.60
C ALA G 239 5.59 -58.85 21.05
N LEU G 240 4.54 -58.09 21.37
CA LEU G 240 4.00 -58.07 22.72
C LEU G 240 3.37 -59.42 23.05
N HIS G 241 2.79 -60.04 22.04
CA HIS G 241 2.15 -61.34 22.19
C HIS G 241 3.11 -62.38 22.77
N LEU G 242 4.23 -62.59 22.08
CA LEU G 242 5.22 -63.56 22.51
C LEU G 242 5.81 -63.17 23.87
N THR G 243 6.01 -61.87 24.08
CA THR G 243 6.55 -61.37 25.33
C THR G 243 5.69 -61.85 26.49
N GLY G 244 4.37 -61.81 26.28
CA GLY G 244 3.45 -62.24 27.32
C GLY G 244 3.70 -63.67 27.74
N THR G 245 3.66 -64.59 26.78
CA THR G 245 3.89 -66.01 27.06
C THR G 245 5.27 -66.24 27.69
N GLN G 246 6.27 -65.49 27.24
CA GLN G 246 7.62 -65.62 27.77
C GLN G 246 7.59 -65.39 29.28
N HIS G 247 7.00 -64.27 29.69
CA HIS G 247 6.91 -63.94 31.11
C HIS G 247 6.05 -64.94 31.87
N MET G 248 4.95 -65.37 31.25
CA MET G 248 4.06 -66.35 31.88
C MET G 248 4.80 -67.63 32.19
N LEU G 249 5.43 -68.20 31.16
CA LEU G 249 6.18 -69.44 31.31
C LEU G 249 7.35 -69.30 32.28
N ASN G 250 8.09 -68.19 32.18
CA ASN G 250 9.23 -67.97 33.06
C ASN G 250 8.79 -67.87 34.52
N LEU G 251 7.72 -67.13 34.77
CA LEU G 251 7.19 -66.97 36.12
C LEU G 251 6.79 -68.31 36.71
N LEU G 252 6.23 -69.17 35.85
CA LEU G 252 5.80 -70.51 36.27
C LEU G 252 7.01 -71.37 36.58
N ARG G 253 8.14 -71.05 35.95
CA ARG G 253 9.37 -71.79 36.14
C ARG G 253 10.16 -71.34 37.37
N SER G 254 9.98 -70.08 37.77
CA SER G 254 10.68 -69.55 38.93
C SER G 254 9.97 -69.98 40.22
N GLY G 255 8.79 -70.58 40.07
CA GLY G 255 8.03 -71.02 41.23
C GLY G 255 7.43 -69.86 41.97
N ALA G 256 7.86 -68.64 41.63
CA ALA G 256 7.36 -67.43 42.27
C ALA G 256 5.85 -67.46 42.42
N ASP G 257 5.15 -67.87 41.36
CA ASP G 257 3.67 -67.92 41.36
C ASP G 257 2.97 -69.20 41.90
N ASP G 258 3.39 -70.37 41.42
CA ASP G 258 2.98 -71.64 42.00
C ASP G 258 4.14 -72.64 42.02
N PRO G 259 4.59 -73.01 43.23
CA PRO G 259 5.70 -73.95 43.44
C PRO G 259 5.59 -75.23 42.61
N GLU G 260 4.37 -75.78 42.53
CA GLU G 260 4.15 -77.00 41.77
C GLU G 260 4.53 -76.84 40.31
N MET G 261 4.20 -75.69 39.73
CA MET G 261 4.54 -75.42 38.33
C MET G 261 6.04 -75.31 38.16
N ALA G 262 6.73 -74.89 39.22
CA ALA G 262 8.18 -74.75 39.19
C ALA G 262 8.78 -76.15 38.96
N GLU G 263 8.26 -77.11 39.71
CA GLU G 263 8.72 -78.50 39.59
C GLU G 263 8.39 -79.04 38.20
N ILE G 264 7.15 -78.81 37.77
CA ILE G 264 6.69 -79.27 36.47
C ILE G 264 7.60 -78.75 35.35
N ALA G 265 7.89 -77.46 35.41
CA ALA G 265 8.75 -76.83 34.41
C ALA G 265 10.06 -77.59 34.24
N GLU G 266 10.67 -77.96 35.37
CA GLU G 266 11.93 -78.68 35.35
C GLU G 266 11.75 -80.12 34.88
N GLU G 267 10.59 -80.70 35.18
CA GLU G 267 10.29 -82.06 34.79
C GLU G 267 9.87 -82.19 33.32
N CYS G 268 9.58 -81.06 32.69
CA CYS G 268 9.18 -81.04 31.29
C CYS G 268 10.31 -80.46 30.45
N LYS G 269 11.39 -80.07 31.13
CA LYS G 269 12.55 -79.48 30.49
C LYS G 269 12.86 -80.05 29.11
N GLN G 270 13.00 -81.37 29.04
CA GLN G 270 13.31 -82.04 27.77
C GLN G 270 12.22 -81.80 26.72
N GLU G 271 10.96 -81.93 27.12
CA GLU G 271 9.85 -81.74 26.20
C GLU G 271 9.86 -80.36 25.57
N CYS G 272 9.97 -79.31 26.40
CA CYS G 272 10.01 -77.95 25.88
C CYS G 272 11.11 -77.82 24.84
N TYR G 273 12.27 -78.42 25.15
CA TYR G 273 13.41 -78.37 24.26
C TYR G 273 13.13 -79.14 22.97
N ASP G 274 12.43 -80.26 23.08
CA ASP G 274 12.11 -81.06 21.91
C ASP G 274 11.11 -80.33 21.01
N LEU G 275 10.05 -79.81 21.62
CA LEU G 275 9.03 -79.08 20.88
C LEU G 275 9.67 -77.97 20.06
N PHE G 276 10.55 -77.21 20.71
CA PHE G 276 11.25 -76.10 20.06
C PHE G 276 12.06 -76.58 18.85
N VAL G 277 12.84 -77.64 19.03
CA VAL G 277 13.64 -78.17 17.93
C VAL G 277 12.74 -78.65 16.81
N GLN G 278 11.69 -79.40 17.18
CA GLN G 278 10.74 -79.93 16.22
C GLN G 278 10.08 -78.78 15.45
N ALA G 279 9.64 -77.77 16.19
CA ALA G 279 8.99 -76.60 15.58
C ALA G 279 9.91 -75.93 14.58
N ALA G 280 11.12 -75.60 15.02
CA ALA G 280 12.11 -74.95 14.16
C ALA G 280 12.40 -75.81 12.94
N GLN G 281 12.23 -77.12 13.09
CA GLN G 281 12.47 -78.05 12.00
C GLN G 281 11.36 -77.98 10.97
N GLN G 282 10.12 -77.93 11.44
CA GLN G 282 8.96 -77.85 10.56
C GLN G 282 9.08 -76.61 9.67
N GLU G 283 9.76 -75.59 10.19
CA GLU G 283 9.96 -74.34 9.44
C GLU G 283 11.01 -74.58 8.37
N LYS G 284 12.14 -75.16 8.77
CA LYS G 284 13.23 -75.45 7.85
C LYS G 284 12.73 -76.22 6.64
N ASP G 285 11.98 -77.29 6.89
CA ASP G 285 11.44 -78.12 5.81
C ASP G 285 10.54 -77.35 4.86
N TRP G 286 9.79 -76.39 5.40
CA TRP G 286 8.90 -75.58 4.57
C TRP G 286 9.65 -74.87 3.45
N ALA G 287 10.93 -74.58 3.69
CA ALA G 287 11.76 -73.90 2.71
C ALA G 287 11.72 -74.62 1.36
N ASP G 288 11.81 -75.94 1.39
CA ASP G 288 11.79 -76.74 0.17
C ASP G 288 10.53 -76.53 -0.65
N TYR G 289 9.38 -76.77 -0.02
CA TYR G 289 8.10 -76.61 -0.69
C TYR G 289 7.86 -75.17 -1.14
N LEU G 290 8.54 -74.24 -0.49
CA LEU G 290 8.39 -72.82 -0.80
C LEU G 290 9.21 -72.41 -2.02
N PHE G 291 10.39 -73.01 -2.18
CA PHE G 291 11.25 -72.68 -3.32
C PHE G 291 11.39 -73.85 -4.28
N ARG G 292 10.42 -74.77 -4.24
CA ARG G 292 10.47 -75.94 -5.12
C ARG G 292 10.49 -75.54 -6.59
N ASP G 293 10.05 -74.32 -6.87
CA ASP G 293 10.02 -73.82 -8.24
C ASP G 293 11.07 -72.75 -8.47
N GLY G 294 11.97 -72.60 -7.49
CA GLY G 294 13.01 -71.60 -7.60
C GLY G 294 12.95 -70.60 -6.47
N SER G 295 14.10 -70.01 -6.14
CA SER G 295 14.22 -69.15 -4.96
C SER G 295 14.36 -67.66 -5.28
N MET G 296 13.59 -66.85 -4.54
CA MET G 296 13.59 -65.40 -4.71
C MET G 296 14.89 -64.76 -4.22
N ILE G 297 15.18 -63.57 -4.76
CA ILE G 297 16.43 -62.88 -4.47
C ILE G 297 16.58 -62.48 -3.00
N GLY G 298 17.81 -62.58 -2.50
CA GLY G 298 18.12 -62.34 -1.11
C GLY G 298 17.28 -63.21 -0.19
N LEU G 299 16.72 -64.28 -0.75
CA LEU G 299 15.88 -65.20 0.02
C LEU G 299 15.83 -66.58 -0.63
N ASN G 300 16.41 -67.57 0.05
CA ASN G 300 16.44 -68.93 -0.46
C ASN G 300 16.45 -69.91 0.72
N LYS G 301 16.52 -71.20 0.42
CA LYS G 301 16.52 -72.22 1.48
C LYS G 301 17.64 -72.00 2.49
N ASP G 302 18.82 -71.62 2.00
CA ASP G 302 19.95 -71.38 2.90
C ASP G 302 19.61 -70.23 3.84
N ILE G 303 19.45 -69.04 3.29
CA ILE G 303 19.13 -67.85 4.08
C ILE G 303 18.09 -68.14 5.16
N LEU G 304 17.02 -68.86 4.79
CA LEU G 304 15.98 -69.19 5.74
C LEU G 304 16.47 -70.09 6.86
N CYS G 305 17.13 -71.19 6.48
CA CYS G 305 17.67 -72.11 7.48
C CYS G 305 18.61 -71.37 8.42
N GLN G 306 19.28 -70.36 7.88
CA GLN G 306 20.21 -69.55 8.65
C GLN G 306 19.45 -68.68 9.64
N TYR G 307 18.32 -68.14 9.19
CA TYR G 307 17.49 -67.28 10.02
C TYR G 307 16.80 -68.07 11.13
N VAL G 308 16.17 -69.19 10.74
CA VAL G 308 15.48 -70.04 11.70
C VAL G 308 16.37 -70.38 12.89
N GLU G 309 17.64 -70.68 12.63
CA GLU G 309 18.58 -71.02 13.68
C GLU G 309 18.89 -69.78 14.53
N TYR G 310 19.08 -68.65 13.87
CA TYR G 310 19.37 -67.40 14.55
C TYR G 310 18.24 -67.02 15.50
N ILE G 311 17.04 -66.91 14.96
CA ILE G 311 15.85 -66.55 15.74
C ILE G 311 15.60 -67.52 16.88
N THR G 312 15.36 -68.79 16.54
CA THR G 312 15.09 -69.82 17.54
C THR G 312 16.01 -69.73 18.75
N ASN G 313 17.32 -69.71 18.51
CA ASN G 313 18.29 -69.63 19.60
C ASN G 313 17.95 -68.52 20.58
N ILE G 314 17.71 -67.32 20.06
CA ILE G 314 17.37 -66.17 20.89
C ILE G 314 16.09 -66.41 21.69
N ARG G 315 15.12 -67.04 21.04
CA ARG G 315 13.84 -67.32 21.69
C ARG G 315 13.99 -68.32 22.84
N MET G 316 14.56 -69.48 22.55
CA MET G 316 14.77 -70.51 23.55
C MET G 316 15.61 -70.05 24.73
N GLN G 317 16.57 -69.17 24.47
CA GLN G 317 17.43 -68.66 25.52
C GLN G 317 16.68 -67.70 26.42
N ALA G 318 15.64 -67.07 25.87
CA ALA G 318 14.84 -66.11 26.61
C ALA G 318 13.87 -66.80 27.57
N VAL G 319 13.66 -68.10 27.37
CA VAL G 319 12.75 -68.85 28.22
C VAL G 319 13.49 -69.84 29.13
N GLY G 320 14.82 -69.83 29.06
CA GLY G 320 15.62 -70.70 29.90
C GLY G 320 15.91 -72.07 29.31
N LEU G 321 16.22 -72.12 28.01
CA LEU G 321 16.52 -73.38 27.35
C LEU G 321 17.84 -73.30 26.59
N ASP G 322 18.49 -74.44 26.42
CA ASP G 322 19.76 -74.50 25.71
C ASP G 322 19.57 -74.22 24.22
N LEU G 323 20.64 -73.77 23.57
CA LEU G 323 20.60 -73.46 22.15
C LEU G 323 20.94 -74.69 21.31
N PRO G 324 19.94 -75.25 20.60
CA PRO G 324 20.12 -76.43 19.76
C PRO G 324 20.77 -76.14 18.41
N PHE G 325 20.82 -74.86 18.04
CA PHE G 325 21.41 -74.45 16.77
C PHE G 325 22.76 -73.78 16.92
N GLN G 326 23.51 -73.71 15.81
CA GLN G 326 24.82 -73.10 15.77
C GLN G 326 24.70 -71.58 15.87
N THR G 327 25.44 -70.98 16.80
CA THR G 327 25.41 -69.54 16.99
C THR G 327 25.91 -68.81 15.75
N ARG G 328 25.32 -67.65 15.49
CA ARG G 328 25.70 -66.83 14.34
C ARG G 328 25.05 -65.45 14.40
N SER G 329 25.66 -64.51 13.67
CA SER G 329 25.18 -63.14 13.53
C SER G 329 23.95 -63.02 12.63
N ASN G 330 23.20 -61.92 12.79
CA ASN G 330 21.92 -61.77 12.10
C ASN G 330 22.10 -62.08 10.61
N PRO G 331 21.41 -63.12 10.12
CA PRO G 331 21.49 -63.51 8.70
C PRO G 331 20.78 -62.54 7.77
N ILE G 332 19.91 -61.70 8.34
CA ILE G 332 19.18 -60.72 7.55
C ILE G 332 18.92 -59.43 8.34
N PRO G 333 19.99 -58.67 8.63
CA PRO G 333 19.91 -57.41 9.39
C PRO G 333 18.90 -56.41 8.85
N TRP G 334 18.42 -56.65 7.63
CA TRP G 334 17.45 -55.75 7.01
C TRP G 334 16.07 -55.86 7.66
N ILE G 335 15.81 -56.98 8.32
CA ILE G 335 14.53 -57.20 8.97
C ILE G 335 14.36 -56.28 10.18
N ASN G 336 15.49 -55.81 10.72
CA ASN G 336 15.48 -54.92 11.87
C ASN G 336 14.77 -53.60 11.52
N THR G 337 14.78 -53.25 10.24
CA THR G 337 14.16 -52.03 9.77
C THR G 337 12.64 -52.06 9.95
N TRP G 338 12.08 -53.26 10.00
CA TRP G 338 10.64 -53.43 10.16
C TRP G 338 10.22 -53.69 11.59
N LEU G 339 10.94 -54.59 12.27
CA LEU G 339 10.63 -54.94 13.65
C LEU G 339 11.23 -53.92 14.61
N SER G 363 39.15 -12.39 17.05
CA SER G 363 40.19 -11.91 16.10
C SER G 363 40.91 -10.68 16.64
N GLU G 364 42.12 -10.90 17.16
CA GLU G 364 42.93 -9.82 17.72
C GLU G 364 44.28 -10.37 18.14
N VAL G 365 45.21 -9.47 18.47
CA VAL G 365 46.55 -9.87 18.89
C VAL G 365 46.98 -9.14 20.16
N ASP G 366 47.74 -9.85 21.00
CA ASP G 366 48.22 -9.29 22.25
C ASP G 366 49.74 -9.38 22.31
N THR G 367 50.41 -8.49 21.58
CA THR G 367 51.87 -8.45 21.51
C THR G 367 52.55 -8.79 22.84
N ASP G 368 52.03 -8.21 23.92
CA ASP G 368 52.53 -8.42 25.26
C ASP G 368 52.47 -9.87 25.72
N ASP G 369 51.26 -10.44 25.68
CA ASP G 369 51.06 -11.82 26.11
C ASP G 369 51.77 -12.82 25.20
N LEU G 370 52.29 -12.35 24.08
CA LEU G 370 52.99 -13.21 23.12
C LEU G 370 54.50 -13.17 23.34
N SER G 371 55.02 -11.99 23.65
CA SER G 371 56.46 -11.81 23.86
C SER G 371 57.03 -12.72 24.94
N ASN G 372 56.17 -13.15 25.86
CA ASN G 372 56.58 -14.01 26.96
C ASN G 372 56.99 -15.40 26.47
N PHE G 373 56.51 -15.77 25.30
CA PHE G 373 56.80 -17.08 24.72
C PHE G 373 58.25 -17.18 24.25
N GLN G 374 58.90 -18.29 24.58
CA GLN G 374 60.29 -18.51 24.17
C GLN G 374 60.36 -19.22 22.83
N LEU G 375 61.13 -18.65 21.91
CA LEU G 375 61.28 -19.23 20.58
C LEU G 375 62.30 -20.37 20.59
N ALA H 1 -14.96 -83.44 21.62
CA ALA H 1 -15.85 -83.12 20.46
C ALA H 1 -15.53 -81.74 19.90
N TYR H 2 -14.86 -80.91 20.71
CA TYR H 2 -14.49 -79.57 20.28
C TYR H 2 -13.05 -79.54 19.82
N THR H 3 -12.75 -78.65 18.87
CA THR H 3 -11.40 -78.51 18.34
C THR H 3 -11.18 -77.09 17.82
N THR H 4 -10.16 -76.43 18.34
CA THR H 4 -9.84 -75.06 17.93
C THR H 4 -9.77 -74.94 16.42
N PHE H 5 -9.47 -76.05 15.75
CA PHE H 5 -9.37 -76.03 14.30
C PHE H 5 -9.82 -77.36 13.68
N SER H 6 -11.06 -77.40 13.22
CA SER H 6 -11.60 -78.61 12.59
C SER H 6 -10.90 -78.83 11.25
N GLN H 7 -10.26 -79.98 11.12
CA GLN H 7 -9.44 -80.29 9.96
C GLN H 7 -10.22 -80.36 8.65
N THR H 8 -11.40 -80.97 8.71
CA THR H 8 -12.19 -81.14 7.50
C THR H 8 -12.68 -79.81 6.96
N LYS H 9 -12.57 -79.64 5.64
CA LYS H 9 -13.08 -78.45 4.99
C LYS H 9 -14.61 -78.48 4.98
N ASN H 10 -15.24 -77.32 5.14
CA ASN H 10 -16.69 -77.24 5.08
C ASN H 10 -17.13 -75.85 4.63
N ASP H 11 -18.30 -75.79 4.00
CA ASP H 11 -18.84 -74.52 3.55
C ASP H 11 -19.41 -73.78 4.75
N GLN H 12 -18.69 -72.74 5.20
CA GLN H 12 -19.12 -71.96 6.36
C GLN H 12 -20.40 -71.18 6.13
N LEU H 13 -20.83 -71.08 4.87
CA LEU H 13 -22.05 -70.36 4.53
C LEU H 13 -23.29 -71.21 4.76
N LYS H 14 -23.09 -72.51 4.97
CA LYS H 14 -24.19 -73.43 5.20
C LYS H 14 -24.21 -73.91 6.65
N GLU H 15 -23.20 -73.52 7.42
CA GLU H 15 -23.11 -73.92 8.81
C GLU H 15 -24.08 -73.13 9.69
N PRO H 16 -24.74 -73.82 10.64
CA PRO H 16 -25.70 -73.15 11.53
C PRO H 16 -24.93 -72.24 12.48
N MET H 17 -25.58 -71.18 12.95
CA MET H 17 -24.93 -70.25 13.87
C MET H 17 -24.19 -70.98 14.99
N PHE H 18 -24.85 -71.93 15.62
CA PHE H 18 -24.28 -72.65 16.75
C PHE H 18 -24.48 -74.15 16.65
N PHE H 19 -23.54 -74.91 17.20
CA PHE H 19 -23.62 -76.37 17.21
C PHE H 19 -23.17 -76.97 15.88
N GLY H 20 -22.65 -76.13 15.00
CA GLY H 20 -22.19 -76.60 13.71
C GLY H 20 -20.74 -77.04 13.81
N GLN H 21 -20.08 -77.21 12.67
CA GLN H 21 -18.68 -77.63 12.67
C GLN H 21 -17.81 -76.49 13.20
N PRO H 22 -16.95 -76.77 14.19
CA PRO H 22 -16.06 -75.76 14.76
C PRO H 22 -15.34 -74.95 13.69
N VAL H 23 -15.56 -73.65 13.70
CA VAL H 23 -14.93 -72.75 12.74
C VAL H 23 -13.43 -73.02 12.64
N ASN H 24 -12.95 -73.25 11.42
CA ASN H 24 -11.54 -73.54 11.19
C ASN H 24 -10.69 -72.39 10.61
N VAL H 25 -11.25 -71.69 9.63
CA VAL H 25 -10.52 -70.62 8.92
C VAL H 25 -11.24 -69.30 9.07
N ALA H 26 -10.50 -68.23 9.36
CA ALA H 26 -11.15 -66.96 9.67
C ALA H 26 -11.15 -66.03 8.47
N ARG H 27 -12.17 -66.14 7.64
CA ARG H 27 -12.30 -65.30 6.45
C ARG H 27 -13.43 -64.29 6.64
N TYR H 28 -13.27 -63.12 6.03
CA TYR H 28 -14.25 -62.06 6.15
C TYR H 28 -14.68 -61.54 4.77
N ASP H 29 -14.58 -62.40 3.77
CA ASP H 29 -14.95 -62.04 2.41
C ASP H 29 -16.39 -62.45 2.11
N GLN H 30 -16.98 -63.23 3.00
CA GLN H 30 -18.34 -63.71 2.84
C GLN H 30 -18.98 -63.97 4.19
N GLN H 31 -20.30 -63.79 4.27
CA GLN H 31 -21.02 -64.02 5.53
C GLN H 31 -22.41 -64.59 5.25
N LYS H 32 -22.82 -65.56 6.06
CA LYS H 32 -24.14 -66.15 5.93
C LYS H 32 -25.14 -65.08 6.36
N TYR H 33 -24.70 -64.28 7.33
CA TYR H 33 -25.49 -63.18 7.86
C TYR H 33 -24.56 -61.96 7.97
N ASP H 34 -24.74 -61.02 7.07
CA ASP H 34 -23.88 -59.84 6.96
C ASP H 34 -23.93 -59.00 8.22
N ILE H 35 -25.01 -59.12 8.98
CA ILE H 35 -25.25 -58.25 10.13
C ILE H 35 -24.14 -58.34 11.19
N PHE H 36 -23.63 -59.53 11.48
CA PHE H 36 -22.52 -59.61 12.41
C PHE H 36 -21.30 -58.86 11.87
N GLU H 37 -20.95 -59.15 10.62
CA GLU H 37 -19.80 -58.48 9.99
C GLU H 37 -19.96 -56.97 10.11
N LYS H 38 -21.16 -56.48 9.80
CA LYS H 38 -21.44 -55.05 9.89
C LYS H 38 -21.26 -54.56 11.32
N LEU H 39 -21.60 -55.43 12.28
CA LEU H 39 -21.46 -55.09 13.69
C LEU H 39 -19.99 -54.94 14.05
N ILE H 40 -19.19 -55.93 13.67
CA ILE H 40 -17.75 -55.90 13.94
C ILE H 40 -17.18 -54.60 13.41
N GLU H 41 -17.54 -54.27 12.17
CA GLU H 41 -17.07 -53.06 11.52
C GLU H 41 -17.45 -51.81 12.32
N LYS H 42 -18.75 -51.60 12.49
CA LYS H 42 -19.25 -50.45 13.23
C LYS H 42 -18.58 -50.31 14.58
N GLN H 43 -18.42 -51.42 15.29
CA GLN H 43 -17.79 -51.41 16.61
C GLN H 43 -16.35 -50.93 16.50
N LEU H 44 -15.64 -51.43 15.49
CA LEU H 44 -14.25 -51.04 15.28
C LEU H 44 -14.10 -49.54 15.14
N SER H 45 -14.99 -48.92 14.38
CA SER H 45 -14.95 -47.47 14.17
C SER H 45 -15.34 -46.73 15.44
N PHE H 46 -15.81 -47.48 16.44
CA PHE H 46 -16.21 -46.88 17.71
C PHE H 46 -15.14 -47.05 18.78
N PHE H 47 -14.00 -47.61 18.40
CA PHE H 47 -12.90 -47.82 19.34
C PHE H 47 -12.54 -46.53 20.05
N TRP H 48 -12.76 -46.49 21.36
CA TRP H 48 -12.43 -45.33 22.16
C TRP H 48 -11.48 -45.75 23.28
N ARG H 49 -10.96 -44.79 24.02
CA ARG H 49 -10.04 -45.10 25.10
C ARG H 49 -10.33 -44.22 26.32
N PRO H 50 -10.68 -44.84 27.45
CA PRO H 50 -10.99 -44.16 28.71
C PRO H 50 -9.94 -43.14 29.18
N GLU H 51 -8.67 -43.50 29.04
CA GLU H 51 -7.58 -42.64 29.48
C GLU H 51 -7.60 -41.23 28.89
N GLU H 52 -8.26 -41.05 27.75
CA GLU H 52 -8.32 -39.73 27.12
C GLU H 52 -9.58 -38.94 27.44
N VAL H 53 -10.42 -39.48 28.31
CA VAL H 53 -11.65 -38.80 28.70
C VAL H 53 -11.40 -38.00 29.97
N ASP H 54 -11.46 -36.68 29.85
CA ASP H 54 -11.22 -35.80 30.99
C ASP H 54 -12.23 -36.01 32.12
N VAL H 55 -11.75 -36.53 33.23
CA VAL H 55 -12.57 -36.79 34.41
C VAL H 55 -11.94 -36.10 35.61
N SER H 56 -11.16 -35.07 35.35
CA SER H 56 -10.47 -34.33 36.40
C SER H 56 -11.39 -33.48 37.27
N ARG H 57 -12.42 -32.90 36.67
CA ARG H 57 -13.36 -32.07 37.42
C ARG H 57 -14.47 -32.88 38.07
N ASP H 58 -14.43 -34.19 37.87
CA ASP H 58 -15.44 -35.08 38.45
C ASP H 58 -15.25 -35.32 39.94
N ARG H 59 -13.99 -35.44 40.37
CA ARG H 59 -13.71 -35.67 41.78
C ARG H 59 -14.37 -34.62 42.66
N ILE H 60 -14.07 -33.36 42.42
CA ILE H 60 -14.66 -32.27 43.20
C ILE H 60 -16.18 -32.29 43.19
N ASP H 61 -16.78 -32.45 42.01
CA ASP H 61 -18.23 -32.50 41.91
C ASP H 61 -18.79 -33.57 42.82
N TYR H 62 -18.28 -34.78 42.69
CA TYR H 62 -18.71 -35.91 43.51
C TYR H 62 -18.68 -35.55 44.99
N GLN H 63 -17.60 -34.88 45.40
CA GLN H 63 -17.44 -34.48 46.80
C GLN H 63 -18.46 -33.44 47.24
N ALA H 64 -18.90 -32.61 46.29
CA ALA H 64 -19.86 -31.56 46.59
C ALA H 64 -21.30 -32.08 46.57
N LEU H 65 -21.46 -33.36 46.23
CA LEU H 65 -22.79 -33.96 46.18
C LEU H 65 -23.29 -34.40 47.55
N PRO H 66 -24.59 -34.26 47.80
CA PRO H 66 -25.16 -34.67 49.08
C PRO H 66 -24.84 -36.14 49.31
N GLU H 67 -25.04 -36.64 50.52
CA GLU H 67 -24.73 -38.04 50.79
C GLU H 67 -25.66 -39.02 50.10
N HIS H 68 -26.93 -38.66 49.95
CA HIS H 68 -27.88 -39.54 49.29
C HIS H 68 -27.62 -39.51 47.79
N GLU H 69 -26.87 -38.49 47.34
CA GLU H 69 -26.54 -38.36 45.94
C GLU H 69 -25.23 -39.07 45.63
N LYS H 70 -24.29 -39.05 46.58
CA LYS H 70 -23.02 -39.74 46.40
C LYS H 70 -23.40 -41.22 46.34
N HIS H 71 -24.40 -41.56 47.14
CA HIS H 71 -24.92 -42.92 47.23
C HIS H 71 -25.46 -43.37 45.88
N ILE H 72 -26.37 -42.58 45.31
CA ILE H 72 -26.98 -42.90 44.03
C ILE H 72 -25.94 -43.14 42.95
N PHE H 73 -25.00 -42.21 42.81
CA PHE H 73 -23.95 -42.31 41.80
C PHE H 73 -23.08 -43.56 41.94
N ILE H 74 -22.40 -43.68 43.08
CA ILE H 74 -21.51 -44.81 43.31
C ILE H 74 -22.20 -46.16 43.24
N SER H 75 -23.44 -46.24 43.75
CA SER H 75 -24.18 -47.49 43.72
C SER H 75 -24.43 -47.92 42.27
N ASN H 76 -24.97 -47.00 41.49
CA ASN H 76 -25.27 -47.26 40.08
C ASN H 76 -23.99 -47.60 39.32
N LEU H 77 -22.88 -47.00 39.73
CA LEU H 77 -21.59 -47.25 39.09
C LEU H 77 -21.07 -48.64 39.41
N LYS H 78 -21.17 -49.05 40.67
CA LYS H 78 -20.72 -50.37 41.09
C LYS H 78 -21.45 -51.45 40.31
N TYR H 79 -22.76 -51.26 40.13
CA TYR H 79 -23.58 -52.22 39.40
C TYR H 79 -23.11 -52.33 37.95
N GLN H 80 -22.71 -51.20 37.38
CA GLN H 80 -22.24 -51.17 36.00
C GLN H 80 -20.91 -51.91 35.92
N THR H 81 -20.10 -51.78 36.96
CA THR H 81 -18.81 -52.44 37.03
C THR H 81 -19.01 -53.96 37.03
N LEU H 82 -19.93 -54.41 37.86
CA LEU H 82 -20.24 -55.84 37.97
C LEU H 82 -20.74 -56.43 36.67
N LEU H 83 -21.72 -55.77 36.05
CA LEU H 83 -22.30 -56.25 34.81
C LEU H 83 -21.29 -56.46 33.69
N ASP H 84 -20.66 -55.38 33.22
CA ASP H 84 -19.68 -55.50 32.15
C ASP H 84 -18.47 -56.35 32.52
N SER H 85 -18.24 -56.54 33.81
CA SER H 85 -17.12 -57.35 34.25
C SER H 85 -17.42 -58.79 33.84
N ILE H 86 -18.72 -59.11 33.84
CA ILE H 86 -19.18 -60.44 33.45
C ILE H 86 -19.33 -60.50 31.94
N GLN H 87 -19.71 -59.38 31.35
CA GLN H 87 -19.89 -59.30 29.90
C GLN H 87 -18.57 -59.24 29.15
N GLY H 88 -17.48 -59.23 29.90
CA GLY H 88 -16.16 -59.19 29.27
C GLY H 88 -15.61 -60.58 29.04
N ARG H 89 -16.01 -61.53 29.87
CA ARG H 89 -15.53 -62.90 29.75
C ARG H 89 -16.60 -63.88 29.29
N SER H 90 -17.82 -63.72 29.81
CA SER H 90 -18.93 -64.61 29.47
C SER H 90 -19.04 -64.95 27.99
N PRO H 91 -19.15 -63.94 27.12
CA PRO H 91 -19.27 -64.18 25.68
C PRO H 91 -18.23 -65.16 25.10
N ASN H 92 -16.96 -64.88 25.34
CA ASN H 92 -15.89 -65.73 24.82
C ASN H 92 -15.81 -67.09 25.50
N VAL H 93 -16.21 -67.17 26.77
CA VAL H 93 -16.14 -68.42 27.51
C VAL H 93 -17.37 -69.32 27.31
N ALA H 94 -18.52 -68.72 27.00
CA ALA H 94 -19.74 -69.50 26.82
C ALA H 94 -20.25 -69.56 25.39
N LEU H 95 -19.86 -68.59 24.57
CA LEU H 95 -20.32 -68.55 23.18
C LEU H 95 -19.31 -69.07 22.16
N LEU H 96 -18.04 -68.71 22.34
CA LEU H 96 -16.99 -69.14 21.44
C LEU H 96 -16.99 -70.64 21.14
N PRO H 97 -17.03 -71.49 22.17
CA PRO H 97 -17.04 -72.94 21.98
C PRO H 97 -18.27 -73.50 21.26
N LEU H 98 -19.23 -72.63 20.95
CA LEU H 98 -20.45 -73.07 20.30
C LEU H 98 -20.73 -72.42 18.94
N ILE H 99 -19.88 -71.46 18.56
CA ILE H 99 -20.06 -70.78 17.27
C ILE H 99 -19.46 -71.60 16.14
N SER H 100 -20.23 -71.75 15.06
CA SER H 100 -19.78 -72.52 13.91
C SER H 100 -19.59 -71.67 12.66
N ILE H 101 -20.00 -70.41 12.73
CA ILE H 101 -19.83 -69.50 11.61
C ILE H 101 -18.81 -68.43 11.97
N PRO H 102 -17.90 -68.10 11.03
CA PRO H 102 -16.84 -67.10 11.23
C PRO H 102 -17.29 -65.72 11.69
N GLU H 103 -18.07 -65.03 10.86
CA GLU H 103 -18.55 -63.69 11.18
C GLU H 103 -19.06 -63.57 12.61
N LEU H 104 -19.78 -64.60 13.07
CA LEU H 104 -20.33 -64.59 14.42
C LEU H 104 -19.25 -64.74 15.48
N GLU H 105 -18.33 -65.68 15.27
CA GLU H 105 -17.25 -65.91 16.21
C GLU H 105 -16.48 -64.61 16.48
N THR H 106 -15.94 -64.03 15.41
CA THR H 106 -15.18 -62.80 15.51
C THR H 106 -15.95 -61.73 16.27
N TRP H 107 -17.23 -61.58 15.93
CA TRP H 107 -18.08 -60.60 16.60
C TRP H 107 -18.07 -60.79 18.10
N VAL H 108 -18.43 -62.00 18.54
CA VAL H 108 -18.46 -62.33 19.96
C VAL H 108 -17.21 -61.87 20.69
N GLU H 109 -16.05 -62.06 20.07
CA GLU H 109 -14.79 -61.65 20.69
C GLU H 109 -14.63 -60.14 20.67
N THR H 110 -15.07 -59.51 19.59
CA THR H 110 -15.01 -58.05 19.46
C THR H 110 -15.95 -57.46 20.49
N TRP H 111 -17.17 -57.99 20.52
CA TRP H 111 -18.19 -57.56 21.46
C TRP H 111 -17.71 -57.77 22.89
N ALA H 112 -17.18 -58.96 23.16
CA ALA H 112 -16.67 -59.27 24.49
C ALA H 112 -15.52 -58.34 24.84
N PHE H 113 -14.66 -58.08 23.86
CA PHE H 113 -13.51 -57.20 24.05
C PHE H 113 -13.98 -55.80 24.43
N SER H 114 -14.89 -55.24 23.63
CA SER H 114 -15.41 -53.90 23.89
C SER H 114 -15.90 -53.78 25.33
N GLU H 115 -16.39 -54.88 25.87
CA GLU H 115 -16.89 -54.91 27.24
C GLU H 115 -15.76 -54.71 28.25
N THR H 116 -14.60 -55.28 27.95
CA THR H 116 -13.45 -55.15 28.83
C THR H 116 -13.04 -53.68 28.92
N ILE H 117 -13.18 -52.98 27.80
CA ILE H 117 -12.84 -51.56 27.75
C ILE H 117 -13.74 -50.81 28.73
N HIS H 118 -15.00 -51.21 28.79
CA HIS H 118 -15.96 -50.59 29.69
C HIS H 118 -15.48 -50.80 31.12
N SER H 119 -15.11 -52.04 31.44
CA SER H 119 -14.62 -52.37 32.77
C SER H 119 -13.37 -51.56 33.08
N ARG H 120 -12.60 -51.23 32.05
CA ARG H 120 -11.39 -50.45 32.21
C ARG H 120 -11.72 -48.99 32.49
N SER H 121 -12.79 -48.50 31.86
CA SER H 121 -13.21 -47.11 32.05
C SER H 121 -13.71 -46.90 33.47
N TYR H 122 -14.50 -47.85 33.98
CA TYR H 122 -15.02 -47.75 35.33
C TYR H 122 -13.87 -47.53 36.30
N THR H 123 -12.83 -48.34 36.17
CA THR H 123 -11.66 -48.21 37.03
C THR H 123 -11.12 -46.80 36.94
N HIS H 124 -11.04 -46.29 35.71
CA HIS H 124 -10.53 -44.94 35.47
C HIS H 124 -11.39 -43.91 36.20
N ILE H 125 -12.70 -44.06 36.11
CA ILE H 125 -13.63 -43.14 36.77
C ILE H 125 -13.49 -43.20 38.28
N ILE H 126 -13.52 -44.42 38.82
CA ILE H 126 -13.40 -44.63 40.26
C ILE H 126 -12.13 -44.04 40.86
N ARG H 127 -10.98 -44.48 40.36
CA ARG H 127 -9.69 -44.01 40.87
C ARG H 127 -9.48 -42.51 40.70
N ASN H 128 -10.43 -41.84 40.05
CA ASN H 128 -10.31 -40.39 39.83
C ASN H 128 -11.40 -39.59 40.53
N ILE H 129 -12.16 -40.25 41.40
CA ILE H 129 -13.23 -39.58 42.14
C ILE H 129 -13.15 -39.91 43.63
N VAL H 130 -12.62 -41.08 43.94
CA VAL H 130 -12.48 -41.52 45.32
C VAL H 130 -11.00 -41.62 45.69
N ASN H 131 -10.71 -41.67 46.98
CA ASN H 131 -9.34 -41.75 47.46
C ASN H 131 -8.87 -43.20 47.56
N ASP H 132 -9.74 -44.09 48.01
CA ASP H 132 -9.39 -45.50 48.13
C ASP H 132 -10.34 -46.39 47.33
N PRO H 133 -9.99 -46.66 46.07
CA PRO H 133 -10.78 -47.50 45.16
C PRO H 133 -11.12 -48.89 45.69
N SER H 134 -10.14 -49.53 46.34
CA SER H 134 -10.34 -50.87 46.89
C SER H 134 -11.70 -51.02 47.58
N VAL H 135 -12.12 -49.97 48.28
CA VAL H 135 -13.40 -49.98 48.98
C VAL H 135 -14.55 -50.25 48.02
N VAL H 136 -14.60 -49.48 46.93
CA VAL H 136 -15.65 -49.62 45.94
C VAL H 136 -15.65 -50.99 45.27
N PHE H 137 -14.47 -51.53 45.01
CA PHE H 137 -14.33 -52.83 44.37
C PHE H 137 -14.63 -54.02 45.28
N ASP H 138 -14.24 -53.90 46.55
CA ASP H 138 -14.48 -54.99 47.49
C ASP H 138 -15.95 -55.09 47.90
N ASP H 139 -16.69 -54.01 47.72
CA ASP H 139 -18.11 -53.99 48.06
C ASP H 139 -18.94 -54.68 46.99
N ILE H 140 -18.52 -54.53 45.73
CA ILE H 140 -19.24 -55.13 44.60
C ILE H 140 -19.39 -56.64 44.78
N VAL H 141 -18.47 -57.26 45.52
CA VAL H 141 -18.50 -58.69 45.75
C VAL H 141 -19.38 -59.11 46.92
N THR H 142 -19.37 -58.32 47.99
CA THR H 142 -20.16 -58.63 49.18
C THR H 142 -21.46 -57.85 49.31
N ASN H 143 -21.61 -56.78 48.52
CA ASN H 143 -22.81 -55.98 48.58
C ASN H 143 -24.02 -56.87 48.36
N GLU H 144 -24.84 -57.02 49.39
CA GLU H 144 -26.02 -57.86 49.35
C GLU H 144 -27.03 -57.43 48.27
N GLN H 145 -27.35 -56.14 48.24
CA GLN H 145 -28.30 -55.62 47.26
C GLN H 145 -27.86 -55.79 45.82
N ILE H 146 -26.55 -55.68 45.57
CA ILE H 146 -26.04 -55.83 44.21
C ILE H 146 -26.10 -57.29 43.76
N GLN H 147 -25.75 -58.21 44.65
CA GLN H 147 -25.77 -59.63 44.32
C GLN H 147 -27.20 -60.12 44.14
N LYS H 148 -28.12 -59.54 44.93
CA LYS H 148 -29.52 -59.91 44.84
C LYS H 148 -30.02 -59.52 43.45
N ARG H 149 -29.66 -58.33 43.03
CA ARG H 149 -30.06 -57.80 41.73
C ARG H 149 -29.29 -58.48 40.59
N ALA H 150 -28.22 -59.19 40.94
CA ALA H 150 -27.40 -59.89 39.94
C ALA H 150 -27.54 -61.39 40.07
N GLU H 151 -28.20 -61.85 41.14
CA GLU H 151 -28.39 -63.28 41.38
C GLU H 151 -29.10 -63.94 40.20
N GLY H 152 -28.38 -64.82 39.51
CA GLY H 152 -28.98 -65.51 38.38
C GLY H 152 -28.20 -65.37 37.08
N ILE H 153 -27.84 -64.15 36.73
CA ILE H 153 -27.10 -63.89 35.50
C ILE H 153 -25.83 -64.75 35.42
N SER H 154 -25.03 -64.73 36.48
CA SER H 154 -23.80 -65.50 36.51
C SER H 154 -24.07 -66.99 36.44
N SER H 155 -25.09 -67.44 37.16
CA SER H 155 -25.44 -68.86 37.17
C SER H 155 -25.93 -69.31 35.80
N TYR H 156 -26.68 -68.45 35.12
CA TYR H 156 -27.21 -68.76 33.80
C TYR H 156 -26.11 -69.12 32.81
N TYR H 157 -25.06 -68.30 32.76
CA TYR H 157 -23.94 -68.54 31.87
C TYR H 157 -23.26 -69.86 32.17
N ASP H 158 -22.85 -70.05 33.43
CA ASP H 158 -22.17 -71.26 33.84
C ASP H 158 -22.93 -72.53 33.53
N GLU H 159 -24.25 -72.50 33.72
CA GLU H 159 -25.08 -73.67 33.45
C GLU H 159 -25.04 -74.02 31.97
N LEU H 160 -24.85 -73.01 31.14
CA LEU H 160 -24.78 -73.24 29.69
C LEU H 160 -23.41 -73.81 29.32
N ILE H 161 -22.37 -73.29 29.96
CA ILE H 161 -21.01 -73.75 29.71
C ILE H 161 -20.84 -75.19 30.17
N GLU H 162 -21.27 -75.47 31.40
CA GLU H 162 -21.16 -76.81 31.96
C GLU H 162 -21.80 -77.82 31.02
N MET H 163 -23.03 -77.55 30.61
CA MET H 163 -23.76 -78.44 29.71
C MET H 163 -23.05 -78.54 28.37
N THR H 164 -22.35 -77.47 27.99
CA THR H 164 -21.61 -77.44 26.74
C THR H 164 -20.40 -78.36 26.82
N SER H 165 -19.67 -78.29 27.93
CA SER H 165 -18.49 -79.11 28.12
C SER H 165 -18.85 -80.59 28.08
N TYR H 166 -19.95 -80.94 28.74
CA TYR H 166 -20.41 -82.33 28.78
C TYR H 166 -20.73 -82.85 27.39
N TRP H 167 -21.29 -81.98 26.56
CA TRP H 167 -21.64 -82.35 25.18
C TRP H 167 -20.38 -82.60 24.36
N HIS H 168 -19.39 -81.73 24.55
CA HIS H 168 -18.12 -81.84 23.83
C HIS H 168 -17.24 -82.96 24.36
N LEU H 169 -17.62 -83.53 25.50
CA LEU H 169 -16.93 -84.69 26.04
C LEU H 169 -17.65 -86.01 25.73
N LEU H 170 -18.96 -86.04 25.99
CA LEU H 170 -19.75 -87.27 25.81
C LEU H 170 -20.83 -87.24 24.70
N GLY H 171 -21.18 -86.06 24.20
CA GLY H 171 -22.22 -85.93 23.20
C GLY H 171 -23.60 -86.19 23.76
N GLU H 172 -24.57 -86.45 22.89
CA GLU H 172 -25.93 -86.75 23.31
C GLU H 172 -26.08 -88.19 23.77
N GLY H 173 -27.12 -88.45 24.57
CA GLY H 173 -27.37 -89.78 25.06
C GLY H 173 -27.38 -89.82 26.59
N THR H 174 -27.32 -91.03 27.14
CA THR H 174 -27.32 -91.20 28.58
C THR H 174 -26.02 -91.87 29.01
N HIS H 175 -25.31 -91.23 29.93
CA HIS H 175 -24.03 -91.76 30.40
C HIS H 175 -24.02 -92.04 31.90
N THR H 176 -22.89 -92.56 32.38
CA THR H 176 -22.72 -92.87 33.79
C THR H 176 -21.41 -92.29 34.31
N VAL H 177 -21.51 -91.24 35.12
CA VAL H 177 -20.35 -90.59 35.68
C VAL H 177 -20.27 -90.84 37.19
N ASN H 178 -19.25 -91.58 37.61
CA ASN H 178 -19.04 -91.91 39.01
C ASN H 178 -20.25 -92.64 39.61
N GLY H 179 -20.96 -93.38 38.77
CA GLY H 179 -22.11 -94.12 39.23
C GLY H 179 -23.42 -93.34 39.20
N LYS H 180 -23.42 -92.21 38.49
CA LYS H 180 -24.61 -91.39 38.39
C LYS H 180 -25.00 -91.16 36.93
N THR H 181 -26.25 -91.47 36.60
CA THR H 181 -26.77 -91.31 35.25
C THR H 181 -26.89 -89.85 34.83
N VAL H 182 -26.15 -89.48 33.80
CA VAL H 182 -26.16 -88.11 33.28
C VAL H 182 -26.74 -88.09 31.87
N THR H 183 -27.95 -87.54 31.74
CA THR H 183 -28.61 -87.46 30.44
C THR H 183 -28.18 -86.21 29.67
N VAL H 184 -27.58 -86.43 28.50
CA VAL H 184 -27.13 -85.33 27.66
C VAL H 184 -28.07 -85.15 26.48
N SER H 185 -28.81 -84.04 26.47
CA SER H 185 -29.75 -83.74 25.41
C SER H 185 -29.44 -82.42 24.72
N LEU H 186 -29.05 -82.49 23.45
CA LEU H 186 -28.72 -81.30 22.68
C LEU H 186 -29.91 -80.35 22.65
N ARG H 187 -31.11 -80.92 22.51
CA ARG H 187 -32.33 -80.13 22.47
C ARG H 187 -32.41 -79.26 23.72
N GLU H 188 -31.98 -79.81 24.85
CA GLU H 188 -31.99 -79.08 26.11
C GLU H 188 -30.88 -78.05 26.13
N LEU H 189 -29.73 -78.40 25.58
CA LEU H 189 -28.60 -77.49 25.53
C LEU H 189 -28.94 -76.31 24.63
N LYS H 190 -29.63 -76.60 23.53
CA LYS H 190 -30.04 -75.55 22.59
C LYS H 190 -31.06 -74.67 23.30
N LYS H 191 -31.75 -75.26 24.26
CA LYS H 191 -32.77 -74.56 25.03
C LYS H 191 -32.12 -73.56 25.97
N LYS H 192 -31.07 -73.98 26.66
CA LYS H 192 -30.35 -73.11 27.59
C LYS H 192 -29.63 -72.00 26.83
N LEU H 193 -28.96 -72.38 25.75
CA LEU H 193 -28.23 -71.41 24.92
C LEU H 193 -29.17 -70.27 24.55
N TYR H 194 -30.34 -70.63 24.04
CA TYR H 194 -31.35 -69.65 23.63
C TYR H 194 -31.76 -68.76 24.80
N LEU H 195 -32.40 -69.36 25.80
CA LEU H 195 -32.84 -68.62 26.97
C LEU H 195 -31.73 -67.76 27.55
N CYS H 196 -30.53 -68.32 27.63
CA CYS H 196 -29.39 -67.58 28.17
C CYS H 196 -29.15 -66.33 27.34
N LEU H 197 -29.22 -66.48 26.01
CA LEU H 197 -29.03 -65.34 25.12
C LEU H 197 -30.06 -64.26 25.41
N MET H 198 -31.29 -64.69 25.67
CA MET H 198 -32.36 -63.76 25.99
C MET H 198 -32.03 -63.00 27.27
N SER H 199 -31.46 -63.71 28.24
CA SER H 199 -31.08 -63.10 29.50
C SER H 199 -30.05 -62.01 29.24
N VAL H 200 -29.05 -62.33 28.42
CA VAL H 200 -28.00 -61.38 28.08
C VAL H 200 -28.64 -60.14 27.47
N ASN H 201 -29.44 -60.36 26.42
CA ASN H 201 -30.13 -59.27 25.74
C ASN H 201 -30.84 -58.37 26.73
N ALA H 202 -31.61 -58.97 27.64
CA ALA H 202 -32.35 -58.21 28.64
C ALA H 202 -31.39 -57.42 29.53
N LEU H 203 -30.22 -57.99 29.77
CA LEU H 203 -29.21 -57.35 30.61
C LEU H 203 -28.56 -56.16 29.91
N GLU H 204 -28.18 -56.34 28.65
CA GLU H 204 -27.53 -55.27 27.89
C GLU H 204 -28.49 -54.31 27.21
N ALA H 205 -29.76 -54.68 27.12
CA ALA H 205 -30.76 -53.84 26.47
C ALA H 205 -31.65 -53.11 27.47
N ILE H 206 -31.81 -53.68 28.66
CA ILE H 206 -32.65 -53.07 29.68
C ILE H 206 -31.86 -52.66 30.92
N ARG H 207 -31.35 -53.66 31.65
CA ARG H 207 -30.59 -53.41 32.87
C ARG H 207 -29.63 -52.23 32.76
N PHE H 208 -28.80 -52.23 31.72
CA PHE H 208 -27.82 -51.17 31.51
C PHE H 208 -28.42 -49.81 31.21
N TYR H 209 -29.43 -49.76 30.34
CA TYR H 209 -30.06 -48.49 30.00
C TYR H 209 -30.65 -47.83 31.24
N VAL H 210 -31.13 -48.64 32.17
CA VAL H 210 -31.71 -48.11 33.41
C VAL H 210 -30.60 -47.40 34.18
N SER H 211 -29.42 -48.00 34.17
CA SER H 211 -28.26 -47.42 34.86
C SER H 211 -27.71 -46.24 34.08
N PHE H 212 -27.87 -46.27 32.76
CA PHE H 212 -27.39 -45.17 31.92
C PHE H 212 -28.16 -43.91 32.26
N ALA H 213 -29.48 -43.99 32.24
CA ALA H 213 -30.34 -42.86 32.54
C ALA H 213 -29.87 -42.15 33.80
N CYS H 214 -29.65 -42.92 34.86
CA CYS H 214 -29.19 -42.36 36.13
C CYS H 214 -27.85 -41.64 35.97
N SER H 215 -26.94 -42.26 35.21
CA SER H 215 -25.63 -41.69 34.97
C SER H 215 -25.74 -40.37 34.22
N PHE H 216 -26.68 -40.30 33.28
CA PHE H 216 -26.88 -39.08 32.50
C PHE H 216 -27.72 -38.06 33.25
N ALA H 217 -28.22 -38.44 34.42
CA ALA H 217 -29.03 -37.54 35.23
C ALA H 217 -28.14 -36.40 35.68
N PHE H 218 -26.99 -36.76 36.26
CA PHE H 218 -26.02 -35.78 36.73
C PHE H 218 -25.52 -34.95 35.56
N ALA H 219 -25.46 -35.58 34.38
CA ALA H 219 -25.00 -34.90 33.17
C ALA H 219 -25.92 -33.72 32.84
N GLU H 220 -27.22 -33.94 32.91
CA GLU H 220 -28.19 -32.89 32.63
C GLU H 220 -27.99 -31.72 33.58
N ARG H 221 -27.43 -32.01 34.75
CA ARG H 221 -27.19 -31.00 35.76
C ARG H 221 -25.77 -30.45 35.64
N GLU H 222 -25.11 -30.79 34.54
CA GLU H 222 -23.75 -30.34 34.26
C GLU H 222 -22.75 -30.87 35.28
N LEU H 223 -23.07 -32.02 35.88
CA LEU H 223 -22.19 -32.63 36.87
C LEU H 223 -21.66 -33.97 36.36
N MET H 224 -20.48 -34.34 36.84
CA MET H 224 -19.85 -35.59 36.42
C MET H 224 -19.64 -35.62 34.91
N GLU H 225 -19.16 -34.51 34.37
CA GLU H 225 -18.91 -34.38 32.94
C GLU H 225 -18.16 -35.59 32.42
N GLY H 226 -17.01 -35.88 33.05
CA GLY H 226 -16.20 -37.00 32.63
C GLY H 226 -16.98 -38.30 32.59
N ASN H 227 -17.80 -38.54 33.61
CA ASN H 227 -18.60 -39.75 33.67
C ASN H 227 -19.54 -39.81 32.48
N ALA H 228 -20.20 -38.70 32.21
CA ALA H 228 -21.14 -38.59 31.10
C ALA H 228 -20.50 -39.02 29.78
N LYS H 229 -19.34 -38.45 29.46
CA LYS H 229 -18.64 -38.78 28.22
C LYS H 229 -18.44 -40.28 28.06
N ILE H 230 -17.75 -40.89 29.03
CA ILE H 230 -17.48 -42.32 28.99
C ILE H 230 -18.75 -43.15 28.80
N ILE H 231 -19.73 -42.94 29.66
CA ILE H 231 -20.98 -43.68 29.58
C ILE H 231 -21.62 -43.51 28.21
N ARG H 232 -21.45 -42.33 27.62
CA ARG H 232 -21.99 -42.04 26.30
C ARG H 232 -21.43 -43.01 25.27
N LEU H 233 -20.12 -43.22 25.33
CA LEU H 233 -19.45 -44.16 24.42
C LEU H 233 -19.93 -45.57 24.70
N ILE H 234 -19.87 -45.96 25.97
CA ILE H 234 -20.30 -47.29 26.39
C ILE H 234 -21.72 -47.56 25.87
N ALA H 235 -22.54 -46.51 25.87
CA ALA H 235 -23.92 -46.63 25.41
C ALA H 235 -23.96 -46.88 23.90
N ARG H 236 -23.20 -46.10 23.16
CA ARG H 236 -23.16 -46.23 21.71
C ARG H 236 -22.76 -47.66 21.30
N ASP H 237 -21.92 -48.28 22.11
CA ASP H 237 -21.48 -49.64 21.84
C ASP H 237 -22.52 -50.65 22.33
N GLU H 238 -22.97 -50.47 23.57
CA GLU H 238 -23.96 -51.36 24.15
C GLU H 238 -25.16 -51.48 23.24
N ALA H 239 -25.38 -50.46 22.41
CA ALA H 239 -26.49 -50.45 21.47
C ALA H 239 -26.33 -51.58 20.45
N LEU H 240 -25.12 -51.68 19.89
CA LEU H 240 -24.82 -52.71 18.91
C LEU H 240 -24.83 -54.08 19.58
N HIS H 241 -24.39 -54.11 20.84
CA HIS H 241 -24.34 -55.34 21.61
C HIS H 241 -25.71 -56.03 21.67
N LEU H 242 -26.70 -55.29 22.18
CA LEU H 242 -28.05 -55.82 22.31
C LEU H 242 -28.63 -56.17 20.94
N THR H 243 -28.34 -55.34 19.95
CA THR H 243 -28.84 -55.57 18.59
C THR H 243 -28.40 -56.94 18.11
N GLY H 244 -27.17 -57.32 18.44
CA GLY H 244 -26.66 -58.61 18.04
C GLY H 244 -27.49 -59.75 18.57
N THR H 245 -27.68 -59.79 19.89
CA THR H 245 -28.47 -60.83 20.52
C THR H 245 -29.90 -60.84 19.99
N GLN H 246 -30.45 -59.66 19.72
CA GLN H 246 -31.81 -59.56 19.21
C GLN H 246 -31.93 -60.34 17.91
N HIS H 247 -31.01 -60.08 16.98
CA HIS H 247 -31.00 -60.75 15.69
C HIS H 247 -30.73 -62.25 15.85
N MET H 248 -29.80 -62.60 16.73
CA MET H 248 -29.47 -64.00 16.97
C MET H 248 -30.70 -64.77 17.45
N LEU H 249 -31.33 -64.27 18.51
CA LEU H 249 -32.50 -64.90 19.07
C LEU H 249 -33.66 -64.96 18.08
N ASN H 250 -33.89 -63.86 17.36
CA ASN H 250 -34.97 -63.81 16.38
C ASN H 250 -34.75 -64.82 15.26
N LEU H 251 -33.52 -64.89 14.77
CA LEU H 251 -33.19 -65.82 13.69
C LEU H 251 -33.43 -67.26 14.14
N LEU H 252 -33.14 -67.53 15.41
CA LEU H 252 -33.32 -68.86 15.97
C LEU H 252 -34.81 -69.17 16.09
N ARG H 253 -35.61 -68.12 16.24
CA ARG H 253 -37.06 -68.25 16.38
C ARG H 253 -37.78 -68.40 15.05
N SER H 254 -37.18 -67.87 13.98
CA SER H 254 -37.79 -67.95 12.66
C SER H 254 -37.49 -69.31 12.03
N GLY H 255 -36.65 -70.09 12.69
CA GLY H 255 -36.29 -71.41 12.18
C GLY H 255 -35.42 -71.32 10.95
N ALA H 256 -35.28 -70.10 10.42
CA ALA H 256 -34.46 -69.87 9.24
C ALA H 256 -33.12 -70.57 9.35
N ASP H 257 -32.47 -70.47 10.51
CA ASP H 257 -31.15 -71.09 10.74
C ASP H 257 -31.09 -72.56 11.22
N ASP H 258 -31.85 -72.90 12.26
CA ASP H 258 -32.06 -74.29 12.67
C ASP H 258 -33.51 -74.52 13.10
N PRO H 259 -34.24 -75.34 12.34
CA PRO H 259 -35.65 -75.68 12.61
C PRO H 259 -35.92 -76.09 14.06
N GLU H 260 -35.01 -76.88 14.63
CA GLU H 260 -35.17 -77.34 16.01
C GLU H 260 -35.23 -76.17 16.99
N MET H 261 -34.41 -75.15 16.76
CA MET H 261 -34.39 -73.98 17.63
C MET H 261 -35.70 -73.20 17.48
N ALA H 262 -36.31 -73.30 16.30
CA ALA H 262 -37.57 -72.62 16.04
C ALA H 262 -38.62 -73.19 17.00
N GLU H 263 -38.64 -74.51 17.11
CA GLU H 263 -39.58 -75.20 18.00
C GLU H 263 -39.28 -74.83 19.45
N ILE H 264 -38.00 -74.91 19.82
CA ILE H 264 -37.57 -74.59 21.16
C ILE H 264 -38.02 -73.19 21.57
N ALA H 265 -37.79 -72.23 20.70
CA ALA H 265 -38.18 -70.85 20.95
C ALA H 265 -39.64 -70.75 21.36
N GLU H 266 -40.50 -71.46 20.65
CA GLU H 266 -41.94 -71.45 20.93
C GLU H 266 -42.26 -72.20 22.21
N GLU H 267 -41.47 -73.24 22.50
CA GLU H 267 -41.68 -74.04 23.71
C GLU H 267 -41.12 -73.39 24.96
N CYS H 268 -40.33 -72.34 24.79
CA CYS H 268 -39.74 -71.62 25.91
C CYS H 268 -40.42 -70.26 26.04
N LYS H 269 -41.34 -69.99 25.12
CA LYS H 269 -42.08 -68.74 25.08
C LYS H 269 -42.37 -68.15 26.46
N GLN H 270 -43.00 -68.94 27.32
CA GLN H 270 -43.35 -68.47 28.65
C GLN H 270 -42.12 -68.09 29.47
N GLU H 271 -41.09 -68.93 29.42
CA GLU H 271 -39.86 -68.66 30.16
C GLU H 271 -39.23 -67.33 29.79
N CYS H 272 -39.05 -67.09 28.49
CA CYS H 272 -38.48 -65.83 28.02
C CYS H 272 -39.27 -64.67 28.59
N TYR H 273 -40.60 -64.81 28.56
CA TYR H 273 -41.49 -63.76 29.07
C TYR H 273 -41.34 -63.60 30.58
N ASP H 274 -41.16 -64.71 31.29
CA ASP H 274 -41.00 -64.65 32.74
C ASP H 274 -39.67 -63.99 33.11
N LEU H 275 -38.60 -64.43 32.47
CA LEU H 275 -37.27 -63.87 32.73
C LEU H 275 -37.32 -62.35 32.58
N PHE H 276 -37.91 -61.89 31.48
CA PHE H 276 -38.03 -60.47 31.20
C PHE H 276 -38.76 -59.72 32.31
N VAL H 277 -39.91 -60.25 32.72
CA VAL H 277 -40.69 -59.63 33.79
C VAL H 277 -39.88 -59.62 35.08
N GLN H 278 -39.27 -60.75 35.39
CA GLN H 278 -38.46 -60.89 36.60
C GLN H 278 -37.30 -59.89 36.57
N ALA H 279 -36.61 -59.83 35.44
CA ALA H 279 -35.49 -58.92 35.27
C ALA H 279 -35.91 -57.48 35.50
N ALA H 280 -36.94 -57.05 34.77
CA ALA H 280 -37.45 -55.70 34.89
C ALA H 280 -37.88 -55.41 36.32
N GLN H 281 -38.26 -56.46 37.04
CA GLN H 281 -38.69 -56.31 38.42
C GLN H 281 -37.50 -56.07 39.34
N GLN H 282 -36.42 -56.80 39.11
CA GLN H 282 -35.20 -56.66 39.91
C GLN H 282 -34.71 -55.22 39.81
N GLU H 283 -34.97 -54.58 38.67
CA GLU H 283 -34.57 -53.19 38.45
C GLU H 283 -35.45 -52.27 39.28
N LYS H 284 -36.76 -52.48 39.17
CA LYS H 284 -37.74 -51.68 39.91
C LYS H 284 -37.40 -51.65 41.39
N ASP H 285 -37.17 -52.82 41.97
CA ASP H 285 -36.84 -52.93 43.39
C ASP H 285 -35.57 -52.16 43.76
N TRP H 286 -34.60 -52.13 42.85
CA TRP H 286 -33.36 -51.42 43.10
C TRP H 286 -33.60 -49.95 43.42
N ALA H 287 -34.68 -49.39 42.87
CA ALA H 287 -35.03 -48.00 43.11
C ALA H 287 -35.05 -47.66 44.59
N ASP H 288 -35.68 -48.53 45.39
CA ASP H 288 -35.78 -48.33 46.83
C ASP H 288 -34.41 -48.18 47.49
N TYR H 289 -33.57 -49.19 47.33
CA TYR H 289 -32.24 -49.18 47.92
C TYR H 289 -31.40 -48.02 47.39
N LEU H 290 -31.75 -47.52 46.21
CA LEU H 290 -31.02 -46.42 45.60
C LEU H 290 -31.43 -45.06 46.16
N PHE H 291 -32.70 -44.91 46.50
CA PHE H 291 -33.18 -43.64 47.05
C PHE H 291 -33.62 -43.79 48.50
N ARG H 292 -33.12 -44.82 49.18
CA ARG H 292 -33.47 -45.05 50.58
C ARG H 292 -33.12 -43.85 51.45
N ASP H 293 -32.19 -43.02 50.97
CA ASP H 293 -31.77 -41.85 51.72
C ASP H 293 -32.28 -40.57 51.07
N GLY H 294 -33.23 -40.72 50.15
CA GLY H 294 -33.79 -39.60 49.42
C GLY H 294 -33.66 -39.74 47.91
N SER H 295 -34.30 -38.83 47.18
CA SER H 295 -34.36 -38.93 45.72
C SER H 295 -33.75 -37.75 44.99
N MET H 296 -32.93 -38.05 43.98
CA MET H 296 -32.30 -37.04 43.14
C MET H 296 -33.31 -36.32 42.26
N ILE H 297 -33.01 -35.08 41.90
CA ILE H 297 -33.90 -34.25 41.09
C ILE H 297 -34.14 -34.85 39.71
N GLY H 298 -35.36 -34.72 39.21
CA GLY H 298 -35.76 -35.31 37.95
C GLY H 298 -35.48 -36.79 37.91
N LEU H 299 -35.28 -37.40 39.07
CA LEU H 299 -34.99 -38.82 39.18
C LEU H 299 -35.39 -39.37 40.55
N ASN H 300 -36.40 -40.23 40.55
CA ASN H 300 -36.88 -40.84 41.79
C ASN H 300 -37.45 -42.23 41.49
N LYS H 301 -37.97 -42.89 42.52
CA LYS H 301 -38.52 -44.23 42.34
C LYS H 301 -39.61 -44.27 41.28
N ASP H 302 -40.46 -43.24 41.25
CA ASP H 302 -41.53 -43.19 40.26
C ASP H 302 -40.94 -43.13 38.85
N ILE H 303 -40.23 -42.04 38.56
CA ILE H 303 -39.61 -41.85 37.26
C ILE H 303 -38.94 -43.13 36.75
N LEU H 304 -38.17 -43.79 37.62
CA LEU H 304 -37.48 -45.01 37.23
C LEU H 304 -38.46 -46.13 36.87
N CYS H 305 -39.43 -46.39 37.75
CA CYS H 305 -40.41 -47.43 37.49
C CYS H 305 -41.12 -47.13 36.18
N GLN H 306 -41.27 -45.85 35.87
CA GLN H 306 -41.92 -45.42 34.64
C GLN H 306 -41.04 -45.74 33.44
N TYR H 307 -39.73 -45.55 33.61
CA TYR H 307 -38.77 -45.81 32.55
C TYR H 307 -38.63 -47.30 32.30
N VAL H 308 -38.42 -48.06 33.36
CA VAL H 308 -38.26 -49.51 33.25
C VAL H 308 -39.38 -50.13 32.43
N GLU H 309 -40.61 -49.67 32.65
CA GLU H 309 -41.76 -50.19 31.91
C GLU H 309 -41.69 -49.75 30.45
N TYR H 310 -41.32 -48.49 30.22
CA TYR H 310 -41.21 -47.95 28.88
C TYR H 310 -40.19 -48.72 28.06
N ILE H 311 -38.96 -48.79 28.58
CA ILE H 311 -37.86 -49.49 27.93
C ILE H 311 -38.18 -50.96 27.69
N THR H 312 -38.40 -51.71 28.76
CA THR H 312 -38.69 -53.13 28.68
C THR H 312 -39.68 -53.47 27.57
N ASN H 313 -40.83 -52.80 27.56
CA ASN H 313 -41.84 -53.03 26.53
C ASN H 313 -41.24 -53.02 25.13
N ILE H 314 -40.50 -51.97 24.82
CA ILE H 314 -39.88 -51.83 23.51
C ILE H 314 -38.92 -52.99 23.22
N ARG H 315 -38.18 -53.40 24.25
CA ARG H 315 -37.22 -54.50 24.11
C ARG H 315 -37.91 -55.82 23.82
N MET H 316 -38.86 -56.20 24.68
CA MET H 316 -39.57 -57.46 24.52
C MET H 316 -40.36 -57.54 23.21
N GLN H 317 -40.82 -56.39 22.72
CA GLN H 317 -41.58 -56.37 21.47
C GLN H 317 -40.65 -56.57 20.29
N ALA H 318 -39.38 -56.23 20.46
CA ALA H 318 -38.38 -56.35 19.41
C ALA H 318 -37.92 -57.79 19.23
N VAL H 319 -38.20 -58.63 20.23
CA VAL H 319 -37.81 -60.03 20.17
C VAL H 319 -38.99 -60.98 19.98
N GLY H 320 -40.19 -60.40 19.85
CA GLY H 320 -41.38 -61.20 19.65
C GLY H 320 -42.08 -61.66 20.93
N LEU H 321 -42.20 -60.75 21.89
CA LEU H 321 -42.86 -61.07 23.16
C LEU H 321 -43.91 -60.03 23.50
N ASP H 322 -44.92 -60.45 24.26
CA ASP H 322 -45.99 -59.55 24.66
C ASP H 322 -45.50 -58.51 25.65
N LEU H 323 -46.21 -57.39 25.74
CA LEU H 323 -45.82 -56.31 26.65
C LEU H 323 -46.49 -56.49 28.01
N PRO H 324 -45.69 -56.83 29.04
CA PRO H 324 -46.19 -57.04 30.41
C PRO H 324 -46.46 -55.74 31.16
N PHE H 325 -45.96 -54.62 30.64
CA PHE H 325 -46.14 -53.33 31.29
C PHE H 325 -47.13 -52.42 30.56
N GLN H 326 -47.61 -51.42 31.28
CA GLN H 326 -48.57 -50.45 30.73
C GLN H 326 -47.87 -49.53 29.74
N THR H 327 -48.45 -49.41 28.54
CA THR H 327 -47.89 -48.56 27.50
C THR H 327 -47.87 -47.10 27.93
N ARG H 328 -46.85 -46.36 27.48
CA ARG H 328 -46.71 -44.95 27.81
C ARG H 328 -45.59 -44.31 27.01
N SER H 329 -45.67 -42.99 26.88
CA SER H 329 -44.68 -42.15 26.20
C SER H 329 -43.38 -41.99 27.00
N ASN H 330 -42.31 -41.63 26.30
CA ASN H 330 -40.98 -41.61 26.91
C ASN H 330 -41.04 -40.82 28.22
N PRO H 331 -40.73 -41.49 29.34
CA PRO H 331 -40.75 -40.85 30.67
C PRO H 331 -39.59 -39.88 30.87
N ILE H 332 -38.56 -40.00 30.04
CA ILE H 332 -37.39 -39.12 30.13
C ILE H 332 -36.79 -38.84 28.75
N PRO H 333 -37.51 -38.09 27.90
CA PRO H 333 -37.07 -37.73 26.56
C PRO H 333 -35.67 -37.12 26.49
N TRP H 334 -35.14 -36.70 27.64
CA TRP H 334 -33.81 -36.10 27.68
C TRP H 334 -32.71 -37.12 27.43
N ILE H 335 -33.00 -38.39 27.70
CA ILE H 335 -32.02 -39.45 27.51
C ILE H 335 -31.69 -39.63 26.02
N ASN H 336 -32.61 -39.22 25.17
CA ASN H 336 -32.42 -39.32 23.72
C ASN H 336 -31.22 -38.50 23.26
N THR H 337 -30.91 -37.45 24.02
CA THR H 337 -29.79 -36.57 23.71
C THR H 337 -28.46 -37.31 23.80
N TRP H 338 -28.43 -38.38 24.60
CA TRP H 338 -27.20 -39.15 24.77
C TRP H 338 -27.17 -40.39 23.90
N LEU H 339 -28.29 -41.10 23.83
CA LEU H 339 -28.39 -42.32 23.03
C LEU H 339 -28.81 -42.01 21.61
N VAL H 365 -45.99 -1.82 -14.32
CA VAL H 365 -47.45 -2.10 -14.26
C VAL H 365 -47.98 -2.30 -15.68
N ASP H 366 -49.27 -2.58 -15.81
CA ASP H 366 -49.90 -2.79 -17.11
C ASP H 366 -51.39 -2.52 -16.97
N THR H 367 -51.91 -1.61 -17.78
CA THR H 367 -53.32 -1.23 -17.73
C THR H 367 -54.26 -2.11 -18.56
N ASP H 368 -53.82 -2.52 -19.74
CA ASP H 368 -54.63 -3.35 -20.63
C ASP H 368 -55.23 -4.57 -19.96
N ASP H 369 -54.37 -5.43 -19.43
CA ASP H 369 -54.82 -6.67 -18.77
C ASP H 369 -55.63 -6.39 -17.51
N LEU H 370 -55.64 -5.13 -17.07
CA LEU H 370 -56.38 -4.74 -15.87
C LEU H 370 -57.76 -4.18 -16.20
N SER H 371 -57.84 -3.43 -17.30
CA SER H 371 -59.10 -2.83 -17.72
C SER H 371 -60.21 -3.85 -17.94
N ASN H 372 -59.83 -5.09 -18.22
CA ASN H 372 -60.80 -6.16 -18.47
C ASN H 372 -61.58 -6.53 -17.21
N PHE H 373 -61.02 -6.19 -16.05
CA PHE H 373 -61.65 -6.50 -14.77
C PHE H 373 -62.88 -5.63 -14.53
N GLN H 374 -63.96 -6.25 -14.07
CA GLN H 374 -65.19 -5.52 -13.79
C GLN H 374 -65.22 -5.07 -12.33
N LEU H 375 -65.46 -3.77 -12.13
CA LEU H 375 -65.52 -3.20 -10.80
C LEU H 375 -66.87 -3.48 -10.14
#